data_2G3N
#
_entry.id   2G3N
#
_cell.length_a   100.090
_cell.length_b   174.430
_cell.length_c   144.030
_cell.angle_alpha   90.00
_cell.angle_beta   109.05
_cell.angle_gamma   90.00
#
_symmetry.space_group_name_H-M   'P 1 21 1'
#
loop_
_entity.id
_entity.type
_entity.pdbx_description
1 polymer Alpha-glucosidase
2 non-polymer 'octyl beta-D-glucopyranoside'
3 water water
#
_entity_poly.entity_id   1
_entity_poly.type   'polypeptide(L)'
_entity_poly.pdbx_seq_one_letter_code
;MRILKIYENKGVYKVVIGEPFPPIEFPLEQKISSNKSLSELGLTIVQQGNKVIVEKSLDLKEHIIGLGEKAFELDRKRKR
YVMYNVDAGAYKKYQDPLYVSIPLFISVKDGVATGYFFNSASKVIFDVGLEEYDKVIVTIPEDSVEFYVIEGPRIEDVLE
KYTELTGKPFLPPMWAFGYMISRYSYYPQDKVVELVDIMQKEGFRVAGVFLDIHYMDSYKLFTWHPYRFPEPKKLIDELH
KRNVKLITIVDHGIRVDQNYSPFLSGMGKFCEIESGELFVGKMWPGTTVYPDFFREDTREWWAGLISEWLSQGVDGIWLD
MNEPTDFSRAIEIRDVLSSLPVQFRDDRLVTTFPDNVVHYLRGKRVKHEKVRNAYPLYEAMATFKGFRTSHRNEIFILSR
AGYAGIQRYAFIWTGDNTPSWDDLKLQLQLVLGLSISGVPFVGCDIGGFQGRNFAEIDNSMDLLVKYYALALFFPFYRSH
KATDGIDTEPVFLPDYYKEKVKEIVELRYKFLPYIYSLALEASEKGHPVIRPLFYEFQDDDDMYRIEDEYMVGKYLLYAP
IVSKEESRLVTLPRGKWYNYWNGEIINGKSVVKSTHELPIYLREGSIIPLEGDELIVYGETSFKRYDNAEITSSSNEIKF
SREIYVSKLTITSEKPVSKIIVDDSKEIQVEKTMQNTYVAKINQKIRGKINLE
;
_entity_poly.pdbx_strand_id   A,B,C,D,E,F
#
loop_
_chem_comp.id
_chem_comp.type
_chem_comp.name
_chem_comp.formula
BOG D-saccharide 'octyl beta-D-glucopyranoside' 'C14 H28 O6'
#
# COMPACT_ATOMS: atom_id res chain seq x y z
N ILE A 3 -11.01 30.06 -36.89
CA ILE A 3 -12.42 30.22 -37.33
C ILE A 3 -13.27 30.82 -36.22
N LEU A 4 -14.08 31.82 -36.57
CA LEU A 4 -14.97 32.49 -35.63
C LEU A 4 -16.07 33.20 -36.37
N LYS A 5 -17.29 32.68 -36.24
CA LYS A 5 -18.45 33.26 -36.90
C LYS A 5 -19.45 33.69 -35.83
N ILE A 6 -19.95 34.91 -35.96
CA ILE A 6 -20.92 35.40 -35.00
C ILE A 6 -22.24 35.67 -35.70
N TYR A 7 -23.31 35.09 -35.19
CA TYR A 7 -24.65 35.26 -35.74
C TYR A 7 -25.47 36.05 -34.73
N GLU A 8 -26.62 36.55 -35.17
CA GLU A 8 -27.50 37.33 -34.30
C GLU A 8 -28.93 37.24 -34.84
N ASN A 9 -29.87 36.85 -33.99
CA ASN A 9 -31.25 36.68 -34.43
C ASN A 9 -32.27 36.66 -33.29
N LYS A 10 -33.04 37.75 -33.18
CA LYS A 10 -34.09 37.86 -32.16
C LYS A 10 -33.55 37.87 -30.73
N GLY A 11 -32.53 38.69 -30.48
CA GLY A 11 -31.97 38.78 -29.15
C GLY A 11 -30.97 37.69 -28.78
N VAL A 12 -30.72 36.77 -29.71
CA VAL A 12 -29.81 35.66 -29.46
C VAL A 12 -28.61 35.60 -30.41
N TYR A 13 -27.42 35.88 -29.88
CA TYR A 13 -26.23 35.80 -30.70
C TYR A 13 -25.71 34.35 -30.65
N LYS A 14 -25.39 33.76 -31.79
CA LYS A 14 -24.83 32.41 -31.80
C LYS A 14 -23.38 32.57 -32.20
N VAL A 15 -22.47 32.30 -31.26
CA VAL A 15 -21.03 32.42 -31.53
C VAL A 15 -20.45 31.04 -31.82
N VAL A 16 -19.86 30.88 -33.00
CA VAL A 16 -19.27 29.61 -33.39
C VAL A 16 -17.75 29.71 -33.46
N ILE A 17 -17.07 28.89 -32.67
CA ILE A 17 -15.62 28.87 -32.64
C ILE A 17 -15.16 27.59 -33.32
N GLY A 18 -14.41 27.72 -34.41
CA GLY A 18 -13.94 26.56 -35.13
C GLY A 18 -15.07 25.87 -35.86
N GLU A 19 -15.05 24.54 -35.88
CA GLU A 19 -16.08 23.75 -36.52
C GLU A 19 -16.69 22.81 -35.49
N PRO A 20 -17.59 23.33 -34.65
CA PRO A 20 -18.28 22.59 -33.59
C PRO A 20 -19.13 21.41 -34.03
N PHE A 21 -19.23 20.42 -33.16
CA PHE A 21 -20.04 19.23 -33.38
C PHE A 21 -20.82 19.12 -32.06
N PRO A 22 -21.89 19.92 -31.91
CA PRO A 22 -22.73 19.97 -30.72
C PRO A 22 -23.29 18.62 -30.28
N PRO A 23 -23.50 18.43 -28.97
CA PRO A 23 -24.03 17.17 -28.45
C PRO A 23 -25.44 16.99 -28.99
N ILE A 24 -26.08 18.12 -29.26
CA ILE A 24 -27.43 18.14 -29.82
C ILE A 24 -27.54 19.44 -30.58
N GLU A 25 -28.24 19.41 -31.70
CA GLU A 25 -28.41 20.61 -32.52
C GLU A 25 -29.71 21.34 -32.20
N PHE A 26 -29.58 22.62 -31.89
CA PHE A 26 -30.73 23.45 -31.59
C PHE A 26 -31.01 24.34 -32.79
N PRO A 27 -32.16 24.13 -33.45
CA PRO A 27 -32.57 24.90 -34.62
C PRO A 27 -32.53 26.39 -34.28
N LEU A 28 -31.70 27.14 -35.00
CA LEU A 28 -31.58 28.56 -34.75
C LEU A 28 -32.25 29.32 -35.88
N GLU A 29 -33.56 29.50 -35.76
CA GLU A 29 -34.40 30.21 -36.74
C GLU A 29 -33.73 30.53 -38.08
N GLN A 30 -33.08 31.69 -38.11
CA GLN A 30 -32.37 32.16 -39.30
C GLN A 30 -30.92 32.38 -38.93
N LYS A 31 -30.01 32.12 -39.86
CA LYS A 31 -28.60 32.33 -39.58
C LYS A 31 -28.15 33.70 -40.07
N ILE A 32 -28.62 34.75 -39.40
CA ILE A 32 -28.27 36.13 -39.75
C ILE A 32 -26.89 36.47 -39.19
N SER A 33 -25.99 36.92 -40.05
CA SER A 33 -24.65 37.29 -39.62
C SER A 33 -24.70 38.59 -38.82
N SER A 34 -23.81 38.74 -37.84
CA SER A 34 -23.80 39.94 -37.02
C SER A 34 -22.61 40.86 -37.26
N ASN A 35 -22.79 42.12 -36.91
CA ASN A 35 -21.74 43.11 -37.07
C ASN A 35 -20.97 43.15 -35.76
N LYS A 36 -21.60 42.66 -34.71
CA LYS A 36 -21.04 42.61 -33.37
C LYS A 36 -19.80 41.73 -33.31
N SER A 37 -18.80 42.22 -32.58
CA SER A 37 -17.54 41.49 -32.42
C SER A 37 -17.45 40.98 -30.98
N LEU A 38 -16.47 40.13 -30.71
CA LEU A 38 -16.28 39.60 -29.37
C LEU A 38 -16.07 40.78 -28.41
N SER A 39 -15.18 41.68 -28.79
CA SER A 39 -14.85 42.85 -28.00
C SER A 39 -16.10 43.67 -27.62
N GLU A 40 -17.02 43.81 -28.58
CA GLU A 40 -18.28 44.54 -28.36
C GLU A 40 -19.22 43.77 -27.43
N LEU A 41 -19.36 42.46 -27.69
CA LEU A 41 -20.17 41.54 -26.89
C LEU A 41 -19.50 41.39 -25.52
N GLY A 42 -18.33 42.02 -25.37
CA GLY A 42 -17.59 41.96 -24.12
C GLY A 42 -16.94 40.62 -23.82
N LEU A 43 -16.60 39.88 -24.87
CA LEU A 43 -15.98 38.58 -24.71
C LEU A 43 -14.59 38.49 -25.31
N THR A 44 -13.78 37.61 -24.74
CA THR A 44 -12.43 37.36 -25.20
C THR A 44 -12.40 35.86 -25.40
N ILE A 45 -11.80 35.41 -26.50
CA ILE A 45 -11.76 33.99 -26.78
C ILE A 45 -10.36 33.52 -27.14
N VAL A 46 -10.00 32.36 -26.62
CA VAL A 46 -8.69 31.77 -26.86
C VAL A 46 -8.81 30.29 -27.19
N GLN A 47 -8.05 29.85 -28.20
CA GLN A 47 -8.05 28.45 -28.61
C GLN A 47 -6.67 27.89 -28.37
N GLN A 48 -6.59 26.84 -27.56
CA GLN A 48 -5.31 26.23 -27.25
C GLN A 48 -5.31 24.73 -27.47
N GLY A 49 -4.55 24.02 -26.64
CA GLY A 49 -4.46 22.58 -26.75
C GLY A 49 -5.81 21.91 -26.63
N ASN A 50 -6.55 21.89 -27.73
CA ASN A 50 -7.87 21.25 -27.74
C ASN A 50 -8.81 21.83 -26.70
N LYS A 51 -8.66 23.12 -26.41
CA LYS A 51 -9.52 23.79 -25.45
C LYS A 51 -9.90 25.18 -25.92
N VAL A 52 -11.07 25.64 -25.49
CA VAL A 52 -11.55 26.97 -25.83
C VAL A 52 -11.83 27.69 -24.53
N ILE A 53 -11.21 28.85 -24.35
CA ILE A 53 -11.41 29.63 -23.14
C ILE A 53 -12.15 30.92 -23.49
N VAL A 54 -13.29 31.15 -22.85
CA VAL A 54 -14.08 32.33 -23.10
C VAL A 54 -14.09 33.19 -21.83
N GLU A 55 -13.65 34.43 -21.95
CA GLU A 55 -13.60 35.35 -20.81
C GLU A 55 -14.56 36.51 -20.91
N LYS A 56 -15.02 36.96 -19.75
CA LYS A 56 -15.94 38.08 -19.64
C LYS A 56 -15.52 38.77 -18.36
N SER A 57 -15.68 40.09 -18.28
CA SER A 57 -15.28 40.78 -17.08
C SER A 57 -16.39 40.55 -16.06
N LEU A 58 -16.08 40.82 -14.80
CA LEU A 58 -17.05 40.64 -13.72
C LEU A 58 -16.91 41.82 -12.77
N ASP A 59 -17.96 42.63 -12.67
CA ASP A 59 -17.91 43.80 -11.78
C ASP A 59 -18.29 43.43 -10.36
N LEU A 60 -17.89 44.26 -9.40
CA LEU A 60 -18.18 44.02 -7.99
C LEU A 60 -19.66 43.80 -7.71
N LYS A 61 -20.51 44.63 -8.30
CA LYS A 61 -21.96 44.53 -8.08
C LYS A 61 -22.67 43.57 -9.04
N GLU A 62 -21.94 42.98 -9.96
CA GLU A 62 -22.53 42.06 -10.95
C GLU A 62 -22.96 40.72 -10.32
N HIS A 63 -24.13 40.24 -10.72
CA HIS A 63 -24.64 38.97 -10.19
C HIS A 63 -24.55 37.89 -11.26
N ILE A 64 -24.23 36.67 -10.83
CA ILE A 64 -24.14 35.53 -11.74
C ILE A 64 -25.06 34.46 -11.16
N ILE A 65 -26.02 34.03 -11.97
CA ILE A 65 -26.98 33.03 -11.52
C ILE A 65 -27.07 31.92 -12.56
N GLY A 66 -27.70 30.81 -12.17
CA GLY A 66 -27.83 29.70 -13.09
C GLY A 66 -26.93 28.53 -12.77
N LEU A 67 -26.46 27.87 -13.84
CA LEU A 67 -25.60 26.70 -13.75
C LEU A 67 -26.36 25.48 -13.23
N GLY A 68 -27.67 25.61 -13.18
CA GLY A 68 -28.50 24.50 -12.76
C GLY A 68 -28.42 24.00 -11.33
N GLU A 69 -28.29 22.68 -11.21
CA GLU A 69 -28.24 22.02 -9.92
C GLU A 69 -26.89 22.17 -9.20
N LYS A 70 -26.75 23.20 -8.36
CA LYS A 70 -25.51 23.43 -7.64
C LYS A 70 -25.75 23.53 -6.13
N ALA A 71 -24.94 22.82 -5.36
CA ALA A 71 -25.08 22.85 -3.92
C ALA A 71 -24.43 24.12 -3.35
N PHE A 72 -24.78 25.26 -3.93
CA PHE A 72 -24.21 26.55 -3.52
C PHE A 72 -25.25 27.67 -3.52
N GLU A 73 -24.85 28.81 -2.97
CA GLU A 73 -25.69 30.00 -2.96
C GLU A 73 -26.12 30.33 -4.41
N LEU A 74 -27.32 30.90 -4.56
CA LEU A 74 -27.84 31.26 -5.87
C LEU A 74 -26.94 32.23 -6.66
N ASP A 75 -26.28 33.16 -5.98
CA ASP A 75 -25.36 34.06 -6.67
C ASP A 75 -24.07 33.23 -6.68
N ARG A 76 -23.66 32.79 -7.86
CA ARG A 76 -22.50 31.92 -8.02
C ARG A 76 -21.06 32.46 -7.94
N LYS A 77 -20.86 33.73 -7.65
CA LYS A 77 -19.50 34.26 -7.61
C LYS A 77 -18.56 33.61 -6.59
N ARG A 78 -17.27 33.62 -6.93
CA ARG A 78 -16.20 33.09 -6.09
C ARG A 78 -16.17 31.58 -5.98
N LYS A 79 -16.31 30.89 -7.10
CA LYS A 79 -16.28 29.44 -7.10
C LYS A 79 -15.96 28.97 -8.50
N ARG A 80 -15.30 27.84 -8.59
CA ARG A 80 -14.94 27.23 -9.86
C ARG A 80 -15.86 26.00 -10.00
N TYR A 81 -16.87 26.09 -10.87
CA TYR A 81 -17.81 24.98 -11.06
C TYR A 81 -17.42 24.04 -12.19
N VAL A 82 -17.74 22.77 -11.99
CA VAL A 82 -17.46 21.74 -13.00
C VAL A 82 -18.80 21.19 -13.47
N MET A 83 -18.98 21.10 -14.79
CA MET A 83 -20.23 20.57 -15.31
C MET A 83 -19.95 19.15 -15.80
N TYR A 84 -20.23 18.16 -14.95
CA TYR A 84 -20.00 16.76 -15.32
C TYR A 84 -20.95 15.90 -14.51
N ASN A 85 -21.99 15.38 -15.16
CA ASN A 85 -22.99 14.54 -14.49
C ASN A 85 -22.30 13.46 -13.67
N VAL A 86 -22.65 13.36 -12.40
CA VAL A 86 -22.04 12.34 -11.56
C VAL A 86 -22.98 11.88 -10.46
N ASP A 87 -22.87 10.61 -10.10
CA ASP A 87 -23.67 10.04 -9.02
C ASP A 87 -23.04 10.63 -7.75
N ALA A 88 -23.68 11.63 -7.17
CA ALA A 88 -23.13 12.31 -6.00
C ALA A 88 -23.18 11.54 -4.68
N GLY A 89 -23.91 10.43 -4.65
CA GLY A 89 -24.00 9.68 -3.41
C GLY A 89 -24.75 10.49 -2.37
N ALA A 90 -24.34 10.37 -1.12
CA ALA A 90 -24.97 11.11 -0.03
C ALA A 90 -24.33 12.50 0.00
N TYR A 91 -24.67 13.32 -0.98
CA TYR A 91 -24.10 14.66 -1.10
C TYR A 91 -24.39 15.60 0.05
N LYS A 92 -23.45 16.52 0.27
CA LYS A 92 -23.56 17.52 1.33
C LYS A 92 -23.44 18.87 0.65
N LYS A 93 -23.65 19.95 1.39
CA LYS A 93 -23.53 21.25 0.74
C LYS A 93 -22.10 21.54 0.32
N TYR A 94 -21.97 22.31 -0.74
CA TYR A 94 -20.70 22.70 -1.33
C TYR A 94 -20.02 21.55 -2.06
N GLN A 95 -20.76 20.48 -2.31
CA GLN A 95 -20.21 19.36 -3.06
C GLN A 95 -20.50 19.66 -4.53
N ASP A 96 -19.54 19.38 -5.40
CA ASP A 96 -19.68 19.65 -6.84
C ASP A 96 -18.78 18.66 -7.56
N PRO A 97 -19.22 18.14 -8.72
CA PRO A 97 -20.51 18.42 -9.36
C PRO A 97 -21.58 17.47 -8.84
N LEU A 98 -22.81 17.66 -9.33
CA LEU A 98 -23.91 16.80 -8.93
C LEU A 98 -24.46 16.06 -10.16
N TYR A 99 -25.74 15.70 -10.11
CA TYR A 99 -26.36 14.92 -11.19
C TYR A 99 -26.67 15.60 -12.51
N VAL A 100 -27.04 16.88 -12.45
CA VAL A 100 -27.42 17.62 -13.64
C VAL A 100 -26.46 18.71 -14.10
N SER A 101 -26.31 18.85 -15.40
CA SER A 101 -25.41 19.84 -15.99
C SER A 101 -26.09 20.76 -17.01
N ILE A 102 -26.44 21.97 -16.60
CA ILE A 102 -27.04 22.96 -17.50
C ILE A 102 -25.98 24.07 -17.64
N PRO A 103 -25.20 24.06 -18.72
CA PRO A 103 -24.14 25.06 -18.98
C PRO A 103 -24.67 26.45 -19.36
N LEU A 104 -25.55 26.97 -18.54
CA LEU A 104 -26.15 28.28 -18.77
C LEU A 104 -26.02 29.16 -17.54
N PHE A 105 -25.58 30.40 -17.75
CA PHE A 105 -25.51 31.31 -16.62
C PHE A 105 -26.01 32.67 -17.08
N ILE A 106 -26.67 33.37 -16.17
CA ILE A 106 -27.19 34.68 -16.49
C ILE A 106 -26.48 35.74 -15.67
N SER A 107 -26.07 36.80 -16.36
CA SER A 107 -25.39 37.90 -15.71
C SER A 107 -26.38 39.05 -15.55
N VAL A 108 -26.40 39.66 -14.38
CA VAL A 108 -27.29 40.79 -14.14
C VAL A 108 -26.40 41.92 -13.70
N LYS A 109 -26.20 42.88 -14.60
CA LYS A 109 -25.35 44.03 -14.34
C LYS A 109 -26.17 45.31 -14.56
N ASP A 110 -26.12 46.21 -13.57
CA ASP A 110 -26.87 47.45 -13.65
C ASP A 110 -28.35 47.14 -13.88
N GLY A 111 -28.82 46.06 -13.27
CA GLY A 111 -30.22 45.67 -13.42
C GLY A 111 -30.58 44.99 -14.74
N VAL A 112 -29.62 44.87 -15.65
CA VAL A 112 -29.88 44.26 -16.95
C VAL A 112 -29.32 42.82 -17.01
N ALA A 113 -30.17 41.90 -17.47
CA ALA A 113 -29.77 40.51 -17.57
C ALA A 113 -29.34 40.09 -18.95
N THR A 114 -28.33 39.23 -19.01
CA THR A 114 -27.82 38.69 -20.26
C THR A 114 -27.49 37.22 -20.02
N GLY A 115 -27.86 36.35 -20.96
CA GLY A 115 -27.58 34.95 -20.77
C GLY A 115 -26.42 34.44 -21.61
N TYR A 116 -25.76 33.40 -21.10
CA TYR A 116 -24.64 32.78 -21.79
C TYR A 116 -24.82 31.26 -21.71
N PHE A 117 -25.08 30.64 -22.85
CA PHE A 117 -25.30 29.20 -22.93
C PHE A 117 -24.24 28.53 -23.79
N PHE A 118 -23.43 27.69 -23.19
CA PHE A 118 -22.40 26.98 -23.93
C PHE A 118 -22.88 25.58 -24.27
N ASN A 119 -23.21 25.35 -25.53
CA ASN A 119 -23.73 24.05 -25.94
C ASN A 119 -22.68 22.96 -26.10
N SER A 120 -22.11 22.55 -24.97
CA SER A 120 -21.12 21.48 -24.92
C SER A 120 -21.47 20.57 -23.74
N ALA A 121 -21.50 19.26 -23.97
CA ALA A 121 -21.84 18.33 -22.91
C ALA A 121 -20.58 17.69 -22.31
N SER A 122 -19.44 18.30 -22.59
CA SER A 122 -18.16 17.82 -22.07
C SER A 122 -17.97 18.42 -20.68
N LYS A 123 -16.83 18.17 -20.06
CA LYS A 123 -16.56 18.68 -18.72
C LYS A 123 -16.20 20.16 -18.74
N VAL A 124 -17.23 21.00 -18.88
CA VAL A 124 -17.06 22.45 -18.93
C VAL A 124 -16.79 23.05 -17.56
N ILE A 125 -15.83 23.95 -17.50
CA ILE A 125 -15.48 24.61 -16.24
C ILE A 125 -15.92 26.07 -16.23
N PHE A 126 -16.68 26.45 -15.20
CA PHE A 126 -17.12 27.84 -15.07
C PHE A 126 -16.40 28.44 -13.87
N ASP A 127 -15.32 29.15 -14.14
CA ASP A 127 -14.58 29.79 -13.06
C ASP A 127 -15.16 31.20 -12.87
N VAL A 128 -16.06 31.34 -11.90
CA VAL A 128 -16.75 32.61 -11.65
C VAL A 128 -16.07 33.51 -10.63
N GLY A 129 -15.10 34.29 -11.09
CA GLY A 129 -14.40 35.22 -10.22
C GLY A 129 -13.53 34.55 -9.17
N LEU A 130 -12.94 33.41 -9.51
CA LEU A 130 -12.09 32.66 -8.58
C LEU A 130 -10.64 32.71 -9.04
N GLU A 131 -10.40 32.32 -10.29
CA GLU A 131 -9.05 32.37 -10.85
C GLU A 131 -8.67 33.85 -10.93
N GLU A 132 -9.57 34.65 -11.47
CA GLU A 132 -9.37 36.09 -11.56
C GLU A 132 -10.60 36.75 -10.94
N TYR A 133 -10.39 37.42 -9.81
CA TYR A 133 -11.46 38.09 -9.07
C TYR A 133 -12.42 38.92 -9.93
N ASP A 134 -11.91 39.50 -11.01
CA ASP A 134 -12.71 40.36 -11.87
C ASP A 134 -13.06 39.74 -13.20
N LYS A 135 -13.10 38.42 -13.26
CA LYS A 135 -13.42 37.73 -14.50
C LYS A 135 -14.21 36.46 -14.32
N VAL A 136 -14.95 36.11 -15.37
CA VAL A 136 -15.70 34.87 -15.43
C VAL A 136 -14.99 34.17 -16.57
N ILE A 137 -14.32 33.05 -16.27
CA ILE A 137 -13.60 32.31 -17.30
C ILE A 137 -14.28 30.97 -17.51
N VAL A 138 -14.63 30.68 -18.76
CA VAL A 138 -15.28 29.43 -19.09
C VAL A 138 -14.33 28.64 -19.96
N THR A 139 -14.04 27.42 -19.55
CA THR A 139 -13.13 26.54 -20.30
C THR A 139 -13.89 25.33 -20.84
N ILE A 140 -13.89 25.17 -22.16
CA ILE A 140 -14.56 24.02 -22.77
C ILE A 140 -13.46 23.10 -23.26
N PRO A 141 -13.41 21.87 -22.75
CA PRO A 141 -12.38 20.91 -23.16
C PRO A 141 -12.58 20.33 -24.56
N GLU A 142 -12.68 21.22 -25.55
CA GLU A 142 -12.84 20.82 -26.95
C GLU A 142 -12.18 21.91 -27.79
N ASP A 143 -11.77 21.59 -29.01
CA ASP A 143 -11.13 22.58 -29.87
C ASP A 143 -12.13 23.53 -30.52
N SER A 144 -13.40 23.12 -30.56
CA SER A 144 -14.46 23.94 -31.17
C SER A 144 -15.65 23.98 -30.22
N VAL A 145 -16.49 24.98 -30.38
CA VAL A 145 -17.66 25.09 -29.54
C VAL A 145 -18.61 26.17 -30.02
N GLU A 146 -19.89 25.99 -29.72
CA GLU A 146 -20.88 26.97 -30.08
C GLU A 146 -21.59 27.39 -28.79
N PHE A 147 -21.65 28.69 -28.54
CA PHE A 147 -22.36 29.18 -27.38
C PHE A 147 -23.26 30.32 -27.81
N TYR A 148 -24.20 30.70 -26.96
CA TYR A 148 -25.12 31.76 -27.31
C TYR A 148 -25.16 32.87 -26.28
N VAL A 149 -25.28 34.11 -26.76
CA VAL A 149 -25.40 35.25 -25.87
C VAL A 149 -26.87 35.63 -26.02
N ILE A 150 -27.62 35.54 -24.93
CA ILE A 150 -29.04 35.81 -24.95
C ILE A 150 -29.42 37.11 -24.24
N GLU A 151 -29.83 38.11 -25.02
CA GLU A 151 -30.21 39.40 -24.48
C GLU A 151 -31.47 39.31 -23.62
N GLY A 152 -31.56 40.22 -22.65
CA GLY A 152 -32.70 40.26 -21.78
C GLY A 152 -33.71 41.30 -22.23
N PRO A 153 -33.83 42.42 -21.51
CA PRO A 153 -33.05 42.78 -20.32
C PRO A 153 -33.56 42.12 -19.03
N ARG A 154 -34.78 41.61 -19.03
CA ARG A 154 -35.30 40.95 -17.81
C ARG A 154 -34.83 39.51 -17.80
N ILE A 155 -34.71 38.95 -16.60
CA ILE A 155 -34.28 37.56 -16.48
C ILE A 155 -35.30 36.70 -17.20
N GLU A 156 -36.58 37.07 -17.09
CA GLU A 156 -37.64 36.31 -17.75
C GLU A 156 -37.46 36.33 -19.27
N ASP A 157 -36.94 37.42 -19.80
CA ASP A 157 -36.73 37.50 -21.25
C ASP A 157 -35.70 36.47 -21.66
N VAL A 158 -34.59 36.44 -20.92
CA VAL A 158 -33.51 35.50 -21.20
C VAL A 158 -34.04 34.08 -21.24
N LEU A 159 -34.81 33.70 -20.22
CA LEU A 159 -35.37 32.35 -20.15
C LEU A 159 -36.34 32.02 -21.27
N GLU A 160 -37.12 33.01 -21.72
CA GLU A 160 -38.05 32.75 -22.81
C GLU A 160 -37.24 32.43 -24.06
N LYS A 161 -36.23 33.25 -24.34
CA LYS A 161 -35.41 33.01 -25.52
C LYS A 161 -34.67 31.69 -25.38
N TYR A 162 -34.11 31.45 -24.20
CA TYR A 162 -33.38 30.21 -23.94
C TYR A 162 -34.30 29.01 -24.18
N THR A 163 -35.51 29.08 -23.63
CA THR A 163 -36.49 28.01 -23.79
C THR A 163 -36.91 27.86 -25.24
N GLU A 164 -36.97 28.98 -25.95
CA GLU A 164 -37.35 28.96 -27.35
C GLU A 164 -36.26 28.16 -28.08
N LEU A 165 -35.02 28.41 -27.69
CA LEU A 165 -33.87 27.76 -28.29
C LEU A 165 -33.73 26.25 -27.99
N THR A 166 -33.75 25.89 -26.71
CA THR A 166 -33.57 24.49 -26.33
C THR A 166 -34.83 23.64 -26.25
N GLY A 167 -35.99 24.27 -26.16
CA GLY A 167 -37.23 23.50 -26.09
C GLY A 167 -38.16 23.90 -24.94
N LYS A 168 -39.44 24.01 -25.25
CA LYS A 168 -40.42 24.35 -24.24
C LYS A 168 -40.70 23.12 -23.39
N PRO A 169 -40.98 23.31 -22.10
CA PRO A 169 -41.27 22.17 -21.23
C PRO A 169 -42.57 21.49 -21.71
N PHE A 170 -42.63 20.17 -21.64
CA PHE A 170 -43.85 19.47 -22.05
C PHE A 170 -44.89 19.79 -21.00
N LEU A 171 -46.17 19.63 -21.35
CA LEU A 171 -47.23 19.90 -20.39
C LEU A 171 -47.67 18.56 -19.81
N PRO A 172 -47.37 18.32 -18.54
CA PRO A 172 -47.76 17.06 -17.91
C PRO A 172 -49.19 17.10 -17.38
N PRO A 173 -49.74 15.94 -17.03
CA PRO A 173 -51.11 15.89 -16.51
C PRO A 173 -51.15 16.51 -15.11
N MET A 174 -52.33 16.99 -14.71
CA MET A 174 -52.46 17.59 -13.40
C MET A 174 -52.10 16.63 -12.28
N TRP A 175 -52.36 15.34 -12.43
CA TRP A 175 -52.04 14.41 -11.35
C TRP A 175 -50.53 14.28 -11.08
N ALA A 176 -49.71 14.73 -12.02
CA ALA A 176 -48.27 14.65 -11.85
C ALA A 176 -47.82 15.61 -10.75
N PHE A 177 -48.68 16.54 -10.38
CA PHE A 177 -48.34 17.52 -9.34
C PHE A 177 -48.99 17.18 -8.02
N GLY A 178 -49.61 16.01 -7.95
CA GLY A 178 -50.26 15.60 -6.72
C GLY A 178 -49.28 14.97 -5.74
N TYR A 179 -49.80 14.49 -4.62
CA TYR A 179 -48.99 13.87 -3.59
C TYR A 179 -48.60 12.43 -3.98
N MET A 180 -47.28 12.21 -4.12
CA MET A 180 -46.77 10.90 -4.49
C MET A 180 -46.07 10.22 -3.31
N ILE A 181 -46.33 8.94 -3.12
CA ILE A 181 -45.66 8.22 -2.06
C ILE A 181 -44.70 7.26 -2.74
N SER A 182 -43.55 7.06 -2.13
CA SER A 182 -42.54 6.20 -2.71
C SER A 182 -41.60 5.69 -1.62
N ARG A 183 -40.83 4.69 -1.95
CA ARG A 183 -39.88 4.14 -1.03
C ARG A 183 -38.98 3.21 -1.82
N TYR A 184 -37.86 2.85 -1.22
CA TYR A 184 -36.91 1.97 -1.87
C TYR A 184 -36.81 0.74 -0.97
N SER A 185 -37.77 -0.20 -1.08
CA SER A 185 -38.92 -0.12 -1.99
C SER A 185 -40.19 -0.63 -1.30
N TYR A 186 -41.33 -0.52 -1.99
CA TYR A 186 -42.60 -1.03 -1.48
C TYR A 186 -42.84 -2.38 -2.14
N TYR A 187 -43.12 -3.41 -1.34
CA TYR A 187 -43.38 -4.75 -1.87
C TYR A 187 -43.66 -5.69 -0.71
N PRO A 188 -44.26 -6.86 -0.98
CA PRO A 188 -44.72 -7.36 -2.28
C PRO A 188 -45.98 -6.59 -2.71
N GLN A 189 -46.55 -6.93 -3.86
CA GLN A 189 -47.72 -6.20 -4.35
C GLN A 189 -48.90 -6.02 -3.39
N ASP A 190 -49.19 -7.01 -2.55
CA ASP A 190 -50.30 -6.85 -1.62
C ASP A 190 -50.05 -5.72 -0.61
N LYS A 191 -48.78 -5.56 -0.21
CA LYS A 191 -48.42 -4.50 0.72
C LYS A 191 -48.58 -3.12 0.09
N VAL A 192 -48.34 -3.04 -1.20
CA VAL A 192 -48.48 -1.77 -1.92
C VAL A 192 -49.93 -1.30 -1.81
N VAL A 193 -50.86 -2.20 -2.05
CA VAL A 193 -52.27 -1.87 -1.99
C VAL A 193 -52.72 -1.60 -0.56
N GLU A 194 -52.21 -2.38 0.38
CA GLU A 194 -52.57 -2.19 1.79
C GLU A 194 -52.20 -0.77 2.25
N LEU A 195 -51.00 -0.35 1.90
CA LEU A 195 -50.53 0.97 2.28
C LEU A 195 -51.39 2.07 1.64
N VAL A 196 -51.67 1.93 0.36
CA VAL A 196 -52.50 2.93 -0.33
C VAL A 196 -53.87 3.02 0.35
N ASP A 197 -54.43 1.87 0.72
CA ASP A 197 -55.74 1.86 1.38
C ASP A 197 -55.71 2.60 2.71
N ILE A 198 -54.69 2.34 3.53
CA ILE A 198 -54.57 3.01 4.81
C ILE A 198 -54.42 4.52 4.61
N MET A 199 -53.59 4.91 3.66
CA MET A 199 -53.39 6.33 3.37
C MET A 199 -54.72 7.01 3.02
N GLN A 200 -55.47 6.42 2.10
CA GLN A 200 -56.75 6.98 1.68
C GLN A 200 -57.77 6.96 2.81
N LYS A 201 -57.83 5.87 3.55
CA LYS A 201 -58.76 5.76 4.66
C LYS A 201 -58.51 6.85 5.71
N GLU A 202 -57.25 7.21 5.91
CA GLU A 202 -56.94 8.25 6.89
C GLU A 202 -56.96 9.67 6.33
N GLY A 203 -57.51 9.81 5.13
CA GLY A 203 -57.65 11.12 4.53
C GLY A 203 -56.57 11.67 3.63
N PHE A 204 -55.56 10.89 3.30
CA PHE A 204 -54.53 11.41 2.41
C PHE A 204 -54.84 11.09 0.97
N ARG A 205 -54.91 12.14 0.16
CA ARG A 205 -55.19 11.99 -1.25
C ARG A 205 -53.89 11.66 -1.98
N VAL A 206 -53.72 10.38 -2.33
CA VAL A 206 -52.54 9.91 -3.01
C VAL A 206 -52.76 9.88 -4.53
N ALA A 207 -51.92 10.60 -5.26
CA ALA A 207 -52.00 10.67 -6.71
C ALA A 207 -51.34 9.48 -7.39
N GLY A 208 -50.23 9.00 -6.82
CA GLY A 208 -49.53 7.87 -7.40
C GLY A 208 -48.51 7.26 -6.46
N VAL A 209 -48.08 6.05 -6.77
CA VAL A 209 -47.08 5.37 -5.96
C VAL A 209 -45.94 4.99 -6.88
N PHE A 210 -44.72 5.12 -6.38
CA PHE A 210 -43.53 4.78 -7.17
C PHE A 210 -43.02 3.41 -6.75
N LEU A 211 -42.66 2.60 -7.73
CA LEU A 211 -42.14 1.27 -7.47
C LEU A 211 -40.65 1.30 -7.78
N ASP A 212 -39.82 1.11 -6.76
CA ASP A 212 -38.37 1.13 -6.92
C ASP A 212 -37.90 -0.26 -7.36
N ILE A 213 -36.60 -0.41 -7.59
CA ILE A 213 -36.01 -1.63 -8.12
C ILE A 213 -36.34 -3.01 -7.53
N HIS A 214 -36.94 -3.06 -6.35
CA HIS A 214 -37.28 -4.37 -5.76
C HIS A 214 -38.40 -5.08 -6.54
N TYR A 215 -39.11 -4.35 -7.40
CA TYR A 215 -40.21 -4.96 -8.15
C TYR A 215 -39.71 -5.82 -9.31
N MET A 216 -38.49 -5.57 -9.77
CA MET A 216 -37.91 -6.31 -10.88
C MET A 216 -37.42 -7.70 -10.49
N ASP A 217 -37.19 -8.53 -11.50
CA ASP A 217 -36.69 -9.87 -11.29
C ASP A 217 -35.17 -9.75 -11.39
N SER A 218 -34.49 -9.84 -10.25
CA SER A 218 -33.03 -9.73 -10.22
C SER A 218 -32.55 -8.42 -10.83
N TYR A 219 -33.34 -7.36 -10.64
CA TYR A 219 -33.00 -6.03 -11.18
C TYR A 219 -33.00 -5.96 -12.70
N LYS A 220 -33.65 -6.91 -13.36
CA LYS A 220 -33.71 -6.90 -14.81
C LYS A 220 -34.80 -5.97 -15.30
N LEU A 221 -34.43 -4.99 -16.13
CA LEU A 221 -35.41 -4.04 -16.66
C LEU A 221 -36.56 -4.75 -17.36
N PHE A 222 -37.75 -4.18 -17.22
CA PHE A 222 -38.94 -4.70 -17.87
C PHE A 222 -39.32 -6.13 -17.48
N THR A 223 -39.18 -6.44 -16.19
CA THR A 223 -39.56 -7.76 -15.70
C THR A 223 -40.22 -7.54 -14.34
N TRP A 224 -40.95 -8.53 -13.87
CA TRP A 224 -41.61 -8.44 -12.59
C TRP A 224 -41.08 -9.56 -11.73
N HIS A 225 -40.79 -9.25 -10.47
CA HIS A 225 -40.28 -10.24 -9.55
C HIS A 225 -41.36 -11.32 -9.41
N PRO A 226 -41.04 -12.57 -9.77
CA PRO A 226 -41.96 -13.71 -9.70
C PRO A 226 -42.61 -13.98 -8.34
N TYR A 227 -41.97 -13.54 -7.27
CA TYR A 227 -42.49 -13.76 -5.92
C TYR A 227 -43.14 -12.54 -5.25
N ARG A 228 -42.59 -11.35 -5.46
CA ARG A 228 -43.17 -10.17 -4.86
C ARG A 228 -44.29 -9.58 -5.71
N PHE A 229 -44.15 -9.71 -7.03
CA PHE A 229 -45.15 -9.20 -7.98
C PHE A 229 -45.53 -10.26 -9.02
N PRO A 230 -46.14 -11.36 -8.56
CA PRO A 230 -46.57 -12.47 -9.42
C PRO A 230 -47.76 -12.10 -10.29
N GLU A 231 -48.53 -11.11 -9.84
CA GLU A 231 -49.71 -10.68 -10.58
C GLU A 231 -49.73 -9.17 -10.81
N PRO A 232 -48.80 -8.67 -11.62
CA PRO A 232 -48.76 -7.23 -11.88
C PRO A 232 -50.08 -6.60 -12.35
N LYS A 233 -50.84 -7.30 -13.19
CA LYS A 233 -52.10 -6.73 -13.65
C LYS A 233 -53.06 -6.51 -12.48
N LYS A 234 -53.11 -7.45 -11.56
CA LYS A 234 -53.97 -7.33 -10.40
C LYS A 234 -53.60 -6.06 -9.60
N LEU A 235 -52.31 -5.82 -9.40
CA LEU A 235 -51.83 -4.66 -8.67
C LEU A 235 -52.27 -3.37 -9.37
N ILE A 236 -51.92 -3.26 -10.64
CA ILE A 236 -52.26 -2.08 -11.44
C ILE A 236 -53.77 -1.79 -11.42
N ASP A 237 -54.57 -2.86 -11.49
CA ASP A 237 -56.02 -2.71 -11.46
C ASP A 237 -56.46 -2.22 -10.10
N GLU A 238 -55.87 -2.77 -9.04
CA GLU A 238 -56.21 -2.37 -7.67
C GLU A 238 -55.89 -0.88 -7.46
N LEU A 239 -54.74 -0.45 -7.95
CA LEU A 239 -54.34 0.94 -7.83
C LEU A 239 -55.24 1.85 -8.67
N HIS A 240 -55.53 1.42 -9.89
CA HIS A 240 -56.38 2.22 -10.76
C HIS A 240 -57.80 2.33 -10.20
N LYS A 241 -58.30 1.24 -9.62
CA LYS A 241 -59.62 1.26 -9.02
C LYS A 241 -59.68 2.34 -7.94
N ARG A 242 -58.56 2.55 -7.24
CA ARG A 242 -58.49 3.56 -6.19
C ARG A 242 -58.02 4.90 -6.72
N ASN A 243 -58.02 5.02 -8.04
CA ASN A 243 -57.62 6.26 -8.70
C ASN A 243 -56.21 6.68 -8.31
N VAL A 244 -55.29 5.72 -8.30
CA VAL A 244 -53.90 5.97 -7.96
C VAL A 244 -53.04 5.54 -9.13
N LYS A 245 -52.17 6.44 -9.58
CA LYS A 245 -51.28 6.15 -10.70
C LYS A 245 -50.12 5.27 -10.25
N LEU A 246 -49.52 4.54 -11.19
CA LEU A 246 -48.38 3.67 -10.88
C LEU A 246 -47.19 4.10 -11.71
N ILE A 247 -46.10 4.49 -11.04
CA ILE A 247 -44.88 4.93 -11.73
C ILE A 247 -43.80 3.90 -11.40
N THR A 248 -43.13 3.39 -12.42
CA THR A 248 -42.11 2.38 -12.22
C THR A 248 -40.73 2.89 -12.60
N ILE A 249 -39.75 2.57 -11.77
CA ILE A 249 -38.39 2.98 -12.03
C ILE A 249 -37.81 2.14 -13.16
N VAL A 250 -36.97 2.77 -13.96
CA VAL A 250 -36.33 2.09 -15.07
C VAL A 250 -34.89 2.58 -15.12
N ASP A 251 -33.93 1.70 -14.88
CA ASP A 251 -32.53 2.10 -14.93
C ASP A 251 -32.07 2.03 -16.39
N HIS A 252 -30.79 2.26 -16.61
CA HIS A 252 -30.23 2.25 -17.97
C HIS A 252 -29.35 1.03 -18.25
N GLY A 253 -29.18 0.18 -17.25
CA GLY A 253 -28.32 -0.98 -17.42
C GLY A 253 -29.02 -2.24 -17.90
N ILE A 254 -28.49 -2.81 -18.98
CA ILE A 254 -29.04 -4.03 -19.56
C ILE A 254 -28.17 -5.19 -19.13
N ARG A 255 -28.75 -6.15 -18.41
CA ARG A 255 -28.01 -7.29 -17.93
C ARG A 255 -27.44 -8.18 -19.04
N VAL A 256 -26.15 -8.49 -18.95
CA VAL A 256 -25.50 -9.34 -19.93
C VAL A 256 -25.91 -10.77 -19.56
N ASP A 257 -27.11 -11.12 -20.02
CA ASP A 257 -27.73 -12.40 -19.74
C ASP A 257 -28.14 -13.06 -21.06
N GLN A 258 -27.65 -14.27 -21.27
CA GLN A 258 -27.90 -15.05 -22.49
C GLN A 258 -29.37 -15.30 -22.80
N ASN A 259 -30.20 -15.33 -21.77
CA ASN A 259 -31.62 -15.59 -21.96
C ASN A 259 -32.51 -14.42 -21.59
N TYR A 260 -31.93 -13.23 -21.58
CA TYR A 260 -32.64 -12.01 -21.25
C TYR A 260 -32.96 -11.29 -22.56
N SER A 261 -34.24 -11.26 -22.90
CA SER A 261 -34.71 -10.65 -24.14
C SER A 261 -34.14 -9.28 -24.54
N PRO A 262 -34.20 -8.28 -23.65
CA PRO A 262 -33.68 -6.95 -24.00
C PRO A 262 -32.22 -6.97 -24.44
N PHE A 263 -31.43 -7.86 -23.84
CA PHE A 263 -30.02 -7.98 -24.17
C PHE A 263 -29.89 -8.48 -25.60
N LEU A 264 -30.65 -9.52 -25.93
CA LEU A 264 -30.62 -10.09 -27.27
C LEU A 264 -31.18 -9.15 -28.35
N SER A 265 -32.30 -8.48 -28.06
CA SER A 265 -32.89 -7.58 -29.05
C SER A 265 -32.14 -6.25 -29.16
N GLY A 266 -31.46 -5.84 -28.09
CA GLY A 266 -30.73 -4.59 -28.14
C GLY A 266 -29.37 -4.75 -28.79
N MET A 267 -28.94 -5.99 -29.00
CA MET A 267 -27.64 -6.24 -29.57
C MET A 267 -27.44 -5.41 -30.83
N GLY A 268 -26.30 -4.73 -30.92
CA GLY A 268 -26.01 -3.91 -32.07
C GLY A 268 -26.22 -2.44 -31.73
N LYS A 269 -26.99 -2.18 -30.68
CA LYS A 269 -27.29 -0.79 -30.29
C LYS A 269 -26.72 -0.35 -28.94
N PHE A 270 -25.75 -1.10 -28.42
CA PHE A 270 -25.13 -0.79 -27.14
C PHE A 270 -23.86 0.03 -27.29
N CYS A 271 -23.44 0.68 -26.20
CA CYS A 271 -22.22 1.48 -26.19
C CYS A 271 -20.99 0.59 -26.36
N GLU A 272 -19.96 1.13 -27.00
CA GLU A 272 -18.71 0.39 -27.22
C GLU A 272 -17.55 1.16 -26.60
N ILE A 273 -16.35 0.57 -26.68
CA ILE A 273 -15.16 1.24 -26.20
C ILE A 273 -14.25 1.47 -27.42
N GLU A 274 -13.30 2.37 -27.29
CA GLU A 274 -12.38 2.68 -28.37
C GLU A 274 -11.98 1.49 -29.26
N SER A 275 -11.52 0.41 -28.64
CA SER A 275 -11.05 -0.75 -29.39
C SER A 275 -12.11 -1.56 -30.13
N GLY A 276 -13.39 -1.21 -29.98
CA GLY A 276 -14.41 -1.94 -30.71
C GLY A 276 -15.31 -2.93 -29.99
N GLU A 277 -14.92 -3.42 -28.81
CA GLU A 277 -15.77 -4.36 -28.10
C GLU A 277 -16.90 -3.58 -27.43
N LEU A 278 -17.86 -4.29 -26.86
CA LEU A 278 -18.95 -3.65 -26.14
C LEU A 278 -18.38 -3.11 -24.83
N PHE A 279 -19.00 -2.05 -24.32
CA PHE A 279 -18.57 -1.53 -23.04
C PHE A 279 -19.34 -2.36 -22.02
N VAL A 280 -18.65 -3.25 -21.32
CA VAL A 280 -19.28 -4.07 -20.30
C VAL A 280 -18.91 -3.50 -18.93
N GLY A 281 -19.93 -3.17 -18.15
CA GLY A 281 -19.70 -2.59 -16.84
C GLY A 281 -20.44 -3.30 -15.72
N LYS A 282 -20.72 -2.58 -14.65
CA LYS A 282 -21.41 -3.12 -13.49
C LYS A 282 -22.47 -2.15 -13.01
N MET A 283 -23.65 -2.68 -12.72
CA MET A 283 -24.77 -1.89 -12.23
C MET A 283 -25.65 -2.83 -11.43
N TRP A 284 -26.83 -2.37 -11.01
CA TRP A 284 -27.72 -3.20 -10.19
C TRP A 284 -27.86 -4.66 -10.62
N PRO A 285 -28.13 -4.92 -11.91
CA PRO A 285 -28.28 -6.33 -12.34
C PRO A 285 -26.97 -7.13 -12.46
N GLY A 286 -25.85 -6.51 -12.10
CA GLY A 286 -24.56 -7.18 -12.19
C GLY A 286 -23.83 -6.74 -13.44
N THR A 287 -23.24 -7.69 -14.17
CA THR A 287 -22.54 -7.36 -15.40
C THR A 287 -23.59 -6.78 -16.35
N THR A 288 -23.29 -5.62 -16.92
CA THR A 288 -24.25 -4.96 -17.79
C THR A 288 -23.65 -4.20 -18.96
N VAL A 289 -24.49 -3.96 -19.98
CA VAL A 289 -24.10 -3.17 -21.13
C VAL A 289 -25.08 -2.00 -21.13
N TYR A 290 -24.78 -0.95 -21.88
CA TYR A 290 -25.66 0.21 -21.88
C TYR A 290 -26.08 0.62 -23.27
N PRO A 291 -27.33 1.08 -23.42
CA PRO A 291 -27.84 1.51 -24.72
C PRO A 291 -27.15 2.78 -25.15
N ASP A 292 -26.73 2.86 -26.41
CA ASP A 292 -26.11 4.08 -26.92
C ASP A 292 -27.25 5.00 -27.40
N PHE A 293 -27.88 5.70 -26.46
CA PHE A 293 -29.00 6.57 -26.76
C PHE A 293 -28.74 7.70 -27.76
N PHE A 294 -27.48 7.92 -28.12
CA PHE A 294 -27.15 8.96 -29.08
C PHE A 294 -27.56 8.54 -30.49
N ARG A 295 -27.79 7.24 -30.68
CA ARG A 295 -28.19 6.70 -31.97
C ARG A 295 -29.71 6.67 -32.12
N GLU A 296 -30.20 6.97 -33.31
CA GLU A 296 -31.63 6.98 -33.57
C GLU A 296 -32.26 5.59 -33.45
N ASP A 297 -31.56 4.58 -33.95
CA ASP A 297 -32.05 3.20 -33.90
C ASP A 297 -32.23 2.70 -32.46
N THR A 298 -31.30 3.08 -31.59
CA THR A 298 -31.35 2.68 -30.18
C THR A 298 -32.56 3.37 -29.58
N ARG A 299 -32.73 4.63 -29.94
CA ARG A 299 -33.86 5.40 -29.44
C ARG A 299 -35.17 4.72 -29.84
N GLU A 300 -35.26 4.27 -31.09
CA GLU A 300 -36.47 3.58 -31.57
C GLU A 300 -36.68 2.25 -30.83
N TRP A 301 -35.59 1.52 -30.62
CA TRP A 301 -35.62 0.23 -29.89
C TRP A 301 -36.11 0.45 -28.46
N TRP A 302 -35.54 1.45 -27.79
CA TRP A 302 -35.91 1.76 -26.41
C TRP A 302 -37.37 2.20 -26.33
N ALA A 303 -37.77 3.08 -27.25
CA ALA A 303 -39.16 3.55 -27.28
C ALA A 303 -40.10 2.35 -27.36
N GLY A 304 -39.71 1.33 -28.12
CA GLY A 304 -40.53 0.15 -28.25
C GLY A 304 -40.71 -0.59 -26.95
N LEU A 305 -39.61 -0.78 -26.20
CA LEU A 305 -39.69 -1.47 -24.92
C LEU A 305 -40.51 -0.67 -23.93
N ILE A 306 -40.32 0.65 -23.95
CA ILE A 306 -41.06 1.52 -23.04
C ILE A 306 -42.55 1.42 -23.36
N SER A 307 -42.88 1.57 -24.64
CA SER A 307 -44.26 1.51 -25.09
C SER A 307 -44.92 0.20 -24.64
N GLU A 308 -44.21 -0.89 -24.87
CA GLU A 308 -44.70 -2.22 -24.48
C GLU A 308 -44.91 -2.27 -22.96
N TRP A 309 -44.01 -1.62 -22.22
CA TRP A 309 -44.08 -1.59 -20.76
C TRP A 309 -45.27 -0.77 -20.27
N LEU A 310 -45.52 0.35 -20.96
CA LEU A 310 -46.63 1.22 -20.61
C LEU A 310 -47.98 0.57 -20.89
N SER A 311 -48.02 -0.31 -21.89
CA SER A 311 -49.27 -0.95 -22.28
C SER A 311 -49.91 -1.83 -21.21
N GLN A 312 -49.17 -2.20 -20.16
CA GLN A 312 -49.77 -3.03 -19.11
C GLN A 312 -50.64 -2.14 -18.23
N GLY A 313 -50.46 -0.83 -18.38
CA GLY A 313 -51.21 0.10 -17.57
C GLY A 313 -50.32 0.96 -16.68
N VAL A 314 -49.00 0.84 -16.84
CA VAL A 314 -48.08 1.66 -16.04
C VAL A 314 -48.30 3.09 -16.51
N ASP A 315 -48.42 4.01 -15.56
CA ASP A 315 -48.70 5.42 -15.86
C ASP A 315 -47.51 6.36 -16.02
N GLY A 316 -46.36 5.99 -15.47
CA GLY A 316 -45.21 6.87 -15.60
C GLY A 316 -43.87 6.16 -15.52
N ILE A 317 -42.85 6.81 -16.04
CA ILE A 317 -41.51 6.25 -16.04
C ILE A 317 -40.56 7.11 -15.18
N TRP A 318 -39.81 6.44 -14.31
CA TRP A 318 -38.86 7.10 -13.44
C TRP A 318 -37.47 6.62 -13.86
N LEU A 319 -36.73 7.49 -14.54
CA LEU A 319 -35.39 7.18 -15.03
C LEU A 319 -34.34 7.49 -13.96
N ASP A 320 -33.61 6.48 -13.52
CA ASP A 320 -32.60 6.65 -12.48
C ASP A 320 -31.20 6.20 -12.92
N MET A 321 -30.18 6.67 -12.20
CA MET A 321 -28.79 6.30 -12.48
C MET A 321 -28.34 6.69 -13.90
N ASN A 322 -29.12 7.53 -14.55
CA ASN A 322 -28.82 7.92 -15.92
C ASN A 322 -27.83 9.07 -16.15
N GLU A 323 -26.83 9.21 -15.27
CA GLU A 323 -25.83 10.27 -15.41
C GLU A 323 -25.01 10.27 -16.69
N PRO A 324 -24.63 9.09 -17.22
CA PRO A 324 -24.86 7.71 -16.77
C PRO A 324 -23.82 7.22 -15.75
N THR A 325 -24.29 6.37 -14.84
CA THR A 325 -23.46 5.83 -13.78
C THR A 325 -23.04 4.40 -14.04
N ASP A 326 -21.85 4.06 -13.58
CA ASP A 326 -21.30 2.71 -13.71
C ASP A 326 -20.43 2.41 -12.48
N PHE A 327 -20.49 1.18 -11.99
CA PHE A 327 -19.75 0.82 -10.79
C PHE A 327 -18.56 -0.12 -10.98
N SER A 328 -18.23 -0.44 -12.22
CA SER A 328 -17.12 -1.35 -12.45
C SER A 328 -15.79 -0.85 -11.89
N ARG A 329 -15.50 0.44 -11.99
CA ARG A 329 -14.24 0.97 -11.46
C ARG A 329 -14.21 0.88 -9.93
N ALA A 330 -15.30 1.27 -9.29
CA ALA A 330 -15.39 1.22 -7.84
C ALA A 330 -15.21 -0.21 -7.35
N ILE A 331 -15.92 -1.13 -7.99
CA ILE A 331 -15.87 -2.54 -7.61
C ILE A 331 -14.49 -3.14 -7.84
N GLU A 332 -13.83 -2.68 -8.89
CA GLU A 332 -12.49 -3.15 -9.21
C GLU A 332 -11.54 -2.79 -8.07
N ILE A 333 -11.66 -1.57 -7.57
CA ILE A 333 -10.84 -1.08 -6.46
C ILE A 333 -11.15 -1.85 -5.18
N ARG A 334 -12.44 -2.06 -4.92
CA ARG A 334 -12.86 -2.78 -3.74
C ARG A 334 -12.41 -4.25 -3.73
N ASP A 335 -12.23 -4.84 -4.90
CA ASP A 335 -11.78 -6.23 -4.98
C ASP A 335 -10.28 -6.36 -4.73
N VAL A 336 -9.50 -5.43 -5.27
CA VAL A 336 -8.06 -5.46 -5.12
C VAL A 336 -7.56 -5.02 -3.73
N LEU A 337 -8.22 -4.04 -3.13
CA LEU A 337 -7.79 -3.55 -1.82
C LEU A 337 -8.78 -3.85 -0.70
N SER A 338 -9.73 -4.74 -0.98
CA SER A 338 -10.75 -5.13 -0.02
C SER A 338 -10.13 -5.49 1.32
N SER A 339 -9.08 -6.30 1.26
CA SER A 339 -8.36 -6.78 2.45
C SER A 339 -7.76 -5.71 3.35
N LEU A 340 -7.04 -4.76 2.75
CA LEU A 340 -6.40 -3.68 3.50
C LEU A 340 -7.30 -2.99 4.51
N PRO A 341 -6.84 -2.91 5.77
CA PRO A 341 -7.57 -2.28 6.87
C PRO A 341 -7.70 -0.78 6.65
N VAL A 342 -7.31 -0.35 5.46
CA VAL A 342 -7.34 1.05 5.07
C VAL A 342 -8.69 1.54 4.53
N GLN A 343 -8.90 2.85 4.64
CA GLN A 343 -10.13 3.51 4.20
C GLN A 343 -9.94 4.26 2.88
N PHE A 344 -10.90 4.11 1.98
CA PHE A 344 -10.84 4.75 0.68
C PHE A 344 -11.42 6.16 0.67
N ARG A 345 -10.85 7.00 -0.16
CA ARG A 345 -11.32 8.37 -0.29
C ARG A 345 -12.56 8.23 -1.15
N ASP A 346 -13.53 9.13 -0.98
CA ASP A 346 -14.75 9.05 -1.76
C ASP A 346 -14.71 9.94 -2.99
N ASP A 347 -14.08 9.45 -4.06
CA ASP A 347 -14.01 10.20 -5.30
C ASP A 347 -15.19 9.78 -6.17
N ARG A 348 -16.20 10.64 -6.23
CA ARG A 348 -17.41 10.36 -6.98
C ARG A 348 -17.18 10.19 -8.48
N LEU A 349 -16.15 10.82 -9.01
CA LEU A 349 -15.85 10.71 -10.43
C LEU A 349 -15.56 9.27 -10.84
N VAL A 350 -15.30 8.41 -9.87
CA VAL A 350 -15.02 7.01 -10.16
C VAL A 350 -16.27 6.29 -10.65
N THR A 351 -17.45 6.83 -10.36
CA THR A 351 -18.71 6.21 -10.81
C THR A 351 -19.17 6.64 -12.20
N THR A 352 -18.39 7.46 -12.89
CA THR A 352 -18.76 7.86 -14.24
C THR A 352 -18.24 6.81 -15.21
N PHE A 353 -18.66 6.88 -16.48
CA PHE A 353 -18.19 5.93 -17.47
C PHE A 353 -16.69 6.10 -17.65
N PRO A 354 -15.99 5.00 -17.99
CA PRO A 354 -14.53 5.07 -18.20
C PRO A 354 -14.24 6.00 -19.37
N ASP A 355 -12.97 6.35 -19.55
CA ASP A 355 -12.61 7.26 -20.65
C ASP A 355 -12.57 6.65 -22.05
N ASN A 356 -12.44 5.33 -22.13
CA ASN A 356 -12.38 4.69 -23.44
C ASN A 356 -13.73 4.36 -24.06
N VAL A 357 -14.83 4.84 -23.46
CA VAL A 357 -16.17 4.58 -23.99
C VAL A 357 -16.53 5.53 -25.13
N VAL A 358 -17.12 4.99 -26.19
CA VAL A 358 -17.49 5.80 -27.34
C VAL A 358 -18.95 5.66 -27.74
N HIS A 359 -19.45 6.67 -28.44
CA HIS A 359 -20.83 6.70 -28.89
C HIS A 359 -20.87 7.11 -30.35
N TYR A 360 -22.03 6.94 -30.98
CA TYR A 360 -22.20 7.35 -32.38
C TYR A 360 -23.24 8.46 -32.38
N LEU A 361 -22.78 9.68 -32.53
CA LEU A 361 -23.67 10.84 -32.54
C LEU A 361 -23.79 11.32 -33.99
N ARG A 362 -25.02 11.33 -34.50
CA ARG A 362 -25.28 11.76 -35.87
C ARG A 362 -24.28 11.09 -36.83
N GLY A 363 -24.13 9.78 -36.68
CA GLY A 363 -23.23 9.03 -37.54
C GLY A 363 -21.75 9.11 -37.23
N LYS A 364 -21.36 10.03 -36.36
CA LYS A 364 -19.94 10.19 -36.03
C LYS A 364 -19.58 9.53 -34.71
N ARG A 365 -18.40 8.92 -34.67
CA ARG A 365 -17.89 8.24 -33.48
C ARG A 365 -17.23 9.28 -32.57
N VAL A 366 -17.75 9.41 -31.35
CA VAL A 366 -17.21 10.38 -30.39
C VAL A 366 -16.91 9.79 -29.02
N LYS A 367 -15.98 10.41 -28.31
CA LYS A 367 -15.61 9.97 -26.97
C LYS A 367 -16.69 10.34 -25.98
N HIS A 368 -16.93 9.44 -25.03
CA HIS A 368 -17.93 9.68 -24.00
C HIS A 368 -17.71 11.00 -23.24
N GLU A 369 -16.46 11.34 -22.99
CA GLU A 369 -16.15 12.55 -22.25
C GLU A 369 -16.52 13.84 -22.98
N LYS A 370 -16.71 13.74 -24.29
CA LYS A 370 -17.07 14.92 -25.08
C LYS A 370 -18.57 15.17 -25.03
N VAL A 371 -19.36 14.11 -24.87
CA VAL A 371 -20.81 14.25 -24.88
C VAL A 371 -21.54 13.67 -23.67
N ARG A 372 -20.79 13.27 -22.64
CA ARG A 372 -21.37 12.67 -21.45
C ARG A 372 -22.67 13.23 -20.91
N ASN A 373 -22.69 14.53 -20.62
CA ASN A 373 -23.86 15.15 -20.03
C ASN A 373 -25.15 15.07 -20.81
N ALA A 374 -25.07 14.87 -22.11
CA ALA A 374 -26.28 14.78 -22.91
C ALA A 374 -26.90 13.38 -22.91
N TYR A 375 -26.20 12.41 -22.33
CA TYR A 375 -26.71 11.04 -22.27
C TYR A 375 -28.13 10.96 -21.70
N PRO A 376 -28.35 11.52 -20.51
CA PRO A 376 -29.71 11.45 -19.95
C PRO A 376 -30.74 12.15 -20.82
N LEU A 377 -30.31 13.19 -21.55
CA LEU A 377 -31.24 13.93 -22.41
C LEU A 377 -31.79 13.00 -23.51
N TYR A 378 -30.89 12.25 -24.15
CA TYR A 378 -31.30 11.32 -25.20
C TYR A 378 -32.10 10.14 -24.67
N GLU A 379 -31.85 9.73 -23.43
CA GLU A 379 -32.60 8.63 -22.86
C GLU A 379 -34.02 9.11 -22.61
N ALA A 380 -34.14 10.33 -22.08
CA ALA A 380 -35.46 10.90 -21.80
C ALA A 380 -36.22 11.08 -23.10
N MET A 381 -35.50 11.51 -24.14
CA MET A 381 -36.08 11.72 -25.46
C MET A 381 -36.71 10.43 -25.98
N ALA A 382 -35.95 9.33 -25.89
CA ALA A 382 -36.42 8.03 -26.33
C ALA A 382 -37.59 7.54 -25.49
N THR A 383 -37.56 7.87 -24.20
CA THR A 383 -38.63 7.45 -23.31
C THR A 383 -39.89 8.23 -23.61
N PHE A 384 -39.74 9.50 -23.95
CA PHE A 384 -40.88 10.36 -24.29
C PHE A 384 -41.51 9.81 -25.56
N LYS A 385 -40.64 9.43 -26.50
CA LYS A 385 -41.06 8.86 -27.77
C LYS A 385 -41.84 7.56 -27.49
N GLY A 386 -41.51 6.91 -26.39
CA GLY A 386 -42.21 5.69 -26.02
C GLY A 386 -43.65 5.97 -25.63
N PHE A 387 -43.89 7.14 -25.06
CA PHE A 387 -45.25 7.51 -24.66
C PHE A 387 -46.08 7.81 -25.91
N ARG A 388 -45.44 8.46 -26.89
CA ARG A 388 -46.10 8.80 -28.15
C ARG A 388 -46.49 7.52 -28.87
N THR A 389 -45.56 6.58 -28.94
CA THR A 389 -45.79 5.29 -29.58
C THR A 389 -46.99 4.58 -28.98
N SER A 390 -47.30 4.91 -27.72
CA SER A 390 -48.44 4.30 -27.05
C SER A 390 -49.67 5.19 -27.12
N HIS A 391 -49.56 6.30 -27.85
CA HIS A 391 -50.67 7.24 -27.98
C HIS A 391 -51.14 7.65 -26.59
N ARG A 392 -50.17 7.84 -25.70
CA ARG A 392 -50.44 8.23 -24.33
C ARG A 392 -50.31 9.75 -24.25
N ASN A 393 -51.41 10.44 -23.99
CA ASN A 393 -51.38 11.90 -23.93
C ASN A 393 -50.89 12.42 -22.57
N GLU A 394 -51.18 11.68 -21.51
CA GLU A 394 -50.74 12.06 -20.18
C GLU A 394 -49.37 11.44 -19.99
N ILE A 395 -48.34 12.27 -20.11
CA ILE A 395 -46.96 11.83 -19.99
C ILE A 395 -46.32 12.22 -18.66
N PHE A 396 -45.64 11.26 -18.04
CA PHE A 396 -44.92 11.52 -16.80
C PHE A 396 -43.58 10.82 -16.80
N ILE A 397 -42.53 11.62 -16.80
CA ILE A 397 -41.17 11.09 -16.78
C ILE A 397 -40.35 11.86 -15.74
N LEU A 398 -39.68 11.10 -14.87
CA LEU A 398 -38.84 11.65 -13.82
C LEU A 398 -37.43 11.23 -14.18
N SER A 399 -36.49 12.16 -14.12
CA SER A 399 -35.09 11.83 -14.42
C SER A 399 -34.19 12.38 -13.32
N ARG A 400 -33.07 11.71 -13.07
CA ARG A 400 -32.15 12.19 -12.05
C ARG A 400 -31.13 13.12 -12.67
N ALA A 401 -30.57 12.72 -13.81
CA ALA A 401 -29.59 13.53 -14.49
C ALA A 401 -30.23 14.34 -15.61
N GLY A 402 -29.45 15.24 -16.22
CA GLY A 402 -29.98 16.04 -17.29
C GLY A 402 -28.95 16.95 -17.92
N TYR A 403 -29.40 17.61 -18.99
CA TYR A 403 -28.58 18.54 -19.76
C TYR A 403 -29.57 19.56 -20.30
N ALA A 404 -29.06 20.64 -20.89
CA ALA A 404 -29.94 21.65 -21.48
C ALA A 404 -30.94 20.95 -22.42
N GLY A 405 -32.21 21.29 -22.30
CA GLY A 405 -33.22 20.67 -23.14
C GLY A 405 -33.99 19.55 -22.45
N ILE A 406 -33.46 19.06 -21.33
CA ILE A 406 -34.11 17.99 -20.60
C ILE A 406 -35.55 18.39 -20.22
N GLN A 407 -35.80 19.69 -20.12
CA GLN A 407 -37.15 20.16 -19.75
C GLN A 407 -38.22 19.76 -20.78
N ARG A 408 -37.78 19.43 -22.01
CA ARG A 408 -38.71 18.99 -23.06
C ARG A 408 -39.37 17.68 -22.66
N TYR A 409 -38.65 16.85 -21.91
CA TYR A 409 -39.16 15.52 -21.61
C TYR A 409 -39.38 15.07 -20.19
N ALA A 410 -38.84 15.77 -19.19
CA ALA A 410 -39.02 15.25 -17.86
C ALA A 410 -38.93 16.16 -16.66
N PHE A 411 -39.41 15.64 -15.54
CA PHE A 411 -39.35 16.30 -14.25
C PHE A 411 -37.95 15.90 -13.75
N ILE A 412 -37.41 16.67 -12.83
CA ILE A 412 -36.13 16.34 -12.24
C ILE A 412 -36.25 16.49 -10.73
N TRP A 413 -35.77 15.49 -10.00
CA TRP A 413 -35.80 15.58 -8.55
C TRP A 413 -34.33 15.59 -8.13
N THR A 414 -34.05 16.16 -6.97
CA THR A 414 -32.67 16.31 -6.49
C THR A 414 -31.90 15.12 -5.92
N GLY A 415 -32.29 13.91 -6.31
CA GLY A 415 -31.56 12.74 -5.84
C GLY A 415 -31.57 12.37 -4.37
N ASP A 416 -30.49 11.73 -3.94
CA ASP A 416 -30.32 11.22 -2.57
C ASP A 416 -29.94 12.20 -1.45
N ASN A 417 -30.86 13.06 -1.06
CA ASN A 417 -30.58 14.03 -0.01
C ASN A 417 -30.59 13.38 1.38
N THR A 418 -30.01 14.08 2.35
CA THR A 418 -29.91 13.62 3.73
C THR A 418 -30.81 14.45 4.63
N PRO A 419 -31.68 13.79 5.43
CA PRO A 419 -32.58 14.51 6.34
C PRO A 419 -31.78 15.29 7.38
N SER A 420 -32.00 16.60 7.46
CA SER A 420 -31.33 17.44 8.44
C SER A 420 -31.85 18.85 8.29
N TRP A 421 -31.74 19.64 9.35
CA TRP A 421 -32.22 21.01 9.29
C TRP A 421 -31.48 21.82 8.21
N ASP A 422 -30.18 21.56 8.05
CA ASP A 422 -29.44 22.29 7.04
C ASP A 422 -29.90 21.90 5.64
N ASP A 423 -30.32 20.65 5.46
CA ASP A 423 -30.77 20.20 4.14
C ASP A 423 -31.98 21.00 3.65
N LEU A 424 -32.78 21.55 4.58
CA LEU A 424 -33.93 22.34 4.17
C LEU A 424 -33.48 23.50 3.27
N LYS A 425 -32.43 24.19 3.69
CA LYS A 425 -31.91 25.31 2.92
C LYS A 425 -31.25 24.81 1.64
N LEU A 426 -30.55 23.70 1.73
CA LEU A 426 -29.86 23.14 0.57
C LEU A 426 -30.84 22.78 -0.54
N GLN A 427 -31.92 22.07 -0.19
CA GLN A 427 -32.91 21.67 -1.18
C GLN A 427 -33.51 22.87 -1.91
N LEU A 428 -33.70 23.96 -1.19
CA LEU A 428 -34.26 25.16 -1.75
C LEU A 428 -33.31 25.76 -2.80
N GLN A 429 -32.01 25.73 -2.54
CA GLN A 429 -31.04 26.26 -3.50
C GLN A 429 -30.98 25.36 -4.72
N LEU A 430 -31.09 24.06 -4.49
CA LEU A 430 -31.04 23.09 -5.57
C LEU A 430 -32.19 23.24 -6.53
N VAL A 431 -33.43 23.23 -6.01
CA VAL A 431 -34.58 23.34 -6.91
C VAL A 431 -34.67 24.72 -7.57
N LEU A 432 -34.29 25.77 -6.85
CA LEU A 432 -34.32 27.12 -7.42
C LEU A 432 -33.24 27.29 -8.47
N GLY A 433 -32.09 26.66 -8.28
CA GLY A 433 -31.03 26.77 -9.27
C GLY A 433 -31.44 26.10 -10.57
N LEU A 434 -32.12 24.96 -10.44
CA LEU A 434 -32.59 24.18 -11.57
C LEU A 434 -33.67 24.99 -12.29
N SER A 435 -34.57 25.52 -11.50
CA SER A 435 -35.70 26.31 -11.98
C SER A 435 -35.27 27.56 -12.77
N ILE A 436 -34.29 28.28 -12.25
CA ILE A 436 -33.82 29.48 -12.90
C ILE A 436 -32.97 29.13 -14.12
N SER A 437 -32.70 27.84 -14.29
CA SER A 437 -31.87 27.37 -15.40
C SER A 437 -32.66 26.65 -16.50
N GLY A 438 -33.97 26.89 -16.56
CA GLY A 438 -34.77 26.27 -17.61
C GLY A 438 -35.50 24.99 -17.31
N VAL A 439 -35.32 24.44 -16.12
CA VAL A 439 -36.01 23.20 -15.77
C VAL A 439 -37.05 23.57 -14.72
N PRO A 440 -38.29 23.77 -15.13
CA PRO A 440 -39.40 24.14 -14.25
C PRO A 440 -40.02 23.08 -13.33
N PHE A 441 -40.16 21.86 -13.81
CA PHE A 441 -40.77 20.83 -12.99
C PHE A 441 -39.75 20.08 -12.15
N VAL A 442 -39.58 20.54 -10.91
CA VAL A 442 -38.61 19.98 -10.00
C VAL A 442 -39.16 19.76 -8.60
N GLY A 443 -38.40 19.03 -7.79
CA GLY A 443 -38.78 18.74 -6.42
C GLY A 443 -37.66 18.01 -5.73
N CYS A 444 -37.88 17.62 -4.49
CA CYS A 444 -36.88 16.89 -3.73
C CYS A 444 -37.62 15.82 -2.94
N ASP A 445 -36.90 14.85 -2.40
CA ASP A 445 -37.53 13.80 -1.63
C ASP A 445 -37.94 14.37 -0.27
N ILE A 446 -39.24 14.46 -0.04
CA ILE A 446 -39.75 14.97 1.22
C ILE A 446 -39.36 14.01 2.33
N GLY A 447 -38.68 14.53 3.34
CA GLY A 447 -38.25 13.70 4.45
C GLY A 447 -36.82 13.20 4.26
N GLY A 448 -36.26 13.47 3.09
CA GLY A 448 -34.90 13.03 2.82
C GLY A 448 -34.79 11.56 2.46
N PHE A 449 -33.95 11.26 1.49
CA PHE A 449 -33.76 9.89 1.05
C PHE A 449 -33.00 8.97 2.03
N GLN A 450 -31.81 9.39 2.46
CA GLN A 450 -30.97 8.61 3.36
C GLN A 450 -31.71 8.06 4.58
N GLY A 451 -31.45 6.79 4.89
CA GLY A 451 -32.11 6.14 6.01
C GLY A 451 -31.38 6.18 7.33
N ARG A 452 -30.63 5.13 7.65
CA ARG A 452 -29.88 5.08 8.90
C ARG A 452 -28.56 4.36 8.71
N ASN A 453 -27.87 4.65 7.61
CA ASN A 453 -26.60 4.00 7.33
C ASN A 453 -25.41 4.83 7.82
N PHE A 454 -25.68 5.97 8.45
CA PHE A 454 -24.65 6.81 9.03
C PHE A 454 -25.23 7.80 10.03
N ALA A 455 -24.45 8.12 11.05
CA ALA A 455 -24.82 8.99 12.17
C ALA A 455 -25.41 10.37 11.92
N GLU A 456 -24.91 11.07 10.92
CA GLU A 456 -25.37 12.42 10.63
C GLU A 456 -26.72 12.51 9.92
N ILE A 457 -27.69 11.70 10.35
CA ILE A 457 -29.02 11.70 9.75
C ILE A 457 -30.02 12.03 10.83
N ASP A 458 -30.90 13.00 10.57
CA ASP A 458 -31.90 13.44 11.54
C ASP A 458 -33.29 12.98 11.14
N ASN A 459 -33.83 12.00 11.85
CA ASN A 459 -35.16 11.48 11.53
C ASN A 459 -36.26 11.96 12.47
N SER A 460 -36.08 13.12 13.08
CA SER A 460 -37.10 13.64 13.98
C SER A 460 -38.36 13.98 13.19
N MET A 461 -39.52 13.84 13.83
CA MET A 461 -40.79 14.09 13.16
C MET A 461 -41.12 15.53 12.88
N ASP A 462 -40.63 16.45 13.70
CA ASP A 462 -40.92 17.85 13.42
C ASP A 462 -40.11 18.33 12.20
N LEU A 463 -38.97 17.69 11.95
CA LEU A 463 -38.16 18.04 10.79
C LEU A 463 -38.91 17.52 9.56
N LEU A 464 -39.48 16.32 9.68
CA LEU A 464 -40.24 15.72 8.60
C LEU A 464 -41.38 16.65 8.21
N VAL A 465 -42.07 17.17 9.22
CA VAL A 465 -43.18 18.08 8.97
C VAL A 465 -42.67 19.32 8.22
N LYS A 466 -41.49 19.78 8.56
CA LYS A 466 -40.92 20.96 7.90
C LYS A 466 -40.62 20.68 6.43
N TYR A 467 -40.30 19.43 6.11
CA TYR A 467 -40.03 19.07 4.72
C TYR A 467 -41.31 19.20 3.91
N TYR A 468 -42.41 18.66 4.45
CA TYR A 468 -43.70 18.73 3.80
C TYR A 468 -44.08 20.18 3.54
N ALA A 469 -43.80 21.02 4.54
CA ALA A 469 -44.12 22.44 4.45
C ALA A 469 -43.19 23.18 3.49
N LEU A 470 -41.92 22.77 3.45
CA LEU A 470 -40.95 23.42 2.58
C LEU A 470 -41.33 23.29 1.11
N ALA A 471 -41.72 22.07 0.71
CA ALA A 471 -42.07 21.78 -0.66
C ALA A 471 -43.54 22.01 -0.99
N LEU A 472 -44.25 22.70 -0.09
CA LEU A 472 -45.67 22.99 -0.28
C LEU A 472 -46.02 23.42 -1.70
N PHE A 473 -45.18 24.27 -2.29
CA PHE A 473 -45.43 24.75 -3.65
C PHE A 473 -44.47 24.23 -4.72
N PHE A 474 -43.61 23.27 -4.38
CA PHE A 474 -42.72 22.72 -5.39
C PHE A 474 -43.59 21.98 -6.41
N PRO A 475 -43.19 22.00 -7.69
CA PRO A 475 -43.99 21.30 -8.72
C PRO A 475 -44.10 19.80 -8.42
N PHE A 476 -42.97 19.16 -8.14
CA PHE A 476 -42.94 17.73 -7.85
C PHE A 476 -42.96 17.54 -6.32
N TYR A 477 -44.01 16.87 -5.84
CA TYR A 477 -44.23 16.64 -4.40
C TYR A 477 -44.24 15.15 -4.06
N ARG A 478 -43.07 14.59 -3.79
CA ARG A 478 -42.97 13.18 -3.47
C ARG A 478 -42.19 12.85 -2.19
N SER A 479 -42.70 11.85 -1.46
CA SER A 479 -42.05 11.37 -0.25
C SER A 479 -41.33 10.10 -0.68
N HIS A 480 -40.02 10.04 -0.45
CA HIS A 480 -39.22 8.88 -0.84
C HIS A 480 -38.19 8.62 0.26
N LYS A 481 -37.95 7.35 0.57
CA LYS A 481 -37.01 7.00 1.63
C LYS A 481 -36.23 5.74 1.28
N ALA A 482 -35.00 5.66 1.79
CA ALA A 482 -34.13 4.51 1.54
C ALA A 482 -34.62 3.27 2.30
N THR A 483 -34.11 2.11 1.90
CA THR A 483 -34.51 0.83 2.49
C THR A 483 -34.44 0.72 4.00
N ASP A 484 -33.34 1.16 4.59
CA ASP A 484 -33.19 1.07 6.04
C ASP A 484 -33.66 2.29 6.82
N GLY A 485 -34.39 3.18 6.16
CA GLY A 485 -34.89 4.36 6.83
C GLY A 485 -36.20 4.03 7.52
N ILE A 486 -36.55 4.80 8.54
CA ILE A 486 -37.80 4.57 9.26
C ILE A 486 -38.94 4.79 8.28
N ASP A 487 -40.11 4.24 8.58
CA ASP A 487 -41.28 4.43 7.71
C ASP A 487 -41.70 5.89 7.87
N THR A 488 -41.76 6.62 6.76
CA THR A 488 -42.11 8.03 6.82
C THR A 488 -43.51 8.39 6.30
N GLU A 489 -44.31 7.38 5.96
CA GLU A 489 -45.67 7.66 5.49
C GLU A 489 -46.41 8.32 6.65
N PRO A 490 -47.23 9.33 6.37
CA PRO A 490 -48.00 10.07 7.37
C PRO A 490 -48.86 9.17 8.28
N VAL A 491 -49.41 8.09 7.73
CA VAL A 491 -50.25 7.21 8.51
C VAL A 491 -49.52 6.56 9.69
N PHE A 492 -48.20 6.62 9.68
CA PHE A 492 -47.41 6.02 10.77
C PHE A 492 -46.96 7.02 11.82
N LEU A 493 -47.40 8.26 11.68
CA LEU A 493 -47.04 9.31 12.60
C LEU A 493 -48.05 9.48 13.75
N PRO A 494 -47.59 9.97 14.91
CA PRO A 494 -48.51 10.16 16.04
C PRO A 494 -49.54 11.19 15.56
N ASP A 495 -50.78 11.10 16.05
CA ASP A 495 -51.82 12.02 15.63
C ASP A 495 -51.39 13.47 15.52
N TYR A 496 -50.62 13.95 16.49
CA TYR A 496 -50.15 15.33 16.49
C TYR A 496 -49.46 15.71 15.18
N TYR A 497 -48.49 14.91 14.76
CA TYR A 497 -47.75 15.16 13.53
C TYR A 497 -48.53 14.79 12.28
N LYS A 498 -49.29 13.69 12.37
CA LYS A 498 -50.08 13.23 11.24
C LYS A 498 -51.05 14.32 10.79
N GLU A 499 -51.69 14.98 11.75
CA GLU A 499 -52.64 16.04 11.42
C GLU A 499 -51.96 17.19 10.71
N LYS A 500 -50.74 17.53 11.14
CA LYS A 500 -50.02 18.62 10.49
C LYS A 500 -49.70 18.31 9.04
N VAL A 501 -49.26 17.09 8.76
CA VAL A 501 -48.94 16.70 7.39
C VAL A 501 -50.21 16.70 6.55
N LYS A 502 -51.30 16.21 7.14
CA LYS A 502 -52.60 16.15 6.49
C LYS A 502 -53.07 17.54 6.07
N GLU A 503 -52.93 18.51 6.95
CA GLU A 503 -53.36 19.86 6.63
C GLU A 503 -52.46 20.51 5.57
N ILE A 504 -51.18 20.17 5.57
CA ILE A 504 -50.26 20.74 4.59
C ILE A 504 -50.60 20.19 3.20
N VAL A 505 -50.86 18.88 3.11
CA VAL A 505 -51.19 18.25 1.83
C VAL A 505 -52.52 18.79 1.30
N GLU A 506 -53.48 19.00 2.22
CA GLU A 506 -54.77 19.53 1.80
C GLU A 506 -54.59 20.94 1.27
N LEU A 507 -53.70 21.71 1.89
CA LEU A 507 -53.45 23.07 1.45
C LEU A 507 -52.80 23.06 0.07
N ARG A 508 -52.00 22.03 -0.20
CA ARG A 508 -51.37 21.96 -1.51
C ARG A 508 -52.42 21.72 -2.58
N TYR A 509 -53.32 20.77 -2.32
CA TYR A 509 -54.38 20.48 -3.28
C TYR A 509 -55.30 21.69 -3.47
N LYS A 510 -55.41 22.52 -2.44
CA LYS A 510 -56.23 23.71 -2.54
C LYS A 510 -55.63 24.71 -3.53
N PHE A 511 -54.30 24.71 -3.63
CA PHE A 511 -53.58 25.61 -4.52
C PHE A 511 -53.20 24.95 -5.84
N LEU A 512 -53.52 23.67 -5.99
CA LEU A 512 -53.15 22.96 -7.20
C LEU A 512 -53.55 23.69 -8.49
N PRO A 513 -54.79 24.23 -8.56
CA PRO A 513 -55.23 24.94 -9.76
C PRO A 513 -54.28 26.07 -10.17
N TYR A 514 -53.75 26.79 -9.19
CA TYR A 514 -52.83 27.89 -9.47
C TYR A 514 -51.51 27.31 -9.96
N ILE A 515 -51.02 26.30 -9.26
CA ILE A 515 -49.76 25.65 -9.62
C ILE A 515 -49.85 25.09 -11.04
N TYR A 516 -50.95 24.41 -11.34
CA TYR A 516 -51.10 23.83 -12.68
C TYR A 516 -51.19 24.90 -13.78
N SER A 517 -51.81 26.04 -13.46
CA SER A 517 -51.90 27.12 -14.42
C SER A 517 -50.50 27.63 -14.71
N LEU A 518 -49.65 27.67 -13.70
CA LEU A 518 -48.27 28.12 -13.87
C LEU A 518 -47.52 27.08 -14.70
N ALA A 519 -47.93 25.82 -14.56
CA ALA A 519 -47.29 24.75 -15.33
C ALA A 519 -47.62 24.96 -16.80
N LEU A 520 -48.87 25.36 -17.08
CA LEU A 520 -49.28 25.62 -18.46
C LEU A 520 -48.46 26.79 -19.01
N GLU A 521 -48.28 27.80 -18.18
CA GLU A 521 -47.50 28.98 -18.55
C GLU A 521 -46.07 28.55 -18.87
N ALA A 522 -45.55 27.63 -18.07
CA ALA A 522 -44.18 27.13 -18.27
C ALA A 522 -44.06 26.45 -19.63
N SER A 523 -45.00 25.56 -19.94
CA SER A 523 -44.97 24.84 -21.20
C SER A 523 -45.23 25.71 -22.42
N GLU A 524 -45.83 26.88 -22.20
CA GLU A 524 -46.15 27.77 -23.32
C GLU A 524 -45.11 28.88 -23.50
N LYS A 525 -44.61 29.42 -22.39
CA LYS A 525 -43.65 30.52 -22.50
C LYS A 525 -42.29 30.23 -21.89
N GLY A 526 -42.18 29.13 -21.16
CA GLY A 526 -40.91 28.80 -20.56
C GLY A 526 -40.61 29.54 -19.27
N HIS A 527 -41.65 30.00 -18.59
CA HIS A 527 -41.48 30.70 -17.33
C HIS A 527 -41.44 29.64 -16.23
N PRO A 528 -40.50 29.73 -15.30
CA PRO A 528 -40.46 28.72 -14.24
C PRO A 528 -41.64 28.85 -13.27
N VAL A 529 -42.04 27.73 -12.67
CA VAL A 529 -43.14 27.73 -11.71
C VAL A 529 -42.71 28.38 -10.40
N ILE A 530 -41.68 27.85 -9.75
CA ILE A 530 -41.20 28.45 -8.51
C ILE A 530 -40.01 29.33 -8.90
N ARG A 531 -39.87 30.47 -8.24
CA ARG A 531 -38.79 31.39 -8.59
C ARG A 531 -38.13 32.05 -7.42
N PRO A 532 -36.83 32.34 -7.57
CA PRO A 532 -36.11 33.02 -6.47
C PRO A 532 -36.63 34.46 -6.53
N LEU A 533 -36.54 35.19 -5.43
CA LEU A 533 -37.02 36.56 -5.41
C LEU A 533 -36.40 37.47 -6.46
N PHE A 534 -35.11 37.28 -6.74
CA PHE A 534 -34.47 38.16 -7.72
C PHE A 534 -35.03 38.00 -9.12
N TYR A 535 -35.82 36.94 -9.35
CA TYR A 535 -36.38 36.75 -10.68
C TYR A 535 -37.45 37.81 -10.97
N GLU A 536 -38.26 38.13 -9.96
CA GLU A 536 -39.31 39.14 -10.10
C GLU A 536 -38.81 40.55 -9.75
N PHE A 537 -37.72 40.63 -8.99
CA PHE A 537 -37.15 41.91 -8.58
C PHE A 537 -35.65 41.91 -8.80
N GLN A 538 -35.26 41.70 -10.06
CA GLN A 538 -33.84 41.65 -10.43
C GLN A 538 -33.05 42.92 -10.24
N ASP A 539 -33.73 44.03 -10.06
CA ASP A 539 -33.06 45.33 -9.89
C ASP A 539 -32.64 45.65 -8.45
N ASP A 540 -33.06 44.81 -7.51
CA ASP A 540 -32.73 45.03 -6.10
C ASP A 540 -31.67 44.02 -5.64
N ASP A 541 -30.44 44.51 -5.44
CA ASP A 541 -29.33 43.67 -5.03
C ASP A 541 -29.61 42.80 -3.80
N ASP A 542 -30.39 43.32 -2.86
CA ASP A 542 -30.74 42.57 -1.64
C ASP A 542 -31.32 41.19 -1.97
N MET A 543 -32.16 41.16 -2.99
CA MET A 543 -32.82 39.94 -3.42
C MET A 543 -31.91 38.76 -3.74
N TYR A 544 -30.67 39.03 -4.13
CA TYR A 544 -29.75 37.95 -4.48
C TYR A 544 -29.14 37.28 -3.27
N ARG A 545 -29.50 37.72 -2.08
CA ARG A 545 -28.98 37.11 -0.85
C ARG A 545 -30.09 36.41 -0.09
N ILE A 546 -31.31 36.53 -0.59
CA ILE A 546 -32.45 35.89 0.07
C ILE A 546 -32.61 34.50 -0.54
N GLU A 547 -32.40 33.46 0.28
CA GLU A 547 -32.51 32.10 -0.24
C GLU A 547 -33.45 31.17 0.51
N ASP A 548 -34.04 31.63 1.60
CA ASP A 548 -34.98 30.80 2.34
C ASP A 548 -36.41 31.25 2.06
N GLU A 549 -36.58 31.91 0.92
CA GLU A 549 -37.89 32.41 0.47
C GLU A 549 -37.97 32.19 -1.03
N TYR A 550 -39.18 31.97 -1.53
CA TYR A 550 -39.33 31.81 -2.96
C TYR A 550 -40.71 32.23 -3.43
N MET A 551 -40.78 32.62 -4.71
CA MET A 551 -42.03 33.05 -5.34
C MET A 551 -42.64 31.87 -6.06
N VAL A 552 -43.96 31.77 -5.99
CA VAL A 552 -44.69 30.74 -6.70
C VAL A 552 -45.42 31.55 -7.76
N GLY A 553 -44.92 31.50 -8.98
CA GLY A 553 -45.52 32.28 -10.03
C GLY A 553 -45.11 33.71 -9.80
N LYS A 554 -45.92 34.63 -10.27
CA LYS A 554 -45.62 36.05 -10.16
C LYS A 554 -46.30 36.70 -8.94
N TYR A 555 -47.31 36.01 -8.40
CA TYR A 555 -48.10 36.55 -7.31
C TYR A 555 -47.88 36.11 -5.87
N LEU A 556 -47.37 34.90 -5.66
CA LEU A 556 -47.26 34.41 -4.30
C LEU A 556 -45.85 34.27 -3.72
N LEU A 557 -45.64 34.88 -2.55
CA LEU A 557 -44.35 34.81 -1.88
C LEU A 557 -44.48 33.86 -0.70
N TYR A 558 -43.61 32.85 -0.67
CA TYR A 558 -43.64 31.86 0.41
C TYR A 558 -42.30 31.87 1.15
N ALA A 559 -42.37 32.05 2.46
CA ALA A 559 -41.18 32.06 3.29
C ALA A 559 -41.29 30.89 4.26
N PRO A 560 -40.93 29.68 3.79
CA PRO A 560 -41.01 28.52 4.68
C PRO A 560 -40.12 28.62 5.92
N ILE A 561 -40.60 28.06 7.02
CA ILE A 561 -39.86 28.04 8.25
C ILE A 561 -38.85 26.90 8.18
N VAL A 562 -37.57 27.26 8.09
CA VAL A 562 -36.52 26.27 7.97
C VAL A 562 -35.65 26.14 9.23
N SER A 563 -36.27 26.34 10.39
CA SER A 563 -35.57 26.22 11.66
C SER A 563 -36.57 25.71 12.71
N LYS A 564 -36.10 25.51 13.93
CA LYS A 564 -36.96 25.02 15.00
C LYS A 564 -37.85 26.11 15.57
N GLU A 565 -37.51 27.36 15.28
CA GLU A 565 -38.29 28.50 15.77
C GLU A 565 -39.76 28.37 15.43
N GLU A 566 -40.59 29.20 16.06
CA GLU A 566 -42.02 29.18 15.83
C GLU A 566 -42.39 30.25 14.80
N SER A 567 -41.50 31.22 14.64
CA SER A 567 -41.70 32.30 13.68
C SER A 567 -40.35 32.66 13.11
N ARG A 568 -40.34 33.41 12.02
CA ARG A 568 -39.09 33.81 11.39
C ARG A 568 -39.19 35.22 10.83
N LEU A 569 -38.05 35.75 10.40
CA LEU A 569 -38.02 37.06 9.80
C LEU A 569 -38.26 36.85 8.31
N VAL A 570 -39.17 37.63 7.76
CA VAL A 570 -39.49 37.52 6.34
C VAL A 570 -39.12 38.80 5.62
N THR A 571 -38.33 38.69 4.57
CA THR A 571 -37.93 39.86 3.81
C THR A 571 -38.90 40.03 2.65
N LEU A 572 -39.57 41.19 2.60
CA LEU A 572 -40.53 41.45 1.55
C LEU A 572 -39.95 42.40 0.51
N PRO A 573 -40.10 42.07 -0.78
CA PRO A 573 -39.58 42.93 -1.84
C PRO A 573 -40.43 44.21 -1.95
N ARG A 574 -40.00 45.11 -2.84
CA ARG A 574 -40.71 46.36 -3.08
C ARG A 574 -42.17 46.09 -3.42
N GLY A 575 -43.07 46.99 -3.02
CA GLY A 575 -44.49 46.80 -3.31
C GLY A 575 -45.30 46.42 -2.09
N LYS A 576 -46.60 46.25 -2.26
CA LYS A 576 -47.44 45.87 -1.12
C LYS A 576 -47.69 44.38 -1.07
N TRP A 577 -47.76 43.84 0.15
CA TRP A 577 -47.99 42.42 0.32
C TRP A 577 -49.12 42.14 1.29
N TYR A 578 -49.94 41.17 0.92
CA TYR A 578 -51.11 40.77 1.71
C TYR A 578 -50.85 39.45 2.44
N ASN A 579 -51.11 39.43 3.74
CA ASN A 579 -50.91 38.22 4.55
C ASN A 579 -52.10 37.28 4.34
N TYR A 580 -51.86 36.18 3.64
CA TYR A 580 -52.90 35.20 3.37
C TYR A 580 -53.68 34.74 4.58
N TRP A 581 -53.03 34.67 5.75
CA TRP A 581 -53.74 34.18 6.92
C TRP A 581 -54.49 35.18 7.82
N ASN A 582 -53.98 36.40 7.99
CA ASN A 582 -54.67 37.38 8.84
C ASN A 582 -55.10 38.67 8.13
N GLY A 583 -54.89 38.73 6.82
CA GLY A 583 -55.30 39.90 6.06
C GLY A 583 -54.42 41.14 6.05
N GLU A 584 -53.56 41.29 7.04
CA GLU A 584 -52.67 42.45 7.14
C GLU A 584 -51.94 42.74 5.83
N ILE A 585 -51.92 44.00 5.42
CA ILE A 585 -51.23 44.38 4.21
C ILE A 585 -49.99 45.18 4.62
N ILE A 586 -48.83 44.78 4.10
CA ILE A 586 -47.58 45.44 4.47
C ILE A 586 -46.87 46.06 3.27
N ASN A 587 -46.10 47.11 3.54
CA ASN A 587 -45.34 47.79 2.50
C ASN A 587 -43.99 47.15 2.26
N GLY A 588 -43.72 46.91 1.00
CA GLY A 588 -42.48 46.27 0.60
C GLY A 588 -41.18 46.93 0.97
N LYS A 589 -40.11 46.14 0.82
CA LYS A 589 -38.77 46.57 1.13
C LYS A 589 -38.75 46.76 2.63
N SER A 590 -39.00 45.67 3.34
CA SER A 590 -39.01 45.68 4.79
C SER A 590 -38.87 44.25 5.29
N VAL A 591 -38.64 44.11 6.59
CA VAL A 591 -38.49 42.81 7.20
C VAL A 591 -39.56 42.69 8.27
N VAL A 592 -40.34 41.61 8.22
CA VAL A 592 -41.39 41.40 9.20
C VAL A 592 -41.32 40.00 9.79
N LYS A 593 -42.00 39.81 10.91
CA LYS A 593 -42.01 38.53 11.59
C LYS A 593 -43.23 37.74 11.06
N SER A 594 -43.05 36.44 10.82
CA SER A 594 -44.14 35.61 10.34
C SER A 594 -45.27 35.51 11.37
N THR A 595 -46.47 35.18 10.92
CA THR A 595 -47.63 35.07 11.81
C THR A 595 -48.33 33.72 11.76
N HIS A 596 -47.87 32.86 10.86
CA HIS A 596 -48.46 31.53 10.71
C HIS A 596 -47.34 30.53 10.45
N GLU A 597 -47.62 29.25 10.72
CA GLU A 597 -46.62 28.22 10.49
C GLU A 597 -46.21 28.19 9.02
N LEU A 598 -47.12 28.61 8.14
CA LEU A 598 -46.86 28.64 6.70
C LEU A 598 -46.97 30.09 6.20
N PRO A 599 -45.87 30.85 6.28
CA PRO A 599 -45.80 32.26 5.85
C PRO A 599 -46.05 32.51 4.37
N ILE A 600 -47.30 32.80 4.03
CA ILE A 600 -47.69 33.07 2.64
C ILE A 600 -48.16 34.52 2.45
N TYR A 601 -47.66 35.17 1.41
CA TYR A 601 -48.02 36.56 1.14
C TYR A 601 -48.41 36.77 -0.31
N LEU A 602 -49.49 37.50 -0.55
CA LEU A 602 -49.93 37.77 -1.92
C LEU A 602 -49.52 39.16 -2.33
N ARG A 603 -48.98 39.27 -3.54
CA ARG A 603 -48.50 40.52 -4.12
C ARG A 603 -49.71 41.35 -4.62
N GLU A 604 -49.66 42.68 -4.51
CA GLU A 604 -50.77 43.50 -5.00
C GLU A 604 -50.79 43.34 -6.51
N GLY A 605 -51.92 42.86 -7.03
CA GLY A 605 -52.04 42.62 -8.46
C GLY A 605 -51.96 41.12 -8.67
N SER A 606 -52.85 40.38 -7.99
CA SER A 606 -52.86 38.93 -8.07
C SER A 606 -54.24 38.33 -8.29
N ILE A 607 -54.25 37.20 -8.98
CA ILE A 607 -55.47 36.46 -9.24
C ILE A 607 -55.08 35.01 -8.99
N ILE A 608 -55.70 34.39 -8.01
CA ILE A 608 -55.35 33.02 -7.70
C ILE A 608 -56.53 32.07 -7.69
N PRO A 609 -56.53 31.10 -8.63
CA PRO A 609 -57.62 30.12 -8.69
C PRO A 609 -57.34 29.02 -7.67
N LEU A 610 -58.35 28.67 -6.89
CA LEU A 610 -58.19 27.65 -5.87
C LEU A 610 -59.10 26.46 -6.14
N GLU A 611 -58.87 25.38 -5.40
CA GLU A 611 -59.66 24.17 -5.52
C GLU A 611 -61.15 24.47 -5.35
N GLY A 612 -61.98 23.74 -6.11
CA GLY A 612 -63.42 23.92 -6.01
C GLY A 612 -63.92 25.24 -6.59
N ASP A 613 -63.29 25.68 -7.67
CA ASP A 613 -63.68 26.91 -8.34
C ASP A 613 -63.63 28.18 -7.48
N GLU A 614 -62.86 28.14 -6.39
CA GLU A 614 -62.72 29.31 -5.54
C GLU A 614 -61.83 30.27 -6.31
N LEU A 615 -61.83 31.55 -5.92
CA LEU A 615 -61.02 32.54 -6.61
C LEU A 615 -60.65 33.69 -5.67
N ILE A 616 -59.38 34.08 -5.69
CA ILE A 616 -58.89 35.17 -4.86
C ILE A 616 -58.38 36.27 -5.78
N VAL A 617 -58.82 37.50 -5.53
CA VAL A 617 -58.38 38.61 -6.37
C VAL A 617 -57.90 39.75 -5.50
N TYR A 618 -56.73 40.28 -5.85
CA TYR A 618 -56.15 41.39 -5.12
C TYR A 618 -55.48 42.32 -6.12
N GLY A 619 -56.11 43.46 -6.36
CA GLY A 619 -55.55 44.42 -7.30
C GLY A 619 -55.86 44.14 -8.75
N GLU A 620 -55.10 44.78 -9.64
CA GLU A 620 -55.31 44.61 -11.07
C GLU A 620 -54.22 43.80 -11.76
N THR A 621 -54.64 42.82 -12.55
CA THR A 621 -53.72 41.97 -13.28
C THR A 621 -54.53 41.10 -14.23
N SER A 622 -53.84 40.30 -15.03
CA SER A 622 -54.48 39.39 -15.96
C SER A 622 -53.86 38.01 -15.72
N PHE A 623 -54.70 36.98 -15.74
CA PHE A 623 -54.23 35.61 -15.48
C PHE A 623 -54.95 34.57 -16.32
N LYS A 624 -54.20 33.63 -16.85
CA LYS A 624 -54.77 32.56 -17.66
C LYS A 624 -54.83 31.26 -16.86
N ARG A 625 -56.04 30.78 -16.59
CA ARG A 625 -56.19 29.54 -15.85
C ARG A 625 -55.83 28.35 -16.75
N TYR A 626 -55.46 27.23 -16.14
CA TYR A 626 -55.04 26.05 -16.89
C TYR A 626 -56.06 25.54 -17.91
N ASP A 627 -57.35 25.78 -17.66
CA ASP A 627 -58.38 25.33 -18.58
C ASP A 627 -58.62 26.37 -19.67
N ASN A 628 -57.63 27.25 -19.86
CA ASN A 628 -57.68 28.29 -20.88
C ASN A 628 -58.53 29.54 -20.56
N ALA A 629 -59.32 29.49 -19.49
CA ALA A 629 -60.14 30.63 -19.12
C ALA A 629 -59.26 31.78 -18.60
N GLU A 630 -59.34 32.93 -19.26
CA GLU A 630 -58.56 34.09 -18.85
C GLU A 630 -59.38 35.00 -17.95
N ILE A 631 -58.76 35.47 -16.87
CA ILE A 631 -59.44 36.33 -15.91
C ILE A 631 -58.68 37.65 -15.81
N THR A 632 -59.41 38.75 -15.84
CA THR A 632 -58.76 40.05 -15.76
C THR A 632 -59.42 40.97 -14.72
N SER A 633 -58.60 41.65 -13.94
CA SER A 633 -59.11 42.56 -12.93
C SER A 633 -58.57 43.95 -13.21
N SER A 634 -59.46 44.94 -13.18
CA SER A 634 -59.11 46.33 -13.41
C SER A 634 -59.90 47.18 -12.42
N SER A 635 -60.18 48.43 -12.80
CA SER A 635 -60.95 49.38 -11.97
C SER A 635 -61.60 48.73 -10.74
N ASN A 636 -62.78 48.16 -10.97
CA ASN A 636 -63.56 47.47 -9.94
C ASN A 636 -64.32 46.43 -10.72
N GLU A 637 -63.67 45.91 -11.75
CA GLU A 637 -64.29 44.93 -12.63
C GLU A 637 -63.40 43.72 -12.89
N ILE A 638 -64.02 42.54 -12.85
CA ILE A 638 -63.31 41.29 -13.10
C ILE A 638 -63.92 40.67 -14.36
N LYS A 639 -63.18 40.69 -15.46
CA LYS A 639 -63.66 40.13 -16.71
C LYS A 639 -63.24 38.68 -16.90
N PHE A 640 -64.06 37.91 -17.62
CA PHE A 640 -63.78 36.50 -17.89
C PHE A 640 -63.86 36.27 -19.40
N SER A 641 -62.83 35.63 -19.96
CA SER A 641 -62.78 35.37 -21.39
C SER A 641 -63.90 34.43 -21.84
N ARG A 642 -64.51 33.73 -20.88
CA ARG A 642 -65.61 32.84 -21.20
C ARG A 642 -66.37 32.44 -19.96
N GLU A 643 -67.58 31.96 -20.14
CA GLU A 643 -68.42 31.55 -19.03
C GLU A 643 -67.79 30.47 -18.17
N ILE A 644 -67.67 30.74 -16.88
CA ILE A 644 -67.11 29.77 -15.93
C ILE A 644 -67.82 29.80 -14.59
N TYR A 645 -67.84 28.65 -13.92
CA TYR A 645 -68.48 28.56 -12.61
C TYR A 645 -67.56 29.18 -11.57
N VAL A 646 -68.14 29.82 -10.56
CA VAL A 646 -67.38 30.44 -9.49
C VAL A 646 -68.09 30.17 -8.19
N SER A 647 -67.43 29.49 -7.26
CA SER A 647 -68.04 29.19 -5.98
C SER A 647 -67.84 30.36 -5.04
N LYS A 648 -66.73 30.36 -4.32
CA LYS A 648 -66.42 31.42 -3.37
C LYS A 648 -65.41 32.43 -3.94
N LEU A 649 -65.74 33.72 -3.86
CA LEU A 649 -64.85 34.76 -4.37
C LEU A 649 -64.30 35.59 -3.22
N THR A 650 -62.99 35.73 -3.14
CA THR A 650 -62.39 36.51 -2.07
C THR A 650 -61.68 37.69 -2.69
N ILE A 651 -62.02 38.87 -2.18
CA ILE A 651 -61.44 40.11 -2.67
C ILE A 651 -60.70 40.78 -1.52
N THR A 652 -59.42 41.04 -1.71
CA THR A 652 -58.66 41.70 -0.66
C THR A 652 -58.60 43.14 -1.15
N SER A 653 -58.90 44.08 -0.25
CA SER A 653 -58.91 45.48 -0.62
C SER A 653 -58.79 46.38 0.60
N GLU A 654 -58.06 47.47 0.45
CA GLU A 654 -57.90 48.42 1.54
C GLU A 654 -59.18 49.26 1.66
N LYS A 655 -59.85 49.45 0.52
CA LYS A 655 -61.12 50.19 0.48
C LYS A 655 -62.24 49.18 0.63
N PRO A 656 -63.24 49.48 1.46
CA PRO A 656 -64.37 48.56 1.67
C PRO A 656 -65.15 48.17 0.42
N VAL A 657 -65.70 46.96 0.45
CA VAL A 657 -66.48 46.44 -0.65
C VAL A 657 -67.81 45.99 -0.04
N SER A 658 -68.88 46.68 -0.41
CA SER A 658 -70.19 46.37 0.14
C SER A 658 -70.95 45.32 -0.69
N LYS A 659 -70.72 45.31 -1.99
CA LYS A 659 -71.40 44.36 -2.86
C LYS A 659 -70.72 44.18 -4.21
N ILE A 660 -71.06 43.08 -4.86
CA ILE A 660 -70.54 42.77 -6.18
C ILE A 660 -71.77 42.55 -7.06
N ILE A 661 -71.60 42.75 -8.37
CA ILE A 661 -72.70 42.57 -9.30
C ILE A 661 -72.30 41.62 -10.42
N VAL A 662 -73.00 40.50 -10.53
CA VAL A 662 -72.71 39.51 -11.55
C VAL A 662 -73.41 39.82 -12.88
N ASP A 663 -72.61 40.09 -13.90
CA ASP A 663 -73.11 40.40 -15.24
C ASP A 663 -74.18 41.50 -15.26
N ASP A 664 -74.04 42.49 -14.38
CA ASP A 664 -74.99 43.59 -14.30
C ASP A 664 -76.35 43.08 -13.83
N SER A 665 -76.50 41.75 -13.81
CA SER A 665 -77.75 41.10 -13.42
C SER A 665 -77.89 40.92 -11.91
N LYS A 666 -77.65 39.70 -11.43
CA LYS A 666 -77.78 39.40 -10.02
C LYS A 666 -76.85 40.21 -9.13
N GLU A 667 -77.32 40.51 -7.93
CA GLU A 667 -76.52 41.26 -6.97
C GLU A 667 -76.23 40.32 -5.83
N ILE A 668 -74.94 40.09 -5.57
CA ILE A 668 -74.54 39.21 -4.47
C ILE A 668 -73.99 40.06 -3.35
N GLN A 669 -74.42 39.76 -2.13
CA GLN A 669 -73.97 40.50 -0.96
C GLN A 669 -72.53 40.11 -0.66
N VAL A 670 -71.82 40.96 0.10
CA VAL A 670 -70.42 40.70 0.46
C VAL A 670 -70.21 40.77 1.97
N GLU A 671 -69.30 39.96 2.47
CA GLU A 671 -69.01 39.95 3.90
C GLU A 671 -67.52 40.06 4.21
N LYS A 672 -67.19 40.98 5.11
CA LYS A 672 -65.81 41.19 5.53
C LYS A 672 -65.52 40.12 6.57
N THR A 673 -64.64 39.19 6.22
CA THR A 673 -64.26 38.10 7.12
C THR A 673 -63.13 38.49 8.07
N MET A 674 -62.30 39.42 7.62
CA MET A 674 -61.19 39.92 8.42
C MET A 674 -60.64 41.16 7.72
N GLN A 675 -59.70 41.85 8.35
CA GLN A 675 -59.14 43.07 7.77
C GLN A 675 -58.80 42.92 6.29
N ASN A 676 -59.23 43.89 5.50
CA ASN A 676 -58.96 43.92 4.06
C ASN A 676 -59.50 42.71 3.30
N THR A 677 -60.27 41.87 3.96
CA THR A 677 -60.79 40.67 3.30
C THR A 677 -62.31 40.59 3.15
N TYR A 678 -62.77 40.54 1.90
CA TYR A 678 -64.19 40.49 1.60
C TYR A 678 -64.55 39.22 0.81
N VAL A 679 -65.56 38.50 1.30
CA VAL A 679 -65.99 37.26 0.69
C VAL A 679 -67.41 37.27 0.12
N ALA A 680 -67.58 36.65 -1.04
CA ALA A 680 -68.87 36.58 -1.71
C ALA A 680 -69.14 35.14 -2.14
N LYS A 681 -70.19 34.54 -1.59
CA LYS A 681 -70.57 33.17 -1.95
C LYS A 681 -71.40 33.26 -3.23
N ILE A 682 -70.74 33.15 -4.38
CA ILE A 682 -71.42 33.24 -5.68
C ILE A 682 -72.11 31.94 -6.10
N ASN A 683 -71.36 30.84 -6.10
CA ASN A 683 -71.89 29.53 -6.48
C ASN A 683 -72.80 29.50 -7.71
N GLN A 684 -72.29 30.00 -8.84
CA GLN A 684 -73.06 30.01 -10.07
C GLN A 684 -72.16 30.41 -11.23
N LYS A 685 -72.57 30.06 -12.45
CA LYS A 685 -71.78 30.40 -13.63
C LYS A 685 -71.81 31.90 -13.88
N ILE A 686 -70.74 32.43 -14.48
CA ILE A 686 -70.65 33.84 -14.78
C ILE A 686 -70.38 34.01 -16.27
N ARG A 687 -71.29 34.68 -16.94
CA ARG A 687 -71.20 34.90 -18.37
C ARG A 687 -69.92 35.62 -18.79
N GLY A 688 -69.65 36.76 -18.17
CA GLY A 688 -68.45 37.51 -18.55
C GLY A 688 -67.87 38.52 -17.59
N LYS A 689 -68.59 38.91 -16.53
CA LYS A 689 -68.01 39.91 -15.63
C LYS A 689 -68.66 40.08 -14.25
N ILE A 690 -67.88 40.69 -13.36
CA ILE A 690 -68.31 40.98 -11.99
C ILE A 690 -67.84 42.40 -11.68
N ASN A 691 -68.69 43.19 -11.04
CA ASN A 691 -68.32 44.55 -10.67
C ASN A 691 -68.31 44.70 -9.16
N LEU A 692 -67.44 45.55 -8.65
CA LEU A 692 -67.34 45.77 -7.22
C LEU A 692 -67.84 47.16 -6.85
N GLU A 693 -68.46 47.26 -5.67
CA GLU A 693 -68.98 48.54 -5.19
C GLU A 693 -68.80 48.68 -3.69
N ILE B 3 24.60 20.09 37.78
CA ILE B 3 24.78 21.57 37.72
C ILE B 3 23.46 22.33 37.88
N LEU B 4 23.14 22.72 39.10
CA LEU B 4 21.93 23.48 39.37
C LEU B 4 22.31 24.84 39.96
N LYS B 5 21.74 25.90 39.40
CA LYS B 5 22.03 27.24 39.88
C LYS B 5 20.75 28.05 39.90
N ILE B 6 20.50 28.72 41.01
CA ILE B 6 19.30 29.52 41.14
C ILE B 6 19.67 30.96 41.46
N TYR B 7 19.22 31.87 40.61
CA TYR B 7 19.48 33.30 40.81
C TYR B 7 18.16 33.93 41.24
N GLU B 8 18.16 35.23 41.43
CA GLU B 8 16.94 35.92 41.86
C GLU B 8 17.06 37.43 41.79
N ASN B 9 15.93 38.07 41.52
CA ASN B 9 15.88 39.51 41.46
C ASN B 9 14.44 39.98 41.37
N LYS B 10 14.01 40.67 42.43
CA LYS B 10 12.66 41.21 42.56
C LYS B 10 11.52 40.29 42.10
N GLY B 11 11.31 39.22 42.86
CA GLY B 11 10.24 38.27 42.56
C GLY B 11 10.34 37.48 41.28
N VAL B 12 11.55 37.27 40.80
CA VAL B 12 11.77 36.51 39.57
C VAL B 12 12.98 35.59 39.74
N TYR B 13 12.73 34.33 40.07
CA TYR B 13 13.81 33.35 40.24
C TYR B 13 14.18 32.76 38.89
N LYS B 14 15.47 32.73 38.60
CA LYS B 14 15.95 32.15 37.35
C LYS B 14 16.62 30.84 37.70
N VAL B 15 16.03 29.72 37.29
CA VAL B 15 16.57 28.40 37.58
C VAL B 15 17.33 27.90 36.36
N VAL B 16 18.60 27.60 36.52
CA VAL B 16 19.43 27.12 35.43
C VAL B 16 19.82 25.66 35.67
N ILE B 17 19.45 24.80 34.73
CA ILE B 17 19.79 23.38 34.82
C ILE B 17 20.85 23.09 33.78
N GLY B 18 22.01 22.63 34.22
CA GLY B 18 23.11 22.35 33.31
C GLY B 18 23.68 23.62 32.72
N GLU B 19 24.02 23.59 31.43
CA GLU B 19 24.59 24.74 30.75
C GLU B 19 23.72 25.06 29.54
N PRO B 20 22.58 25.74 29.77
CA PRO B 20 21.61 26.13 28.76
C PRO B 20 22.12 27.06 27.66
N PHE B 21 21.53 26.93 26.49
CA PHE B 21 21.83 27.76 25.33
C PHE B 21 20.44 28.16 24.87
N PRO B 22 19.86 29.19 25.51
CA PRO B 22 18.52 29.72 25.21
C PRO B 22 18.31 30.12 23.75
N PRO B 23 17.07 29.99 23.25
CA PRO B 23 16.76 30.38 21.87
C PRO B 23 16.99 31.87 21.72
N ILE B 24 16.82 32.56 22.84
CA ILE B 24 17.02 34.01 22.89
C ILE B 24 17.39 34.33 24.32
N GLU B 25 18.27 35.30 24.50
CA GLU B 25 18.70 35.67 25.85
C GLU B 25 17.92 36.84 26.39
N PHE B 26 17.34 36.65 27.57
CA PHE B 26 16.57 37.70 28.21
C PHE B 26 17.39 38.27 29.34
N PRO B 27 17.73 39.57 29.22
CA PRO B 27 18.52 40.33 30.20
C PRO B 27 17.87 40.43 31.57
N LEU B 28 18.54 39.89 32.59
CA LEU B 28 18.02 39.95 33.94
C LEU B 28 18.71 41.10 34.67
N GLU B 29 17.94 42.12 35.05
CA GLU B 29 18.46 43.31 35.75
C GLU B 29 19.73 43.03 36.54
N GLN B 30 19.58 42.29 37.63
CA GLN B 30 20.72 41.91 38.48
C GLN B 30 21.10 40.48 38.14
N LYS B 31 21.89 39.88 39.02
CA LYS B 31 22.31 38.50 38.85
C LYS B 31 22.55 37.99 40.26
N ILE B 32 21.68 38.43 41.17
CA ILE B 32 21.73 38.06 42.58
C ILE B 32 21.43 36.57 42.76
N SER B 33 22.18 35.92 43.64
CA SER B 33 21.94 34.50 43.91
C SER B 33 20.75 34.40 44.87
N SER B 34 20.07 33.26 44.85
CA SER B 34 18.90 33.06 45.69
C SER B 34 19.14 32.25 46.97
N ASN B 35 18.36 32.56 48.00
CA ASN B 35 18.44 31.85 49.27
C ASN B 35 17.44 30.70 49.25
N LYS B 36 16.71 30.56 48.14
CA LYS B 36 15.73 29.50 47.99
C LYS B 36 16.26 28.31 47.22
N SER B 37 15.80 27.14 47.63
CA SER B 37 16.18 25.87 47.00
C SER B 37 14.96 25.33 46.25
N LEU B 38 15.16 24.37 45.36
CA LEU B 38 14.06 23.78 44.60
C LEU B 38 12.99 23.31 45.57
N SER B 39 13.41 22.69 46.67
CA SER B 39 12.46 22.22 47.67
C SER B 39 11.53 23.34 48.10
N GLU B 40 12.12 24.49 48.43
CA GLU B 40 11.34 25.65 48.87
C GLU B 40 10.43 26.18 47.78
N LEU B 41 10.87 26.04 46.53
CA LEU B 41 10.12 26.50 45.36
C LEU B 41 9.04 25.51 44.94
N GLY B 42 9.01 24.36 45.61
CA GLY B 42 8.02 23.33 45.31
C GLY B 42 8.24 22.62 43.97
N LEU B 43 9.49 22.54 43.55
CA LEU B 43 9.81 21.90 42.28
C LEU B 43 10.73 20.69 42.44
N THR B 44 10.61 19.77 41.50
CA THR B 44 11.43 18.56 41.46
C THR B 44 12.01 18.58 40.06
N ILE B 45 13.28 18.25 39.93
CA ILE B 45 13.90 18.26 38.62
C ILE B 45 14.69 17.00 38.36
N VAL B 46 14.57 16.49 37.14
CA VAL B 46 15.26 15.28 36.73
C VAL B 46 15.93 15.47 35.37
N GLN B 47 17.15 14.98 35.23
CA GLN B 47 17.88 15.06 33.98
C GLN B 47 18.12 13.64 33.48
N GLN B 48 17.64 13.35 32.27
CA GLN B 48 17.81 12.02 31.70
C GLN B 48 18.40 12.05 30.30
N GLY B 49 17.95 11.11 29.47
CA GLY B 49 18.45 11.04 28.11
C GLY B 49 18.19 12.30 27.33
N ASN B 50 19.06 13.30 27.51
CA ASN B 50 18.92 14.58 26.82
C ASN B 50 17.56 15.24 27.07
N LYS B 51 17.01 15.03 28.25
CA LYS B 51 15.73 15.64 28.60
C LYS B 51 15.73 16.14 30.04
N VAL B 52 14.96 17.19 30.29
CA VAL B 52 14.84 17.74 31.62
C VAL B 52 13.35 17.69 31.98
N ILE B 53 13.04 17.08 33.12
CA ILE B 53 11.66 16.98 33.57
C ILE B 53 11.50 17.79 34.83
N VAL B 54 10.57 18.73 34.83
CA VAL B 54 10.31 19.59 35.98
C VAL B 54 8.90 19.29 36.50
N GLU B 55 8.80 18.91 37.76
CA GLU B 55 7.53 18.58 38.39
C GLU B 55 7.11 19.55 39.47
N LYS B 56 5.80 19.70 39.60
CA LYS B 56 5.19 20.58 40.58
C LYS B 56 3.91 19.86 40.97
N SER B 57 3.48 20.02 42.22
CA SER B 57 2.26 19.36 42.62
C SER B 57 1.10 20.18 42.09
N LEU B 58 -0.07 19.56 42.04
CA LEU B 58 -1.27 20.22 41.56
C LEU B 58 -2.42 19.85 42.49
N ASP B 59 -2.97 20.85 43.17
CA ASP B 59 -4.08 20.62 44.09
C ASP B 59 -5.43 20.64 43.36
N LEU B 60 -6.44 20.01 43.97
CA LEU B 60 -7.77 19.95 43.39
C LEU B 60 -8.34 21.31 42.99
N LYS B 61 -8.18 22.30 43.86
CA LYS B 61 -8.70 23.64 43.61
C LYS B 61 -7.73 24.57 42.87
N GLU B 62 -6.54 24.06 42.56
CA GLU B 62 -5.53 24.87 41.87
C GLU B 62 -5.88 25.12 40.39
N HIS B 63 -5.67 26.35 39.92
CA HIS B 63 -5.97 26.71 38.53
C HIS B 63 -4.67 26.87 37.75
N ILE B 64 -4.69 26.43 36.50
CA ILE B 64 -3.54 26.55 35.64
C ILE B 64 -4.02 27.30 34.41
N ILE B 65 -3.38 28.42 34.11
CA ILE B 65 -3.77 29.22 32.96
C ILE B 65 -2.56 29.57 32.13
N GLY B 66 -2.79 30.03 30.90
CA GLY B 66 -1.68 30.39 30.04
C GLY B 66 -1.46 29.44 28.88
N LEU B 67 -0.19 29.22 28.54
CA LEU B 67 0.22 28.35 27.44
C LEU B 67 -0.12 28.94 26.09
N GLY B 68 -0.51 30.21 26.10
CA GLY B 68 -0.82 30.90 24.87
C GLY B 68 -2.03 30.47 24.06
N GLU B 69 -1.79 30.29 22.75
CA GLU B 69 -2.83 29.92 21.80
C GLU B 69 -3.22 28.44 21.87
N LYS B 70 -4.21 28.10 22.70
CA LYS B 70 -4.67 26.72 22.82
C LYS B 70 -6.15 26.60 22.52
N ALA B 71 -6.53 25.61 21.72
CA ALA B 71 -7.93 25.41 21.40
C ALA B 71 -8.61 24.62 22.53
N PHE B 72 -8.45 25.12 23.75
CA PHE B 72 -9.03 24.49 24.94
C PHE B 72 -9.55 25.51 25.94
N GLU B 73 -10.23 24.99 26.97
CA GLU B 73 -10.76 25.83 28.04
C GLU B 73 -9.58 26.60 28.67
N LEU B 74 -9.87 27.79 29.18
CA LEU B 74 -8.85 28.64 29.81
C LEU B 74 -8.14 27.97 31.00
N ASP B 75 -8.87 27.18 31.79
CA ASP B 75 -8.22 26.46 32.90
C ASP B 75 -7.70 25.21 32.19
N ARG B 76 -6.38 25.09 32.09
CA ARG B 76 -5.73 24.00 31.37
C ARG B 76 -5.60 22.60 31.95
N LYS B 77 -6.12 22.36 33.14
CA LYS B 77 -5.99 21.03 33.74
C LYS B 77 -6.55 19.86 32.93
N ARG B 78 -5.95 18.69 33.12
CA ARG B 78 -6.34 17.43 32.48
C ARG B 78 -6.07 17.34 30.98
N LYS B 79 -4.88 17.77 30.58
CA LYS B 79 -4.51 17.72 29.18
C LYS B 79 -3.00 17.78 29.06
N ARG B 80 -2.47 17.12 28.03
CA ARG B 80 -1.04 17.07 27.77
C ARG B 80 -0.81 18.00 26.58
N TYR B 81 -0.24 19.19 26.81
CA TYR B 81 0.00 20.13 25.72
C TYR B 81 1.37 20.04 25.09
N VAL B 82 1.42 20.26 23.80
CA VAL B 82 2.69 20.23 23.07
C VAL B 82 2.95 21.64 22.54
N MET B 83 4.16 22.15 22.76
CA MET B 83 4.50 23.49 22.28
C MET B 83 5.38 23.32 21.04
N TYR B 84 4.76 23.38 19.87
CA TYR B 84 5.50 23.23 18.62
C TYR B 84 4.73 23.93 17.52
N ASN B 85 5.23 25.09 17.09
CA ASN B 85 4.56 25.87 16.04
C ASN B 85 4.24 24.99 14.85
N VAL B 86 2.99 25.00 14.41
CA VAL B 86 2.61 24.18 13.28
C VAL B 86 1.46 24.82 12.49
N ASP B 87 1.48 24.62 11.17
CA ASP B 87 0.41 25.12 10.32
C ASP B 87 -0.78 24.21 10.61
N ALA B 88 -1.72 24.70 11.41
CA ALA B 88 -2.87 23.89 11.83
C ALA B 88 -3.93 23.61 10.78
N GLY B 89 -3.86 24.29 9.63
CA GLY B 89 -4.85 24.09 8.59
C GLY B 89 -6.21 24.54 9.08
N ALA B 90 -7.26 23.83 8.70
CA ALA B 90 -8.61 24.19 9.13
C ALA B 90 -8.84 23.57 10.50
N TYR B 91 -8.19 24.15 11.51
CA TYR B 91 -8.28 23.65 12.87
C TYR B 91 -9.67 23.66 13.47
N LYS B 92 -9.89 22.72 14.39
CA LYS B 92 -11.15 22.57 15.09
C LYS B 92 -10.82 22.63 16.57
N LYS B 93 -11.84 22.65 17.43
CA LYS B 93 -11.54 22.72 18.84
C LYS B 93 -10.88 21.44 19.32
N TYR B 94 -10.04 21.59 20.34
CA TYR B 94 -9.28 20.50 20.94
C TYR B 94 -8.14 20.01 20.05
N GLN B 95 -7.83 20.77 19.01
CA GLN B 95 -6.70 20.41 18.15
C GLN B 95 -5.46 21.08 18.78
N ASP B 96 -4.34 20.36 18.80
CA ASP B 96 -3.10 20.86 19.40
C ASP B 96 -1.96 20.15 18.67
N PRO B 97 -0.85 20.84 18.42
CA PRO B 97 -0.62 22.25 18.76
C PRO B 97 -1.11 23.14 17.63
N LEU B 98 -1.00 24.46 17.83
CA LEU B 98 -1.42 25.42 16.83
C LEU B 98 -0.22 26.26 16.36
N TYR B 99 -0.46 27.47 15.91
CA TYR B 99 0.59 28.33 15.37
C TYR B 99 1.58 28.98 16.33
N VAL B 100 1.12 29.31 17.53
CA VAL B 100 1.97 30.00 18.49
C VAL B 100 2.35 29.19 19.72
N SER B 101 3.58 29.38 20.19
CA SER B 101 4.08 28.67 21.36
C SER B 101 4.65 29.58 22.45
N ILE B 102 3.86 29.83 23.50
CA ILE B 102 4.32 30.65 24.63
C ILE B 102 4.43 29.67 25.82
N PRO B 103 5.64 29.17 26.12
CA PRO B 103 5.89 28.22 27.22
C PRO B 103 5.76 28.83 28.61
N LEU B 104 4.65 29.50 28.86
CA LEU B 104 4.42 30.15 30.14
C LEU B 104 3.07 29.72 30.71
N PHE B 105 3.05 29.38 31.98
CA PHE B 105 1.79 29.04 32.60
C PHE B 105 1.76 29.65 33.99
N ILE B 106 0.57 30.05 34.42
CA ILE B 106 0.44 30.66 35.72
C ILE B 106 -0.44 29.79 36.59
N SER B 107 0.03 29.57 37.81
CA SER B 107 -0.69 28.77 38.78
C SER B 107 -1.35 29.71 39.78
N VAL B 108 -2.62 29.45 40.10
CA VAL B 108 -3.33 30.27 41.07
C VAL B 108 -3.82 29.29 42.12
N LYS B 109 -3.17 29.35 43.28
CA LYS B 109 -3.49 28.47 44.39
C LYS B 109 -3.81 29.32 45.61
N ASP B 110 -4.93 29.03 46.26
CA ASP B 110 -5.36 29.80 47.43
C ASP B 110 -5.42 31.29 47.07
N GLY B 111 -5.82 31.59 45.84
CA GLY B 111 -5.92 32.98 45.39
C GLY B 111 -4.60 33.64 45.02
N VAL B 112 -3.48 32.94 45.20
CA VAL B 112 -2.18 33.51 44.89
C VAL B 112 -1.64 32.97 43.57
N ALA B 113 -1.16 33.88 42.72
CA ALA B 113 -0.64 33.50 41.42
C ALA B 113 0.88 33.43 41.38
N THR B 114 1.40 32.46 40.63
CA THR B 114 2.83 32.26 40.45
C THR B 114 3.05 31.85 39.01
N GLY B 115 4.03 32.46 38.36
CA GLY B 115 4.31 32.13 36.98
C GLY B 115 5.49 31.20 36.77
N TYR B 116 5.44 30.43 35.69
CA TYR B 116 6.51 29.51 35.33
C TYR B 116 6.76 29.63 33.84
N PHE B 117 7.92 30.16 33.49
CA PHE B 117 8.27 30.37 32.10
C PHE B 117 9.51 29.55 31.74
N PHE B 118 9.36 28.62 30.80
CA PHE B 118 10.49 27.79 30.40
C PHE B 118 11.02 28.32 29.09
N ASN B 119 12.19 28.94 29.14
CA ASN B 119 12.78 29.52 27.95
C ASN B 119 13.45 28.54 27.00
N SER B 120 12.63 27.70 26.37
CA SER B 120 13.09 26.72 25.39
C SER B 120 12.12 26.77 24.22
N ALA B 121 12.64 26.84 23.01
CA ALA B 121 11.81 26.90 21.82
C ALA B 121 11.72 25.52 21.15
N SER B 122 12.07 24.48 21.90
CA SER B 122 12.01 23.11 21.40
C SER B 122 10.60 22.59 21.67
N LYS B 123 10.36 21.33 21.31
CA LYS B 123 9.03 20.74 21.53
C LYS B 123 8.77 20.42 23.00
N VAL B 124 8.46 21.46 23.77
CA VAL B 124 8.18 21.32 25.19
C VAL B 124 6.80 20.74 25.46
N ILE B 125 6.74 19.79 26.40
CA ILE B 125 5.48 19.15 26.76
C ILE B 125 4.99 19.60 28.12
N PHE B 126 3.76 20.08 28.20
CA PHE B 126 3.18 20.48 29.48
C PHE B 126 2.08 19.49 29.81
N ASP B 127 2.39 18.53 30.68
CA ASP B 127 1.39 17.56 31.08
C ASP B 127 0.74 18.08 32.35
N VAL B 128 -0.41 18.72 32.19
CA VAL B 128 -1.13 19.32 33.31
C VAL B 128 -2.15 18.41 33.98
N GLY B 129 -1.69 17.61 34.93
CA GLY B 129 -2.57 16.72 35.65
C GLY B 129 -3.21 15.64 34.82
N LEU B 130 -2.46 15.13 33.85
CA LEU B 130 -2.94 14.07 32.95
C LEU B 130 -2.16 12.78 33.24
N GLU B 131 -0.84 12.84 33.16
CA GLU B 131 -0.01 11.68 33.44
C GLU B 131 -0.21 11.34 34.92
N GLU B 132 -0.14 12.36 35.77
CA GLU B 132 -0.35 12.20 37.19
C GLU B 132 -1.39 13.25 37.58
N TYR B 133 -2.56 12.78 37.99
CA TYR B 133 -3.68 13.64 38.37
C TYR B 133 -3.33 14.79 39.32
N ASP B 134 -2.33 14.58 40.18
CA ASP B 134 -1.93 15.58 41.16
C ASP B 134 -0.59 16.25 40.86
N LYS B 135 -0.22 16.28 39.59
CA LYS B 135 1.04 16.87 39.19
C LYS B 135 1.01 17.59 37.86
N VAL B 136 1.92 18.54 37.72
CA VAL B 136 2.11 19.27 36.49
C VAL B 136 3.53 18.86 36.12
N ILE B 137 3.66 18.13 35.03
CA ILE B 137 4.98 17.68 34.60
C ILE B 137 5.37 18.37 33.31
N VAL B 138 6.52 19.02 33.31
CA VAL B 138 7.00 19.72 32.13
C VAL B 138 8.24 19.01 31.63
N THR B 139 8.23 18.60 30.36
CA THR B 139 9.35 17.91 29.78
C THR B 139 9.99 18.75 28.68
N ILE B 140 11.26 19.07 28.83
CA ILE B 140 11.96 19.86 27.81
C ILE B 140 12.92 18.90 27.13
N PRO B 141 12.76 18.71 25.81
CA PRO B 141 13.63 17.81 25.06
C PRO B 141 15.05 18.35 24.83
N GLU B 142 15.74 18.70 25.91
CA GLU B 142 17.11 19.20 25.85
C GLU B 142 17.77 18.79 27.15
N ASP B 143 19.10 18.68 27.16
CA ASP B 143 19.81 18.28 28.37
C ASP B 143 19.95 19.42 29.37
N SER B 144 19.80 20.65 28.90
CA SER B 144 19.90 21.84 29.74
C SER B 144 18.73 22.77 29.47
N VAL B 145 18.42 23.63 30.42
CA VAL B 145 17.32 24.55 30.24
C VAL B 145 17.28 25.60 31.34
N GLU B 146 16.74 26.77 31.00
CA GLU B 146 16.60 27.83 31.97
C GLU B 146 15.12 28.20 32.01
N PHE B 147 14.55 28.22 33.21
CA PHE B 147 13.16 28.63 33.34
C PHE B 147 13.08 29.62 34.49
N TYR B 148 11.96 30.32 34.59
CA TYR B 148 11.78 31.32 35.63
C TYR B 148 10.54 31.10 36.46
N VAL B 149 10.66 31.37 37.76
CA VAL B 149 9.51 31.27 38.65
C VAL B 149 9.21 32.73 38.94
N ILE B 150 8.02 33.18 38.56
CA ILE B 150 7.64 34.57 38.71
C ILE B 150 6.56 34.77 39.77
N GLU B 151 6.95 35.37 40.89
CA GLU B 151 6.03 35.62 41.99
C GLU B 151 4.96 36.63 41.61
N GLY B 152 3.79 36.49 42.25
CA GLY B 152 2.70 37.40 41.97
C GLY B 152 2.61 38.50 43.02
N PRO B 153 1.64 38.44 43.95
CA PRO B 153 0.61 37.40 44.05
C PRO B 153 -0.57 37.56 43.08
N ARG B 154 -0.73 38.75 42.49
CA ARG B 154 -1.81 39.00 41.53
C ARG B 154 -1.37 38.50 40.15
N ILE B 155 -2.32 38.05 39.33
CA ILE B 155 -1.97 37.58 38.00
C ILE B 155 -1.31 38.73 37.26
N GLU B 156 -1.83 39.95 37.48
CA GLU B 156 -1.26 41.13 36.84
C GLU B 156 0.20 41.32 37.26
N ASP B 157 0.54 40.96 38.49
CA ASP B 157 1.92 41.10 38.96
C ASP B 157 2.81 40.19 38.12
N VAL B 158 2.37 38.94 37.96
CA VAL B 158 3.13 37.97 37.18
C VAL B 158 3.39 38.48 35.78
N LEU B 159 2.36 38.98 35.13
CA LEU B 159 2.51 39.47 33.76
C LEU B 159 3.41 40.69 33.62
N GLU B 160 3.42 41.56 34.62
CA GLU B 160 4.28 42.73 34.58
C GLU B 160 5.73 42.25 34.61
N LYS B 161 6.03 41.37 35.56
CA LYS B 161 7.38 40.85 35.67
C LYS B 161 7.77 40.07 34.42
N TYR B 162 6.84 39.25 33.92
CA TYR B 162 7.08 38.47 32.72
C TYR B 162 7.38 39.41 31.56
N THR B 163 6.56 40.46 31.42
CA THR B 163 6.74 41.42 30.35
C THR B 163 8.05 42.19 30.50
N GLU B 164 8.41 42.46 31.75
CA GLU B 164 9.66 43.14 32.04
C GLU B 164 10.80 42.26 31.53
N LEU B 165 10.66 40.96 31.76
CA LEU B 165 11.67 39.98 31.36
C LEU B 165 11.79 39.75 29.85
N THR B 166 10.67 39.46 29.19
CA THR B 166 10.71 39.17 27.76
C THR B 166 10.54 40.35 26.82
N GLY B 167 10.05 41.48 27.34
CA GLY B 167 9.87 42.65 26.49
C GLY B 167 8.48 43.27 26.52
N LYS B 168 8.43 44.59 26.60
CA LYS B 168 7.15 45.30 26.61
C LYS B 168 6.60 45.35 25.19
N PRO B 169 5.28 45.30 25.05
CA PRO B 169 4.67 45.35 23.72
C PRO B 169 4.98 46.72 23.09
N PHE B 170 5.24 46.75 21.79
CA PHE B 170 5.51 48.02 21.13
C PHE B 170 4.19 48.78 21.10
N LEU B 171 4.26 50.10 20.95
CA LEU B 171 3.04 50.90 20.88
C LEU B 171 2.73 51.15 19.41
N PRO B 172 1.66 50.54 18.91
CA PRO B 172 1.31 50.76 17.50
C PRO B 172 0.47 52.00 17.32
N PRO B 173 0.28 52.43 16.06
CA PRO B 173 -0.52 53.63 15.78
C PRO B 173 -1.99 53.34 16.03
N MET B 174 -2.77 54.39 16.31
CA MET B 174 -4.18 54.20 16.59
C MET B 174 -4.94 53.57 15.42
N TRP B 175 -4.51 53.84 14.19
CA TRP B 175 -5.21 53.25 13.05
C TRP B 175 -5.08 51.72 12.97
N ALA B 176 -4.11 51.18 13.69
CA ALA B 176 -3.90 49.72 13.69
C ALA B 176 -5.06 49.03 14.39
N PHE B 177 -5.83 49.77 15.16
CA PHE B 177 -6.97 49.19 15.86
C PHE B 177 -8.29 49.49 15.16
N GLY B 178 -8.21 50.07 13.97
CA GLY B 178 -9.42 50.39 13.22
C GLY B 178 -9.95 49.19 12.45
N TYR B 179 -11.01 49.41 11.69
CA TYR B 179 -11.63 48.36 10.90
C TYR B 179 -10.82 48.07 9.64
N MET B 180 -10.32 46.84 9.54
CA MET B 180 -9.53 46.41 8.39
C MET B 180 -10.29 45.44 7.51
N ILE B 181 -10.22 45.63 6.19
CA ILE B 181 -10.87 44.70 5.30
C ILE B 181 -9.77 43.93 4.59
N SER B 182 -10.01 42.66 4.34
CA SER B 182 -9.01 41.82 3.71
C SER B 182 -9.68 40.66 3.04
N ARG B 183 -8.94 39.97 2.19
CA ARG B 183 -9.46 38.81 1.52
C ARG B 183 -8.27 38.12 0.88
N TYR B 184 -8.49 36.88 0.47
CA TYR B 184 -7.44 36.11 -0.17
C TYR B 184 -7.95 35.77 -1.56
N SER B 185 -7.83 36.72 -2.51
CA SER B 185 -7.26 38.05 -2.29
C SER B 185 -8.07 39.11 -3.06
N TYR B 186 -7.72 40.39 -2.87
CA TYR B 186 -8.38 41.47 -3.58
C TYR B 186 -7.47 41.85 -4.75
N TYR B 187 -8.03 41.93 -5.95
CA TYR B 187 -7.26 42.30 -7.14
C TYR B 187 -8.19 42.26 -8.35
N PRO B 188 -7.79 42.91 -9.46
CA PRO B 188 -6.56 43.68 -9.67
C PRO B 188 -6.64 45.00 -8.91
N GLN B 189 -5.62 45.85 -9.03
CA GLN B 189 -5.61 47.10 -8.28
C GLN B 189 -6.82 48.01 -8.41
N ASP B 190 -7.45 48.05 -9.58
CA ASP B 190 -8.62 48.90 -9.73
C ASP B 190 -9.76 48.44 -8.85
N LYS B 191 -9.89 47.12 -8.70
CA LYS B 191 -10.95 46.55 -7.89
C LYS B 191 -10.75 46.88 -6.42
N VAL B 192 -9.50 46.97 -6.00
CA VAL B 192 -9.19 47.30 -4.61
C VAL B 192 -9.74 48.68 -4.29
N VAL B 193 -9.51 49.63 -5.18
CA VAL B 193 -9.98 50.99 -4.97
C VAL B 193 -11.49 51.08 -5.10
N GLU B 194 -12.07 50.33 -6.03
CA GLU B 194 -13.52 50.35 -6.21
C GLU B 194 -14.21 49.89 -4.94
N LEU B 195 -13.69 48.82 -4.34
CA LEU B 195 -14.27 48.28 -3.12
C LEU B 195 -14.16 49.27 -1.98
N VAL B 196 -12.99 49.88 -1.82
CA VAL B 196 -12.80 50.85 -0.75
C VAL B 196 -13.78 52.01 -0.92
N ASP B 197 -13.96 52.45 -2.16
CA ASP B 197 -14.89 53.55 -2.42
C ASP B 197 -16.32 53.19 -2.02
N ILE B 198 -16.78 52.01 -2.40
CA ILE B 198 -18.13 51.60 -2.05
C ILE B 198 -18.28 51.51 -0.53
N MET B 199 -17.28 50.95 0.15
CA MET B 199 -17.31 50.84 1.61
C MET B 199 -17.47 52.22 2.25
N GLN B 200 -16.65 53.15 1.83
CA GLN B 200 -16.70 54.51 2.39
C GLN B 200 -18.01 55.21 2.04
N LYS B 201 -18.43 55.06 0.79
CA LYS B 201 -19.66 55.70 0.36
C LYS B 201 -20.85 55.22 1.18
N GLU B 202 -20.85 53.95 1.57
CA GLU B 202 -21.96 53.43 2.35
C GLU B 202 -21.80 53.61 3.86
N GLY B 203 -20.82 54.43 4.26
CA GLY B 203 -20.64 54.71 5.66
C GLY B 203 -19.67 53.89 6.50
N PHE B 204 -18.90 53.00 5.88
CA PHE B 204 -17.96 52.22 6.67
C PHE B 204 -16.59 52.87 6.69
N ARG B 205 -16.11 53.16 7.88
CA ARG B 205 -14.82 53.79 8.05
C ARG B 205 -13.76 52.70 8.01
N VAL B 206 -13.06 52.61 6.89
CA VAL B 206 -12.01 51.62 6.68
C VAL B 206 -10.64 52.20 6.99
N ALA B 207 -9.95 51.58 7.94
CA ALA B 207 -8.61 52.02 8.35
C ALA B 207 -7.52 51.54 7.38
N GLY B 208 -7.67 50.32 6.87
CA GLY B 208 -6.69 49.77 5.94
C GLY B 208 -7.16 48.54 5.21
N VAL B 209 -6.48 48.20 4.13
CA VAL B 209 -6.83 47.01 3.37
C VAL B 209 -5.59 46.13 3.29
N PHE B 210 -5.81 44.82 3.40
CA PHE B 210 -4.72 43.86 3.34
C PHE B 210 -4.65 43.24 1.95
N LEU B 211 -3.43 43.15 1.43
CA LEU B 211 -3.22 42.55 0.13
C LEU B 211 -2.60 41.18 0.33
N ASP B 212 -3.31 40.12 -0.05
CA ASP B 212 -2.82 38.76 0.11
C ASP B 212 -1.94 38.40 -1.09
N ILE B 213 -1.37 37.19 -1.07
CA ILE B 213 -0.44 36.74 -2.09
C ILE B 213 -0.72 36.90 -3.58
N HIS B 214 -1.95 37.17 -3.96
CA HIS B 214 -2.25 37.34 -5.38
C HIS B 214 -1.62 38.61 -5.97
N TYR B 215 -1.15 39.53 -5.12
CA TYR B 215 -0.56 40.77 -5.61
C TYR B 215 0.87 40.58 -6.13
N MET B 216 1.52 39.49 -5.69
CA MET B 216 2.88 39.20 -6.10
C MET B 216 2.98 38.62 -7.50
N ASP B 217 4.19 38.65 -8.04
CA ASP B 217 4.44 38.09 -9.35
C ASP B 217 4.87 36.64 -9.11
N SER B 218 3.97 35.69 -9.41
CA SER B 218 4.27 34.27 -9.20
C SER B 218 4.63 33.99 -7.75
N TYR B 219 4.01 34.70 -6.82
CA TYR B 219 4.26 34.52 -5.40
C TYR B 219 5.67 34.90 -4.94
N LYS B 220 6.38 35.68 -5.76
CA LYS B 220 7.73 36.11 -5.41
C LYS B 220 7.68 37.31 -4.46
N LEU B 221 8.30 37.17 -3.29
CA LEU B 221 8.32 38.26 -2.32
C LEU B 221 8.89 39.53 -2.92
N PHE B 222 8.34 40.66 -2.49
CA PHE B 222 8.78 41.97 -2.93
C PHE B 222 8.69 42.20 -4.43
N THR B 223 7.59 41.78 -5.03
CA THR B 223 7.36 42.01 -6.46
C THR B 223 5.89 42.29 -6.62
N TRP B 224 5.53 42.90 -7.74
CA TRP B 224 4.14 43.21 -8.02
C TRP B 224 3.73 42.46 -9.28
N HIS B 225 2.55 41.86 -9.24
CA HIS B 225 2.06 41.13 -10.40
C HIS B 225 1.94 42.13 -11.55
N PRO B 226 2.66 41.88 -12.65
CA PRO B 226 2.65 42.76 -13.83
C PRO B 226 1.28 43.06 -14.46
N TYR B 227 0.29 42.21 -14.18
CA TYR B 227 -1.07 42.39 -14.71
C TYR B 227 -2.10 42.88 -13.69
N ARG B 228 -2.02 42.39 -12.46
CA ARG B 228 -2.96 42.79 -11.43
C ARG B 228 -2.56 44.11 -10.81
N PHE B 229 -1.25 44.30 -10.67
CA PHE B 229 -0.74 45.52 -10.06
C PHE B 229 0.39 46.13 -10.87
N PRO B 230 0.09 46.52 -12.11
CA PRO B 230 1.10 47.12 -12.99
C PRO B 230 1.52 48.51 -12.50
N GLU B 231 0.63 49.18 -11.76
CA GLU B 231 0.92 50.53 -11.26
C GLU B 231 0.63 50.66 -9.77
N PRO B 232 1.42 49.96 -8.94
CA PRO B 232 1.25 49.99 -7.49
C PRO B 232 1.35 51.37 -6.83
N LYS B 233 2.24 52.22 -7.36
CA LYS B 233 2.42 53.55 -6.81
C LYS B 233 1.10 54.31 -6.91
N LYS B 234 0.40 54.10 -8.02
CA LYS B 234 -0.89 54.73 -8.26
C LYS B 234 -1.91 54.24 -7.22
N LEU B 235 -1.89 52.94 -6.95
CA LEU B 235 -2.79 52.33 -5.97
C LEU B 235 -2.58 52.91 -4.60
N ILE B 236 -1.32 52.99 -4.19
CA ILE B 236 -0.96 53.52 -2.88
C ILE B 236 -1.42 54.98 -2.71
N ASP B 237 -1.34 55.77 -3.78
CA ASP B 237 -1.79 57.16 -3.70
C ASP B 237 -3.31 57.19 -3.66
N GLU B 238 -3.95 56.38 -4.51
CA GLU B 238 -5.41 56.32 -4.53
C GLU B 238 -5.96 55.99 -3.14
N LEU B 239 -5.31 55.06 -2.44
CA LEU B 239 -5.75 54.67 -1.10
C LEU B 239 -5.39 55.68 -0.03
N HIS B 240 -4.18 56.23 -0.12
CA HIS B 240 -3.71 57.23 0.84
C HIS B 240 -4.54 58.50 0.72
N LYS B 241 -5.01 58.74 -0.50
CA LYS B 241 -5.82 59.91 -0.78
C LYS B 241 -7.13 59.74 -0.01
N ARG B 242 -7.58 58.50 0.15
CA ARG B 242 -8.80 58.20 0.86
C ARG B 242 -8.54 57.89 2.33
N ASN B 243 -7.34 58.16 2.79
CA ASN B 243 -6.97 57.92 4.18
C ASN B 243 -7.07 56.45 4.59
N VAL B 244 -6.67 55.56 3.67
CA VAL B 244 -6.70 54.13 3.93
C VAL B 244 -5.29 53.57 3.86
N LYS B 245 -4.88 52.86 4.91
CA LYS B 245 -3.55 52.26 4.95
C LYS B 245 -3.48 51.00 4.08
N LEU B 246 -2.28 50.67 3.62
CA LEU B 246 -2.08 49.48 2.81
C LEU B 246 -1.12 48.54 3.53
N ILE B 247 -1.60 47.32 3.82
CA ILE B 247 -0.78 46.32 4.50
C ILE B 247 -0.57 45.19 3.49
N THR B 248 0.68 44.79 3.28
CA THR B 248 0.98 43.72 2.34
C THR B 248 1.52 42.48 3.03
N ILE B 249 1.06 41.32 2.58
CA ILE B 249 1.52 40.05 3.15
C ILE B 249 2.91 39.76 2.65
N VAL B 250 3.72 39.17 3.51
CA VAL B 250 5.08 38.80 3.16
C VAL B 250 5.35 37.43 3.77
N ASP B 251 5.57 36.43 2.92
CA ASP B 251 5.85 35.09 3.42
C ASP B 251 7.34 35.00 3.74
N HIS B 252 7.80 33.81 4.11
CA HIS B 252 9.21 33.62 4.46
C HIS B 252 9.97 32.80 3.42
N GLY B 253 9.29 32.39 2.35
CA GLY B 253 9.94 31.61 1.33
C GLY B 253 10.55 32.39 0.18
N ILE B 254 11.83 32.15 -0.09
CA ILE B 254 12.54 32.81 -1.18
C ILE B 254 12.65 31.82 -2.34
N ARG B 255 12.06 32.19 -3.47
CA ARG B 255 12.07 31.33 -4.63
C ARG B 255 13.46 31.06 -5.19
N VAL B 256 13.78 29.78 -5.42
CA VAL B 256 15.06 29.39 -5.97
C VAL B 256 14.97 29.70 -7.46
N ASP B 257 15.21 30.95 -7.78
CA ASP B 257 15.11 31.47 -9.13
C ASP B 257 16.42 32.19 -9.48
N GLN B 258 17.05 31.73 -10.56
CA GLN B 258 18.32 32.28 -11.05
C GLN B 258 18.34 33.78 -11.34
N ASN B 259 17.17 34.33 -11.64
CA ASN B 259 17.08 35.75 -11.98
C ASN B 259 16.24 36.54 -10.99
N TYR B 260 16.06 35.98 -9.80
CA TYR B 260 15.28 36.61 -8.75
C TYR B 260 16.25 37.24 -7.75
N SER B 261 16.27 38.56 -7.74
CA SER B 261 17.17 39.32 -6.89
C SER B 261 17.33 38.89 -5.42
N PRO B 262 16.23 38.75 -4.67
CA PRO B 262 16.35 38.35 -3.26
C PRO B 262 17.11 37.03 -3.07
N PHE B 263 16.95 36.11 -4.03
CA PHE B 263 17.63 34.83 -3.95
C PHE B 263 19.14 35.03 -4.08
N LEU B 264 19.53 35.86 -5.04
CA LEU B 264 20.93 36.15 -5.29
C LEU B 264 21.57 36.97 -4.16
N SER B 265 20.87 37.98 -3.67
CA SER B 265 21.44 38.81 -2.60
C SER B 265 21.40 38.14 -1.24
N GLY B 266 20.45 37.22 -1.04
CA GLY B 266 20.35 36.54 0.23
C GLY B 266 21.32 35.38 0.35
N MET B 267 21.92 34.99 -0.77
CA MET B 267 22.85 33.87 -0.79
C MET B 267 23.88 34.00 0.32
N GLY B 268 24.03 32.93 1.09
CA GLY B 268 24.97 32.94 2.20
C GLY B 268 24.23 33.08 3.51
N LYS B 269 23.00 33.58 3.45
CA LYS B 269 22.22 33.78 4.67
C LYS B 269 20.99 32.89 4.82
N PHE B 270 20.91 31.83 4.02
CA PHE B 270 19.78 30.91 4.08
C PHE B 270 20.02 29.71 5.00
N CYS B 271 18.94 29.05 5.41
CA CYS B 271 19.03 27.87 6.27
C CYS B 271 19.68 26.71 5.54
N GLU B 272 20.40 25.88 6.29
CA GLU B 272 21.07 24.71 5.72
C GLU B 272 20.58 23.44 6.40
N ILE B 273 21.08 22.30 5.93
CA ILE B 273 20.75 21.03 6.54
C ILE B 273 22.04 20.48 7.12
N GLU B 274 21.93 19.52 8.02
CA GLU B 274 23.09 18.90 8.66
C GLU B 274 24.30 18.72 7.74
N SER B 275 24.09 18.10 6.59
CA SER B 275 25.19 17.83 5.67
C SER B 275 25.84 19.02 4.97
N GLY B 276 25.32 20.23 5.21
CA GLY B 276 25.95 21.39 4.60
C GLY B 276 25.32 22.07 3.40
N GLU B 277 24.42 21.40 2.69
CA GLU B 277 23.78 22.05 1.54
C GLU B 277 22.70 22.98 2.06
N LEU B 278 22.11 23.75 1.15
CA LEU B 278 21.01 24.64 1.52
C LEU B 278 19.79 23.78 1.77
N PHE B 279 18.89 24.28 2.61
CA PHE B 279 17.66 23.55 2.84
C PHE B 279 16.71 24.02 1.75
N VAL B 280 16.45 23.16 0.77
CA VAL B 280 15.55 23.50 -0.32
C VAL B 280 14.21 22.83 -0.06
N GLY B 281 13.16 23.62 0.01
CA GLY B 281 11.84 23.09 0.26
C GLY B 281 10.79 23.51 -0.76
N LYS B 282 9.54 23.53 -0.31
CA LYS B 282 8.42 23.90 -1.18
C LYS B 282 7.47 24.80 -0.43
N MET B 283 7.07 25.88 -1.10
CA MET B 283 6.15 26.86 -0.53
C MET B 283 5.41 27.49 -1.71
N TRP B 284 4.62 28.54 -1.46
CA TRP B 284 3.85 29.19 -2.52
C TRP B 284 4.59 29.43 -3.84
N PRO B 285 5.80 30.01 -3.80
CA PRO B 285 6.52 30.22 -5.06
C PRO B 285 7.14 28.99 -5.71
N GLY B 286 6.91 27.82 -5.12
CA GLY B 286 7.47 26.58 -5.66
C GLY B 286 8.71 26.20 -4.87
N THR B 287 9.77 25.79 -5.57
CA THR B 287 11.01 25.41 -4.91
C THR B 287 11.53 26.66 -4.19
N THR B 288 11.82 26.53 -2.90
CA THR B 288 12.24 27.69 -2.13
C THR B 288 13.30 27.41 -1.07
N VAL B 289 13.98 28.47 -0.65
CA VAL B 289 14.98 28.39 0.41
C VAL B 289 14.45 29.34 1.47
N TYR B 290 14.96 29.26 2.69
CA TYR B 290 14.46 30.13 3.74
C TYR B 290 15.57 30.87 4.45
N PRO B 291 15.31 32.13 4.83
CA PRO B 291 16.30 32.95 5.53
C PRO B 291 16.54 32.40 6.93
N ASP B 292 17.80 32.33 7.34
CA ASP B 292 18.11 31.86 8.68
C ASP B 292 18.07 33.10 9.60
N PHE B 293 16.87 33.48 10.00
CA PHE B 293 16.67 34.67 10.83
C PHE B 293 17.40 34.65 12.18
N PHE B 294 17.97 33.52 12.56
CA PHE B 294 18.68 33.45 13.84
C PHE B 294 20.01 34.20 13.73
N ARG B 295 20.45 34.43 12.50
CA ARG B 295 21.70 35.13 12.28
C ARG B 295 21.51 36.62 12.20
N GLU B 296 22.44 37.32 12.83
CA GLU B 296 22.47 38.76 12.89
C GLU B 296 22.51 39.38 11.49
N ASP B 297 23.40 38.89 10.64
CA ASP B 297 23.52 39.40 9.28
C ASP B 297 22.28 39.15 8.42
N THR B 298 21.60 38.02 8.62
CA THR B 298 20.40 37.70 7.87
C THR B 298 19.32 38.72 8.25
N ARG B 299 19.23 39.02 9.53
CA ARG B 299 18.26 39.99 10.01
C ARG B 299 18.51 41.36 9.37
N GLU B 300 19.77 41.71 9.14
CA GLU B 300 20.09 42.99 8.53
C GLU B 300 19.62 42.99 7.08
N TRP B 301 19.98 41.92 6.37
CA TRP B 301 19.62 41.76 4.97
C TRP B 301 18.10 41.88 4.81
N TRP B 302 17.37 41.17 5.66
CA TRP B 302 15.90 41.19 5.62
C TRP B 302 15.36 42.59 5.90
N ALA B 303 15.90 43.23 6.93
CA ALA B 303 15.50 44.58 7.30
C ALA B 303 15.66 45.50 6.10
N GLY B 304 16.73 45.28 5.32
CA GLY B 304 16.94 46.10 4.14
C GLY B 304 15.85 45.94 3.09
N LEU B 305 15.46 44.70 2.80
CA LEU B 305 14.43 44.45 1.81
C LEU B 305 13.12 45.02 2.30
N ILE B 306 12.83 44.84 3.59
CA ILE B 306 11.60 45.36 4.16
C ILE B 306 11.56 46.88 4.03
N SER B 307 12.64 47.52 4.47
CA SER B 307 12.77 48.97 4.43
C SER B 307 12.51 49.47 3.01
N GLU B 308 13.17 48.83 2.04
CA GLU B 308 13.01 49.20 0.65
C GLU B 308 11.55 49.03 0.22
N TRP B 309 10.91 47.97 0.73
CA TRP B 309 9.52 47.69 0.39
C TRP B 309 8.57 48.73 0.99
N LEU B 310 8.87 49.16 2.22
CA LEU B 310 8.08 50.16 2.91
C LEU B 310 8.19 51.54 2.25
N SER B 311 9.33 51.81 1.64
CA SER B 311 9.56 53.10 1.01
C SER B 311 8.61 53.45 -0.14
N GLN B 312 7.92 52.47 -0.71
CA GLN B 312 7.00 52.79 -1.81
C GLN B 312 5.74 53.42 -1.20
N GLY B 313 5.60 53.29 0.11
CA GLY B 313 4.42 53.83 0.78
C GLY B 313 3.58 52.76 1.46
N VAL B 314 4.07 51.52 1.48
CA VAL B 314 3.35 50.44 2.13
C VAL B 314 3.36 50.77 3.61
N ASP B 315 2.20 50.67 4.26
CA ASP B 315 2.06 51.02 5.67
C ASP B 315 2.27 49.94 6.71
N GLY B 316 2.09 48.68 6.32
CA GLY B 316 2.25 47.59 7.28
C GLY B 316 2.67 46.28 6.66
N ILE B 317 3.24 45.41 7.49
CA ILE B 317 3.71 44.11 7.05
C ILE B 317 2.93 42.99 7.74
N TRP B 318 2.47 42.04 6.94
CA TRP B 318 1.71 40.91 7.44
C TRP B 318 2.54 39.66 7.17
N LEU B 319 3.14 39.13 8.24
CA LEU B 319 4.00 37.94 8.15
C LEU B 319 3.15 36.66 8.27
N ASP B 320 3.17 35.84 7.23
CA ASP B 320 2.39 34.61 7.23
C ASP B 320 3.25 33.35 7.00
N MET B 321 2.69 32.20 7.36
CA MET B 321 3.38 30.90 7.18
C MET B 321 4.70 30.82 7.92
N ASN B 322 4.93 31.75 8.85
CA ASN B 322 6.20 31.80 9.56
C ASN B 322 6.36 30.91 10.81
N GLU B 323 5.74 29.72 10.79
CA GLU B 323 5.83 28.81 11.92
C GLU B 323 7.24 28.32 12.29
N PRO B 324 8.11 28.07 11.30
CA PRO B 324 7.97 28.17 9.85
C PRO B 324 7.37 26.92 9.22
N THR B 325 6.63 27.13 8.13
CA THR B 325 5.98 26.06 7.41
C THR B 325 6.68 25.69 6.10
N ASP B 326 6.61 24.41 5.74
CA ASP B 326 7.21 23.91 4.51
C ASP B 326 6.32 22.77 4.01
N PHE B 327 6.15 22.69 2.69
CA PHE B 327 5.29 21.66 2.12
C PHE B 327 6.00 20.56 1.34
N SER B 328 7.32 20.53 1.36
CA SER B 328 8.02 19.51 0.60
C SER B 328 7.68 18.08 1.03
N ARG B 329 7.53 17.84 2.34
CA ARG B 329 7.20 16.50 2.81
C ARG B 329 5.79 16.09 2.35
N ALA B 330 4.83 16.99 2.51
CA ALA B 330 3.46 16.71 2.11
C ALA B 330 3.38 16.41 0.62
N ILE B 331 4.04 17.25 -0.18
CA ILE B 331 4.05 17.09 -1.63
C ILE B 331 4.74 15.81 -2.06
N GLU B 332 5.77 15.43 -1.32
CA GLU B 332 6.52 14.21 -1.60
C GLU B 332 5.57 13.00 -1.46
N ILE B 333 4.78 13.01 -0.39
CA ILE B 333 3.82 11.95 -0.12
C ILE B 333 2.74 11.91 -1.20
N ARG B 334 2.24 13.09 -1.56
CA ARG B 334 1.20 13.21 -2.55
C ARG B 334 1.68 12.75 -3.95
N ASP B 335 2.98 12.85 -4.22
CA ASP B 335 3.49 12.42 -5.53
C ASP B 335 3.64 10.91 -5.61
N VAL B 336 4.10 10.31 -4.52
CA VAL B 336 4.31 8.87 -4.49
C VAL B 336 3.01 8.06 -4.37
N LEU B 337 2.04 8.56 -3.61
CA LEU B 337 0.78 7.84 -3.41
C LEU B 337 -0.46 8.51 -4.02
N SER B 338 -0.26 9.51 -4.88
CA SER B 338 -1.41 10.21 -5.49
C SER B 338 -2.46 9.27 -6.07
N SER B 339 -2.00 8.36 -6.91
CA SER B 339 -2.81 7.37 -7.61
C SER B 339 -3.66 6.44 -6.74
N LEU B 340 -3.16 6.05 -5.59
CA LEU B 340 -3.90 5.16 -4.71
C LEU B 340 -5.26 5.74 -4.35
N PRO B 341 -6.33 4.92 -4.46
CA PRO B 341 -7.69 5.35 -4.15
C PRO B 341 -7.88 5.50 -2.63
N VAL B 342 -6.77 5.34 -1.92
CA VAL B 342 -6.72 5.42 -0.48
C VAL B 342 -6.64 6.86 0.06
N GLN B 343 -7.21 7.06 1.25
CA GLN B 343 -7.23 8.36 1.90
C GLN B 343 -6.03 8.57 2.82
N PHE B 344 -5.61 9.82 2.96
CA PHE B 344 -4.48 10.17 3.80
C PHE B 344 -4.94 10.72 5.14
N ARG B 345 -4.15 10.48 6.19
CA ARG B 345 -4.47 11.00 7.51
C ARG B 345 -3.91 12.41 7.51
N ASP B 346 -4.53 13.31 8.26
CA ASP B 346 -4.06 14.69 8.27
C ASP B 346 -3.11 14.96 9.44
N ASP B 347 -1.84 14.61 9.27
CA ASP B 347 -0.85 14.86 10.30
C ASP B 347 -0.21 16.21 10.01
N ARG B 348 -0.59 17.21 10.78
CA ARG B 348 -0.11 18.56 10.62
C ARG B 348 1.39 18.72 10.80
N LEU B 349 1.98 17.86 11.62
CA LEU B 349 3.41 17.92 11.87
C LEU B 349 4.22 17.72 10.60
N VAL B 350 3.59 17.21 9.55
CA VAL B 350 4.28 16.99 8.29
C VAL B 350 4.62 18.33 7.61
N THR B 351 3.94 19.41 7.98
CA THR B 351 4.21 20.72 7.39
C THR B 351 5.30 21.52 8.12
N THR B 352 5.93 20.94 9.15
CA THR B 352 7.01 21.65 9.83
C THR B 352 8.30 21.39 9.07
N PHE B 353 9.37 22.08 9.42
CA PHE B 353 10.66 21.87 8.76
C PHE B 353 11.15 20.46 9.08
N PRO B 354 11.91 19.85 8.16
CA PRO B 354 12.42 18.51 8.39
C PRO B 354 13.37 18.50 9.59
N ASP B 355 13.74 17.33 10.06
CA ASP B 355 14.63 17.25 11.22
C ASP B 355 16.10 17.55 10.97
N ASN B 356 16.55 17.44 9.72
CA ASN B 356 17.95 17.70 9.41
C ASN B 356 18.31 19.17 9.15
N VAL B 357 17.36 20.08 9.39
CA VAL B 357 17.60 21.50 9.17
C VAL B 357 18.34 22.12 10.34
N VAL B 358 19.33 22.96 10.04
CA VAL B 358 20.13 23.61 11.07
C VAL B 358 20.18 25.14 10.92
N HIS B 359 20.47 25.80 12.03
CA HIS B 359 20.56 27.26 12.07
C HIS B 359 21.83 27.66 12.82
N TYR B 360 22.21 28.92 12.72
CA TYR B 360 23.36 29.42 13.44
C TYR B 360 22.84 30.47 14.42
N LEU B 361 22.78 30.09 15.69
CA LEU B 361 22.30 30.97 16.73
C LEU B 361 23.49 31.44 17.54
N ARG B 362 23.69 32.76 17.57
CA ARG B 362 24.81 33.34 18.30
C ARG B 362 26.11 32.62 17.97
N GLY B 363 26.31 32.39 16.68
CA GLY B 363 27.52 31.74 16.21
C GLY B 363 27.58 30.23 16.32
N LYS B 364 26.63 29.63 17.03
CA LYS B 364 26.61 28.19 17.22
C LYS B 364 25.61 27.50 16.29
N ARG B 365 26.01 26.34 15.77
CA ARG B 365 25.19 25.56 14.87
C ARG B 365 24.23 24.71 15.71
N VAL B 366 22.92 24.90 15.51
CA VAL B 366 21.91 24.16 16.27
C VAL B 366 20.85 23.51 15.38
N LYS B 367 20.24 22.44 15.88
CA LYS B 367 19.19 21.75 15.14
C LYS B 367 17.91 22.56 15.19
N HIS B 368 17.17 22.53 14.09
CA HIS B 368 15.91 23.26 13.99
C HIS B 368 14.92 22.88 15.10
N GLU B 369 14.89 21.60 15.46
CA GLU B 369 13.97 21.15 16.48
C GLU B 369 14.26 21.69 17.87
N LYS B 370 15.47 22.20 18.08
CA LYS B 370 15.82 22.76 19.38
C LYS B 370 15.35 24.21 19.50
N VAL B 371 15.30 24.92 18.38
CA VAL B 371 14.93 26.33 18.39
C VAL B 371 13.75 26.74 17.51
N ARG B 372 13.07 25.75 16.92
CA ARG B 372 11.96 26.01 16.01
C ARG B 372 11.00 27.15 16.35
N ASN B 373 10.40 27.08 17.52
CA ASN B 373 9.41 28.09 17.88
C ASN B 373 9.85 29.54 17.90
N ALA B 374 11.15 29.78 18.01
CA ALA B 374 11.63 31.15 18.04
C ALA B 374 11.84 31.74 16.65
N TYR B 375 11.70 30.90 15.62
CA TYR B 375 11.89 31.36 14.25
C TYR B 375 11.03 32.60 13.93
N PRO B 376 9.72 32.53 14.19
CA PRO B 376 8.89 33.70 13.88
C PRO B 376 9.30 34.93 14.69
N LEU B 377 9.80 34.71 15.90
CA LEU B 377 10.22 35.83 16.74
C LEU B 377 11.36 36.61 16.07
N TYR B 378 12.35 35.89 15.55
CA TYR B 378 13.47 36.54 14.89
C TYR B 378 13.10 37.17 13.56
N GLU B 379 12.09 36.61 12.89
CA GLU B 379 11.65 37.19 11.62
C GLU B 379 10.96 38.51 11.94
N ALA B 380 10.12 38.52 12.97
CA ALA B 380 9.41 39.73 13.36
C ALA B 380 10.41 40.79 13.81
N MET B 381 11.44 40.34 14.52
CA MET B 381 12.49 41.23 15.00
C MET B 381 13.16 41.96 13.84
N ALA B 382 13.52 41.20 12.80
CA ALA B 382 14.16 41.77 11.61
C ALA B 382 13.21 42.68 10.85
N THR B 383 11.93 42.36 10.89
CA THR B 383 10.94 43.14 10.17
C THR B 383 10.73 44.45 10.91
N PHE B 384 10.76 44.38 12.24
CA PHE B 384 10.59 45.57 13.05
C PHE B 384 11.78 46.49 12.78
N LYS B 385 12.96 45.88 12.69
CA LYS B 385 14.19 46.60 12.41
C LYS B 385 14.06 47.28 11.05
N GLY B 386 13.28 46.66 10.16
CA GLY B 386 13.09 47.23 8.84
C GLY B 386 12.31 48.54 8.93
N PHE B 387 11.41 48.65 9.90
CA PHE B 387 10.64 49.87 10.06
C PHE B 387 11.55 50.98 10.58
N ARG B 388 12.44 50.62 11.51
CA ARG B 388 13.39 51.58 12.09
C ARG B 388 14.29 52.12 10.99
N THR B 389 14.81 51.23 10.16
CA THR B 389 15.68 51.60 9.06
C THR B 389 14.99 52.60 8.14
N SER B 390 13.66 52.59 8.14
CA SER B 390 12.91 53.53 7.29
C SER B 390 12.46 54.74 8.08
N HIS B 391 12.90 54.83 9.34
CA HIS B 391 12.53 55.95 10.20
C HIS B 391 11.01 56.06 10.24
N ARG B 392 10.36 54.91 10.26
CA ARG B 392 8.91 54.83 10.30
C ARG B 392 8.49 54.70 11.76
N ASN B 393 7.81 55.71 12.29
CA ASN B 393 7.39 55.68 13.68
C ASN B 393 6.11 54.88 13.89
N GLU B 394 5.22 54.89 12.90
CA GLU B 394 3.98 54.15 12.99
C GLU B 394 4.28 52.75 12.46
N ILE B 395 4.42 51.81 13.36
CA ILE B 395 4.75 50.44 13.00
C ILE B 395 3.56 49.48 13.10
N PHE B 396 3.38 48.67 12.06
CA PHE B 396 2.33 47.69 12.07
C PHE B 396 2.82 46.37 11.49
N ILE B 397 2.86 45.34 12.34
CA ILE B 397 3.30 44.03 11.93
C ILE B 397 2.33 42.99 12.49
N LEU B 398 1.86 42.11 11.60
CA LEU B 398 0.93 41.04 11.95
C LEU B 398 1.72 39.75 11.72
N SER B 399 1.63 38.82 12.67
CA SER B 399 2.33 37.56 12.52
C SER B 399 1.37 36.42 12.84
N ARG B 400 1.56 35.27 12.22
CA ARG B 400 0.70 34.14 12.49
C ARG B 400 1.31 33.30 13.63
N ALA B 401 2.60 33.05 13.56
CA ALA B 401 3.27 32.27 14.58
C ALA B 401 3.98 33.17 15.59
N GLY B 402 4.49 32.57 16.66
CA GLY B 402 5.17 33.37 17.66
C GLY B 402 5.79 32.54 18.76
N TYR B 403 6.51 33.24 19.63
CA TYR B 403 7.18 32.64 20.78
C TYR B 403 7.23 33.74 21.81
N ALA B 404 7.62 33.42 23.04
CA ALA B 404 7.72 34.43 24.10
C ALA B 404 8.54 35.60 23.59
N GLY B 405 8.04 36.82 23.78
CA GLY B 405 8.75 37.99 23.31
C GLY B 405 8.21 38.55 22.00
N ILE B 406 7.39 37.77 21.32
CA ILE B 406 6.82 38.20 20.05
C ILE B 406 6.03 39.51 20.25
N GLN B 407 5.54 39.74 21.46
CA GLN B 407 4.78 40.96 21.73
C GLN B 407 5.60 42.24 21.52
N ARG B 408 6.92 42.12 21.49
CA ARG B 408 7.79 43.27 21.26
C ARG B 408 7.61 43.80 19.84
N TYR B 409 7.27 42.91 18.91
CA TYR B 409 7.20 43.30 17.51
C TYR B 409 5.93 43.16 16.72
N ALA B 410 4.95 42.39 17.19
CA ALA B 410 3.78 42.23 16.35
C ALA B 410 2.44 41.87 16.97
N PHE B 411 1.41 42.05 16.15
CA PHE B 411 0.04 41.69 16.49
C PHE B 411 -0.02 40.21 16.09
N ILE B 412 -0.94 39.47 16.67
CA ILE B 412 -1.09 38.07 16.29
C ILE B 412 -2.56 37.82 16.07
N TRP B 413 -2.90 37.17 14.96
CA TRP B 413 -4.30 36.83 14.70
C TRP B 413 -4.35 35.29 14.71
N THR B 414 -5.51 34.74 15.03
CA THR B 414 -5.67 33.30 15.15
C THR B 414 -5.72 32.41 13.90
N GLY B 415 -5.17 32.88 12.79
CA GLY B 415 -5.14 32.03 11.61
C GLY B 415 -6.43 31.65 10.92
N ASP B 416 -6.41 30.48 10.25
CA ASP B 416 -7.53 29.98 9.44
C ASP B 416 -8.73 29.36 10.14
N ASN B 417 -9.53 30.16 10.82
CA ASN B 417 -10.69 29.65 11.52
C ASN B 417 -11.84 29.32 10.56
N THR B 418 -12.78 28.52 11.06
CA THR B 418 -13.95 28.08 10.28
C THR B 418 -15.21 28.74 10.80
N PRO B 419 -16.00 29.35 9.91
CA PRO B 419 -17.24 30.01 10.32
C PRO B 419 -18.24 28.99 10.89
N SER B 420 -18.68 29.21 12.12
CA SER B 420 -19.66 28.33 12.72
C SER B 420 -19.99 28.88 14.10
N TRP B 421 -21.15 28.52 14.62
CA TRP B 421 -21.54 29.00 15.93
C TRP B 421 -20.57 28.58 17.02
N ASP B 422 -20.04 27.37 16.91
CA ASP B 422 -19.09 26.91 17.91
C ASP B 422 -17.80 27.71 17.84
N ASP B 423 -17.41 28.13 16.64
CA ASP B 423 -16.18 28.90 16.49
C ASP B 423 -16.21 30.20 17.29
N LEU B 424 -17.40 30.74 17.55
CA LEU B 424 -17.48 31.97 18.32
C LEU B 424 -16.82 31.77 19.69
N LYS B 425 -17.17 30.66 20.35
CA LYS B 425 -16.58 30.36 21.65
C LYS B 425 -15.10 30.03 21.52
N LEU B 426 -14.73 29.30 20.46
CA LEU B 426 -13.34 28.92 20.26
C LEU B 426 -12.43 30.15 20.11
N GLN B 427 -12.83 31.10 19.26
CA GLN B 427 -12.04 32.30 19.03
C GLN B 427 -11.81 33.08 20.32
N LEU B 428 -12.82 33.08 21.18
CA LEU B 428 -12.71 33.78 22.45
C LEU B 428 -11.65 33.12 23.34
N GLN B 429 -11.57 31.79 23.34
CA GLN B 429 -10.58 31.09 24.15
C GLN B 429 -9.18 31.33 23.58
N LEU B 430 -9.09 31.34 22.25
CA LEU B 430 -7.83 31.57 21.58
C LEU B 430 -7.23 32.94 21.87
N VAL B 431 -8.01 33.99 21.67
CA VAL B 431 -7.49 35.34 21.91
C VAL B 431 -7.25 35.60 23.39
N LEU B 432 -8.09 35.06 24.26
CA LEU B 432 -7.89 35.26 25.69
C LEU B 432 -6.69 34.47 26.20
N GLY B 433 -6.44 33.31 25.63
CA GLY B 433 -5.29 32.51 26.04
C GLY B 433 -4.00 33.22 25.67
N LEU B 434 -4.00 33.82 24.49
CA LEU B 434 -2.86 34.57 23.97
C LEU B 434 -2.64 35.82 24.82
N SER B 435 -3.74 36.49 25.13
CA SER B 435 -3.72 37.71 25.91
C SER B 435 -3.20 37.49 27.33
N ILE B 436 -3.66 36.43 27.99
CA ILE B 436 -3.23 36.14 29.35
C ILE B 436 -1.79 35.62 29.35
N SER B 437 -1.24 35.38 28.16
CA SER B 437 0.12 34.86 28.03
C SER B 437 1.15 35.89 27.55
N GLY B 438 0.83 37.18 27.68
CA GLY B 438 1.79 38.20 27.29
C GLY B 438 1.66 38.81 25.91
N VAL B 439 0.72 38.34 25.11
CA VAL B 439 0.54 38.91 23.78
C VAL B 439 -0.79 39.65 23.79
N PRO B 440 -0.75 40.98 24.02
CA PRO B 440 -1.93 41.83 24.08
C PRO B 440 -2.68 42.16 22.80
N PHE B 441 -1.96 42.44 21.72
CA PHE B 441 -2.62 42.81 20.49
C PHE B 441 -2.97 41.60 19.64
N VAL B 442 -4.20 41.14 19.81
CA VAL B 442 -4.70 39.96 19.12
C VAL B 442 -6.10 40.16 18.51
N GLY B 443 -6.48 39.22 17.66
CA GLY B 443 -7.78 39.25 17.02
C GLY B 443 -7.98 37.97 16.24
N CYS B 444 -9.11 37.87 15.55
CA CYS B 444 -9.40 36.71 14.73
C CYS B 444 -10.06 37.21 13.46
N ASP B 445 -10.15 36.36 12.44
CA ASP B 445 -10.76 36.77 11.18
C ASP B 445 -12.27 36.84 11.36
N ILE B 446 -12.81 38.05 11.30
CA ILE B 446 -14.24 38.25 11.46
C ILE B 446 -14.97 37.58 10.30
N GLY B 447 -15.89 36.69 10.63
CA GLY B 447 -16.62 35.99 9.58
C GLY B 447 -15.97 34.65 9.24
N GLY B 448 -14.80 34.38 9.83
CA GLY B 448 -14.12 33.12 9.56
C GLY B 448 -13.38 33.11 8.22
N PHE B 449 -12.20 32.51 8.22
CA PHE B 449 -11.39 32.43 7.01
C PHE B 449 -11.90 31.44 5.96
N GLN B 450 -12.14 30.18 6.37
CA GLN B 450 -12.59 29.14 5.45
C GLN B 450 -13.76 29.54 4.57
N GLY B 451 -13.68 29.21 3.28
CA GLY B 451 -14.71 29.56 2.33
C GLY B 451 -15.79 28.52 2.11
N ARG B 452 -15.65 27.71 1.07
CA ARG B 452 -16.64 26.67 0.77
C ARG B 452 -15.97 25.42 0.21
N ASN B 453 -14.84 25.04 0.81
CA ASN B 453 -14.13 23.87 0.33
C ASN B 453 -14.51 22.60 1.09
N PHE B 454 -15.45 22.72 2.04
CA PHE B 454 -15.95 21.57 2.78
C PHE B 454 -17.28 21.91 3.45
N ALA B 455 -18.12 20.89 3.59
CA ALA B 455 -19.49 21.01 4.14
C ALA B 455 -19.74 21.66 5.48
N GLU B 456 -18.86 21.42 6.45
CA GLU B 456 -19.04 21.97 7.79
C GLU B 456 -18.72 23.44 7.94
N ILE B 457 -19.14 24.26 6.98
CA ILE B 457 -18.89 25.69 7.05
C ILE B 457 -20.25 26.38 7.04
N ASP B 458 -20.44 27.32 7.96
CA ASP B 458 -21.70 28.06 8.08
C ASP B 458 -21.55 29.51 7.63
N ASN B 459 -22.07 29.84 6.44
CA ASN B 459 -21.97 31.20 5.94
C ASN B 459 -23.23 32.05 6.11
N SER B 460 -24.06 31.73 7.09
CA SER B 460 -25.27 32.50 7.32
C SER B 460 -24.91 33.93 7.75
N MET B 461 -25.74 34.89 7.36
CA MET B 461 -25.48 36.29 7.67
C MET B 461 -25.65 36.70 9.12
N ASP B 462 -26.54 36.04 9.85
CA ASP B 462 -26.70 36.42 11.26
C ASP B 462 -25.48 35.93 12.06
N LEU B 463 -24.82 34.88 11.58
CA LEU B 463 -23.62 34.38 12.26
C LEU B 463 -22.52 35.41 12.00
N LEU B 464 -22.46 35.90 10.76
CA LEU B 464 -21.46 36.90 10.37
C LEU B 464 -21.61 38.12 11.28
N VAL B 465 -22.86 38.54 11.51
CA VAL B 465 -23.10 39.68 12.37
C VAL B 465 -22.60 39.39 13.77
N LYS B 466 -22.78 38.15 14.23
CA LYS B 466 -22.30 37.79 15.57
C LYS B 466 -20.78 37.85 15.68
N TYR B 467 -20.08 37.63 14.57
CA TYR B 467 -18.62 37.70 14.57
C TYR B 467 -18.19 39.16 14.80
N TYR B 468 -18.82 40.07 14.07
CA TYR B 468 -18.52 41.49 14.20
C TYR B 468 -18.76 41.94 15.64
N ALA B 469 -19.83 41.42 16.24
CA ALA B 469 -20.18 41.75 17.61
C ALA B 469 -19.24 41.10 18.62
N LEU B 470 -18.79 39.89 18.31
CA LEU B 470 -17.91 39.16 19.21
C LEU B 470 -16.58 39.88 19.43
N ALA B 471 -16.01 40.35 18.32
CA ALA B 471 -14.73 41.02 18.33
C ALA B 471 -14.85 42.53 18.53
N LEU B 472 -16.02 43.00 18.95
CA LEU B 472 -16.25 44.43 19.17
C LEU B 472 -15.09 45.12 19.89
N PHE B 473 -14.57 44.48 20.93
CA PHE B 473 -13.47 45.07 21.69
C PHE B 473 -12.10 44.41 21.50
N PHE B 474 -11.97 43.48 20.56
CA PHE B 474 -10.68 42.85 20.33
C PHE B 474 -9.74 43.93 19.80
N PRO B 475 -8.45 43.86 20.15
CA PRO B 475 -7.50 44.87 19.66
C PRO B 475 -7.43 44.89 18.14
N PHE B 476 -7.27 43.72 17.54
CA PHE B 476 -7.18 43.60 16.09
C PHE B 476 -8.57 43.24 15.52
N TYR B 477 -9.11 44.14 14.70
CA TYR B 477 -10.45 43.97 14.12
C TYR B 477 -10.40 43.88 12.60
N ARG B 478 -10.25 42.67 12.07
CA ARG B 478 -10.16 42.49 10.63
C ARG B 478 -11.07 41.41 10.06
N SER B 479 -11.64 41.71 8.89
CA SER B 479 -12.50 40.78 8.18
C SER B 479 -11.61 40.18 7.10
N HIS B 480 -11.50 38.86 7.09
CA HIS B 480 -10.66 38.17 6.11
C HIS B 480 -11.39 36.91 5.68
N LYS B 481 -11.29 36.57 4.40
CA LYS B 481 -12.00 35.40 3.87
C LYS B 481 -11.18 34.72 2.78
N ALA B 482 -11.32 33.39 2.67
CA ALA B 482 -10.60 32.60 1.67
C ALA B 482 -11.12 32.88 0.26
N THR B 483 -10.33 32.47 -0.73
CA THR B 483 -10.66 32.70 -2.13
C THR B 483 -12.04 32.26 -2.59
N ASP B 484 -12.45 31.05 -2.22
CA ASP B 484 -13.75 30.54 -2.66
C ASP B 484 -14.89 30.82 -1.70
N GLY B 485 -14.66 31.69 -0.72
CA GLY B 485 -15.72 32.01 0.21
C GLY B 485 -16.59 33.12 -0.36
N ILE B 486 -17.82 33.20 0.10
CA ILE B 486 -18.73 34.24 -0.39
C ILE B 486 -18.14 35.60 -0.02
N ASP B 487 -18.55 36.65 -0.71
CA ASP B 487 -18.07 38.01 -0.40
C ASP B 487 -18.68 38.40 0.95
N THR B 488 -17.83 38.71 1.92
CA THR B 488 -18.33 39.07 3.24
C THR B 488 -18.26 40.55 3.60
N GLU B 489 -17.88 41.40 2.66
CA GLU B 489 -17.82 42.83 2.95
C GLU B 489 -19.25 43.27 3.24
N PRO B 490 -19.44 44.16 4.23
CA PRO B 490 -20.74 44.69 4.65
C PRO B 490 -21.58 45.29 3.51
N VAL B 491 -20.92 45.92 2.55
CA VAL B 491 -21.62 46.53 1.44
C VAL B 491 -22.39 45.54 0.58
N PHE B 492 -22.10 44.24 0.73
CA PHE B 492 -22.78 43.22 -0.06
C PHE B 492 -23.91 42.53 0.70
N LEU B 493 -24.20 43.01 1.91
CA LEU B 493 -25.25 42.43 2.73
C LEU B 493 -26.59 43.13 2.54
N PRO B 494 -27.70 42.41 2.77
CA PRO B 494 -29.02 43.03 2.61
C PRO B 494 -29.06 44.15 3.65
N ASP B 495 -29.79 45.22 3.36
CA ASP B 495 -29.87 46.36 4.29
C ASP B 495 -30.03 45.96 5.76
N TYR B 496 -30.89 44.99 6.03
CA TYR B 496 -31.12 44.55 7.41
C TYR B 496 -29.83 44.20 8.14
N TYR B 497 -29.00 43.37 7.52
CA TYR B 497 -27.72 42.95 8.12
C TYR B 497 -26.65 44.01 8.00
N LYS B 498 -26.63 44.71 6.87
CA LYS B 498 -25.66 45.76 6.63
C LYS B 498 -25.74 46.82 7.71
N GLU B 499 -26.96 47.19 8.10
CA GLU B 499 -27.12 48.22 9.12
C GLU B 499 -26.60 47.76 10.46
N LYS B 500 -26.76 46.48 10.76
CA LYS B 500 -26.28 45.95 12.03
C LYS B 500 -24.75 45.99 12.11
N VAL B 501 -24.09 45.65 11.01
CA VAL B 501 -22.63 45.67 10.99
C VAL B 501 -22.15 47.10 11.09
N LYS B 502 -22.85 47.99 10.40
CA LYS B 502 -22.53 49.41 10.40
C LYS B 502 -22.57 49.98 11.82
N GLU B 503 -23.61 49.63 12.58
CA GLU B 503 -23.75 50.13 13.94
C GLU B 503 -22.72 49.55 14.88
N ILE B 504 -22.32 48.31 14.64
CA ILE B 504 -21.32 47.67 15.49
C ILE B 504 -19.95 48.33 15.26
N VAL B 505 -19.61 48.57 14.00
CA VAL B 505 -18.34 49.21 13.67
C VAL B 505 -18.30 50.64 14.22
N GLU B 506 -19.42 51.35 14.13
CA GLU B 506 -19.46 52.72 14.66
C GLU B 506 -19.28 52.68 16.16
N LEU B 507 -19.85 51.66 16.81
CA LEU B 507 -19.73 51.55 18.26
C LEU B 507 -18.27 51.27 18.63
N ARG B 508 -17.57 50.53 17.78
CA ARG B 508 -16.17 50.24 18.05
C ARG B 508 -15.37 51.54 18.00
N TYR B 509 -15.56 52.32 16.94
CA TYR B 509 -14.85 53.59 16.82
C TYR B 509 -15.19 54.53 17.98
N LYS B 510 -16.39 54.39 18.52
CA LYS B 510 -16.79 55.24 19.64
C LYS B 510 -15.97 54.89 20.89
N PHE B 511 -15.57 53.62 20.99
CA PHE B 511 -14.78 53.17 22.13
C PHE B 511 -13.29 53.10 21.84
N LEU B 512 -12.91 53.43 20.62
CA LEU B 512 -11.49 53.38 20.25
C LEU B 512 -10.56 54.12 21.23
N PRO B 513 -10.93 55.33 21.68
CA PRO B 513 -10.08 56.07 22.64
C PRO B 513 -9.74 55.25 23.88
N TYR B 514 -10.73 54.53 24.41
CA TYR B 514 -10.51 53.70 25.60
C TYR B 514 -9.61 52.52 25.24
N ILE B 515 -9.90 51.87 24.12
CA ILE B 515 -9.10 50.74 23.68
C ILE B 515 -7.65 51.17 23.48
N TYR B 516 -7.44 52.30 22.81
CA TYR B 516 -6.09 52.77 22.56
C TYR B 516 -5.37 53.15 23.86
N SER B 517 -6.10 53.65 24.83
CA SER B 517 -5.49 54.00 26.10
C SER B 517 -5.00 52.73 26.78
N LEU B 518 -5.76 51.65 26.62
CA LEU B 518 -5.37 50.36 27.20
C LEU B 518 -4.16 49.84 26.44
N ALA B 519 -4.07 50.16 25.16
CA ALA B 519 -2.93 49.74 24.35
C ALA B 519 -1.67 50.43 24.89
N LEU B 520 -1.80 51.71 25.26
CA LEU B 520 -0.66 52.46 25.81
C LEU B 520 -0.25 51.82 27.13
N GLU B 521 -1.24 51.46 27.94
CA GLU B 521 -1.00 50.81 29.22
C GLU B 521 -0.27 49.49 28.98
N ALA B 522 -0.66 48.78 27.92
CA ALA B 522 -0.02 47.50 27.60
C ALA B 522 1.46 47.70 27.27
N SER B 523 1.74 48.68 26.42
CA SER B 523 3.12 48.96 26.02
C SER B 523 3.96 49.52 27.15
N GLU B 524 3.32 50.06 28.18
CA GLU B 524 4.07 50.64 29.30
C GLU B 524 4.21 49.70 30.49
N LYS B 525 3.16 48.95 30.78
CA LYS B 525 3.20 48.05 31.93
C LYS B 525 3.02 46.59 31.61
N GLY B 526 2.65 46.28 30.37
CA GLY B 526 2.46 44.90 29.99
C GLY B 526 1.14 44.30 30.43
N HIS B 527 0.14 45.16 30.63
CA HIS B 527 -1.18 44.67 31.02
C HIS B 527 -1.94 44.36 29.73
N PRO B 528 -2.61 43.21 29.68
CA PRO B 528 -3.34 42.90 28.44
C PRO B 528 -4.56 43.80 28.25
N VAL B 529 -4.94 44.04 27.00
CA VAL B 529 -6.09 44.87 26.68
C VAL B 529 -7.38 44.13 27.03
N ILE B 530 -7.62 42.98 26.41
CA ILE B 530 -8.82 42.20 26.74
C ILE B 530 -8.40 41.15 27.77
N ARG B 531 -9.28 40.87 28.73
CA ARG B 531 -8.93 39.93 29.78
C ARG B 531 -10.03 39.00 30.21
N PRO B 532 -9.65 37.77 30.60
CA PRO B 532 -10.68 36.83 31.05
C PRO B 532 -11.10 37.37 32.42
N LEU B 533 -12.29 37.02 32.88
CA LEU B 533 -12.77 37.50 34.17
C LEU B 533 -11.86 37.16 35.33
N PHE B 534 -11.26 35.97 35.33
CA PHE B 534 -10.41 35.60 36.46
C PHE B 534 -9.18 36.49 36.60
N TYR B 535 -8.88 37.29 35.58
CA TYR B 535 -7.73 38.17 35.67
C TYR B 535 -7.97 39.29 36.68
N GLU B 536 -9.18 39.82 36.69
CA GLU B 536 -9.55 40.89 37.63
C GLU B 536 -10.11 40.32 38.93
N PHE B 537 -10.59 39.08 38.90
CA PHE B 537 -11.17 38.45 40.08
C PHE B 537 -10.61 37.05 40.26
N GLN B 538 -9.28 36.98 40.38
CA GLN B 538 -8.58 35.71 40.51
C GLN B 538 -8.89 34.90 41.76
N ASP B 539 -9.51 35.52 42.75
CA ASP B 539 -9.81 34.84 44.01
C ASP B 539 -11.16 34.11 44.01
N ASP B 540 -11.92 34.26 42.94
CA ASP B 540 -13.22 33.60 42.84
C ASP B 540 -13.14 32.44 41.84
N ASP B 541 -13.18 31.22 42.34
CA ASP B 541 -13.10 30.01 41.50
C ASP B 541 -14.10 29.97 40.35
N ASP B 542 -15.30 30.50 40.57
CA ASP B 542 -16.34 30.53 39.53
C ASP B 542 -15.82 31.15 38.24
N MET B 543 -15.04 32.22 38.40
CA MET B 543 -14.49 32.97 37.26
C MET B 543 -13.68 32.15 36.27
N TYR B 544 -13.07 31.06 36.72
CA TYR B 544 -12.27 30.24 35.81
C TYR B 544 -13.08 29.33 34.90
N ARG B 545 -14.41 29.36 35.03
CA ARG B 545 -15.29 28.56 34.19
C ARG B 545 -16.09 29.46 33.24
N ILE B 546 -15.96 30.77 33.39
CA ILE B 546 -16.67 31.70 32.52
C ILE B 546 -15.80 31.98 31.31
N GLU B 547 -16.25 31.58 30.13
CA GLU B 547 -15.45 31.79 28.93
C GLU B 547 -16.14 32.51 27.78
N ASP B 548 -17.42 32.81 27.93
CA ASP B 548 -18.13 33.53 26.87
C ASP B 548 -18.32 34.99 27.29
N GLU B 549 -17.46 35.45 28.19
CA GLU B 549 -17.48 36.84 28.67
C GLU B 549 -16.03 37.28 28.78
N TYR B 550 -15.78 38.57 28.63
CA TYR B 550 -14.43 39.07 28.79
C TYR B 550 -14.42 40.53 29.21
N MET B 551 -13.33 40.90 29.89
CA MET B 551 -13.13 42.27 30.38
C MET B 551 -12.31 43.05 29.37
N VAL B 552 -12.68 44.30 29.16
CA VAL B 552 -11.92 45.17 28.27
C VAL B 552 -11.31 46.15 29.26
N GLY B 553 -10.03 45.97 29.53
CA GLY B 553 -9.38 46.83 30.51
C GLY B 553 -9.85 46.38 31.88
N LYS B 554 -9.84 47.30 32.82
CA LYS B 554 -10.23 46.98 34.19
C LYS B 554 -11.69 47.35 34.47
N TYR B 555 -12.25 48.16 33.59
CA TYR B 555 -13.60 48.66 33.80
C TYR B 555 -14.80 48.10 33.05
N LEU B 556 -14.58 47.56 31.85
CA LEU B 556 -15.70 47.10 31.06
C LEU B 556 -15.88 45.60 30.90
N LEU B 557 -17.07 45.11 31.23
CA LEU B 557 -17.38 43.69 31.10
C LEU B 557 -18.29 43.52 29.88
N TYR B 558 -17.87 42.67 28.95
CA TYR B 558 -18.65 42.43 27.75
C TYR B 558 -19.02 40.96 27.66
N ALA B 559 -20.31 40.69 27.53
CA ALA B 559 -20.81 39.32 27.43
C ALA B 559 -21.45 39.16 26.05
N PRO B 560 -20.63 38.92 25.02
CA PRO B 560 -21.18 38.77 23.67
C PRO B 560 -22.15 37.60 23.54
N ILE B 561 -23.16 37.79 22.68
CA ILE B 561 -24.14 36.75 22.44
C ILE B 561 -23.54 35.80 21.42
N VAL B 562 -23.24 34.59 21.88
CA VAL B 562 -22.64 33.57 21.02
C VAL B 562 -23.58 32.43 20.66
N SER B 563 -24.87 32.74 20.53
CA SER B 563 -25.87 31.75 20.15
C SER B 563 -26.96 32.45 19.34
N LYS B 564 -27.94 31.69 18.89
CA LYS B 564 -29.02 32.26 18.08
C LYS B 564 -30.04 32.98 18.96
N GLU B 565 -30.01 32.74 20.27
CA GLU B 565 -30.94 33.39 21.19
C GLU B 565 -30.94 34.91 21.03
N GLU B 566 -31.95 35.55 21.62
CA GLU B 566 -32.06 37.00 21.56
C GLU B 566 -31.45 37.64 22.81
N SER B 567 -31.32 36.83 23.86
CA SER B 567 -30.73 37.26 25.11
C SER B 567 -29.96 36.09 25.69
N ARG B 568 -29.15 36.36 26.70
CA ARG B 568 -28.34 35.31 27.32
C ARG B 568 -28.18 35.56 28.81
N LEU B 569 -27.67 34.56 29.51
CA LEU B 569 -27.42 34.71 30.92
C LEU B 569 -26.03 35.32 31.04
N VAL B 570 -25.92 36.33 31.88
CA VAL B 570 -24.64 37.00 32.09
C VAL B 570 -24.20 36.84 33.53
N THR B 571 -23.00 36.31 33.72
CA THR B 571 -22.47 36.13 35.07
C THR B 571 -21.66 37.37 35.43
N LEU B 572 -22.06 38.02 36.52
CA LEU B 572 -21.37 39.22 36.98
C LEU B 572 -20.49 38.93 38.20
N PRO B 573 -19.24 39.39 38.17
CA PRO B 573 -18.32 39.15 39.29
C PRO B 573 -18.74 40.02 40.49
N ARG B 574 -18.04 39.83 41.60
CA ARG B 574 -18.29 40.59 42.82
C ARG B 574 -18.24 42.10 42.53
N GLY B 575 -19.05 42.88 43.24
CA GLY B 575 -19.07 44.32 43.03
C GLY B 575 -20.33 44.80 42.31
N LYS B 576 -20.44 46.10 42.08
CA LYS B 576 -21.62 46.62 41.40
C LYS B 576 -21.34 46.86 39.93
N TRP B 577 -22.35 46.61 39.09
CA TRP B 577 -22.21 46.77 37.66
C TRP B 577 -23.33 47.61 37.07
N TYR B 578 -22.93 48.50 36.17
CA TYR B 578 -23.84 49.42 35.51
C TYR B 578 -24.14 48.96 34.09
N ASN B 579 -25.42 48.78 33.78
CA ASN B 579 -25.81 48.35 32.44
C ASN B 579 -25.63 49.56 31.52
N TYR B 580 -24.71 49.44 30.56
CA TYR B 580 -24.42 50.54 29.63
C TYR B 580 -25.60 51.07 28.81
N TRP B 581 -26.56 50.21 28.49
CA TRP B 581 -27.69 50.64 27.65
C TRP B 581 -28.94 51.15 28.35
N ASN B 582 -29.29 50.56 29.49
CA ASN B 582 -30.49 51.00 30.18
C ASN B 582 -30.20 51.71 31.50
N GLY B 583 -28.91 51.83 31.83
CA GLY B 583 -28.51 52.52 33.05
C GLY B 583 -28.72 51.82 34.37
N GLU B 584 -29.37 50.67 34.36
CA GLU B 584 -29.61 49.92 35.59
C GLU B 584 -28.30 49.45 36.24
N ILE B 585 -28.27 49.43 37.57
CA ILE B 585 -27.08 48.97 38.29
C ILE B 585 -27.42 47.66 39.00
N ILE B 586 -26.50 46.69 38.95
CA ILE B 586 -26.74 45.38 39.58
C ILE B 586 -25.61 44.94 40.53
N ASN B 587 -25.97 44.20 41.58
CA ASN B 587 -24.98 43.73 42.53
C ASN B 587 -24.28 42.46 42.06
N GLY B 588 -22.96 42.51 42.15
CA GLY B 588 -22.13 41.41 41.72
C GLY B 588 -22.33 40.07 42.37
N LYS B 589 -21.76 39.06 41.73
CA LYS B 589 -21.84 37.69 42.18
C LYS B 589 -23.30 37.30 42.01
N SER B 590 -23.74 37.35 40.75
CA SER B 590 -25.10 37.00 40.41
C SER B 590 -25.19 36.72 38.91
N VAL B 591 -26.31 36.17 38.49
CA VAL B 591 -26.53 35.87 37.08
C VAL B 591 -27.75 36.64 36.63
N VAL B 592 -27.62 37.40 35.55
CA VAL B 592 -28.74 38.18 35.03
C VAL B 592 -28.92 37.94 33.54
N LYS B 593 -30.08 38.31 33.04
CA LYS B 593 -30.40 38.14 31.63
C LYS B 593 -30.01 39.43 30.90
N SER B 594 -29.45 39.29 29.69
CA SER B 594 -29.04 40.45 28.91
C SER B 594 -30.25 41.23 28.44
N THR B 595 -30.08 42.54 28.30
CA THR B 595 -31.16 43.42 27.87
C THR B 595 -30.96 44.01 26.48
N HIS B 596 -29.73 43.97 25.98
CA HIS B 596 -29.41 44.53 24.66
C HIS B 596 -28.67 43.49 23.81
N GLU B 597 -28.59 43.70 22.49
CA GLU B 597 -27.89 42.77 21.60
C GLU B 597 -26.39 42.74 21.94
N LEU B 598 -25.89 43.83 22.49
CA LEU B 598 -24.49 43.93 22.87
C LEU B 598 -24.41 44.17 24.38
N PRO B 599 -24.39 43.09 25.19
CA PRO B 599 -24.34 43.15 26.65
C PRO B 599 -23.06 43.76 27.24
N ILE B 600 -23.11 45.06 27.53
CA ILE B 600 -21.97 45.79 28.09
C ILE B 600 -22.27 46.30 29.49
N TYR B 601 -21.34 46.08 30.41
CA TYR B 601 -21.53 46.53 31.79
C TYR B 601 -20.30 47.26 32.31
N LEU B 602 -20.51 48.37 33.01
CA LEU B 602 -19.39 49.14 33.56
C LEU B 602 -19.27 48.86 35.04
N ARG B 603 -18.03 48.63 35.46
CA ARG B 603 -17.70 48.34 36.83
C ARG B 603 -17.71 49.62 37.68
N GLU B 604 -18.14 49.53 38.93
CA GLU B 604 -18.14 50.73 39.77
C GLU B 604 -16.69 51.13 39.97
N GLY B 605 -16.32 52.31 39.48
CA GLY B 605 -14.95 52.77 39.57
C GLY B 605 -14.38 52.72 38.16
N SER B 606 -15.01 53.44 37.24
CA SER B 606 -14.58 53.44 35.86
C SER B 606 -14.52 54.83 35.25
N ILE B 607 -13.60 54.98 34.32
CA ILE B 607 -13.44 56.22 33.58
C ILE B 607 -13.20 55.76 32.17
N ILE B 608 -14.09 56.16 31.26
CA ILE B 608 -13.96 55.72 29.89
C ILE B 608 -14.00 56.84 28.88
N PRO B 609 -12.86 57.10 28.22
CA PRO B 609 -12.81 58.15 27.21
C PRO B 609 -13.45 57.61 25.92
N LEU B 610 -14.33 58.40 25.30
CA LEU B 610 -14.99 57.99 24.08
C LEU B 610 -14.65 58.93 22.94
N GLU B 611 -14.98 58.50 21.74
CA GLU B 611 -14.73 59.27 20.53
C GLU B 611 -15.32 60.68 20.67
N GLY B 612 -14.61 61.66 20.11
CA GLY B 612 -15.08 63.03 20.15
C GLY B 612 -14.99 63.66 21.53
N ASP B 613 -13.93 63.33 22.26
CA ASP B 613 -13.72 63.88 23.60
C ASP B 613 -14.83 63.64 24.60
N GLU B 614 -15.67 62.63 24.36
CA GLU B 614 -16.74 62.29 25.30
C GLU B 614 -16.05 61.62 26.47
N LEU B 615 -16.74 61.56 27.61
CA LEU B 615 -16.14 60.94 28.78
C LEU B 615 -17.21 60.36 29.69
N ILE B 616 -17.03 59.12 30.12
CA ILE B 616 -17.99 58.47 31.02
C ILE B 616 -17.27 58.25 32.34
N VAL B 617 -17.93 58.59 33.45
CA VAL B 617 -17.33 58.38 34.76
C VAL B 617 -18.32 57.73 35.70
N TYR B 618 -17.87 56.67 36.37
CA TYR B 618 -18.69 55.94 37.31
C TYR B 618 -17.85 55.53 38.50
N GLY B 619 -18.04 56.23 39.61
CA GLY B 619 -17.29 55.91 40.81
C GLY B 619 -15.92 56.56 40.86
N GLU B 620 -15.07 56.05 41.76
CA GLU B 620 -13.73 56.58 41.95
C GLU B 620 -12.62 55.68 41.42
N THR B 621 -11.74 56.27 40.62
CA THR B 621 -10.62 55.54 40.04
C THR B 621 -9.70 56.54 39.37
N SER B 622 -8.58 56.06 38.85
CA SER B 622 -7.64 56.92 38.15
C SER B 622 -7.34 56.27 36.81
N PHE B 623 -7.31 57.07 35.75
CA PHE B 623 -7.08 56.54 34.42
C PHE B 623 -6.18 57.42 33.57
N LYS B 624 -5.27 56.79 32.83
CA LYS B 624 -4.35 57.53 31.96
C LYS B 624 -4.79 57.38 30.50
N ARG B 625 -5.19 58.48 29.89
CA ARG B 625 -5.62 58.43 28.50
C ARG B 625 -4.39 58.27 27.61
N TYR B 626 -4.60 57.79 26.39
CA TYR B 626 -3.50 57.56 25.45
C TYR B 626 -2.64 58.77 25.11
N ASP B 627 -3.22 59.97 25.21
CA ASP B 627 -2.48 61.19 24.91
C ASP B 627 -1.78 61.70 26.17
N ASN B 628 -1.59 60.80 27.13
CA ASN B 628 -0.91 61.12 28.38
C ASN B 628 -1.73 61.85 29.46
N ALA B 629 -2.89 62.38 29.11
CA ALA B 629 -3.73 63.08 30.08
C ALA B 629 -4.29 62.11 31.13
N GLU B 630 -3.99 62.36 32.40
CA GLU B 630 -4.49 61.52 33.48
C GLU B 630 -5.75 62.09 34.11
N ILE B 631 -6.76 61.25 34.28
CA ILE B 631 -8.03 61.66 34.85
C ILE B 631 -8.26 60.89 36.14
N THR B 632 -8.70 61.59 37.17
CA THR B 632 -8.95 60.97 38.46
C THR B 632 -10.30 61.39 39.01
N SER B 633 -11.03 60.43 39.57
CA SER B 633 -12.33 60.72 40.14
C SER B 633 -12.32 60.29 41.60
N SER B 634 -12.79 61.18 42.46
CA SER B 634 -12.84 60.89 43.89
C SER B 634 -14.24 61.21 44.42
N SER B 635 -14.32 61.55 45.71
CA SER B 635 -15.58 61.87 46.39
C SER B 635 -16.63 62.45 45.45
N ASN B 636 -16.43 63.70 45.04
CA ASN B 636 -17.33 64.41 44.13
C ASN B 636 -16.49 65.33 43.27
N GLU B 637 -15.35 64.83 42.82
CA GLU B 637 -14.43 65.63 42.02
C GLU B 637 -13.70 64.81 40.95
N ILE B 638 -13.53 65.42 39.77
CA ILE B 638 -12.83 64.77 38.68
C ILE B 638 -11.64 65.67 38.33
N LYS B 639 -10.43 65.21 38.68
CA LYS B 639 -9.22 65.97 38.42
C LYS B 639 -8.58 65.59 37.11
N PHE B 640 -7.92 66.57 36.48
CA PHE B 640 -7.22 66.37 35.22
C PHE B 640 -5.76 66.79 35.37
N SER B 641 -4.84 65.92 34.96
CA SER B 641 -3.42 66.21 35.05
C SER B 641 -3.02 67.41 34.17
N ARG B 642 -3.86 67.74 33.20
CA ARG B 642 -3.58 68.87 32.34
C ARG B 642 -4.83 69.31 31.60
N GLU B 643 -4.81 70.53 31.09
CA GLU B 643 -5.96 71.08 30.36
C GLU B 643 -6.32 70.24 29.14
N ILE B 644 -7.58 69.82 29.07
CA ILE B 644 -8.07 69.04 27.93
C ILE B 644 -9.50 69.41 27.59
N TYR B 645 -9.86 69.26 26.33
CA TYR B 645 -11.21 69.57 25.89
C TYR B 645 -12.13 68.43 26.28
N VAL B 646 -13.37 68.77 26.62
CA VAL B 646 -14.36 67.77 27.00
C VAL B 646 -15.69 68.18 26.38
N SER B 647 -16.23 67.31 25.52
CA SER B 647 -17.51 67.61 24.88
C SER B 647 -18.65 67.20 25.83
N LYS B 648 -19.08 65.96 25.72
CA LYS B 648 -20.17 65.44 26.54
C LYS B 648 -19.64 64.60 27.70
N LEU B 649 -20.14 64.87 28.90
CA LEU B 649 -19.71 64.12 30.08
C LEU B 649 -20.88 63.33 30.64
N THR B 650 -20.68 62.04 30.85
CA THR B 650 -21.75 61.20 31.39
C THR B 650 -21.31 60.69 32.76
N ILE B 651 -22.16 60.92 33.75
CA ILE B 651 -21.87 60.49 35.09
C ILE B 651 -22.94 59.50 35.51
N THR B 652 -22.53 58.31 35.91
CA THR B 652 -23.51 57.34 36.35
C THR B 652 -23.41 57.40 37.86
N SER B 653 -24.57 57.48 38.52
CA SER B 653 -24.58 57.58 39.97
C SER B 653 -25.93 57.19 40.55
N GLU B 654 -25.91 56.52 41.70
CA GLU B 654 -27.13 56.11 42.36
C GLU B 654 -27.73 57.31 43.07
N LYS B 655 -26.88 58.26 43.45
CA LYS B 655 -27.34 59.49 44.10
C LYS B 655 -27.48 60.53 43.00
N PRO B 656 -28.58 61.31 43.02
CA PRO B 656 -28.80 62.34 42.00
C PRO B 656 -27.71 63.40 41.86
N VAL B 657 -27.55 63.89 40.63
CA VAL B 657 -26.56 64.93 40.34
C VAL B 657 -27.31 66.08 39.67
N SER B 658 -27.42 67.20 40.37
CA SER B 658 -28.13 68.35 39.86
C SER B 658 -27.26 69.25 38.98
N LYS B 659 -25.99 69.36 39.33
CA LYS B 659 -25.09 70.23 38.57
C LYS B 659 -23.63 69.88 38.76
N ILE B 660 -22.82 70.38 37.83
CA ILE B 660 -21.38 70.19 37.89
C ILE B 660 -20.76 71.59 37.81
N ILE B 661 -19.56 71.73 38.36
CA ILE B 661 -18.87 73.02 38.34
C ILE B 661 -17.49 72.88 37.72
N VAL B 662 -17.27 73.58 36.61
CA VAL B 662 -15.99 73.55 35.92
C VAL B 662 -14.99 74.54 36.50
N ASP B 663 -13.92 74.00 37.10
CA ASP B 663 -12.85 74.81 37.69
C ASP B 663 -13.29 75.83 38.74
N ASP B 664 -14.14 75.39 39.67
CA ASP B 664 -14.62 76.23 40.74
C ASP B 664 -15.28 77.52 40.27
N SER B 665 -15.34 77.71 38.95
CA SER B 665 -15.95 78.91 38.39
C SER B 665 -17.28 78.59 37.71
N LYS B 666 -17.24 78.46 36.38
CA LYS B 666 -18.44 78.18 35.60
C LYS B 666 -19.24 76.99 36.10
N GLU B 667 -20.55 77.02 35.84
CA GLU B 667 -21.45 75.96 36.25
C GLU B 667 -22.24 75.48 35.05
N ILE B 668 -22.50 74.17 34.98
CA ILE B 668 -23.26 73.62 33.87
C ILE B 668 -24.37 72.71 34.39
N GLN B 669 -25.54 72.81 33.76
CA GLN B 669 -26.71 72.04 34.15
C GLN B 669 -26.63 70.58 33.68
N VAL B 670 -27.13 69.69 34.52
CA VAL B 670 -27.14 68.26 34.23
C VAL B 670 -28.54 67.76 33.87
N GLU B 671 -28.63 66.97 32.80
CA GLU B 671 -29.90 66.39 32.36
C GLU B 671 -29.91 64.88 32.53
N LYS B 672 -30.71 64.38 33.47
CA LYS B 672 -30.82 62.94 33.70
C LYS B 672 -31.45 62.35 32.44
N THR B 673 -30.72 61.46 31.78
CA THR B 673 -31.20 60.83 30.55
C THR B 673 -31.92 59.51 30.77
N MET B 674 -31.56 58.82 31.86
CA MET B 674 -32.18 57.55 32.22
C MET B 674 -31.71 57.21 33.63
N GLN B 675 -32.28 56.16 34.21
CA GLN B 675 -31.91 55.78 35.57
C GLN B 675 -30.40 55.80 35.80
N ASN B 676 -30.00 56.41 36.91
CA ASN B 676 -28.59 56.51 37.33
C ASN B 676 -27.70 57.20 36.29
N THR B 677 -28.27 57.81 35.27
CA THR B 677 -27.46 58.44 34.23
C THR B 677 -27.68 59.94 34.10
N TYR B 678 -26.60 60.70 34.30
CA TYR B 678 -26.63 62.15 34.22
C TYR B 678 -25.65 62.67 33.17
N VAL B 679 -26.16 63.51 32.27
CA VAL B 679 -25.35 64.08 31.20
C VAL B 679 -25.15 65.59 31.28
N ALA B 680 -23.94 66.03 30.94
CA ALA B 680 -23.60 67.44 30.95
C ALA B 680 -22.88 67.79 29.66
N LYS B 681 -23.50 68.66 28.86
CA LYS B 681 -22.90 69.09 27.61
C LYS B 681 -21.90 70.21 27.95
N ILE B 682 -20.63 69.84 28.15
CA ILE B 682 -19.61 70.82 28.50
C ILE B 682 -19.03 71.58 27.29
N ASN B 683 -18.59 70.85 26.28
CA ASN B 683 -18.02 71.45 25.08
C ASN B 683 -17.06 72.62 25.31
N GLN B 684 -16.02 72.38 26.11
CA GLN B 684 -15.04 73.42 26.37
C GLN B 684 -13.85 72.83 27.11
N LYS B 685 -12.70 73.51 27.03
CA LYS B 685 -11.50 73.04 27.69
C LYS B 685 -11.65 73.14 29.21
N ILE B 686 -10.97 72.25 29.93
CA ILE B 686 -11.02 72.25 31.39
C ILE B 686 -9.57 72.31 31.90
N ARG B 687 -9.24 73.37 32.63
CA ARG B 687 -7.88 73.52 33.14
C ARG B 687 -7.47 72.42 34.10
N GLY B 688 -8.34 72.06 35.04
CA GLY B 688 -7.94 71.02 35.97
C GLY B 688 -8.97 70.25 36.78
N LYS B 689 -10.22 70.71 36.85
CA LYS B 689 -11.19 69.94 37.63
C LYS B 689 -12.66 70.24 37.43
N ILE B 690 -13.48 69.28 37.86
CA ILE B 690 -14.94 69.37 37.77
C ILE B 690 -15.49 68.84 39.09
N ASN B 691 -16.48 69.54 39.64
CA ASN B 691 -17.08 69.10 40.90
C ASN B 691 -18.53 68.74 40.66
N LEU B 692 -19.03 67.77 41.43
CA LEU B 692 -20.41 67.34 41.30
C LEU B 692 -21.22 67.75 42.52
N GLU B 693 -22.50 68.07 42.29
CA GLU B 693 -23.39 68.47 43.36
C GLU B 693 -24.81 67.94 43.16
N ILE C 3 -34.33 -32.09 12.49
CA ILE C 3 -35.50 -32.55 13.28
C ILE C 3 -36.16 -31.42 14.06
N LEU C 4 -37.49 -31.48 14.18
CA LEU C 4 -38.23 -30.46 14.88
C LEU C 4 -39.01 -31.04 16.05
N LYS C 5 -38.99 -30.31 17.16
CA LYS C 5 -39.71 -30.71 18.35
C LYS C 5 -40.19 -29.45 19.03
N ILE C 6 -41.44 -29.45 19.48
CA ILE C 6 -42.01 -28.31 20.15
C ILE C 6 -42.59 -28.70 21.49
N TYR C 7 -42.24 -27.93 22.52
CA TYR C 7 -42.73 -28.18 23.87
C TYR C 7 -43.54 -26.96 24.27
N GLU C 8 -44.37 -27.10 25.30
CA GLU C 8 -45.20 -26.01 25.78
C GLU C 8 -45.17 -26.06 27.29
N ASN C 9 -45.17 -24.88 27.91
CA ASN C 9 -45.13 -24.81 29.37
C ASN C 9 -45.62 -23.48 29.86
N LYS C 10 -46.86 -23.46 30.36
CA LYS C 10 -47.44 -22.25 30.92
C LYS C 10 -47.26 -20.99 30.08
N GLY C 11 -47.74 -21.02 28.83
CA GLY C 11 -47.64 -19.87 27.97
C GLY C 11 -46.35 -19.66 27.19
N VAL C 12 -45.46 -20.63 27.25
CA VAL C 12 -44.19 -20.54 26.54
C VAL C 12 -43.98 -21.77 25.67
N TYR C 13 -43.63 -21.56 24.40
CA TYR C 13 -43.37 -22.68 23.51
C TYR C 13 -41.88 -22.76 23.23
N LYS C 14 -41.30 -23.93 23.49
CA LYS C 14 -39.88 -24.12 23.24
C LYS C 14 -39.74 -24.89 21.94
N VAL C 15 -39.19 -24.23 20.92
CA VAL C 15 -39.00 -24.86 19.62
C VAL C 15 -37.55 -25.30 19.48
N VAL C 16 -37.36 -26.59 19.23
CA VAL C 16 -36.02 -27.14 19.11
C VAL C 16 -35.78 -27.60 17.68
N ILE C 17 -34.76 -27.04 17.03
CA ILE C 17 -34.41 -27.39 15.67
C ILE C 17 -33.11 -28.18 15.73
N GLY C 18 -33.15 -29.43 15.26
CA GLY C 18 -31.97 -30.27 15.29
C GLY C 18 -31.63 -30.67 16.70
N GLU C 19 -30.33 -30.72 17.00
CA GLU C 19 -29.85 -31.08 18.34
C GLU C 19 -28.99 -29.95 18.87
N PRO C 20 -29.63 -28.89 19.38
CA PRO C 20 -29.00 -27.69 19.93
C PRO C 20 -28.09 -27.92 21.14
N PHE C 21 -27.07 -27.07 21.24
CA PHE C 21 -26.12 -27.08 22.34
C PHE C 21 -26.10 -25.61 22.75
N PRO C 22 -27.10 -25.18 23.54
CA PRO C 22 -27.24 -23.81 24.02
C PRO C 22 -26.02 -23.24 24.75
N PRO C 23 -25.80 -21.93 24.65
CA PRO C 23 -24.66 -21.31 25.33
C PRO C 23 -24.85 -21.45 26.83
N ILE C 24 -26.12 -21.56 27.23
CA ILE C 24 -26.49 -21.74 28.62
C ILE C 24 -27.83 -22.42 28.61
N GLU C 25 -28.05 -23.31 29.57
CA GLU C 25 -29.31 -24.03 29.63
C GLU C 25 -30.29 -23.37 30.60
N PHE C 26 -31.48 -23.07 30.08
CA PHE C 26 -32.52 -22.47 30.89
C PHE C 26 -33.54 -23.55 31.21
N PRO C 27 -33.65 -23.90 32.48
CA PRO C 27 -34.60 -24.95 32.86
C PRO C 27 -36.02 -24.57 32.47
N LEU C 28 -36.75 -25.52 31.88
CA LEU C 28 -38.14 -25.27 31.52
C LEU C 28 -38.92 -26.31 32.31
N GLU C 29 -38.64 -26.34 33.60
CA GLU C 29 -39.26 -27.22 34.60
C GLU C 29 -40.07 -28.40 34.05
N GLN C 30 -41.38 -28.20 33.96
CA GLN C 30 -42.28 -29.24 33.49
C GLN C 30 -42.63 -29.16 32.02
N LYS C 31 -41.70 -29.61 31.17
CA LYS C 31 -41.91 -29.62 29.72
C LYS C 31 -43.11 -30.50 29.37
N ILE C 32 -43.67 -30.24 28.20
CA ILE C 32 -44.82 -31.00 27.72
C ILE C 32 -44.75 -30.90 26.21
N SER C 33 -44.86 -32.02 25.50
CA SER C 33 -44.83 -31.96 24.06
C SER C 33 -46.16 -31.32 23.65
N SER C 34 -46.10 -30.22 22.91
CA SER C 34 -47.33 -29.55 22.50
C SER C 34 -47.74 -30.06 21.14
N ASN C 35 -49.01 -29.87 20.82
CA ASN C 35 -49.54 -30.34 19.55
C ASN C 35 -49.63 -29.18 18.56
N LYS C 36 -49.10 -28.03 18.96
CA LYS C 36 -49.08 -26.85 18.09
C LYS C 36 -47.96 -27.00 17.07
N SER C 37 -48.20 -26.55 15.86
CA SER C 37 -47.21 -26.63 14.79
C SER C 37 -46.62 -25.25 14.49
N LEU C 38 -45.72 -25.20 13.51
CA LEU C 38 -45.09 -23.95 13.11
C LEU C 38 -46.15 -23.05 12.46
N SER C 39 -47.00 -23.66 11.64
CA SER C 39 -48.09 -22.93 10.97
C SER C 39 -48.94 -22.20 11.98
N GLU C 40 -49.39 -22.95 12.99
CA GLU C 40 -50.23 -22.39 14.05
C GLU C 40 -49.46 -21.32 14.81
N LEU C 41 -48.13 -21.39 14.74
CA LEU C 41 -47.29 -20.44 15.44
C LEU C 41 -46.89 -19.30 14.49
N GLY C 42 -47.22 -19.45 13.21
CA GLY C 42 -46.90 -18.44 12.21
C GLY C 42 -45.43 -18.34 11.86
N LEU C 43 -44.73 -19.47 11.97
CA LEU C 43 -43.31 -19.50 11.68
C LEU C 43 -42.95 -20.45 10.55
N THR C 44 -41.86 -20.12 9.86
CA THR C 44 -41.34 -20.92 8.77
C THR C 44 -39.89 -21.15 9.17
N ILE C 45 -39.39 -22.37 8.98
CA ILE C 45 -38.04 -22.67 9.35
C ILE C 45 -37.28 -23.39 8.25
N VAL C 46 -36.03 -23.00 8.06
CA VAL C 46 -35.19 -23.58 7.03
C VAL C 46 -33.80 -23.90 7.59
N GLN C 47 -33.28 -25.07 7.24
CA GLN C 47 -31.95 -25.49 7.68
C GLN C 47 -31.08 -25.62 6.45
N GLN C 48 -29.97 -24.88 6.41
CA GLN C 48 -29.06 -24.92 5.28
C GLN C 48 -27.62 -25.17 5.71
N GLY C 49 -26.69 -24.56 4.97
CA GLY C 49 -25.29 -24.72 5.25
C GLY C 49 -24.92 -24.27 6.65
N ASN C 50 -25.16 -25.13 7.63
CA ASN C 50 -24.86 -24.80 9.03
C ASN C 50 -25.56 -23.55 9.51
N LYS C 51 -26.75 -23.28 8.98
CA LYS C 51 -27.52 -22.12 9.40
C LYS C 51 -28.98 -22.45 9.54
N VAL C 52 -29.67 -21.74 10.42
CA VAL C 52 -31.09 -21.92 10.63
C VAL C 52 -31.76 -20.58 10.39
N ILE C 53 -32.73 -20.55 9.48
CA ILE C 53 -33.44 -19.31 9.16
C ILE C 53 -34.87 -19.44 9.64
N VAL C 54 -35.30 -18.52 10.49
CA VAL C 54 -36.67 -18.53 11.01
C VAL C 54 -37.41 -17.29 10.51
N GLU C 55 -38.52 -17.50 9.82
CA GLU C 55 -39.31 -16.41 9.26
C GLU C 55 -40.67 -16.24 9.89
N LYS C 56 -41.12 -14.99 9.93
CA LYS C 56 -42.41 -14.62 10.49
C LYS C 56 -42.88 -13.48 9.61
N SER C 57 -44.18 -13.35 9.41
CA SER C 57 -44.68 -12.27 8.58
C SER C 57 -44.64 -11.00 9.42
N LEU C 58 -44.71 -9.86 8.75
CA LEU C 58 -44.69 -8.57 9.42
C LEU C 58 -45.72 -7.67 8.76
N ASP C 59 -46.74 -7.28 9.51
CA ASP C 59 -47.79 -6.42 8.98
C ASP C 59 -47.40 -4.94 9.07
N LEU C 60 -48.05 -4.12 8.26
CA LEU C 60 -47.78 -2.68 8.24
C LEU C 60 -47.88 -2.01 9.59
N LYS C 61 -48.91 -2.38 10.35
CA LYS C 61 -49.13 -1.79 11.67
C LYS C 61 -48.46 -2.54 12.81
N GLU C 62 -47.77 -3.63 12.50
CA GLU C 62 -47.10 -4.43 13.52
C GLU C 62 -45.86 -3.74 14.09
N HIS C 63 -45.69 -3.81 15.41
CA HIS C 63 -44.54 -3.21 16.07
C HIS C 63 -43.54 -4.26 16.51
N ILE C 64 -42.25 -3.96 16.40
CA ILE C 64 -41.20 -4.87 16.81
C ILE C 64 -40.32 -4.10 17.79
N ILE C 65 -40.20 -4.62 19.00
CA ILE C 65 -39.41 -3.96 20.02
C ILE C 65 -38.44 -4.95 20.64
N GLY C 66 -37.46 -4.45 21.37
CA GLY C 66 -36.50 -5.32 22.00
C GLY C 66 -35.13 -5.26 21.37
N LEU C 67 -34.46 -6.42 21.33
CA LEU C 67 -33.11 -6.57 20.80
C LEU C 67 -32.07 -5.89 21.67
N GLY C 68 -32.47 -5.52 22.88
CA GLY C 68 -31.55 -4.91 23.83
C GLY C 68 -30.94 -3.55 23.51
N GLU C 69 -29.64 -3.47 23.67
CA GLU C 69 -28.88 -2.24 23.46
C GLU C 69 -28.65 -1.90 21.99
N LYS C 70 -29.56 -1.13 21.40
CA LYS C 70 -29.43 -0.75 19.99
C LYS C 70 -29.47 0.76 19.82
N ALA C 71 -28.54 1.29 19.04
CA ALA C 71 -28.49 2.73 18.81
C ALA C 71 -29.52 3.10 17.73
N PHE C 72 -30.76 2.68 17.92
CA PHE C 72 -31.85 2.93 16.98
C PHE C 72 -33.17 3.22 17.68
N GLU C 73 -34.16 3.65 16.90
CA GLU C 73 -35.49 3.91 17.41
C GLU C 73 -36.03 2.64 18.09
N LEU C 74 -36.88 2.81 19.09
CA LEU C 74 -37.44 1.69 19.82
C LEU C 74 -38.24 0.71 18.96
N ASP C 75 -38.92 1.21 17.93
CA ASP C 75 -39.65 0.31 17.02
C ASP C 75 -38.56 -0.04 16.02
N ARG C 76 -38.14 -1.31 16.02
CA ARG C 76 -37.03 -1.77 15.20
C ARG C 76 -37.19 -2.07 13.71
N LYS C 77 -38.38 -1.85 13.15
CA LYS C 77 -38.57 -2.13 11.73
C LYS C 77 -37.63 -1.42 10.77
N ARG C 78 -37.40 -2.07 9.63
CA ARG C 78 -36.56 -1.56 8.54
C ARG C 78 -35.07 -1.47 8.84
N LYS C 79 -34.53 -2.51 9.43
CA LYS C 79 -33.12 -2.55 9.76
C LYS C 79 -32.67 -3.99 9.94
N ARG C 80 -31.43 -4.28 9.59
CA ARG C 80 -30.87 -5.62 9.74
C ARG C 80 -29.91 -5.53 10.93
N TYR C 81 -30.29 -6.13 12.06
CA TYR C 81 -29.46 -6.07 13.26
C TYR C 81 -28.55 -7.26 13.42
N VAL C 82 -27.36 -7.01 13.96
CA VAL C 82 -26.38 -8.06 14.19
C VAL C 82 -26.19 -8.18 15.71
N MET C 83 -26.25 -9.39 16.23
CA MET C 83 -26.05 -9.58 17.66
C MET C 83 -24.66 -10.14 17.87
N TYR C 84 -23.71 -9.27 18.15
CA TYR C 84 -22.33 -9.69 18.36
C TYR C 84 -21.63 -8.67 19.26
N ASN C 85 -21.44 -9.02 20.53
CA ASN C 85 -20.79 -8.14 21.50
C ASN C 85 -19.51 -7.56 20.91
N VAL C 86 -19.39 -6.25 20.91
CA VAL C 86 -18.19 -5.61 20.38
C VAL C 86 -17.87 -4.31 21.09
N ASP C 87 -16.58 -4.01 21.21
CA ASP C 87 -16.12 -2.76 21.82
C ASP C 87 -16.45 -1.70 20.76
N ALA C 88 -17.54 -0.96 20.97
CA ALA C 88 -17.99 0.04 20.01
C ALA C 88 -17.16 1.32 19.92
N GLY C 89 -16.22 1.52 20.85
CA GLY C 89 -15.42 2.73 20.82
C GLY C 89 -16.30 3.94 21.09
N ALA C 90 -15.99 5.04 20.40
CA ALA C 90 -16.77 6.26 20.55
C ALA C 90 -17.97 6.13 19.61
N TYR C 91 -18.94 5.31 20.00
CA TYR C 91 -20.10 5.06 19.17
C TYR C 91 -21.00 6.27 18.91
N LYS C 92 -21.65 6.24 17.76
CA LYS C 92 -22.56 7.31 17.34
C LYS C 92 -23.90 6.64 17.08
N LYS C 93 -24.94 7.42 16.82
CA LYS C 93 -26.21 6.79 16.57
C LYS C 93 -26.19 6.00 15.26
N TYR C 94 -27.00 4.96 15.23
CA TYR C 94 -27.12 4.06 14.08
C TYR C 94 -25.92 3.16 13.91
N GLN C 95 -25.07 3.10 14.92
CA GLN C 95 -23.92 2.20 14.85
C GLN C 95 -24.39 0.87 15.43
N ASP C 96 -23.97 -0.23 14.81
CA ASP C 96 -24.38 -1.56 15.24
C ASP C 96 -23.28 -2.52 14.81
N PRO C 97 -22.96 -3.52 15.63
CA PRO C 97 -23.58 -3.80 16.93
C PRO C 97 -22.86 -3.04 18.04
N LEU C 98 -23.36 -3.17 19.26
CA LEU C 98 -22.76 -2.53 20.42
C LEU C 98 -22.26 -3.57 21.42
N TYR C 99 -22.18 -3.20 22.69
CA TYR C 99 -21.65 -4.08 23.73
C TYR C 99 -22.49 -5.26 24.19
N VAL C 100 -23.81 -5.09 24.22
CA VAL C 100 -24.70 -6.13 24.70
C VAL C 100 -25.55 -6.79 23.63
N SER C 101 -25.77 -8.10 23.78
CA SER C 101 -26.58 -8.88 22.84
C SER C 101 -27.72 -9.67 23.52
N ILE C 102 -28.94 -9.16 23.45
CA ILE C 102 -30.11 -9.85 24.01
C ILE C 102 -30.96 -10.25 22.78
N PRO C 103 -30.85 -11.51 22.32
CA PRO C 103 -31.60 -12.02 21.15
C PRO C 103 -33.09 -12.23 21.40
N LEU C 104 -33.74 -11.19 21.93
CA LEU C 104 -35.16 -11.24 22.23
C LEU C 104 -35.88 -10.08 21.57
N PHE C 105 -37.00 -10.36 20.91
CA PHE C 105 -37.80 -9.29 20.34
C PHE C 105 -39.25 -9.59 20.59
N ILE C 106 -40.03 -8.54 20.79
CA ILE C 106 -41.44 -8.69 21.06
C ILE C 106 -42.23 -8.07 19.94
N SER C 107 -43.22 -8.81 19.46
CA SER C 107 -44.09 -8.34 18.40
C SER C 107 -45.41 -7.92 19.03
N VAL C 108 -45.93 -6.76 18.59
CA VAL C 108 -47.20 -6.29 19.09
C VAL C 108 -48.07 -6.09 17.86
N LYS C 109 -49.03 -6.98 17.68
CA LYS C 109 -49.92 -6.93 16.54
C LYS C 109 -51.36 -6.91 17.04
N ASP C 110 -52.14 -5.95 16.54
CA ASP C 110 -53.52 -5.82 16.96
C ASP C 110 -53.57 -5.68 18.50
N GLY C 111 -52.59 -4.96 19.05
CA GLY C 111 -52.52 -4.74 20.48
C GLY C 111 -52.08 -5.93 21.32
N VAL C 112 -51.79 -7.06 20.68
CA VAL C 112 -51.38 -8.26 21.40
C VAL C 112 -49.88 -8.50 21.23
N ALA C 113 -49.19 -8.72 22.35
CA ALA C 113 -47.75 -8.94 22.34
C ALA C 113 -47.35 -10.41 22.39
N THR C 114 -46.29 -10.74 21.67
CA THR C 114 -45.76 -12.09 21.63
C THR C 114 -44.25 -11.97 21.60
N GLY C 115 -43.57 -12.77 22.41
CA GLY C 115 -42.12 -12.72 22.45
C GLY C 115 -41.42 -13.84 21.69
N TYR C 116 -40.22 -13.55 21.22
CA TYR C 116 -39.41 -14.51 20.49
C TYR C 116 -37.99 -14.40 20.98
N PHE C 117 -37.53 -15.45 21.66
CA PHE C 117 -36.19 -15.47 22.22
C PHE C 117 -35.38 -16.61 21.61
N PHE C 118 -34.30 -16.26 20.92
CA PHE C 118 -33.45 -17.25 20.29
C PHE C 118 -32.23 -17.45 21.19
N ASN C 119 -32.17 -18.60 21.86
CA ASN C 119 -31.06 -18.87 22.76
C ASN C 119 -29.77 -19.31 22.07
N SER C 120 -29.14 -18.37 21.37
CA SER C 120 -27.88 -18.62 20.69
C SER C 120 -27.01 -17.39 20.95
N ALA C 121 -25.77 -17.62 21.35
CA ALA C 121 -24.84 -16.52 21.63
C ALA C 121 -23.90 -16.30 20.45
N SER C 122 -24.27 -16.85 19.29
CA SER C 122 -23.47 -16.69 18.09
C SER C 122 -23.88 -15.39 17.41
N LYS C 123 -23.31 -15.09 16.24
CA LYS C 123 -23.64 -13.86 15.52
C LYS C 123 -25.01 -13.95 14.85
N VAL C 124 -26.06 -13.83 15.64
CA VAL C 124 -27.44 -13.89 15.15
C VAL C 124 -27.85 -12.62 14.42
N ILE C 125 -28.50 -12.78 13.27
CA ILE C 125 -28.96 -11.66 12.47
C ILE C 125 -30.48 -11.51 12.53
N PHE C 126 -30.95 -10.31 12.89
CA PHE C 126 -32.38 -10.05 12.92
C PHE C 126 -32.72 -9.07 11.83
N ASP C 127 -33.17 -9.58 10.70
CA ASP C 127 -33.55 -8.74 9.57
C ASP C 127 -35.03 -8.39 9.72
N VAL C 128 -35.29 -7.23 10.29
CA VAL C 128 -36.66 -6.80 10.56
C VAL C 128 -37.28 -5.97 9.45
N GLY C 129 -37.85 -6.66 8.47
CA GLY C 129 -38.53 -5.99 7.36
C GLY C 129 -37.61 -5.20 6.46
N LEU C 130 -36.39 -5.70 6.26
CA LEU C 130 -35.40 -5.04 5.41
C LEU C 130 -35.16 -5.87 4.16
N GLU C 131 -34.82 -7.13 4.34
CA GLU C 131 -34.60 -8.03 3.20
C GLU C 131 -35.95 -8.19 2.51
N GLU C 132 -36.98 -8.45 3.29
CA GLU C 132 -38.34 -8.57 2.78
C GLU C 132 -39.20 -7.64 3.62
N TYR C 133 -39.73 -6.60 2.98
CA TYR C 133 -40.55 -5.59 3.64
C TYR C 133 -41.66 -6.15 4.54
N ASP C 134 -42.19 -7.32 4.19
CA ASP C 134 -43.27 -7.92 4.95
C ASP C 134 -42.85 -9.15 5.78
N LYS C 135 -41.57 -9.20 6.15
CA LYS C 135 -41.08 -10.32 6.92
C LYS C 135 -40.01 -9.97 7.93
N VAL C 136 -39.94 -10.80 8.96
CA VAL C 136 -38.91 -10.68 9.98
C VAL C 136 -38.15 -11.98 9.78
N ILE C 137 -36.91 -11.88 9.33
CA ILE C 137 -36.09 -13.06 9.10
C ILE C 137 -34.95 -13.12 10.12
N VAL C 138 -34.88 -14.24 10.85
CA VAL C 138 -33.84 -14.41 11.84
C VAL C 138 -32.90 -15.52 11.36
N THR C 139 -31.61 -15.20 11.26
CA THR C 139 -30.63 -16.17 10.82
C THR C 139 -29.67 -16.50 11.96
N ILE C 140 -29.61 -17.78 12.34
CA ILE C 140 -28.69 -18.22 13.39
C ILE C 140 -27.58 -19.00 12.70
N PRO C 141 -26.33 -18.53 12.81
CA PRO C 141 -25.20 -19.21 12.18
C PRO C 141 -24.79 -20.52 12.85
N GLU C 142 -25.75 -21.43 13.01
CA GLU C 142 -25.53 -22.75 13.60
C GLU C 142 -26.51 -23.70 12.94
N ASP C 143 -26.18 -24.99 12.93
CA ASP C 143 -27.06 -25.98 12.30
C ASP C 143 -28.26 -26.34 13.18
N SER C 144 -28.15 -26.05 14.47
CA SER C 144 -29.23 -26.34 15.42
C SER C 144 -29.46 -25.12 16.29
N VAL C 145 -30.65 -25.03 16.87
CA VAL C 145 -30.97 -23.91 17.73
C VAL C 145 -32.26 -24.12 18.48
N GLU C 146 -32.36 -23.48 19.64
CA GLU C 146 -33.57 -23.56 20.44
C GLU C 146 -34.04 -22.13 20.66
N PHE C 147 -35.30 -21.86 20.36
CA PHE C 147 -35.84 -20.53 20.60
C PHE C 147 -37.18 -20.70 21.28
N TYR C 148 -37.70 -19.63 21.86
CA TYR C 148 -38.97 -19.70 22.56
C TYR C 148 -39.98 -18.68 22.06
N VAL C 149 -41.24 -19.08 22.01
CA VAL C 149 -42.30 -18.18 21.62
C VAL C 149 -43.00 -17.94 22.94
N ILE C 150 -43.02 -16.68 23.36
CA ILE C 150 -43.61 -16.32 24.64
C ILE C 150 -44.91 -15.53 24.49
N GLU C 151 -46.03 -16.15 24.85
CA GLU C 151 -47.33 -15.51 24.75
C GLU C 151 -47.46 -14.36 25.74
N GLY C 152 -48.30 -13.40 25.36
CA GLY C 152 -48.53 -12.25 26.22
C GLY C 152 -49.80 -12.40 27.03
N PRO C 153 -50.88 -11.67 26.69
CA PRO C 153 -50.94 -10.71 25.56
C PRO C 153 -50.32 -9.35 25.88
N ARG C 154 -50.09 -9.06 27.15
CA ARG C 154 -49.49 -7.77 27.51
C ARG C 154 -47.98 -7.88 27.42
N ILE C 155 -47.31 -6.77 27.11
CA ILE C 155 -45.85 -6.78 27.01
C ILE C 155 -45.31 -7.23 28.37
N GLU C 156 -45.95 -6.78 29.44
CA GLU C 156 -45.52 -7.15 30.79
C GLU C 156 -45.62 -8.67 31.00
N ASP C 157 -46.61 -9.29 30.37
CA ASP C 157 -46.78 -10.75 30.50
C ASP C 157 -45.60 -11.47 29.83
N VAL C 158 -45.17 -10.94 28.69
CA VAL C 158 -44.05 -11.53 27.97
C VAL C 158 -42.80 -11.44 28.82
N LEU C 159 -42.54 -10.27 29.39
CA LEU C 159 -41.34 -10.08 30.21
C LEU C 159 -41.32 -10.91 31.48
N GLU C 160 -42.49 -11.15 32.08
CA GLU C 160 -42.55 -11.96 33.29
C GLU C 160 -42.14 -13.38 32.93
N LYS C 161 -42.73 -13.90 31.86
CA LYS C 161 -42.41 -15.25 31.43
C LYS C 161 -40.94 -15.33 31.03
N TYR C 162 -40.48 -14.34 30.27
CA TYR C 162 -39.09 -14.31 29.84
C TYR C 162 -38.16 -14.31 31.04
N THR C 163 -38.47 -13.48 32.02
CA THR C 163 -37.66 -13.37 33.24
C THR C 163 -37.73 -14.67 34.03
N GLU C 164 -38.89 -15.31 34.01
CA GLU C 164 -39.06 -16.57 34.71
C GLU C 164 -38.10 -17.57 34.06
N LEU C 165 -38.02 -17.52 32.73
CA LEU C 165 -37.17 -18.42 31.96
C LEU C 165 -35.66 -18.19 32.12
N THR C 166 -35.21 -16.95 31.92
CA THR C 166 -33.78 -16.66 31.99
C THR C 166 -33.23 -16.25 33.34
N GLY C 167 -34.09 -15.86 34.27
CA GLY C 167 -33.62 -15.47 35.59
C GLY C 167 -34.12 -14.12 36.06
N LYS C 168 -34.55 -14.07 37.32
CA LYS C 168 -35.05 -12.82 37.90
C LYS C 168 -33.85 -11.95 38.25
N PRO C 169 -34.00 -10.64 38.16
CA PRO C 169 -32.88 -9.74 38.48
C PRO C 169 -32.57 -9.88 39.98
N PHE C 170 -31.29 -9.80 40.34
CA PHE C 170 -30.93 -9.89 41.74
C PHE C 170 -31.40 -8.59 42.40
N LEU C 171 -31.58 -8.61 43.71
CA LEU C 171 -32.00 -7.40 44.41
C LEU C 171 -30.75 -6.75 44.99
N PRO C 172 -30.35 -5.60 44.45
CA PRO C 172 -29.16 -4.92 44.96
C PRO C 172 -29.49 -4.04 46.16
N PRO C 173 -28.46 -3.54 46.84
CA PRO C 173 -28.69 -2.69 48.02
C PRO C 173 -29.17 -1.32 47.58
N MET C 174 -29.90 -0.63 48.45
CA MET C 174 -30.40 0.68 48.11
C MET C 174 -29.30 1.67 47.72
N TRP C 175 -28.12 1.56 48.33
CA TRP C 175 -27.05 2.49 47.97
C TRP C 175 -26.57 2.36 46.53
N ALA C 176 -26.89 1.24 45.89
CA ALA C 176 -26.48 1.02 44.50
C ALA C 176 -27.20 1.98 43.56
N PHE C 177 -28.29 2.57 44.03
CA PHE C 177 -29.07 3.50 43.22
C PHE C 177 -28.78 4.96 43.58
N GLY C 178 -27.78 5.16 44.45
CA GLY C 178 -27.43 6.52 44.85
C GLY C 178 -26.53 7.20 43.84
N TYR C 179 -26.10 8.42 44.17
CA TYR C 179 -25.23 9.18 43.29
C TYR C 179 -23.79 8.70 43.36
N MET C 180 -23.27 8.21 42.24
CA MET C 180 -21.90 7.68 42.18
C MET C 180 -21.00 8.62 41.39
N ILE C 181 -19.80 8.86 41.89
CA ILE C 181 -18.87 9.69 41.16
C ILE C 181 -17.77 8.76 40.66
N SER C 182 -17.26 9.04 39.48
CA SER C 182 -16.23 8.21 38.89
C SER C 182 -15.44 9.01 37.87
N ARG C 183 -14.32 8.46 37.48
CA ARG C 183 -13.50 9.10 36.47
C ARG C 183 -12.46 8.09 36.05
N TYR C 184 -11.81 8.36 34.93
CA TYR C 184 -10.78 7.49 34.41
C TYR C 184 -9.50 8.31 34.39
N SER C 185 -8.82 8.45 35.54
CA SER C 185 -9.23 7.86 36.82
C SER C 185 -8.96 8.85 37.97
N TYR C 186 -9.39 8.48 39.18
CA TYR C 186 -9.15 9.31 40.37
C TYR C 186 -7.94 8.70 41.09
N TYR C 187 -6.94 9.52 41.41
CA TYR C 187 -5.74 9.07 42.10
C TYR C 187 -4.79 10.24 42.30
N PRO C 188 -3.82 10.14 43.22
CA PRO C 188 -3.55 8.99 44.11
C PRO C 188 -4.61 8.92 45.19
N GLN C 189 -4.50 7.97 46.12
CA GLN C 189 -5.52 7.80 47.14
C GLN C 189 -5.89 9.02 47.98
N ASP C 190 -4.94 9.92 48.25
CA ASP C 190 -5.26 11.11 49.03
C ASP C 190 -6.23 12.01 48.26
N LYS C 191 -6.06 12.07 46.94
CA LYS C 191 -6.93 12.91 46.12
C LYS C 191 -8.36 12.37 46.10
N VAL C 192 -8.49 11.05 46.18
CA VAL C 192 -9.81 10.42 46.19
C VAL C 192 -10.59 10.89 47.40
N VAL C 193 -9.93 10.91 48.55
CA VAL C 193 -10.57 11.33 49.78
C VAL C 193 -10.83 12.83 49.78
N GLU C 194 -9.89 13.60 49.25
CA GLU C 194 -10.05 15.05 49.19
C GLU C 194 -11.29 15.42 48.39
N LEU C 195 -11.47 14.77 47.24
CA LEU C 195 -12.61 15.03 46.38
C LEU C 195 -13.92 14.65 47.08
N VAL C 196 -13.95 13.49 47.72
CA VAL C 196 -15.16 13.07 48.41
C VAL C 196 -15.51 14.09 49.50
N ASP C 197 -14.50 14.58 50.21
CA ASP C 197 -14.73 15.55 51.26
C ASP C 197 -15.35 16.84 50.73
N ILE C 198 -14.79 17.36 49.64
CA ILE C 198 -15.32 18.59 49.05
C ILE C 198 -16.76 18.37 48.59
N MET C 199 -17.03 17.22 47.96
CA MET C 199 -18.38 16.91 47.49
C MET C 199 -19.37 16.94 48.66
N GLN C 200 -19.04 16.24 49.74
CA GLN C 200 -19.92 16.18 50.90
C GLN C 200 -20.05 17.54 51.58
N LYS C 201 -18.94 18.26 51.69
CA LYS C 201 -18.97 19.57 52.33
C LYS C 201 -19.89 20.53 51.58
N GLU C 202 -19.93 20.41 50.25
CA GLU C 202 -20.78 21.29 49.47
C GLU C 202 -22.21 20.78 49.30
N GLY C 203 -22.57 19.77 50.08
CA GLY C 203 -23.92 19.25 50.03
C GLY C 203 -24.27 18.10 49.12
N PHE C 204 -23.30 17.50 48.44
CA PHE C 204 -23.65 16.39 47.57
C PHE C 204 -23.52 15.06 48.30
N ARG C 205 -24.62 14.32 48.32
CA ARG C 205 -24.65 13.04 48.98
C ARG C 205 -24.08 11.99 48.02
N VAL C 206 -22.84 11.57 48.27
CA VAL C 206 -22.16 10.59 47.43
C VAL C 206 -22.29 9.19 48.01
N ALA C 207 -22.85 8.27 47.21
CA ALA C 207 -23.05 6.90 47.66
C ALA C 207 -21.79 6.05 47.50
N GLY C 208 -21.02 6.32 46.46
CA GLY C 208 -19.81 5.56 46.23
C GLY C 208 -18.92 6.18 45.17
N VAL C 209 -17.67 5.76 45.13
CA VAL C 209 -16.73 6.26 44.15
C VAL C 209 -16.17 5.06 43.40
N PHE C 210 -15.96 5.23 42.11
CA PHE C 210 -15.43 4.17 41.28
C PHE C 210 -13.95 4.42 41.02
N LEU C 211 -13.17 3.36 41.13
CA LEU C 211 -11.74 3.44 40.88
C LEU C 211 -11.45 2.74 39.55
N ASP C 212 -11.00 3.52 38.57
CA ASP C 212 -10.69 2.98 37.25
C ASP C 212 -9.28 2.41 37.25
N ILE C 213 -8.86 1.84 36.12
CA ILE C 213 -7.57 1.17 36.00
C ILE C 213 -6.26 1.79 36.51
N HIS C 214 -6.24 3.09 36.77
CA HIS C 214 -5.01 3.72 37.27
C HIS C 214 -4.63 3.25 38.68
N TYR C 215 -5.58 2.63 39.39
CA TYR C 215 -5.30 2.17 40.75
C TYR C 215 -4.45 0.91 40.79
N MET C 216 -4.44 0.15 39.70
CA MET C 216 -3.67 -1.09 39.62
C MET C 216 -2.19 -0.86 39.40
N ASP C 217 -1.41 -1.91 39.64
CA ASP C 217 0.02 -1.86 39.43
C ASP C 217 0.26 -2.36 38.01
N SER C 218 0.57 -1.44 37.10
CA SER C 218 0.80 -1.80 35.70
C SER C 218 -0.42 -2.50 35.10
N TYR C 219 -1.61 -2.09 35.53
CA TYR C 219 -2.85 -2.66 35.03
C TYR C 219 -3.04 -4.13 35.39
N LYS C 220 -2.32 -4.62 36.39
CA LYS C 220 -2.46 -5.99 36.82
C LYS C 220 -3.66 -6.18 37.75
N LEU C 221 -4.59 -7.04 37.36
CA LEU C 221 -5.76 -7.27 38.18
C LEU C 221 -5.39 -7.68 39.60
N PHE C 222 -6.21 -7.22 40.55
CA PHE C 222 -6.02 -7.54 41.95
C PHE C 222 -4.70 -7.08 42.55
N THR C 223 -4.26 -5.89 42.17
CA THR C 223 -3.03 -5.32 42.74
C THR C 223 -3.29 -3.83 42.95
N TRP C 224 -2.47 -3.22 43.79
CA TRP C 224 -2.59 -1.79 44.04
C TRP C 224 -1.32 -1.12 43.58
N HIS C 225 -1.46 0.03 42.92
CA HIS C 225 -0.30 0.76 42.45
C HIS C 225 0.50 1.15 43.70
N PRO C 226 1.78 0.71 43.77
CA PRO C 226 2.67 0.98 44.92
C PRO C 226 2.90 2.45 45.26
N TYR C 227 2.77 3.34 44.27
CA TYR C 227 2.98 4.75 44.52
C TYR C 227 1.69 5.55 44.66
N ARG C 228 0.64 5.18 43.92
CA ARG C 228 -0.63 5.89 44.01
C ARG C 228 -1.52 5.36 45.11
N PHE C 229 -1.40 4.08 45.43
CA PHE C 229 -2.21 3.51 46.48
C PHE C 229 -1.38 2.64 47.42
N PRO C 230 -0.36 3.24 48.04
CA PRO C 230 0.53 2.53 48.96
C PRO C 230 -0.16 2.01 50.22
N GLU C 231 -1.21 2.67 50.66
CA GLU C 231 -1.92 2.23 51.86
C GLU C 231 -3.42 2.07 51.59
N PRO C 232 -3.76 1.08 50.78
CA PRO C 232 -5.17 0.82 50.44
C PRO C 232 -6.11 0.65 51.64
N LYS C 233 -5.61 0.04 52.71
CA LYS C 233 -6.43 -0.18 53.89
C LYS C 233 -6.84 1.16 54.49
N LYS C 234 -5.95 2.15 54.40
CA LYS C 234 -6.25 3.47 54.93
C LYS C 234 -7.33 4.17 54.11
N LEU C 235 -7.30 3.97 52.78
CA LEU C 235 -8.29 4.58 51.88
C LEU C 235 -9.68 4.03 52.13
N ILE C 236 -9.76 2.71 52.27
CA ILE C 236 -11.04 2.06 52.52
C ILE C 236 -11.69 2.55 53.82
N ASP C 237 -10.90 2.67 54.89
CA ASP C 237 -11.45 3.14 56.15
C ASP C 237 -11.89 4.60 56.10
N GLU C 238 -11.12 5.43 55.40
CA GLU C 238 -11.45 6.84 55.27
C GLU C 238 -12.77 7.06 54.56
N LEU C 239 -12.99 6.31 53.48
CA LEU C 239 -14.23 6.42 52.72
C LEU C 239 -15.39 5.81 53.49
N HIS C 240 -15.14 4.70 54.17
CA HIS C 240 -16.20 4.07 54.96
C HIS C 240 -16.61 4.96 56.12
N LYS C 241 -15.65 5.70 56.66
CA LYS C 241 -15.91 6.62 57.77
C LYS C 241 -16.88 7.71 57.28
N ARG C 242 -16.74 8.09 56.02
CA ARG C 242 -17.59 9.10 55.42
C ARG C 242 -18.81 8.43 54.80
N ASN C 243 -18.96 7.14 55.07
CA ASN C 243 -20.09 6.36 54.55
C ASN C 243 -20.22 6.36 53.03
N VAL C 244 -19.10 6.14 52.36
CA VAL C 244 -19.03 6.10 50.91
C VAL C 244 -18.51 4.74 50.48
N LYS C 245 -19.20 4.09 49.56
CA LYS C 245 -18.81 2.78 49.08
C LYS C 245 -17.66 2.90 48.10
N LEU C 246 -16.89 1.82 47.96
CA LEU C 246 -15.77 1.79 47.02
C LEU C 246 -15.99 0.69 46.01
N ILE C 247 -16.05 1.07 44.73
CA ILE C 247 -16.24 0.09 43.66
C ILE C 247 -14.98 0.11 42.81
N THR C 248 -14.41 -1.06 42.57
CA THR C 248 -13.19 -1.15 41.79
C THR C 248 -13.40 -1.86 40.47
N ILE C 249 -12.79 -1.33 39.42
CA ILE C 249 -12.90 -1.92 38.11
C ILE C 249 -12.03 -3.18 38.05
N VAL C 250 -12.51 -4.17 37.32
CA VAL C 250 -11.80 -5.42 37.14
C VAL C 250 -11.96 -5.86 35.69
N ASP C 251 -10.87 -5.86 34.94
CA ASP C 251 -10.93 -6.28 33.54
C ASP C 251 -10.86 -7.80 33.50
N HIS C 252 -10.81 -8.35 32.30
CA HIS C 252 -10.78 -9.81 32.12
C HIS C 252 -9.43 -10.33 31.67
N GLY C 253 -8.48 -9.42 31.45
CA GLY C 253 -7.17 -9.84 30.99
C GLY C 253 -6.15 -10.12 32.08
N ILE C 254 -5.55 -11.30 32.01
CA ILE C 254 -4.54 -11.74 32.96
C ILE C 254 -3.17 -11.57 32.28
N ARG C 255 -2.34 -10.73 32.88
CA ARG C 255 -1.01 -10.47 32.32
C ARG C 255 -0.11 -11.71 32.28
N VAL C 256 0.50 -11.96 31.13
CA VAL C 256 1.41 -13.10 30.98
C VAL C 256 2.72 -12.65 31.64
N ASP C 257 2.75 -12.79 32.96
CA ASP C 257 3.87 -12.38 33.78
C ASP C 257 4.31 -13.56 34.65
N GLN C 258 5.58 -13.93 34.52
CA GLN C 258 6.18 -15.03 35.24
C GLN C 258 6.08 -14.96 36.76
N ASN C 259 5.98 -13.75 37.31
CA ASN C 259 5.90 -13.57 38.74
C ASN C 259 4.60 -12.96 39.20
N TYR C 260 3.57 -13.09 38.36
CA TYR C 260 2.26 -12.56 38.66
C TYR C 260 1.39 -13.73 39.10
N SER C 261 1.03 -13.72 40.37
CA SER C 261 0.24 -14.78 40.99
C SER C 261 -1.00 -15.30 40.23
N PRO C 262 -1.92 -14.41 39.82
CA PRO C 262 -3.12 -14.87 39.10
C PRO C 262 -2.78 -15.67 37.83
N PHE C 263 -1.71 -15.28 37.15
CA PHE C 263 -1.30 -15.99 35.95
C PHE C 263 -0.88 -17.42 36.30
N LEU C 264 -0.09 -17.57 37.36
CA LEU C 264 0.38 -18.87 37.80
C LEU C 264 -0.75 -19.73 38.37
N SER C 265 -1.63 -19.15 39.19
CA SER C 265 -2.71 -19.94 39.77
C SER C 265 -3.84 -20.23 38.78
N GLY C 266 -3.99 -19.38 37.78
CA GLY C 266 -5.05 -19.60 36.81
C GLY C 266 -4.64 -20.56 35.71
N MET C 267 -3.36 -20.91 35.66
CA MET C 267 -2.85 -21.81 34.64
C MET C 267 -3.70 -23.08 34.57
N GLY C 268 -4.12 -23.43 33.37
CA GLY C 268 -4.95 -24.59 33.16
C GLY C 268 -6.39 -24.19 32.93
N LYS C 269 -6.75 -22.98 33.35
CA LYS C 269 -8.12 -22.51 33.18
C LYS C 269 -8.32 -21.35 32.21
N PHE C 270 -7.32 -21.11 31.36
CA PHE C 270 -7.37 -20.03 30.37
C PHE C 270 -7.88 -20.49 29.02
N CYS C 271 -8.33 -19.55 28.19
CA CYS C 271 -8.83 -19.85 26.84
C CYS C 271 -7.70 -20.34 25.94
N GLU C 272 -8.03 -21.22 25.01
CA GLU C 272 -7.05 -21.77 24.09
C GLU C 272 -7.48 -21.48 22.65
N ILE C 273 -6.64 -21.86 21.70
CA ILE C 273 -6.98 -21.70 20.30
C ILE C 273 -7.09 -23.12 19.72
N GLU C 274 -7.71 -23.23 18.56
CA GLU C 274 -7.91 -24.52 17.89
C GLU C 274 -6.74 -25.49 18.02
N SER C 275 -5.54 -25.03 17.70
CA SER C 275 -4.36 -25.89 17.74
C SER C 275 -3.86 -26.33 19.12
N GLY C 276 -4.50 -25.87 20.18
CA GLY C 276 -4.08 -26.31 21.51
C GLY C 276 -3.27 -25.38 22.39
N GLU C 277 -2.63 -24.36 21.84
CA GLU C 277 -1.86 -23.46 22.69
C GLU C 277 -2.82 -22.50 23.39
N LEU C 278 -2.29 -21.72 24.33
CA LEU C 278 -3.11 -20.73 25.02
C LEU C 278 -3.41 -19.61 24.05
N PHE C 279 -4.54 -18.95 24.24
CA PHE C 279 -4.83 -17.81 23.39
C PHE C 279 -4.14 -16.63 24.05
N VAL C 280 -3.07 -16.15 23.42
CA VAL C 280 -2.33 -15.01 23.95
C VAL C 280 -2.69 -13.78 23.15
N GLY C 281 -3.22 -12.77 23.81
CA GLY C 281 -3.59 -11.55 23.11
C GLY C 281 -2.99 -10.28 23.71
N LYS C 282 -3.69 -9.17 23.52
CA LYS C 282 -3.21 -7.89 24.00
C LYS C 282 -4.36 -7.13 24.67
N MET C 283 -4.08 -6.54 25.81
CA MET C 283 -5.07 -5.75 26.56
C MET C 283 -4.29 -4.75 27.41
N TRP C 284 -4.97 -4.04 28.30
CA TRP C 284 -4.31 -3.02 29.14
C TRP C 284 -2.95 -3.43 29.75
N PRO C 285 -2.86 -4.63 30.36
CA PRO C 285 -1.57 -5.02 30.94
C PRO C 285 -0.50 -5.49 29.94
N GLY C 286 -0.83 -5.41 28.65
CA GLY C 286 0.10 -5.84 27.62
C GLY C 286 -0.25 -7.24 27.14
N THR C 287 0.75 -8.11 27.01
CA THR C 287 0.51 -9.48 26.57
C THR C 287 -0.37 -10.11 27.65
N THR C 288 -1.49 -10.70 27.26
CA THR C 288 -2.42 -11.28 28.21
C THR C 288 -3.11 -12.57 27.77
N VAL C 289 -3.64 -13.30 28.73
CA VAL C 289 -4.38 -14.52 28.46
C VAL C 289 -5.73 -14.25 29.09
N TYR C 290 -6.74 -15.05 28.76
CA TYR C 290 -8.05 -14.80 29.32
C TYR C 290 -8.66 -16.03 29.97
N PRO C 291 -9.40 -15.83 31.06
CA PRO C 291 -10.03 -16.95 31.76
C PRO C 291 -11.15 -17.53 30.90
N ASP C 292 -11.25 -18.86 30.83
CA ASP C 292 -12.32 -19.48 30.07
C ASP C 292 -13.50 -19.64 31.03
N PHE C 293 -14.24 -18.55 31.22
CA PHE C 293 -15.37 -18.54 32.15
C PHE C 293 -16.47 -19.56 31.87
N PHE C 294 -16.43 -20.23 30.73
CA PHE C 294 -17.45 -21.22 30.41
C PHE C 294 -17.24 -22.48 31.26
N ARG C 295 -16.04 -22.62 31.82
CA ARG C 295 -15.72 -23.77 32.64
C ARG C 295 -16.06 -23.52 34.11
N GLU C 296 -16.66 -24.53 34.73
CA GLU C 296 -17.04 -24.44 36.12
C GLU C 296 -15.84 -24.15 37.01
N ASP C 297 -14.74 -24.84 36.75
CA ASP C 297 -13.50 -24.67 37.52
C ASP C 297 -12.89 -23.26 37.41
N THR C 298 -12.92 -22.68 36.21
CA THR C 298 -12.38 -21.34 36.04
C THR C 298 -13.25 -20.38 36.86
N ARG C 299 -14.53 -20.71 36.97
CA ARG C 299 -15.46 -19.89 37.74
C ARG C 299 -15.14 -19.94 39.24
N GLU C 300 -14.84 -21.12 39.75
CA GLU C 300 -14.50 -21.26 41.16
C GLU C 300 -13.22 -20.46 41.41
N TRP C 301 -12.26 -20.62 40.52
CA TRP C 301 -10.98 -19.92 40.65
C TRP C 301 -11.19 -18.40 40.70
N TRP C 302 -11.97 -17.89 39.75
CA TRP C 302 -12.26 -16.47 39.69
C TRP C 302 -13.02 -15.99 40.93
N ALA C 303 -14.02 -16.76 41.34
CA ALA C 303 -14.80 -16.41 42.52
C ALA C 303 -13.86 -16.27 43.72
N GLY C 304 -12.85 -17.12 43.78
CA GLY C 304 -11.90 -17.06 44.87
C GLY C 304 -11.13 -15.75 44.88
N LEU C 305 -10.61 -15.34 43.72
CA LEU C 305 -9.86 -14.09 43.64
C LEU C 305 -10.76 -12.91 43.98
N ILE C 306 -12.00 -12.94 43.49
CA ILE C 306 -12.94 -11.87 43.74
C ILE C 306 -13.20 -11.78 45.23
N SER C 307 -13.54 -12.92 45.83
CA SER C 307 -13.83 -13.01 47.26
C SER C 307 -12.67 -12.41 48.07
N GLU C 308 -11.46 -12.84 47.73
CA GLU C 308 -10.27 -12.36 48.41
C GLU C 308 -10.15 -10.84 48.24
N TRP C 309 -10.50 -10.34 47.05
CA TRP C 309 -10.43 -8.92 46.76
C TRP C 309 -11.48 -8.15 47.54
N LEU C 310 -12.67 -8.73 47.68
CA LEU C 310 -13.74 -8.09 48.42
C LEU C 310 -13.47 -8.00 49.91
N SER C 311 -12.69 -8.95 50.41
CA SER C 311 -12.36 -9.00 51.84
C SER C 311 -11.58 -7.81 52.39
N GLN C 312 -10.95 -7.03 51.52
CA GLN C 312 -10.22 -5.87 52.03
C GLN C 312 -11.23 -4.78 52.39
N GLY C 313 -12.47 -4.95 51.94
CA GLY C 313 -13.49 -3.96 52.21
C GLY C 313 -14.05 -3.31 50.95
N VAL C 314 -13.65 -3.81 49.78
CA VAL C 314 -14.16 -3.28 48.52
C VAL C 314 -15.64 -3.65 48.48
N ASP C 315 -16.47 -2.68 48.14
CA ASP C 315 -17.92 -2.86 48.13
C ASP C 315 -18.58 -3.32 46.84
N GLY C 316 -17.93 -3.09 45.71
CA GLY C 316 -18.53 -3.51 44.45
C GLY C 316 -17.52 -3.79 43.36
N ILE C 317 -17.95 -4.54 42.35
CA ILE C 317 -17.09 -4.90 41.23
C ILE C 317 -17.64 -4.33 39.93
N TRP C 318 -16.76 -3.72 39.17
CA TRP C 318 -17.11 -3.11 37.90
C TRP C 318 -16.36 -3.88 36.83
N LEU C 319 -17.08 -4.73 36.11
CA LEU C 319 -16.52 -5.54 35.04
C LEU C 319 -16.48 -4.78 33.70
N ASP C 320 -15.30 -4.57 33.15
CA ASP C 320 -15.17 -3.83 31.90
C ASP C 320 -14.44 -4.61 30.81
N MET C 321 -14.61 -4.19 29.56
CA MET C 321 -13.96 -4.82 28.42
C MET C 321 -14.33 -6.30 28.26
N ASN C 322 -15.39 -6.72 28.93
CA ASN C 322 -15.80 -8.12 28.90
C ASN C 322 -16.71 -8.57 27.75
N GLU C 323 -16.54 -7.98 26.58
CA GLU C 323 -17.36 -8.36 25.42
C GLU C 323 -17.27 -9.83 24.99
N PRO C 324 -16.07 -10.44 25.03
CA PRO C 324 -14.76 -9.97 25.46
C PRO C 324 -13.98 -9.24 24.37
N THR C 325 -13.18 -8.27 24.79
CA THR C 325 -12.38 -7.47 23.86
C THR C 325 -10.91 -7.85 23.88
N ASP C 326 -10.27 -7.73 22.73
CA ASP C 326 -8.84 -8.02 22.57
C ASP C 326 -8.28 -7.07 21.53
N PHE C 327 -7.05 -6.61 21.74
CA PHE C 327 -6.45 -5.65 20.82
C PHE C 327 -5.28 -6.16 20.00
N SER C 328 -5.00 -7.45 20.08
CA SER C 328 -3.86 -7.96 19.32
C SER C 328 -3.98 -7.75 17.81
N ARG C 329 -5.17 -7.93 17.26
CA ARG C 329 -5.37 -7.73 15.81
C ARG C 329 -5.16 -6.26 15.42
N ALA C 330 -5.74 -5.35 16.19
CA ALA C 330 -5.60 -3.93 15.91
C ALA C 330 -4.13 -3.50 15.98
N ILE C 331 -3.44 -3.94 17.03
CA ILE C 331 -2.04 -3.62 17.22
C ILE C 331 -1.15 -4.22 16.13
N GLU C 332 -1.53 -5.41 15.67
CA GLU C 332 -0.80 -6.09 14.61
C GLU C 332 -0.83 -5.23 13.34
N ILE C 333 -2.02 -4.69 13.04
CA ILE C 333 -2.21 -3.84 11.87
C ILE C 333 -1.43 -2.53 12.02
N ARG C 334 -1.49 -1.96 13.21
CA ARG C 334 -0.82 -0.71 13.49
C ARG C 334 0.71 -0.84 13.42
N ASP C 335 1.24 -2.03 13.68
CA ASP C 335 2.69 -2.24 13.61
C ASP C 335 3.18 -2.39 12.18
N VAL C 336 2.41 -3.09 11.37
CA VAL C 336 2.78 -3.33 9.98
C VAL C 336 2.59 -2.13 9.07
N LEU C 337 1.52 -1.36 9.29
CA LEU C 337 1.25 -0.19 8.45
C LEU C 337 1.42 1.15 9.16
N SER C 338 2.14 1.13 10.29
CA SER C 338 2.38 2.32 11.10
C SER C 338 2.88 3.55 10.32
N SER C 339 3.99 3.40 9.60
CA SER C 339 4.55 4.53 8.85
C SER C 339 4.03 4.72 7.43
N LEU C 340 2.73 4.92 7.32
CA LEU C 340 2.06 5.16 6.05
C LEU C 340 1.07 6.26 6.37
N PRO C 341 1.21 7.42 5.73
CA PRO C 341 0.33 8.58 5.95
C PRO C 341 -1.15 8.29 5.62
N VAL C 342 -1.49 7.01 5.67
CA VAL C 342 -2.85 6.56 5.37
C VAL C 342 -3.72 6.45 6.62
N GLN C 343 -5.00 6.75 6.45
CA GLN C 343 -5.96 6.67 7.55
C GLN C 343 -6.65 5.31 7.51
N PHE C 344 -6.73 4.64 8.66
CA PHE C 344 -7.35 3.32 8.72
C PHE C 344 -8.86 3.40 8.89
N ARG C 345 -9.57 2.42 8.34
CA ARG C 345 -11.01 2.40 8.49
C ARG C 345 -11.23 1.88 9.89
N ASP C 346 -12.31 2.33 10.55
CA ASP C 346 -12.57 1.88 11.90
C ASP C 346 -13.53 0.70 11.95
N ASP C 347 -12.99 -0.50 11.75
CA ASP C 347 -13.81 -1.71 11.80
C ASP C 347 -13.72 -2.24 13.23
N ARG C 348 -14.79 -2.02 13.99
CA ARG C 348 -14.87 -2.43 15.38
C ARG C 348 -14.75 -3.94 15.60
N LEU C 349 -15.18 -4.73 14.62
CA LEU C 349 -15.11 -6.17 14.72
C LEU C 349 -13.68 -6.67 14.91
N VAL C 350 -12.70 -5.82 14.61
CA VAL C 350 -11.30 -6.20 14.75
C VAL C 350 -10.92 -6.36 16.23
N THR C 351 -11.71 -5.76 17.12
CA THR C 351 -11.43 -5.85 18.55
C THR C 351 -12.06 -7.06 19.24
N THR C 352 -12.72 -7.93 18.48
CA THR C 352 -13.32 -9.13 19.08
C THR C 352 -12.24 -10.20 19.08
N PHE C 353 -12.49 -11.31 19.78
CA PHE C 353 -11.54 -12.42 19.83
C PHE C 353 -11.38 -12.98 18.43
N PRO C 354 -10.19 -13.52 18.12
CA PRO C 354 -9.94 -14.09 16.79
C PRO C 354 -10.88 -15.28 16.58
N ASP C 355 -10.94 -15.80 15.36
CA ASP C 355 -11.81 -16.93 15.07
C ASP C 355 -11.32 -18.29 15.53
N ASN C 356 -10.02 -18.44 15.74
CA ASN C 356 -9.49 -19.72 16.16
C ASN C 356 -9.53 -19.98 17.67
N VAL C 357 -10.19 -19.10 18.43
CA VAL C 357 -10.28 -19.27 19.88
C VAL C 357 -11.38 -20.25 20.26
N VAL C 358 -11.08 -21.12 21.23
CA VAL C 358 -12.04 -22.14 21.67
C VAL C 358 -12.27 -22.14 23.17
N HIS C 359 -13.42 -22.65 23.58
CA HIS C 359 -13.79 -22.73 24.98
C HIS C 359 -14.32 -24.13 25.28
N TYR C 360 -14.47 -24.44 26.56
CA TYR C 360 -15.02 -25.74 26.95
C TYR C 360 -16.32 -25.45 27.67
N LEU C 361 -17.43 -25.69 26.99
CA LEU C 361 -18.74 -25.46 27.56
C LEU C 361 -19.34 -26.80 27.91
N ARG C 362 -19.69 -26.97 29.18
CA ARG C 362 -20.27 -28.22 29.66
C ARG C 362 -19.48 -29.42 29.13
N GLY C 363 -18.15 -29.31 29.26
CA GLY C 363 -17.27 -30.39 28.83
C GLY C 363 -16.98 -30.50 27.34
N LYS C 364 -17.72 -29.75 26.54
CA LYS C 364 -17.53 -29.80 25.09
C LYS C 364 -16.70 -28.62 24.57
N ARG C 365 -15.84 -28.91 23.60
CA ARG C 365 -14.97 -27.91 22.99
C ARG C 365 -15.76 -27.19 21.89
N VAL C 366 -15.92 -25.87 22.03
CA VAL C 366 -16.68 -25.09 21.06
C VAL C 366 -15.92 -23.84 20.58
N LYS C 367 -16.25 -23.40 19.37
CA LYS C 367 -15.61 -22.21 18.81
C LYS C 367 -16.14 -20.96 19.48
N HIS C 368 -15.26 -19.99 19.67
CA HIS C 368 -15.64 -18.73 20.31
C HIS C 368 -16.82 -18.04 19.60
N GLU C 369 -16.84 -18.11 18.27
CA GLU C 369 -17.90 -17.46 17.51
C GLU C 369 -19.28 -18.06 17.72
N LYS C 370 -19.34 -19.28 18.25
CA LYS C 370 -20.62 -19.92 18.51
C LYS C 370 -21.20 -19.46 19.85
N VAL C 371 -20.33 -19.14 20.81
CA VAL C 371 -20.79 -18.76 22.14
C VAL C 371 -20.32 -17.40 22.66
N ARG C 372 -19.67 -16.62 21.79
CA ARG C 372 -19.13 -15.33 22.17
C ARG C 372 -19.94 -14.46 23.11
N ASN C 373 -21.17 -14.15 22.74
CA ASN C 373 -22.00 -13.26 23.54
C ASN C 373 -22.30 -13.67 24.98
N ALA C 374 -22.16 -14.96 25.27
CA ALA C 374 -22.43 -15.41 26.62
C ALA C 374 -21.20 -15.27 27.55
N TYR C 375 -20.04 -14.91 26.98
CA TYR C 375 -18.82 -14.76 27.77
C TYR C 375 -19.03 -13.83 28.98
N PRO C 376 -19.53 -12.60 28.76
CA PRO C 376 -19.73 -11.71 29.91
C PRO C 376 -20.72 -12.28 30.93
N LEU C 377 -21.69 -13.06 30.46
CA LEU C 377 -22.68 -13.65 31.38
C LEU C 377 -21.99 -14.57 32.38
N TYR C 378 -21.10 -15.43 31.88
CA TYR C 378 -20.39 -16.35 32.74
C TYR C 378 -19.39 -15.66 33.66
N GLU C 379 -18.81 -14.55 33.21
CA GLU C 379 -17.88 -13.81 34.03
C GLU C 379 -18.66 -13.18 35.18
N ALA C 380 -19.83 -12.61 34.87
CA ALA C 380 -20.67 -12.00 35.90
C ALA C 380 -21.12 -13.06 36.89
N MET C 381 -21.44 -14.24 36.38
CA MET C 381 -21.89 -15.36 37.20
C MET C 381 -20.83 -15.71 38.24
N ALA C 382 -19.59 -15.85 37.78
CA ALA C 382 -18.47 -16.18 38.65
C ALA C 382 -18.21 -15.05 39.64
N THR C 383 -18.39 -13.81 39.21
CA THR C 383 -18.17 -12.68 40.09
C THR C 383 -19.25 -12.62 41.16
N PHE C 384 -20.47 -12.97 40.79
CA PHE C 384 -21.59 -12.98 41.72
C PHE C 384 -21.30 -14.06 42.76
N LYS C 385 -20.79 -15.20 42.29
CA LYS C 385 -20.44 -16.32 43.14
C LYS C 385 -19.36 -15.85 44.12
N GLY C 386 -18.54 -14.91 43.68
CA GLY C 386 -17.49 -14.39 44.54
C GLY C 386 -18.07 -13.63 45.73
N PHE C 387 -19.21 -12.98 45.52
CA PHE C 387 -19.85 -12.25 46.60
C PHE C 387 -20.42 -13.24 47.61
N ARG C 388 -20.99 -14.32 47.10
CA ARG C 388 -21.57 -15.36 47.96
C ARG C 388 -20.47 -15.99 48.82
N THR C 389 -19.35 -16.30 48.19
CA THR C 389 -18.20 -16.88 48.88
C THR C 389 -17.75 -16.00 50.03
N SER C 390 -18.02 -14.70 49.93
CA SER C 390 -17.65 -13.75 50.97
C SER C 390 -18.81 -13.49 51.93
N HIS C 391 -19.91 -14.21 51.75
CA HIS C 391 -21.08 -14.02 52.59
C HIS C 391 -21.48 -12.56 52.58
N ARG C 392 -21.38 -11.94 51.40
CA ARG C 392 -21.71 -10.54 51.21
C ARG C 392 -23.14 -10.48 50.70
N ASN C 393 -24.05 -9.93 51.50
CA ASN C 393 -25.45 -9.86 51.10
C ASN C 393 -25.73 -8.68 50.18
N GLU C 394 -25.00 -7.58 50.37
CA GLU C 394 -25.18 -6.40 49.53
C GLU C 394 -24.25 -6.59 48.34
N ILE C 395 -24.84 -6.95 47.21
CA ILE C 395 -24.08 -7.20 46.01
C ILE C 395 -24.19 -6.10 44.98
N PHE C 396 -23.05 -5.69 44.43
CA PHE C 396 -23.05 -4.68 43.38
C PHE C 396 -22.08 -5.05 42.30
N ILE C 397 -22.60 -5.30 41.10
CA ILE C 397 -21.77 -5.64 39.95
C ILE C 397 -22.25 -4.83 38.75
N LEU C 398 -21.31 -4.20 38.07
CA LEU C 398 -21.57 -3.39 36.88
C LEU C 398 -20.85 -4.11 35.73
N SER C 399 -21.54 -4.28 34.61
CA SER C 399 -20.92 -4.94 33.47
C SER C 399 -21.15 -4.10 32.22
N ARG C 400 -20.22 -4.16 31.27
CA ARG C 400 -20.39 -3.42 30.05
C ARG C 400 -21.11 -4.28 29.01
N ALA C 401 -20.69 -5.53 28.89
CA ALA C 401 -21.30 -6.44 27.93
C ALA C 401 -22.32 -7.35 28.62
N GLY C 402 -23.06 -8.11 27.82
CA GLY C 402 -24.04 -9.00 28.39
C GLY C 402 -24.73 -9.88 27.37
N TYR C 403 -25.57 -10.78 27.90
CA TYR C 403 -26.34 -11.71 27.10
C TYR C 403 -27.60 -11.98 27.92
N ALA C 404 -28.58 -12.64 27.32
CA ALA C 404 -29.80 -12.95 28.05
C ALA C 404 -29.43 -13.62 29.38
N GLY C 405 -30.03 -13.16 30.47
CA GLY C 405 -29.74 -13.72 31.77
C GLY C 405 -28.78 -12.87 32.59
N ILE C 406 -28.10 -11.93 31.92
CA ILE C 406 -27.14 -11.06 32.61
C ILE C 406 -27.82 -10.33 33.76
N GLN C 407 -29.14 -10.13 33.67
CA GLN C 407 -29.88 -9.44 34.72
C GLN C 407 -29.82 -10.17 36.07
N ARG C 408 -29.48 -11.46 36.05
CA ARG C 408 -29.37 -12.22 37.31
C ARG C 408 -28.22 -11.70 38.15
N TYR C 409 -27.18 -11.18 37.50
CA TYR C 409 -25.98 -10.76 38.21
C TYR C 409 -25.47 -9.34 38.16
N ALA C 410 -25.96 -8.52 37.24
CA ALA C 410 -25.39 -7.19 37.19
C ALA C 410 -26.17 -6.05 36.58
N PHE C 411 -25.68 -4.85 36.86
CA PHE C 411 -26.21 -3.60 36.33
C PHE C 411 -25.47 -3.48 35.01
N ILE C 412 -26.04 -2.74 34.07
CA ILE C 412 -25.36 -2.52 32.81
C ILE C 412 -25.41 -1.02 32.51
N TRP C 413 -24.28 -0.45 32.12
CA TRP C 413 -24.25 0.95 31.75
C TRP C 413 -23.89 0.97 30.26
N THR C 414 -24.28 2.03 29.57
CA THR C 414 -24.08 2.14 28.13
C THR C 414 -22.71 2.47 27.57
N GLY C 415 -21.65 2.21 28.34
CA GLY C 415 -20.32 2.44 27.82
C GLY C 415 -19.84 3.84 27.51
N ASP C 416 -18.95 3.95 26.54
CA ASP C 416 -18.31 5.21 26.15
C ASP C 416 -19.08 6.22 25.29
N ASN C 417 -20.11 6.83 25.86
CA ASN C 417 -20.89 7.81 25.12
C ASN C 417 -20.16 9.15 24.94
N THR C 418 -20.62 9.93 23.96
CA THR C 418 -20.03 11.23 23.63
C THR C 418 -20.98 12.35 24.05
N PRO C 419 -20.48 13.33 24.81
CA PRO C 419 -21.31 14.45 25.26
C PRO C 419 -21.81 15.28 24.06
N SER C 420 -23.12 15.40 23.94
CA SER C 420 -23.70 16.19 22.87
C SER C 420 -25.21 16.21 23.05
N TRP C 421 -25.87 17.22 22.49
CA TRP C 421 -27.31 17.30 22.62
C TRP C 421 -28.01 16.09 22.01
N ASP C 422 -27.49 15.59 20.89
CA ASP C 422 -28.09 14.43 20.27
C ASP C 422 -27.93 13.18 21.15
N ASP C 423 -26.83 13.11 21.90
CA ASP C 423 -26.61 11.96 22.75
C ASP C 423 -27.69 11.81 23.81
N LEU C 424 -28.33 12.91 24.18
CA LEU C 424 -29.40 12.83 25.18
C LEU C 424 -30.49 11.88 24.70
N LYS C 425 -30.89 12.02 23.44
CA LYS C 425 -31.92 11.15 22.89
C LYS C 425 -31.38 9.73 22.70
N LEU C 426 -30.12 9.62 22.28
CA LEU C 426 -29.52 8.30 22.07
C LEU C 426 -29.49 7.49 23.36
N GLN C 427 -29.00 8.09 24.44
CA GLN C 427 -28.93 7.39 25.72
C GLN C 427 -30.28 6.87 26.18
N LEU C 428 -31.32 7.65 25.90
CA LEU C 428 -32.67 7.26 26.29
C LEU C 428 -33.12 6.01 25.52
N GLN C 429 -32.74 5.92 24.24
CA GLN C 429 -33.10 4.76 23.44
C GLN C 429 -32.32 3.53 23.93
N LEU C 430 -31.07 3.75 24.26
CA LEU C 430 -30.20 2.68 24.73
C LEU C 430 -30.69 2.06 26.03
N VAL C 431 -30.94 2.88 27.04
CA VAL C 431 -31.39 2.35 28.32
C VAL C 431 -32.79 1.76 28.24
N LEU C 432 -33.66 2.36 27.43
CA LEU C 432 -35.02 1.84 27.29
C LEU C 432 -35.03 0.54 26.52
N GLY C 433 -34.14 0.42 25.54
CA GLY C 433 -34.07 -0.81 24.75
C GLY C 433 -33.62 -1.97 25.63
N LEU C 434 -32.66 -1.69 26.50
CA LEU C 434 -32.09 -2.66 27.43
C LEU C 434 -33.17 -3.06 28.43
N SER C 435 -33.86 -2.05 28.95
CA SER C 435 -34.90 -2.22 29.93
C SER C 435 -36.08 -3.07 29.41
N ILE C 436 -36.52 -2.80 28.20
CA ILE C 436 -37.63 -3.55 27.62
C ILE C 436 -37.19 -4.96 27.22
N SER C 437 -35.89 -5.21 27.30
CA SER C 437 -35.32 -6.51 26.94
C SER C 437 -34.92 -7.38 28.13
N GLY C 438 -35.45 -7.08 29.32
CA GLY C 438 -35.12 -7.89 30.49
C GLY C 438 -34.01 -7.42 31.40
N VAL C 439 -33.34 -6.32 31.06
CA VAL C 439 -32.26 -5.83 31.93
C VAL C 439 -32.77 -4.54 32.53
N PRO C 440 -33.30 -4.61 33.77
CA PRO C 440 -33.83 -3.46 34.49
C PRO C 440 -32.87 -2.42 35.07
N PHE C 441 -31.75 -2.86 35.62
CA PHE C 441 -30.83 -1.93 36.25
C PHE C 441 -29.80 -1.41 35.26
N VAL C 442 -30.12 -0.26 34.70
CA VAL C 442 -29.28 0.37 33.69
C VAL C 442 -29.10 1.85 33.91
N GLY C 443 -28.14 2.42 33.18
CA GLY C 443 -27.85 3.83 33.26
C GLY C 443 -26.81 4.20 32.21
N CYS C 444 -26.41 5.45 32.18
CA CYS C 444 -25.40 5.91 31.24
C CYS C 444 -24.47 6.85 31.98
N ASP C 445 -23.32 7.16 31.41
CA ASP C 445 -22.38 8.07 32.06
C ASP C 445 -22.91 9.50 31.98
N ILE C 446 -23.28 10.06 33.13
CA ILE C 446 -23.81 11.41 33.17
C ILE C 446 -22.70 12.37 32.75
N GLY C 447 -22.98 13.17 31.74
CA GLY C 447 -21.99 14.11 31.25
C GLY C 447 -21.20 13.54 30.08
N GLY C 448 -21.40 12.26 29.78
CA GLY C 448 -20.68 11.65 28.68
C GLY C 448 -19.26 11.26 29.03
N PHE C 449 -18.83 10.10 28.54
CA PHE C 449 -17.50 9.61 28.81
C PHE C 449 -16.38 10.32 28.07
N GLN C 450 -16.52 10.44 26.76
CA GLN C 450 -15.48 11.07 25.94
C GLN C 450 -15.00 12.43 26.47
N GLY C 451 -13.68 12.64 26.46
CA GLY C 451 -13.10 13.87 26.95
C GLY C 451 -12.87 14.96 25.93
N ARG C 452 -11.66 15.05 25.38
CA ARG C 452 -11.34 16.06 24.38
C ARG C 452 -10.35 15.53 23.35
N ASN C 453 -10.55 14.29 22.91
CA ASN C 453 -9.66 13.70 21.94
C ASN C 453 -10.15 13.87 20.52
N PHE C 454 -11.27 14.56 20.34
CA PHE C 454 -11.80 14.86 19.01
C PHE C 454 -12.81 16.02 19.09
N ALA C 455 -12.86 16.79 18.01
CA ALA C 455 -13.71 17.97 17.88
C ALA C 455 -15.21 17.90 18.18
N GLU C 456 -15.85 16.81 17.75
CA GLU C 456 -17.29 16.68 17.94
C GLU C 456 -17.75 16.35 19.35
N ILE C 457 -17.14 16.99 20.35
CA ILE C 457 -17.51 16.77 21.74
C ILE C 457 -17.99 18.09 22.33
N ASP C 458 -19.14 18.08 22.99
CA ASP C 458 -19.71 19.28 23.57
C ASP C 458 -19.62 19.26 25.10
N ASN C 459 -18.71 20.05 25.66
CA ASN C 459 -18.56 20.10 27.11
C ASN C 459 -19.21 21.30 27.79
N SER C 460 -20.22 21.88 27.17
CA SER C 460 -20.90 23.01 27.78
C SER C 460 -21.58 22.57 29.08
N MET C 461 -21.65 23.49 30.04
CA MET C 461 -22.25 23.19 31.35
C MET C 461 -23.76 23.02 31.38
N ASP C 462 -24.48 23.70 30.50
CA ASP C 462 -25.93 23.53 30.50
C ASP C 462 -26.29 22.15 29.94
N LEU C 463 -25.43 21.60 29.08
CA LEU C 463 -25.66 20.27 28.52
C LEU C 463 -25.44 19.29 29.68
N LEU C 464 -24.37 19.51 30.43
CA LEU C 464 -24.06 18.66 31.58
C LEU C 464 -25.25 18.61 32.53
N VAL C 465 -25.85 19.77 32.78
CA VAL C 465 -27.00 19.83 33.67
C VAL C 465 -28.14 19.00 33.10
N LYS C 466 -28.30 19.02 31.77
CA LYS C 466 -29.36 18.26 31.13
C LYS C 466 -29.14 16.75 31.27
N TYR C 467 -27.88 16.32 31.37
CA TYR C 467 -27.58 14.90 31.55
C TYR C 467 -28.07 14.47 32.92
N TYR C 468 -27.74 15.27 33.94
CA TYR C 468 -28.16 14.97 35.31
C TYR C 468 -29.66 14.88 35.38
N ALA C 469 -30.33 15.77 34.67
CA ALA C 469 -31.80 15.80 34.65
C ALA C 469 -32.38 14.62 33.83
N LEU C 470 -31.69 14.26 32.75
CA LEU C 470 -32.16 13.17 31.88
C LEU C 470 -32.23 11.83 32.62
N ALA C 471 -31.18 11.55 33.39
CA ALA C 471 -31.08 10.31 34.15
C ALA C 471 -31.67 10.39 35.54
N LEU C 472 -32.45 11.45 35.81
CA LEU C 472 -33.06 11.64 37.12
C LEU C 472 -33.66 10.37 37.71
N PHE C 473 -34.34 9.59 36.88
CA PHE C 473 -34.98 8.36 37.34
C PHE C 473 -34.33 7.06 36.85
N PHE C 474 -33.18 7.14 36.19
CA PHE C 474 -32.52 5.93 35.73
C PHE C 474 -32.09 5.16 36.98
N PRO C 475 -32.10 3.82 36.92
CA PRO C 475 -31.70 3.03 38.08
C PRO C 475 -30.24 3.30 38.49
N PHE C 476 -29.35 3.31 37.51
CA PHE C 476 -27.92 3.55 37.76
C PHE C 476 -27.60 5.01 37.44
N TYR C 477 -27.17 5.76 38.46
CA TYR C 477 -26.88 7.19 38.35
C TYR C 477 -25.41 7.50 38.65
N ARG C 478 -24.59 7.46 37.61
CA ARG C 478 -23.17 7.71 37.77
C ARG C 478 -22.56 8.71 36.81
N SER C 479 -21.66 9.54 37.35
CA SER C 479 -20.95 10.52 36.56
C SER C 479 -19.59 9.91 36.28
N HIS C 480 -19.22 9.78 35.01
CA HIS C 480 -17.93 9.18 34.64
C HIS C 480 -17.37 9.96 33.48
N LYS C 481 -16.05 10.17 33.47
CA LYS C 481 -15.43 10.95 32.42
C LYS C 481 -14.05 10.41 32.08
N ALA C 482 -13.64 10.55 30.82
CA ALA C 482 -12.34 10.09 30.35
C ALA C 482 -11.19 10.92 30.92
N THR C 483 -9.98 10.38 30.83
CA THR C 483 -8.79 11.04 31.37
C THR C 483 -8.55 12.47 30.94
N ASP C 484 -8.69 12.77 29.66
CA ASP C 484 -8.42 14.13 29.17
C ASP C 484 -9.66 15.03 29.10
N GLY C 485 -10.75 14.59 29.75
CA GLY C 485 -11.95 15.40 29.75
C GLY C 485 -11.88 16.39 30.90
N ILE C 486 -12.62 17.50 30.78
CA ILE C 486 -12.64 18.50 31.83
C ILE C 486 -13.19 17.86 33.09
N ASP C 487 -12.90 18.45 34.24
CA ASP C 487 -13.42 17.92 35.51
C ASP C 487 -14.92 18.19 35.51
N THR C 488 -15.73 17.15 35.66
CA THR C 488 -17.18 17.33 35.65
C THR C 488 -17.88 17.19 37.00
N GLU C 489 -17.11 17.07 38.08
CA GLU C 489 -17.72 16.97 39.39
C GLU C 489 -18.44 18.30 39.66
N PRO C 490 -19.65 18.25 40.24
CA PRO C 490 -20.45 19.44 40.55
C PRO C 490 -19.73 20.52 41.33
N VAL C 491 -18.85 20.11 42.24
CA VAL C 491 -18.11 21.08 43.05
C VAL C 491 -17.21 22.00 42.24
N PHE C 492 -16.97 21.67 40.97
CA PHE C 492 -16.11 22.50 40.13
C PHE C 492 -16.92 23.41 39.20
N LEU C 493 -18.24 23.41 39.35
CA LEU C 493 -19.10 24.22 38.51
C LEU C 493 -19.41 25.60 39.13
N PRO C 494 -19.67 26.60 38.28
CA PRO C 494 -19.99 27.93 38.81
C PRO C 494 -21.26 27.75 39.64
N ASP C 495 -21.42 28.53 40.70
CA ASP C 495 -22.58 28.41 41.57
C ASP C 495 -23.91 28.22 40.83
N TYR C 496 -24.11 28.97 39.75
CA TYR C 496 -25.35 28.87 38.98
C TYR C 496 -25.67 27.43 38.58
N TYR C 497 -24.69 26.76 37.96
CA TYR C 497 -24.86 25.38 37.51
C TYR C 497 -24.77 24.38 38.66
N LYS C 498 -23.88 24.65 39.59
CA LYS C 498 -23.70 23.76 40.73
C LYS C 498 -25.00 23.59 41.51
N GLU C 499 -25.74 24.69 41.70
CA GLU C 499 -27.00 24.64 42.43
C GLU C 499 -28.03 23.80 41.69
N LYS C 500 -28.02 23.88 40.36
CA LYS C 500 -28.98 23.10 39.58
C LYS C 500 -28.72 21.61 39.71
N VAL C 501 -27.45 21.21 39.67
CA VAL C 501 -27.11 19.80 39.81
C VAL C 501 -27.46 19.33 41.21
N LYS C 502 -27.20 20.19 42.18
CA LYS C 502 -27.48 19.90 43.57
C LYS C 502 -28.97 19.61 43.79
N GLU C 503 -29.82 20.45 43.21
CA GLU C 503 -31.25 20.27 43.36
C GLU C 503 -31.77 19.02 42.64
N ILE C 504 -31.14 18.68 41.52
CA ILE C 504 -31.54 17.49 40.78
C ILE C 504 -31.20 16.22 41.58
N VAL C 505 -29.98 16.19 42.13
CA VAL C 505 -29.57 15.05 42.92
C VAL C 505 -30.43 14.90 44.17
N GLU C 506 -30.79 16.03 44.79
CA GLU C 506 -31.62 15.97 45.98
C GLU C 506 -33.00 15.44 45.61
N LEU C 507 -33.49 15.82 44.42
CA LEU C 507 -34.79 15.35 43.97
C LEU C 507 -34.74 13.85 43.72
N ARG C 508 -33.60 13.36 43.26
CA ARG C 508 -33.46 11.93 43.02
C ARG C 508 -33.57 11.18 44.35
N TYR C 509 -32.83 11.64 45.35
CA TYR C 509 -32.86 11.00 46.66
C TYR C 509 -34.25 11.07 47.27
N LYS C 510 -35.01 12.10 46.90
CA LYS C 510 -36.36 12.24 47.42
C LYS C 510 -37.27 11.15 46.84
N PHE C 511 -36.96 10.71 45.62
CA PHE C 511 -37.74 9.66 44.97
C PHE C 511 -37.11 8.28 45.10
N LEU C 512 -35.95 8.20 45.73
CA LEU C 512 -35.28 6.92 45.88
C LEU C 512 -36.19 5.79 46.42
N PRO C 513 -36.99 6.08 47.46
CA PRO C 513 -37.87 5.03 48.00
C PRO C 513 -38.78 4.38 46.94
N TYR C 514 -39.29 5.21 46.03
CA TYR C 514 -40.15 4.72 44.96
C TYR C 514 -39.33 3.90 43.99
N ILE C 515 -38.18 4.44 43.60
CA ILE C 515 -37.30 3.75 42.67
C ILE C 515 -36.89 2.39 43.25
N TYR C 516 -36.50 2.36 44.51
CA TYR C 516 -36.09 1.12 45.13
C TYR C 516 -37.24 0.11 45.24
N SER C 517 -38.45 0.60 45.45
CA SER C 517 -39.60 -0.29 45.52
C SER C 517 -39.79 -0.94 44.16
N LEU C 518 -39.55 -0.18 43.09
CA LEU C 518 -39.68 -0.71 41.74
C LEU C 518 -38.57 -1.71 41.48
N ALA C 519 -37.42 -1.51 42.14
CA ALA C 519 -36.31 -2.43 42.00
C ALA C 519 -36.70 -3.76 42.64
N LEU C 520 -37.39 -3.70 43.78
CA LEU C 520 -37.85 -4.91 44.46
C LEU C 520 -38.82 -5.63 43.54
N GLU C 521 -39.71 -4.87 42.92
CA GLU C 521 -40.70 -5.41 42.00
C GLU C 521 -39.99 -6.11 40.84
N ALA C 522 -38.91 -5.50 40.36
CA ALA C 522 -38.14 -6.06 39.26
C ALA C 522 -37.55 -7.41 39.64
N SER C 523 -36.93 -7.47 40.82
CA SER C 523 -36.32 -8.71 41.29
C SER C 523 -37.34 -9.79 41.64
N GLU C 524 -38.59 -9.40 41.87
CA GLU C 524 -39.61 -10.37 42.21
C GLU C 524 -40.47 -10.81 41.03
N LYS C 525 -40.79 -9.88 40.13
CA LYS C 525 -41.63 -10.21 39.00
C LYS C 525 -41.00 -9.98 37.64
N GLY C 526 -39.85 -9.32 37.63
CA GLY C 526 -39.17 -9.07 36.37
C GLY C 526 -39.73 -7.90 35.58
N HIS C 527 -40.37 -6.97 36.28
CA HIS C 527 -40.91 -5.78 35.62
C HIS C 527 -39.80 -4.76 35.58
N PRO C 528 -39.60 -4.11 34.42
CA PRO C 528 -38.52 -3.11 34.37
C PRO C 528 -38.84 -1.86 35.20
N VAL C 529 -37.80 -1.19 35.71
CA VAL C 529 -37.98 0.02 36.49
C VAL C 529 -38.41 1.20 35.60
N ILE C 530 -37.59 1.54 34.60
CA ILE C 530 -37.98 2.62 33.70
C ILE C 530 -38.58 1.93 32.47
N ARG C 531 -39.61 2.56 31.89
CA ARG C 531 -40.28 1.94 30.75
C ARG C 531 -40.68 2.90 29.67
N PRO C 532 -40.68 2.44 28.42
CA PRO C 532 -41.09 3.31 27.32
C PRO C 532 -42.60 3.41 27.47
N LEU C 533 -43.22 4.45 26.92
CA LEU C 533 -44.67 4.63 27.05
C LEU C 533 -45.48 3.46 26.49
N PHE C 534 -45.02 2.86 25.40
CA PHE C 534 -45.79 1.76 24.84
C PHE C 534 -45.88 0.55 25.77
N TYR C 535 -45.06 0.50 26.81
CA TYR C 535 -45.11 -0.62 27.73
C TYR C 535 -46.40 -0.60 28.53
N GLU C 536 -46.82 0.58 28.96
CA GLU C 536 -48.04 0.74 29.73
C GLU C 536 -49.25 0.97 28.83
N PHE C 537 -49.01 1.42 27.61
CA PHE C 537 -50.10 1.70 26.67
C PHE C 537 -49.79 1.08 25.32
N GLN C 538 -49.60 -0.24 25.31
CA GLN C 538 -49.24 -0.97 24.10
C GLN C 538 -50.28 -0.96 22.99
N ASP C 539 -51.51 -0.61 23.32
CA ASP C 539 -52.59 -0.61 22.33
C ASP C 539 -52.70 0.68 21.51
N ASP C 540 -51.89 1.68 21.86
CA ASP C 540 -51.92 2.96 21.15
C ASP C 540 -50.68 3.12 20.28
N ASP C 541 -50.86 3.00 18.97
CA ASP C 541 -49.75 3.10 18.03
C ASP C 541 -48.88 4.34 18.18
N ASP C 542 -49.48 5.46 18.56
CA ASP C 542 -48.75 6.70 18.75
C ASP C 542 -47.57 6.53 19.71
N MET C 543 -47.81 5.73 20.75
CA MET C 543 -46.81 5.48 21.78
C MET C 543 -45.48 4.92 21.30
N TYR C 544 -45.50 4.22 20.17
CA TYR C 544 -44.26 3.63 19.66
C TYR C 544 -43.37 4.64 18.95
N ARG C 545 -43.79 5.90 18.88
CA ARG C 545 -42.99 6.92 18.22
C ARG C 545 -42.50 7.94 19.25
N ILE C 546 -42.94 7.78 20.49
CA ILE C 546 -42.52 8.71 21.54
C ILE C 546 -41.26 8.14 22.19
N GLU C 547 -40.13 8.86 22.03
CA GLU C 547 -38.88 8.37 22.59
C GLU C 547 -38.13 9.32 23.52
N ASP C 548 -38.63 10.54 23.68
CA ASP C 548 -37.99 11.48 24.57
C ASP C 548 -38.79 11.59 25.87
N GLU C 549 -39.55 10.55 26.17
CA GLU C 549 -40.36 10.47 27.38
C GLU C 549 -40.26 9.05 27.87
N TYR C 550 -40.39 8.87 29.19
CA TYR C 550 -40.37 7.52 29.74
C TYR C 550 -41.12 7.44 31.04
N MET C 551 -41.63 6.24 31.33
CA MET C 551 -42.37 5.96 32.55
C MET C 551 -41.43 5.41 33.62
N VAL C 552 -41.64 5.83 34.85
CA VAL C 552 -40.84 5.31 35.96
C VAL C 552 -41.89 4.50 36.70
N GLY C 553 -41.81 3.18 36.56
CA GLY C 553 -42.79 2.33 37.19
C GLY C 553 -44.08 2.47 36.40
N LYS C 554 -45.20 2.24 37.06
CA LYS C 554 -46.49 2.31 36.41
C LYS C 554 -47.17 3.67 36.59
N TYR C 555 -46.69 4.45 37.56
CA TYR C 555 -47.32 5.71 37.90
C TYR C 555 -46.72 7.04 37.47
N LEU C 556 -45.43 7.09 37.20
CA LEU C 556 -44.81 8.36 36.87
C LEU C 556 -44.33 8.55 35.44
N LEU C 557 -44.77 9.64 34.82
CA LEU C 557 -44.35 9.94 33.45
C LEU C 557 -43.37 11.11 33.50
N TYR C 558 -42.20 10.91 32.91
CA TYR C 558 -41.17 11.93 32.91
C TYR C 558 -40.80 12.29 31.49
N ALA C 559 -40.89 13.57 31.16
CA ALA C 559 -40.55 14.06 29.84
C ALA C 559 -39.36 14.99 29.97
N PRO C 560 -38.15 14.44 30.05
CA PRO C 560 -36.96 15.28 30.18
C PRO C 560 -36.76 16.25 29.02
N ILE C 561 -36.22 17.42 29.33
CA ILE C 561 -35.95 18.42 28.33
C ILE C 561 -34.63 18.08 27.68
N VAL C 562 -34.70 17.66 26.42
CA VAL C 562 -33.51 17.25 25.69
C VAL C 562 -33.08 18.23 24.59
N SER C 563 -33.30 19.52 24.84
CA SER C 563 -32.93 20.56 23.90
C SER C 563 -32.59 21.81 24.69
N LYS C 564 -32.18 22.87 23.99
CA LYS C 564 -31.82 24.12 24.66
C LYS C 564 -33.05 24.92 25.07
N GLU C 565 -34.22 24.57 24.52
CA GLU C 565 -35.46 25.27 24.86
C GLU C 565 -35.70 25.32 26.37
N GLU C 566 -36.65 26.16 26.78
CA GLU C 566 -36.97 26.31 28.19
C GLU C 566 -38.18 25.44 28.53
N SER C 567 -38.92 25.07 27.50
CA SER C 567 -40.09 24.21 27.67
C SER C 567 -40.18 23.30 26.46
N ARG C 568 -41.01 22.27 26.54
CA ARG C 568 -41.14 21.33 25.43
C ARG C 568 -42.56 20.83 25.32
N LEU C 569 -42.86 20.15 24.22
CA LEU C 569 -44.17 19.58 24.04
C LEU C 569 -44.12 18.21 24.70
N VAL C 570 -45.14 17.90 25.49
CA VAL C 570 -45.22 16.62 26.18
C VAL C 570 -46.44 15.86 25.70
N THR C 571 -46.23 14.64 25.24
CA THR C 571 -47.33 13.81 24.78
C THR C 571 -47.79 12.97 25.95
N LEU C 572 -49.07 13.10 26.30
CA LEU C 572 -49.64 12.33 27.40
C LEU C 572 -50.50 11.21 26.88
N PRO C 573 -50.34 9.99 27.43
CA PRO C 573 -51.13 8.85 27.00
C PRO C 573 -52.56 8.98 27.50
N ARG C 574 -53.41 8.04 27.13
CA ARG C 574 -54.81 8.02 27.55
C ARG C 574 -54.90 8.06 29.08
N GLY C 575 -55.95 8.69 29.60
CA GLY C 575 -56.12 8.77 31.04
C GLY C 575 -55.85 10.16 31.58
N LYS C 576 -55.99 10.36 32.88
CA LYS C 576 -55.73 11.67 33.47
C LYS C 576 -54.33 11.75 34.05
N TRP C 577 -53.72 12.92 33.96
CA TRP C 577 -52.39 13.13 34.47
C TRP C 577 -52.31 14.37 35.33
N TYR C 578 -51.58 14.23 36.45
CA TYR C 578 -51.40 15.29 37.42
C TYR C 578 -50.01 15.91 37.26
N ASN C 579 -49.96 17.23 37.02
CA ASN C 579 -48.69 17.96 36.85
C ASN C 579 -48.08 18.14 38.24
N TYR C 580 -47.02 17.37 38.50
CA TYR C 580 -46.33 17.39 39.78
C TYR C 580 -46.03 18.77 40.36
N TRP C 581 -45.51 19.66 39.52
CA TRP C 581 -45.12 20.99 39.96
C TRP C 581 -46.19 22.06 40.15
N ASN C 582 -47.24 22.07 39.32
CA ASN C 582 -48.28 23.09 39.51
C ASN C 582 -49.66 22.56 39.82
N GLY C 583 -49.79 21.23 39.91
CA GLY C 583 -51.07 20.64 40.25
C GLY C 583 -52.15 20.51 39.19
N GLU C 584 -51.90 21.01 37.99
CA GLU C 584 -52.91 20.92 36.92
C GLU C 584 -53.13 19.49 36.47
N ILE C 585 -54.39 19.13 36.27
CA ILE C 585 -54.74 17.80 35.80
C ILE C 585 -55.16 17.90 34.32
N ILE C 586 -54.49 17.12 33.48
CA ILE C 586 -54.76 17.13 32.06
C ILE C 586 -55.34 15.80 31.63
N ASN C 587 -56.25 15.84 30.66
CA ASN C 587 -56.85 14.63 30.13
C ASN C 587 -55.94 14.03 29.09
N GLY C 588 -55.73 12.73 29.21
CA GLY C 588 -54.86 12.00 28.32
C GLY C 588 -55.17 12.03 26.84
N LYS C 589 -54.18 11.60 26.07
CA LYS C 589 -54.27 11.56 24.63
C LYS C 589 -54.32 13.00 24.19
N SER C 590 -53.26 13.72 24.50
CA SER C 590 -53.15 15.13 24.14
C SER C 590 -51.70 15.55 24.21
N VAL C 591 -51.41 16.74 23.71
CA VAL C 591 -50.06 17.28 23.74
C VAL C 591 -50.11 18.60 24.49
N VAL C 592 -49.25 18.73 25.50
CA VAL C 592 -49.20 19.95 26.29
C VAL C 592 -47.78 20.48 26.41
N LYS C 593 -47.67 21.74 26.81
CA LYS C 593 -46.37 22.37 26.98
C LYS C 593 -45.93 22.19 28.43
N SER C 594 -44.64 21.90 28.63
CA SER C 594 -44.11 21.72 29.98
C SER C 594 -44.23 23.02 30.77
N THR C 595 -44.17 22.92 32.10
CA THR C 595 -44.32 24.09 32.97
C THR C 595 -43.15 24.28 33.92
N HIS C 596 -42.32 23.25 34.06
CA HIS C 596 -41.15 23.26 34.95
C HIS C 596 -39.96 22.72 34.16
N GLU C 597 -38.75 22.85 34.72
CA GLU C 597 -37.53 22.36 34.05
C GLU C 597 -37.51 20.83 34.05
N LEU C 598 -38.19 20.23 35.01
CA LEU C 598 -38.26 18.77 35.11
C LEU C 598 -39.73 18.36 35.01
N PRO C 599 -40.23 18.13 33.77
CA PRO C 599 -41.61 17.73 33.47
C PRO C 599 -42.04 16.37 34.01
N ILE C 600 -42.64 16.36 35.19
CA ILE C 600 -43.08 15.13 35.84
C ILE C 600 -44.61 15.10 35.98
N TYR C 601 -45.22 13.98 35.62
CA TYR C 601 -46.67 13.84 35.71
C TYR C 601 -47.05 12.53 36.38
N LEU C 602 -48.04 12.60 37.27
CA LEU C 602 -48.49 11.40 37.97
C LEU C 602 -49.79 10.93 37.35
N ARG C 603 -49.86 9.63 37.11
CA ARG C 603 -51.02 8.98 36.51
C ARG C 603 -52.14 8.82 37.54
N GLU C 604 -53.39 8.99 37.12
CA GLU C 604 -54.51 8.83 38.06
C GLU C 604 -54.51 7.37 38.50
N GLY C 605 -54.26 7.15 39.80
CA GLY C 605 -54.16 5.80 40.33
C GLY C 605 -52.69 5.60 40.64
N SER C 606 -52.14 6.46 41.50
CA SER C 606 -50.74 6.40 41.87
C SER C 606 -50.48 6.53 43.36
N ILE C 607 -49.44 5.85 43.82
CA ILE C 607 -49.01 5.91 45.21
C ILE C 607 -47.50 6.00 45.10
N ILE C 608 -46.94 7.11 45.56
CA ILE C 608 -45.51 7.26 45.49
C ILE C 608 -44.85 7.58 46.83
N PRO C 609 -44.00 6.67 47.31
CA PRO C 609 -43.31 6.89 48.59
C PRO C 609 -42.11 7.78 48.29
N LEU C 610 -41.90 8.79 49.13
CA LEU C 610 -40.78 9.70 48.94
C LEU C 610 -39.85 9.67 50.15
N GLU C 611 -38.68 10.28 50.00
CA GLU C 611 -37.70 10.35 51.06
C GLU C 611 -38.29 10.94 52.33
N GLY C 612 -37.86 10.41 53.47
CA GLY C 612 -38.34 10.91 54.75
C GLY C 612 -39.77 10.51 55.07
N ASP C 613 -40.16 9.32 54.65
CA ASP C 613 -41.49 8.81 54.90
C ASP C 613 -42.64 9.63 54.32
N GLU C 614 -42.34 10.49 53.35
CA GLU C 614 -43.38 11.29 52.70
C GLU C 614 -44.18 10.33 51.83
N LEU C 615 -45.38 10.73 51.44
CA LEU C 615 -46.23 9.86 50.62
C LEU C 615 -47.18 10.69 49.75
N ILE C 616 -47.24 10.35 48.47
CA ILE C 616 -48.15 11.04 47.54
C ILE C 616 -49.17 10.03 47.05
N VAL C 617 -50.44 10.39 47.14
CA VAL C 617 -51.49 9.49 46.69
C VAL C 617 -52.43 10.23 45.73
N TYR C 618 -52.71 9.59 44.60
CA TYR C 618 -53.60 10.14 43.59
C TYR C 618 -54.44 9.03 43.01
N GLY C 619 -55.70 8.98 43.41
CA GLY C 619 -56.59 7.95 42.90
C GLY C 619 -56.51 6.64 43.65
N GLU C 620 -57.00 5.58 43.01
CA GLU C 620 -57.02 4.25 43.60
C GLU C 620 -56.04 3.27 42.96
N THR C 621 -55.24 2.62 43.79
CA THR C 621 -54.27 1.64 43.31
C THR C 621 -53.68 0.95 44.51
N SER C 622 -52.82 -0.02 44.27
CA SER C 622 -52.18 -0.77 45.34
C SER C 622 -50.69 -0.75 45.04
N PHE C 623 -49.87 -0.53 46.06
CA PHE C 623 -48.43 -0.45 45.86
C PHE C 623 -47.63 -1.05 47.01
N LYS C 624 -46.60 -1.82 46.66
CA LYS C 624 -45.74 -2.47 47.65
C LYS C 624 -44.43 -1.69 47.80
N ARG C 625 -44.20 -1.14 48.98
CA ARG C 625 -42.97 -0.39 49.22
C ARG C 625 -41.82 -1.37 49.41
N TYR C 626 -40.60 -0.91 49.16
CA TYR C 626 -39.41 -1.76 49.25
C TYR C 626 -39.23 -2.48 50.57
N ASP C 627 -39.74 -1.89 51.66
CA ASP C 627 -39.61 -2.49 52.98
C ASP C 627 -40.76 -3.45 53.25
N ASN C 628 -41.41 -3.90 52.18
CA ASN C 628 -42.52 -4.85 52.26
C ASN C 628 -43.89 -4.27 52.66
N ALA C 629 -43.91 -3.04 53.14
CA ALA C 629 -45.18 -2.41 53.53
C ALA C 629 -46.05 -2.15 52.30
N GLU C 630 -47.26 -2.70 52.29
CA GLU C 630 -48.18 -2.52 51.17
C GLU C 630 -49.17 -1.41 51.48
N ILE C 631 -49.39 -0.54 50.50
CA ILE C 631 -50.30 0.58 50.66
C ILE C 631 -51.41 0.48 49.61
N THR C 632 -52.65 0.69 50.04
CA THR C 632 -53.76 0.60 49.12
C THR C 632 -54.72 1.79 49.27
N SER C 633 -55.12 2.35 48.14
CA SER C 633 -56.04 3.49 48.15
C SER C 633 -57.29 3.11 47.38
N SER C 634 -58.45 3.41 47.98
CA SER C 634 -59.74 3.12 47.37
C SER C 634 -60.65 4.32 47.57
N SER C 635 -61.97 4.10 47.49
CA SER C 635 -62.97 5.15 47.65
C SER C 635 -62.39 6.44 48.23
N ASN C 636 -62.15 6.44 49.54
CA ASN C 636 -61.59 7.58 50.25
C ASN C 636 -60.87 7.03 51.48
N GLU C 637 -60.20 5.90 51.28
CA GLU C 637 -59.47 5.24 52.35
C GLU C 637 -58.11 4.74 51.87
N ILE C 638 -57.10 4.88 52.72
CA ILE C 638 -55.75 4.43 52.41
C ILE C 638 -55.37 3.38 53.44
N LYS C 639 -55.33 2.11 53.04
CA LYS C 639 -55.00 1.02 53.95
C LYS C 639 -53.51 0.70 53.95
N PHE C 640 -53.00 0.22 55.09
CA PHE C 640 -51.60 -0.15 55.23
C PHE C 640 -51.53 -1.58 55.76
N SER C 641 -50.72 -2.41 55.10
CA SER C 641 -50.57 -3.81 55.49
C SER C 641 -49.96 -3.96 56.88
N ARG C 642 -49.35 -2.88 57.38
CA ARG C 642 -48.75 -2.91 58.70
C ARG C 642 -48.41 -1.50 59.18
N GLU C 643 -48.23 -1.35 60.48
CA GLU C 643 -47.92 -0.06 61.07
C GLU C 643 -46.64 0.57 60.52
N ILE C 644 -46.78 1.80 60.00
CA ILE C 644 -45.63 2.53 59.45
C ILE C 644 -45.72 4.02 59.77
N TYR C 645 -44.55 4.66 59.86
CA TYR C 645 -44.49 6.08 60.13
C TYR C 645 -44.78 6.84 58.86
N VAL C 646 -45.50 7.95 58.98
CA VAL C 646 -45.82 8.77 57.84
C VAL C 646 -45.62 10.22 58.22
N SER C 647 -44.73 10.90 57.52
CA SER C 647 -44.46 12.30 57.82
C SER C 647 -45.49 13.19 57.14
N LYS C 648 -45.19 13.62 55.91
CA LYS C 648 -46.07 14.47 55.13
C LYS C 648 -46.85 13.66 54.11
N LEU C 649 -48.16 13.83 54.08
CA LEU C 649 -49.00 13.11 53.12
C LEU C 649 -49.60 14.09 52.11
N THR C 650 -49.44 13.80 50.83
CA THR C 650 -49.98 14.66 49.80
C THR C 650 -51.03 13.93 49.00
N ILE C 651 -52.22 14.51 48.94
CA ILE C 651 -53.32 13.91 48.21
C ILE C 651 -53.72 14.82 47.05
N THR C 652 -53.69 14.28 45.84
CA THR C 652 -54.10 15.09 44.71
C THR C 652 -55.52 14.64 44.44
N SER C 653 -56.43 15.60 44.28
CA SER C 653 -57.82 15.28 44.05
C SER C 653 -58.57 16.45 43.41
N GLU C 654 -59.48 16.14 42.51
CA GLU C 654 -60.28 17.16 41.84
C GLU C 654 -61.38 17.61 42.81
N LYS C 655 -61.78 16.72 43.70
CA LYS C 655 -62.78 17.04 44.69
C LYS C 655 -62.03 17.49 45.95
N PRO C 656 -62.51 18.56 46.61
CA PRO C 656 -61.85 19.07 47.82
C PRO C 656 -61.74 18.07 48.97
N VAL C 657 -60.66 18.20 49.74
CA VAL C 657 -60.41 17.35 50.89
C VAL C 657 -60.25 18.28 52.09
N SER C 658 -61.20 18.23 53.00
CA SER C 658 -61.16 19.10 54.18
C SER C 658 -60.38 18.51 55.35
N LYS C 659 -60.42 17.18 55.48
CA LYS C 659 -59.73 16.54 56.57
C LYS C 659 -59.50 15.05 56.33
N ILE C 660 -58.53 14.51 57.07
CA ILE C 660 -58.20 13.10 57.02
C ILE C 660 -58.31 12.59 58.45
N ILE C 661 -58.60 11.30 58.60
CA ILE C 661 -58.74 10.70 59.92
C ILE C 661 -57.82 9.49 60.05
N VAL C 662 -56.90 9.56 61.00
CA VAL C 662 -55.96 8.48 61.23
C VAL C 662 -56.54 7.40 62.15
N ASP C 663 -56.74 6.20 61.61
CA ASP C 663 -57.24 5.07 62.37
C ASP C 663 -58.56 5.33 63.11
N ASP C 664 -59.44 6.13 62.50
CA ASP C 664 -60.73 6.43 63.13
C ASP C 664 -60.58 7.27 64.40
N SER C 665 -60.00 8.45 64.28
CA SER C 665 -59.81 9.34 65.41
C SER C 665 -58.91 10.52 65.04
N LYS C 666 -57.81 10.69 65.77
CA LYS C 666 -56.88 11.78 65.55
C LYS C 666 -56.91 12.36 64.15
N GLU C 667 -57.61 13.48 64.03
CA GLU C 667 -57.76 14.19 62.76
C GLU C 667 -56.57 15.11 62.52
N ILE C 668 -56.25 15.34 61.25
CA ILE C 668 -55.11 16.18 60.89
C ILE C 668 -55.48 17.41 60.05
N GLN C 669 -54.86 18.54 60.40
CA GLN C 669 -55.07 19.80 59.68
C GLN C 669 -54.68 19.58 58.21
N VAL C 670 -55.67 19.63 57.31
CA VAL C 670 -55.45 19.46 55.88
C VAL C 670 -55.48 20.81 55.16
N GLU C 671 -54.43 21.12 54.40
CA GLU C 671 -54.43 22.39 53.69
C GLU C 671 -54.21 22.26 52.18
N LYS C 672 -54.87 23.12 51.41
CA LYS C 672 -54.74 23.13 49.97
C LYS C 672 -53.51 23.97 49.67
N THR C 673 -52.48 23.35 49.10
CA THR C 673 -51.24 24.06 48.78
C THR C 673 -51.27 24.67 47.39
N MET C 674 -52.06 24.07 46.50
CA MET C 674 -52.21 24.54 45.13
C MET C 674 -53.36 23.74 44.53
N GLN C 675 -53.75 24.08 43.31
CA GLN C 675 -54.86 23.38 42.67
C GLN C 675 -54.76 21.86 42.75
N ASN C 676 -55.85 21.23 43.16
CA ASN C 676 -55.94 19.78 43.26
C ASN C 676 -54.95 19.16 44.26
N THR C 677 -54.24 19.99 45.01
CA THR C 677 -53.23 19.48 45.93
C THR C 677 -53.51 19.76 47.42
N TYR C 678 -53.69 18.69 48.18
CA TYR C 678 -53.97 18.80 49.61
C TYR C 678 -52.89 18.12 50.44
N VAL C 679 -52.36 18.86 51.42
CA VAL C 679 -51.29 18.36 52.27
C VAL C 679 -51.67 18.19 53.73
N ALA C 680 -51.19 17.12 54.34
CA ALA C 680 -51.46 16.84 55.75
C ALA C 680 -50.17 16.45 56.44
N LYS C 681 -49.74 17.25 57.41
CA LYS C 681 -48.53 16.95 58.18
C LYS C 681 -48.93 15.96 59.27
N ILE C 682 -48.77 14.67 59.00
CA ILE C 682 -49.12 13.64 59.96
C ILE C 682 -48.04 13.38 61.02
N ASN C 683 -46.81 13.18 60.56
CA ASN C 683 -45.68 12.93 61.47
C ASN C 683 -46.00 11.99 62.64
N GLN C 684 -46.43 10.78 62.34
CA GLN C 684 -46.74 9.80 63.36
C GLN C 684 -47.01 8.44 62.75
N LYS C 685 -46.86 7.38 63.55
CA LYS C 685 -47.10 6.04 63.06
C LYS C 685 -48.59 5.82 62.81
N ILE C 686 -48.91 4.98 61.85
CA ILE C 686 -50.29 4.69 61.51
C ILE C 686 -50.55 3.19 61.63
N ARG C 687 -51.49 2.85 62.51
CA ARG C 687 -51.84 1.46 62.77
C ARG C 687 -52.29 0.68 61.53
N GLY C 688 -53.19 1.27 60.73
CA GLY C 688 -53.64 0.57 59.56
C GLY C 688 -54.43 1.33 58.50
N LYS C 689 -54.89 2.54 58.81
CA LYS C 689 -55.65 3.27 57.80
C LYS C 689 -55.84 4.77 57.99
N ILE C 690 -56.21 5.43 56.89
CA ILE C 690 -56.46 6.87 56.85
C ILE C 690 -57.69 7.07 55.99
N ASN C 691 -58.61 7.91 56.46
CA ASN C 691 -59.82 8.20 55.70
C ASN C 691 -59.83 9.66 55.27
N LEU C 692 -60.45 9.91 54.11
CA LEU C 692 -60.53 11.27 53.59
C LEU C 692 -61.95 11.79 53.65
N GLU C 693 -62.09 13.09 53.89
CA GLU C 693 -63.40 13.73 53.94
C GLU C 693 -63.39 15.13 53.34
N ILE D 3 4.88 19.96 -45.00
CA ILE D 3 6.11 20.33 -45.75
C ILE D 3 7.12 19.18 -45.74
N LEU D 4 7.76 18.96 -46.87
CA LEU D 4 8.76 17.92 -47.04
C LEU D 4 9.83 18.37 -48.00
N LYS D 5 11.08 18.48 -47.53
CA LYS D 5 12.16 18.88 -48.40
C LYS D 5 13.21 17.78 -48.43
N ILE D 6 13.85 17.58 -49.57
CA ILE D 6 14.90 16.59 -49.69
C ILE D 6 16.12 17.21 -50.37
N TYR D 7 17.25 17.19 -49.68
CA TYR D 7 18.50 17.75 -50.18
C TYR D 7 19.45 16.61 -50.47
N GLU D 8 20.26 16.75 -51.50
CA GLU D 8 21.19 15.70 -51.87
C GLU D 8 22.61 16.24 -51.97
N ASN D 9 23.58 15.32 -52.01
CA ASN D 9 25.01 15.64 -52.14
C ASN D 9 25.89 14.53 -51.57
N LYS D 10 26.80 14.03 -52.41
CA LYS D 10 27.72 12.98 -51.98
C LYS D 10 27.01 11.76 -51.41
N GLY D 11 26.00 11.27 -52.12
CA GLY D 11 25.29 10.10 -51.65
C GLY D 11 24.67 10.24 -50.26
N VAL D 12 24.34 11.46 -49.89
CA VAL D 12 23.70 11.72 -48.61
C VAL D 12 22.48 12.58 -48.88
N TYR D 13 21.30 12.04 -48.58
CA TYR D 13 20.06 12.76 -48.75
C TYR D 13 19.57 13.24 -47.40
N LYS D 14 19.28 14.53 -47.29
CA LYS D 14 18.78 15.08 -46.05
C LYS D 14 17.27 15.26 -46.23
N VAL D 15 16.49 14.51 -45.46
CA VAL D 15 15.04 14.60 -45.54
C VAL D 15 14.54 15.44 -44.38
N VAL D 16 13.81 16.50 -44.70
CA VAL D 16 13.27 17.39 -43.69
C VAL D 16 11.76 17.30 -43.66
N ILE D 17 11.21 16.95 -42.50
CA ILE D 17 9.78 16.84 -42.32
C ILE D 17 9.34 17.99 -41.45
N GLY D 18 8.46 18.83 -41.99
CA GLY D 18 7.98 19.99 -41.23
C GLY D 18 9.08 21.01 -41.06
N GLU D 19 9.15 21.64 -39.88
CA GLU D 19 10.16 22.64 -39.59
C GLU D 19 10.93 22.21 -38.34
N PRO D 20 11.88 21.29 -38.52
CA PRO D 20 12.73 20.74 -37.45
C PRO D 20 13.61 21.72 -36.71
N PHE D 21 13.85 21.42 -35.44
CA PHE D 21 14.73 22.19 -34.58
C PHE D 21 15.63 21.12 -33.98
N PRO D 22 16.67 20.71 -34.73
CA PRO D 22 17.64 19.70 -34.33
C PRO D 22 18.31 19.95 -32.99
N PRO D 23 18.67 18.89 -32.26
CA PRO D 23 19.34 19.04 -30.96
C PRO D 23 20.71 19.69 -31.19
N ILE D 24 21.23 19.48 -32.39
CA ILE D 24 22.49 20.05 -32.80
C ILE D 24 22.44 20.14 -34.31
N GLU D 25 23.04 21.18 -34.87
CA GLU D 25 23.04 21.36 -36.30
C GLU D 25 24.30 20.83 -36.96
N PHE D 26 24.11 19.98 -37.95
CA PHE D 26 25.23 19.39 -38.67
C PHE D 26 25.31 20.05 -40.04
N PRO D 27 26.43 20.72 -40.31
CA PRO D 27 26.68 21.43 -41.57
C PRO D 27 26.62 20.56 -42.82
N LEU D 28 26.10 21.13 -43.90
CA LEU D 28 26.01 20.45 -45.20
C LEU D 28 26.68 21.39 -46.22
N GLU D 29 27.85 20.99 -46.72
CA GLU D 29 28.63 21.81 -47.66
C GLU D 29 28.09 21.96 -49.08
N GLN D 30 26.86 21.52 -49.30
CA GLN D 30 26.21 21.63 -50.59
C GLN D 30 24.74 21.30 -50.44
N LYS D 31 23.91 22.33 -50.32
CA LYS D 31 22.48 22.12 -50.20
C LYS D 31 21.83 22.23 -51.57
N ILE D 32 21.83 21.11 -52.29
CA ILE D 32 21.26 21.00 -53.63
C ILE D 32 19.95 20.21 -53.52
N SER D 33 18.85 20.79 -53.99
CA SER D 33 17.57 20.07 -53.92
C SER D 33 17.61 18.81 -54.75
N SER D 34 17.23 17.70 -54.14
CA SER D 34 17.26 16.39 -54.77
C SER D 34 16.12 16.06 -55.73
N ASN D 35 16.44 15.19 -56.68
CA ASN D 35 15.48 14.73 -57.68
C ASN D 35 14.73 13.51 -57.14
N LYS D 36 15.46 12.64 -56.43
CA LYS D 36 14.85 11.44 -55.84
C LYS D 36 13.71 11.77 -54.87
N SER D 37 12.68 10.94 -54.91
CA SER D 37 11.53 11.13 -54.05
C SER D 37 11.56 10.11 -52.92
N LEU D 38 10.61 10.22 -51.99
CA LEU D 38 10.52 9.29 -50.87
C LEU D 38 10.35 7.87 -51.37
N SER D 39 9.47 7.69 -52.36
CA SER D 39 9.22 6.37 -52.91
C SER D 39 10.46 5.78 -53.59
N GLU D 40 11.29 6.62 -54.21
CA GLU D 40 12.51 6.10 -54.84
C GLU D 40 13.48 5.80 -53.71
N LEU D 41 13.25 6.42 -52.57
CA LEU D 41 14.10 6.21 -51.41
C LEU D 41 13.59 5.01 -50.59
N GLY D 42 12.40 4.52 -50.97
CA GLY D 42 11.80 3.39 -50.29
C GLY D 42 11.28 3.70 -48.90
N LEU D 43 10.86 4.95 -48.68
CA LEU D 43 10.37 5.37 -47.38
C LEU D 43 8.93 5.85 -47.42
N THR D 44 8.26 5.70 -46.29
CA THR D 44 6.88 6.13 -46.12
C THR D 44 6.94 7.00 -44.89
N ILE D 45 6.24 8.13 -44.91
CA ILE D 45 6.26 9.02 -43.77
C ILE D 45 4.87 9.46 -43.38
N VAL D 46 4.64 9.51 -42.06
CA VAL D 46 3.35 9.90 -41.52
C VAL D 46 3.53 10.88 -40.38
N GLN D 47 2.70 11.93 -40.35
CA GLN D 47 2.74 12.92 -39.30
C GLN D 47 1.42 12.87 -38.54
N GLN D 48 1.50 12.64 -37.24
CA GLN D 48 0.31 12.56 -36.41
C GLN D 48 0.38 13.45 -35.18
N GLY D 49 -0.23 12.98 -34.10
CA GLY D 49 -0.24 13.74 -32.86
C GLY D 49 1.16 14.03 -32.36
N ASN D 50 1.78 15.07 -32.91
CA ASN D 50 3.13 15.46 -32.51
C ASN D 50 4.14 14.33 -32.64
N LYS D 51 3.93 13.48 -33.65
CA LYS D 51 4.86 12.38 -33.90
C LYS D 51 5.09 12.19 -35.39
N VAL D 52 6.27 11.67 -35.73
CA VAL D 52 6.62 11.40 -37.11
C VAL D 52 7.00 9.93 -37.19
N ILE D 53 6.34 9.19 -38.07
CA ILE D 53 6.61 7.78 -38.24
C ILE D 53 7.22 7.56 -39.61
N VAL D 54 8.39 6.95 -39.64
CA VAL D 54 9.07 6.67 -40.90
C VAL D 54 9.17 5.17 -41.09
N GLU D 55 8.64 4.66 -42.20
CA GLU D 55 8.64 3.24 -42.49
C GLU D 55 9.51 2.86 -43.67
N LYS D 56 10.07 1.65 -43.60
CA LYS D 56 10.91 1.10 -44.63
C LYS D 56 10.58 -0.39 -44.61
N SER D 57 10.67 -1.04 -45.76
CA SER D 57 10.37 -2.46 -45.80
C SER D 57 11.59 -3.18 -45.27
N LEU D 58 11.41 -4.44 -44.87
CA LEU D 58 12.48 -5.25 -44.34
C LEU D 58 12.36 -6.64 -44.95
N ASP D 59 13.37 -7.04 -45.73
CA ASP D 59 13.35 -8.36 -46.35
C ASP D 59 13.91 -9.43 -45.42
N LEU D 60 13.56 -10.68 -45.69
CA LEU D 60 14.03 -11.79 -44.87
C LEU D 60 15.54 -11.84 -44.70
N LYS D 61 16.26 -11.64 -45.80
CA LYS D 61 17.73 -11.69 -45.77
C LYS D 61 18.40 -10.35 -45.46
N GLU D 62 17.60 -9.31 -45.26
CA GLU D 62 18.15 -8.00 -44.95
C GLU D 62 18.72 -7.91 -43.54
N HIS D 63 19.87 -7.26 -43.39
CA HIS D 63 20.52 -7.10 -42.08
C HIS D 63 20.39 -5.65 -41.60
N ILE D 64 20.19 -5.50 -40.31
CA ILE D 64 20.07 -4.18 -39.69
C ILE D 64 21.12 -4.13 -38.59
N ILE D 65 22.03 -3.16 -38.69
CA ILE D 65 23.09 -3.03 -37.70
C ILE D 65 23.14 -1.61 -37.19
N GLY D 66 23.86 -1.39 -36.09
CA GLY D 66 23.98 -0.07 -35.53
C GLY D 66 23.19 0.15 -34.25
N LEU D 67 22.64 1.36 -34.10
CA LEU D 67 21.87 1.74 -32.92
C LEU D 67 22.76 1.91 -31.69
N GLY D 68 24.06 1.91 -31.92
CA GLY D 68 25.01 2.10 -30.84
C GLY D 68 25.13 1.05 -29.75
N GLU D 69 25.09 1.53 -28.52
CA GLU D 69 25.23 0.68 -27.34
C GLU D 69 23.97 -0.10 -26.98
N LYS D 70 23.85 -1.31 -27.53
CA LYS D 70 22.67 -2.14 -27.26
C LYS D 70 23.08 -3.49 -26.70
N ALA D 71 22.41 -3.93 -25.64
CA ALA D 71 22.72 -5.22 -25.02
C ALA D 71 22.02 -6.33 -25.81
N PHE D 72 22.25 -6.34 -27.12
CA PHE D 72 21.64 -7.32 -28.02
C PHE D 72 22.60 -7.77 -29.12
N GLU D 73 22.17 -8.79 -29.87
CA GLU D 73 22.94 -9.29 -30.98
C GLU D 73 23.19 -8.14 -31.97
N LEU D 74 24.32 -8.19 -32.68
CA LEU D 74 24.67 -7.15 -33.65
C LEU D 74 23.63 -6.96 -34.76
N ASP D 75 22.99 -8.05 -35.21
CA ASP D 75 21.93 -7.92 -36.23
C ASP D 75 20.70 -7.62 -35.37
N ARG D 76 20.20 -6.40 -35.47
CA ARG D 76 19.09 -5.92 -34.64
C ARG D 76 17.65 -6.33 -34.91
N LYS D 77 17.39 -7.16 -35.91
CA LYS D 77 16.01 -7.55 -36.20
C LYS D 77 15.25 -8.22 -35.05
N ARG D 78 13.93 -8.03 -35.08
CA ARG D 78 12.97 -8.59 -34.11
C ARG D 78 13.04 -7.99 -32.72
N LYS D 79 13.13 -6.68 -32.65
CA LYS D 79 13.19 -6.01 -31.36
C LYS D 79 12.75 -4.58 -31.52
N ARG D 80 12.14 -4.02 -30.49
CA ARG D 80 11.70 -2.64 -30.49
C ARG D 80 12.68 -1.88 -29.57
N TYR D 81 13.57 -1.08 -30.16
CA TYR D 81 14.56 -0.34 -29.37
C TYR D 81 14.12 1.06 -28.99
N VAL D 82 14.53 1.49 -27.81
CA VAL D 82 14.22 2.82 -27.31
C VAL D 82 15.53 3.59 -27.19
N MET D 83 15.57 4.81 -27.71
CA MET D 83 16.80 5.60 -27.61
C MET D 83 16.56 6.67 -26.56
N TYR D 84 16.99 6.38 -25.34
CA TYR D 84 16.82 7.32 -24.23
C TYR D 84 17.92 7.07 -23.20
N ASN D 85 18.91 7.95 -23.16
CA ASN D 85 20.02 7.81 -22.21
C ASN D 85 19.48 7.55 -20.82
N VAL D 86 19.96 6.48 -20.19
CA VAL D 86 19.50 6.17 -18.83
C VAL D 86 20.59 5.46 -18.01
N ASP D 87 20.60 5.74 -16.72
CA ASP D 87 21.55 5.08 -15.81
C ASP D 87 21.03 3.64 -15.69
N ALA D 88 21.66 2.71 -16.40
CA ALA D 88 21.22 1.33 -16.42
C ALA D 88 21.48 0.51 -15.15
N GLY D 89 22.25 1.06 -14.21
CA GLY D 89 22.55 0.32 -13.00
C GLY D 89 23.36 -0.93 -13.33
N ALA D 90 23.08 -2.02 -12.62
CA ALA D 90 23.78 -3.28 -12.87
C ALA D 90 23.05 -3.98 -14.01
N TYR D 91 23.24 -3.46 -15.22
CA TYR D 91 22.58 -4.00 -16.39
C TYR D 91 22.93 -5.45 -16.75
N LYS D 92 21.96 -6.13 -17.36
CA LYS D 92 22.10 -7.51 -17.77
C LYS D 92 21.83 -7.55 -19.26
N LYS D 93 22.05 -8.68 -19.91
CA LYS D 93 21.79 -8.71 -21.34
C LYS D 93 20.30 -8.56 -21.62
N TYR D 94 20.01 -8.00 -22.78
CA TYR D 94 18.66 -7.74 -23.24
C TYR D 94 17.97 -6.60 -22.48
N GLN D 95 18.75 -5.84 -21.72
CA GLN D 95 18.18 -4.70 -21.02
C GLN D 95 18.30 -3.51 -21.97
N ASP D 96 17.27 -2.68 -22.02
CA ASP D 96 17.24 -1.53 -22.91
C ASP D 96 16.33 -0.49 -22.27
N PRO D 97 16.67 0.81 -22.39
CA PRO D 97 17.85 1.33 -23.07
C PRO D 97 19.04 1.39 -22.11
N LEU D 98 20.19 1.80 -22.63
CA LEU D 98 21.38 1.93 -21.81
C LEU D 98 21.84 3.39 -21.75
N TYR D 99 23.14 3.61 -21.55
CA TYR D 99 23.68 4.96 -21.41
C TYR D 99 23.80 5.82 -22.65
N VAL D 100 24.10 5.20 -23.79
CA VAL D 100 24.29 5.95 -25.03
C VAL D 100 23.20 5.78 -26.08
N SER D 101 22.90 6.87 -26.79
CA SER D 101 21.89 6.87 -27.84
C SER D 101 22.39 7.41 -29.18
N ILE D 102 22.70 6.50 -30.11
CA ILE D 102 23.15 6.89 -31.45
C ILE D 102 22.02 6.42 -32.39
N PRO D 103 21.10 7.33 -32.79
CA PRO D 103 19.96 7.03 -33.68
C PRO D 103 20.37 6.78 -35.13
N LEU D 104 21.30 5.86 -35.32
CA LEU D 104 21.79 5.51 -36.65
C LEU D 104 21.73 4.02 -36.87
N PHE D 105 21.19 3.59 -38.00
CA PHE D 105 21.19 2.18 -38.31
C PHE D 105 21.53 1.99 -39.76
N ILE D 106 22.25 0.90 -40.06
CA ILE D 106 22.64 0.62 -41.41
C ILE D 106 21.96 -0.63 -41.90
N SER D 107 21.42 -0.55 -43.11
CA SER D 107 20.74 -1.68 -43.71
C SER D 107 21.66 -2.25 -44.77
N VAL D 108 21.77 -3.58 -44.80
CA VAL D 108 22.61 -4.25 -45.79
C VAL D 108 21.68 -5.23 -46.48
N LYS D 109 21.34 -4.89 -47.73
CA LYS D 109 20.44 -5.70 -48.52
C LYS D 109 21.14 -6.04 -49.83
N ASP D 110 21.14 -7.32 -50.18
CA ASP D 110 21.80 -7.77 -51.40
C ASP D 110 23.27 -7.32 -51.39
N GLY D 111 23.87 -7.32 -50.20
CA GLY D 111 25.26 -6.92 -50.07
C GLY D 111 25.53 -5.42 -50.11
N VAL D 112 24.49 -4.62 -50.32
CA VAL D 112 24.65 -3.17 -50.39
C VAL D 112 24.18 -2.50 -49.10
N ALA D 113 25.02 -1.62 -48.57
CA ALA D 113 24.70 -0.93 -47.32
C ALA D 113 24.16 0.48 -47.54
N THR D 114 23.21 0.86 -46.69
CA THR D 114 22.60 2.18 -46.74
C THR D 114 22.37 2.61 -45.29
N GLY D 115 22.69 3.86 -44.97
CA GLY D 115 22.53 4.34 -43.62
C GLY D 115 21.33 5.23 -43.42
N TYR D 116 20.81 5.24 -42.21
CA TYR D 116 19.66 6.05 -41.85
C TYR D 116 19.95 6.67 -40.50
N PHE D 117 20.11 7.99 -40.49
CA PHE D 117 20.40 8.70 -39.27
C PHE D 117 19.31 9.71 -38.97
N PHE D 118 18.62 9.53 -37.84
CA PHE D 118 17.57 10.44 -37.44
C PHE D 118 18.12 11.40 -36.39
N ASN D 119 18.32 12.65 -36.78
CA ASN D 119 18.87 13.64 -35.88
C ASN D 119 17.87 14.21 -34.87
N SER D 120 17.46 13.37 -33.93
CA SER D 120 16.56 13.77 -32.87
C SER D 120 17.11 13.15 -31.57
N ALA D 121 17.18 13.94 -30.51
CA ALA D 121 17.70 13.46 -29.24
C ALA D 121 16.56 13.16 -28.29
N SER D 122 15.35 13.02 -28.84
CA SER D 122 14.18 12.71 -28.03
C SER D 122 14.10 11.18 -27.91
N LYS D 123 13.04 10.68 -27.27
CA LYS D 123 12.88 9.24 -27.09
C LYS D 123 12.44 8.54 -28.39
N VAL D 124 13.38 8.37 -29.30
CA VAL D 124 13.13 7.74 -30.59
C VAL D 124 12.98 6.22 -30.48
N ILE D 125 11.97 5.68 -31.15
CA ILE D 125 11.71 4.25 -31.13
C ILE D 125 12.07 3.60 -32.46
N PHE D 126 12.91 2.56 -32.42
CA PHE D 126 13.26 1.83 -33.62
C PHE D 126 12.65 0.44 -33.54
N ASP D 127 11.50 0.27 -34.18
CA ASP D 127 10.83 -1.03 -34.18
C ASP D 127 11.34 -1.79 -35.41
N VAL D 128 12.33 -2.65 -35.20
CA VAL D 128 12.94 -3.40 -36.28
C VAL D 128 12.32 -4.77 -36.54
N GLY D 129 11.26 -4.80 -37.33
CA GLY D 129 10.59 -6.03 -37.67
C GLY D 129 9.90 -6.72 -36.51
N LEU D 130 9.35 -5.93 -35.60
CA LEU D 130 8.65 -6.47 -34.43
C LEU D 130 7.16 -6.18 -34.54
N GLU D 131 6.81 -4.92 -34.71
CA GLU D 131 5.41 -4.53 -34.86
C GLU D 131 4.93 -5.16 -36.16
N GLU D 132 5.73 -5.00 -37.22
CA GLU D 132 5.42 -5.59 -38.51
C GLU D 132 6.65 -6.35 -38.94
N TYR D 133 6.53 -7.68 -39.00
CA TYR D 133 7.63 -8.56 -39.38
C TYR D 133 8.44 -8.12 -40.61
N ASP D 134 7.77 -7.48 -41.56
CA ASP D 134 8.43 -7.05 -42.79
C ASP D 134 8.66 -5.55 -42.89
N LYS D 135 8.78 -4.89 -41.74
CA LYS D 135 9.00 -3.46 -41.72
C LYS D 135 9.89 -2.96 -40.60
N VAL D 136 10.52 -1.84 -40.85
CA VAL D 136 11.35 -1.15 -39.86
C VAL D 136 10.56 0.13 -39.67
N ILE D 137 10.01 0.31 -38.48
CA ILE D 137 9.23 1.51 -38.21
C ILE D 137 9.96 2.39 -37.19
N VAL D 138 10.20 3.64 -37.55
CA VAL D 138 10.89 4.57 -36.66
C VAL D 138 9.90 5.63 -36.25
N THR D 139 9.74 5.81 -34.94
CA THR D 139 8.82 6.80 -34.42
C THR D 139 9.60 7.88 -33.67
N ILE D 140 9.46 9.13 -34.10
CA ILE D 140 10.12 10.24 -33.44
C ILE D 140 9.04 11.03 -32.72
N PRO D 141 9.12 11.13 -31.40
CA PRO D 141 8.12 11.87 -30.62
C PRO D 141 8.19 13.38 -30.77
N GLU D 142 8.15 13.85 -32.01
CA GLU D 142 8.18 15.28 -32.31
C GLU D 142 7.37 15.49 -33.60
N ASP D 143 6.83 16.69 -33.79
CA ASP D 143 6.03 16.95 -35.00
C ASP D 143 6.89 17.18 -36.24
N SER D 144 8.17 17.48 -36.04
CA SER D 144 9.11 17.71 -37.13
C SER D 144 10.39 16.94 -36.88
N VAL D 145 11.15 16.68 -37.93
CA VAL D 145 12.39 15.96 -37.76
C VAL D 145 13.21 15.96 -39.03
N GLU D 146 14.52 15.87 -38.88
CA GLU D 146 15.42 15.79 -40.02
C GLU D 146 16.23 14.51 -39.90
N PHE D 147 16.23 13.69 -40.95
CA PHE D 147 17.03 12.47 -40.93
C PHE D 147 17.81 12.40 -42.23
N TYR D 148 18.79 11.51 -42.28
CA TYR D 148 19.60 11.40 -43.48
C TYR D 148 19.67 9.98 -44.01
N VAL D 149 19.68 9.85 -45.33
CA VAL D 149 19.81 8.55 -45.94
C VAL D 149 21.22 8.62 -46.50
N ILE D 150 22.08 7.72 -46.03
CA ILE D 150 23.48 7.71 -46.43
C ILE D 150 23.82 6.51 -47.31
N GLU D 151 24.10 6.78 -48.58
CA GLU D 151 24.44 5.73 -49.53
C GLU D 151 25.77 5.10 -49.20
N GLY D 152 25.94 3.84 -49.59
CA GLY D 152 27.17 3.13 -49.34
C GLY D 152 28.06 3.11 -50.57
N PRO D 153 28.17 1.97 -51.27
CA PRO D 153 27.50 0.71 -50.94
C PRO D 153 28.19 -0.10 -49.83
N ARG D 154 29.43 0.24 -49.50
CA ARG D 154 30.14 -0.48 -48.45
C ARG D 154 29.79 0.11 -47.09
N ILE D 155 29.83 -0.72 -46.05
CA ILE D 155 29.51 -0.22 -44.72
C ILE D 155 30.48 0.89 -44.39
N GLU D 156 31.73 0.71 -44.81
CA GLU D 156 32.76 1.70 -44.58
C GLU D 156 32.41 3.01 -45.28
N ASP D 157 31.75 2.91 -46.44
CA ASP D 157 31.35 4.11 -47.17
C ASP D 157 30.30 4.91 -46.40
N VAL D 158 29.38 4.20 -45.75
CA VAL D 158 28.34 4.83 -44.96
C VAL D 158 28.95 5.54 -43.76
N LEU D 159 29.87 4.88 -43.06
CA LEU D 159 30.49 5.47 -41.88
C LEU D 159 31.35 6.69 -42.20
N GLU D 160 32.00 6.69 -43.36
CA GLU D 160 32.84 7.83 -43.74
C GLU D 160 31.92 9.05 -43.92
N LYS D 161 30.84 8.86 -44.67
CA LYS D 161 29.91 9.95 -44.90
C LYS D 161 29.28 10.39 -43.57
N TYR D 162 28.88 9.42 -42.75
CA TYR D 162 28.27 9.72 -41.46
C TYR D 162 29.24 10.52 -40.60
N THR D 163 30.49 10.09 -40.56
CA THR D 163 31.52 10.78 -39.79
C THR D 163 31.78 12.17 -40.36
N GLU D 164 31.71 12.29 -41.69
CA GLU D 164 31.90 13.56 -42.35
C GLU D 164 30.79 14.50 -41.86
N LEU D 165 29.58 13.97 -41.76
CA LEU D 165 28.43 14.72 -41.32
C LEU D 165 28.42 15.13 -39.85
N THR D 166 28.60 14.17 -38.96
CA THR D 166 28.55 14.46 -37.51
C THR D 166 29.86 14.86 -36.84
N GLY D 167 30.99 14.58 -37.48
CA GLY D 167 32.27 14.94 -36.90
C GLY D 167 33.29 13.82 -36.84
N LYS D 168 34.53 14.10 -37.21
CA LYS D 168 35.59 13.12 -37.19
C LYS D 168 36.03 12.94 -35.74
N PRO D 169 36.46 11.74 -35.36
CA PRO D 169 36.91 11.52 -33.99
C PRO D 169 38.18 12.34 -33.74
N PHE D 170 38.34 12.89 -32.55
CA PHE D 170 39.55 13.65 -32.24
C PHE D 170 40.69 12.65 -32.16
N LEU D 171 41.92 13.12 -32.33
CA LEU D 171 43.06 12.23 -32.23
C LEU D 171 43.65 12.36 -30.83
N PRO D 172 43.50 11.30 -30.02
CA PRO D 172 44.04 11.36 -28.66
C PRO D 172 45.51 10.98 -28.61
N PRO D 173 46.17 11.22 -27.48
CA PRO D 173 47.59 10.88 -27.34
C PRO D 173 47.75 9.36 -27.25
N MET D 174 48.93 8.87 -27.63
CA MET D 174 49.16 7.45 -27.59
C MET D 174 49.00 6.85 -26.19
N TRP D 175 49.31 7.61 -25.15
CA TRP D 175 49.17 7.06 -23.80
C TRP D 175 47.72 6.79 -23.40
N ALA D 176 46.78 7.35 -24.13
CA ALA D 176 45.37 7.14 -23.84
C ALA D 176 44.97 5.69 -24.14
N PHE D 177 45.79 4.98 -24.92
CA PHE D 177 45.50 3.61 -25.26
C PHE D 177 46.33 2.63 -24.42
N GLY D 178 47.02 3.16 -23.41
CA GLY D 178 47.83 2.32 -22.56
C GLY D 178 47.01 1.65 -21.47
N TYR D 179 47.69 0.93 -20.59
CA TYR D 179 47.03 0.24 -19.51
C TYR D 179 46.68 1.20 -18.36
N MET D 180 45.40 1.35 -18.08
CA MET D 180 44.94 2.25 -17.03
C MET D 180 44.42 1.47 -15.83
N ILE D 181 44.77 1.91 -14.63
CA ILE D 181 44.26 1.25 -13.43
C ILE D 181 43.32 2.24 -12.79
N SER D 182 42.25 1.72 -12.20
CA SER D 182 41.25 2.58 -11.60
C SER D 182 40.48 1.77 -10.58
N ARG D 183 39.73 2.47 -9.74
CA ARG D 183 38.92 1.83 -8.74
C ARG D 183 38.01 2.89 -8.18
N TYR D 184 36.98 2.46 -7.48
CA TYR D 184 36.02 3.36 -6.87
C TYR D 184 36.11 3.12 -5.37
N SER D 185 37.11 3.71 -4.71
CA SER D 185 38.13 4.57 -5.31
C SER D 185 39.50 4.29 -4.67
N TYR D 186 40.54 4.92 -5.21
CA TYR D 186 41.88 4.79 -4.66
C TYR D 186 42.16 6.02 -3.79
N TYR D 187 42.57 5.80 -2.54
CA TYR D 187 42.86 6.89 -1.61
C TYR D 187 43.31 6.32 -0.28
N PRO D 188 43.96 7.13 0.57
CA PRO D 188 44.33 8.54 0.37
C PRO D 188 45.47 8.64 -0.63
N GLN D 189 45.94 9.85 -0.91
CA GLN D 189 47.00 10.04 -1.90
C GLN D 189 48.26 9.20 -1.77
N ASP D 190 48.69 8.90 -0.55
CA ASP D 190 49.89 8.09 -0.39
C ASP D 190 49.67 6.68 -0.91
N LYS D 191 48.45 6.16 -0.75
CA LYS D 191 48.13 4.82 -1.22
C LYS D 191 48.15 4.75 -2.74
N VAL D 192 47.75 5.84 -3.39
CA VAL D 192 47.73 5.89 -4.83
C VAL D 192 49.15 5.69 -5.36
N VAL D 193 50.10 6.39 -4.76
CA VAL D 193 51.49 6.27 -5.19
C VAL D 193 52.09 4.91 -4.82
N GLU D 194 51.73 4.39 -3.65
CA GLU D 194 52.23 3.09 -3.23
C GLU D 194 51.82 2.02 -4.23
N LEU D 195 50.56 2.06 -4.65
CA LEU D 195 50.04 1.08 -5.60
C LEU D 195 50.74 1.19 -6.94
N VAL D 196 50.90 2.42 -7.44
CA VAL D 196 51.59 2.62 -8.71
C VAL D 196 53.02 2.08 -8.64
N ASP D 197 53.68 2.31 -7.50
CA ASP D 197 55.04 1.81 -7.34
C ASP D 197 55.12 0.29 -7.40
N ILE D 198 54.22 -0.39 -6.69
CA ILE D 198 54.20 -1.85 -6.69
C ILE D 198 53.93 -2.36 -8.11
N MET D 199 52.98 -1.75 -8.80
CA MET D 199 52.65 -2.16 -10.16
C MET D 199 53.89 -2.08 -11.05
N GLN D 200 54.56 -0.93 -11.02
CA GLN D 200 55.75 -0.74 -11.86
C GLN D 200 56.89 -1.67 -11.45
N LYS D 201 57.10 -1.82 -10.14
CA LYS D 201 58.15 -2.69 -9.64
C LYS D 201 57.95 -4.13 -10.13
N GLU D 202 56.70 -4.58 -10.20
CA GLU D 202 56.42 -5.94 -10.64
C GLU D 202 56.30 -6.08 -12.15
N GLY D 203 56.71 -5.05 -12.88
CA GLY D 203 56.69 -5.12 -14.34
C GLY D 203 55.48 -4.65 -15.12
N PHE D 204 54.49 -4.05 -14.47
CA PHE D 204 53.33 -3.59 -15.22
C PHE D 204 53.52 -2.14 -15.62
N ARG D 205 53.41 -1.90 -16.92
CA ARG D 205 53.57 -0.56 -17.44
C ARG D 205 52.22 0.14 -17.34
N VAL D 206 52.11 1.05 -16.36
CA VAL D 206 50.88 1.79 -16.12
C VAL D 206 50.92 3.16 -16.80
N ALA D 207 49.95 3.41 -17.67
CA ALA D 207 49.88 4.68 -18.39
C ALA D 207 49.23 5.79 -17.56
N GLY D 208 48.22 5.43 -16.77
CA GLY D 208 47.55 6.40 -15.94
C GLY D 208 46.67 5.77 -14.88
N VAL D 209 46.29 6.58 -13.90
CA VAL D 209 45.42 6.11 -12.84
C VAL D 209 44.23 7.03 -12.78
N PHE D 210 43.05 6.46 -12.55
CA PHE D 210 41.82 7.21 -12.46
C PHE D 210 41.44 7.43 -11.00
N LEU D 211 41.04 8.65 -10.68
CA LEU D 211 40.63 8.99 -9.34
C LEU D 211 39.12 9.16 -9.34
N ASP D 212 38.42 8.28 -8.63
CA ASP D 212 36.96 8.32 -8.56
C ASP D 212 36.53 9.33 -7.48
N ILE D 213 35.23 9.51 -7.33
CA ILE D 213 34.67 10.49 -6.41
C ILE D 213 35.15 10.63 -4.97
N HIS D 214 35.85 9.64 -4.43
CA HIS D 214 36.35 9.76 -3.05
C HIS D 214 37.43 10.85 -2.90
N TYR D 215 38.01 11.31 -4.01
CA TYR D 215 39.04 12.34 -3.93
C TYR D 215 38.48 13.73 -3.65
N MET D 216 37.20 13.93 -3.93
CA MET D 216 36.57 15.22 -3.72
C MET D 216 36.23 15.48 -2.26
N ASP D 217 35.94 16.74 -1.96
CA ASP D 217 35.55 17.14 -0.62
C ASP D 217 34.02 17.08 -0.60
N SER D 218 33.47 16.06 0.05
CA SER D 218 32.02 15.87 0.12
C SER D 218 31.40 15.79 -1.27
N TYR D 219 32.12 15.18 -2.20
CA TYR D 219 31.64 15.03 -3.57
C TYR D 219 31.48 16.35 -4.34
N LYS D 220 32.09 17.41 -3.86
CA LYS D 220 32.01 18.71 -4.53
C LYS D 220 32.98 18.79 -5.69
N LEU D 221 32.46 19.02 -6.89
CA LEU D 221 33.31 19.12 -8.07
C LEU D 221 34.42 20.14 -7.89
N PHE D 222 35.57 19.85 -8.47
CA PHE D 222 36.72 20.74 -8.41
C PHE D 222 37.24 21.07 -7.03
N THR D 223 37.26 20.08 -6.15
CA THR D 223 37.78 20.26 -4.79
C THR D 223 38.56 18.99 -4.44
N TRP D 224 39.43 19.10 -3.44
CA TRP D 224 40.20 17.96 -3.00
C TRP D 224 39.83 17.67 -1.56
N HIS D 225 39.66 16.40 -1.24
CA HIS D 225 39.31 16.01 0.12
C HIS D 225 40.47 16.47 1.01
N PRO D 226 40.19 17.32 2.00
CA PRO D 226 41.19 17.85 2.93
C PRO D 226 42.00 16.84 3.72
N TYR D 227 41.48 15.63 3.90
CA TYR D 227 42.22 14.65 4.68
C TYR D 227 42.85 13.57 3.82
N ARG D 228 42.19 13.16 2.76
CA ARG D 228 42.72 12.13 1.88
C ARG D 228 43.66 12.72 0.85
N PHE D 229 43.39 13.95 0.43
CA PHE D 229 44.22 14.59 -0.58
C PHE D 229 44.66 16.01 -0.19
N PRO D 230 45.30 16.13 0.99
CA PRO D 230 45.78 17.42 1.51
C PRO D 230 46.88 18.06 0.66
N GLU D 231 47.59 17.25 -0.11
CA GLU D 231 48.68 17.77 -0.93
C GLU D 231 48.63 17.34 -2.38
N PRO D 232 47.62 17.85 -3.11
CA PRO D 232 47.45 17.51 -4.53
C PRO D 232 48.68 17.74 -5.41
N LYS D 233 49.47 18.76 -5.09
CA LYS D 233 50.65 19.04 -5.88
C LYS D 233 51.66 17.91 -5.71
N LYS D 234 51.84 17.45 -4.47
CA LYS D 234 52.76 16.36 -4.18
C LYS D 234 52.33 15.12 -4.95
N LEU D 235 51.04 14.79 -4.87
CA LEU D 235 50.53 13.63 -5.58
C LEU D 235 50.80 13.73 -7.07
N ILE D 236 50.48 14.88 -7.65
CA ILE D 236 50.68 15.06 -9.07
C ILE D 236 52.12 14.94 -9.52
N ASP D 237 53.04 15.52 -8.78
CA ASP D 237 54.44 15.45 -9.19
C ASP D 237 55.00 14.04 -9.10
N GLU D 238 54.56 13.29 -8.09
CA GLU D 238 55.04 11.92 -7.88
C GLU D 238 54.62 10.99 -9.01
N LEU D 239 53.39 11.15 -9.49
CA LEU D 239 52.89 10.32 -10.58
C LEU D 239 53.61 10.70 -11.87
N HIS D 240 53.74 11.99 -12.11
CA HIS D 240 54.42 12.45 -13.33
C HIS D 240 55.88 12.02 -13.30
N LYS D 241 56.44 11.98 -12.09
CA LYS D 241 57.82 11.57 -11.89
C LYS D 241 57.98 10.11 -12.33
N ARG D 242 56.88 9.36 -12.25
CA ARG D 242 56.86 7.95 -12.63
C ARG D 242 56.21 7.77 -14.02
N ASN D 243 56.10 8.87 -14.76
CA ASN D 243 55.52 8.83 -16.09
C ASN D 243 54.12 8.22 -16.13
N VAL D 244 53.31 8.55 -15.12
CA VAL D 244 51.94 8.07 -15.02
C VAL D 244 50.98 9.25 -15.08
N LYS D 245 50.02 9.19 -15.98
CA LYS D 245 49.03 10.26 -16.11
C LYS D 245 47.98 10.17 -15.00
N LEU D 246 47.33 11.30 -14.73
CA LEU D 246 46.29 11.34 -13.70
C LEU D 246 44.99 11.80 -14.34
N ILE D 247 43.96 10.95 -14.26
CA ILE D 247 42.66 11.29 -14.82
C ILE D 247 41.70 11.40 -13.64
N THR D 248 40.95 12.49 -13.58
CA THR D 248 40.02 12.70 -12.49
C THR D 248 38.56 12.70 -12.96
N ILE D 249 37.70 12.05 -12.19
CA ILE D 249 36.30 11.99 -12.53
C ILE D 249 35.66 13.33 -12.22
N VAL D 250 34.69 13.71 -13.05
CA VAL D 250 33.97 14.96 -12.88
C VAL D 250 32.50 14.69 -13.20
N ASP D 251 31.64 14.80 -12.19
CA ASP D 251 30.24 14.58 -12.43
C ASP D 251 29.62 15.87 -12.97
N HIS D 252 28.31 15.88 -13.14
CA HIS D 252 27.62 17.04 -13.68
C HIS D 252 26.79 17.78 -12.63
N GLY D 253 26.80 17.27 -11.40
CA GLY D 253 26.01 17.91 -10.36
C GLY D 253 26.74 18.95 -9.54
N ILE D 254 26.15 20.14 -9.45
CA ILE D 254 26.70 21.25 -8.68
C ILE D 254 25.93 21.34 -7.37
N ARG D 255 26.65 21.19 -6.27
CA ARG D 255 26.03 21.22 -4.96
C ARG D 255 25.41 22.57 -4.60
N VAL D 256 24.16 22.55 -4.15
CA VAL D 256 23.47 23.76 -3.75
C VAL D 256 24.04 24.11 -2.38
N ASP D 257 25.19 24.76 -2.41
CA ASP D 257 25.93 25.16 -1.23
C ASP D 257 26.23 26.66 -1.26
N GLN D 258 25.77 27.37 -0.25
CA GLN D 258 25.95 28.82 -0.12
C GLN D 258 27.38 29.32 -0.19
N ASN D 259 28.32 28.47 0.19
CA ASN D 259 29.72 28.85 0.19
C ASN D 259 30.56 28.06 -0.78
N TYR D 260 29.90 27.46 -1.78
CA TYR D 260 30.58 26.66 -2.78
C TYR D 260 30.69 27.50 -4.04
N SER D 261 31.92 27.87 -4.37
CA SER D 261 32.22 28.73 -5.51
C SER D 261 31.51 28.42 -6.84
N PRO D 262 31.61 27.17 -7.34
CA PRO D 262 30.96 26.84 -8.61
C PRO D 262 29.47 27.14 -8.62
N PHE D 263 28.83 26.95 -7.47
CA PHE D 263 27.40 27.21 -7.37
C PHE D 263 27.12 28.70 -7.56
N LEU D 264 27.91 29.53 -6.89
CA LEU D 264 27.77 30.98 -6.98
C LEU D 264 28.15 31.54 -8.35
N SER D 265 29.25 31.06 -8.93
CA SER D 265 29.67 31.55 -10.24
C SER D 265 28.82 30.99 -11.39
N GLY D 266 28.24 29.80 -11.20
CA GLY D 266 27.44 29.21 -12.26
C GLY D 266 26.03 29.76 -12.27
N MET D 267 25.65 30.48 -11.22
CA MET D 267 24.30 31.04 -11.11
C MET D 267 23.91 31.77 -12.38
N GLY D 268 22.74 31.44 -12.91
CA GLY D 268 22.26 32.05 -14.13
C GLY D 268 22.42 31.09 -15.29
N LYS D 269 23.30 30.09 -15.13
CA LYS D 269 23.54 29.15 -16.22
C LYS D 269 23.09 27.70 -15.94
N PHE D 270 22.25 27.52 -14.92
CA PHE D 270 21.75 26.21 -14.56
C PHE D 270 20.40 25.88 -15.22
N CYS D 271 20.05 24.59 -15.24
CA CYS D 271 18.80 24.13 -15.82
C CYS D 271 17.62 24.58 -14.98
N GLU D 272 16.50 24.86 -15.64
CA GLU D 272 15.29 25.29 -14.94
C GLU D 272 14.14 24.32 -15.23
N ILE D 273 13.00 24.58 -14.61
CA ILE D 273 11.82 23.77 -14.86
C ILE D 273 10.78 24.69 -15.50
N GLU D 274 9.78 24.10 -16.14
CA GLU D 274 8.73 24.85 -16.82
C GLU D 274 8.31 26.15 -16.12
N SER D 275 8.00 26.06 -14.83
CA SER D 275 7.55 27.23 -14.08
C SER D 275 8.57 28.31 -13.78
N GLY D 276 9.81 28.14 -14.22
CA GLY D 276 10.79 29.18 -13.99
C GLY D 276 11.83 29.04 -12.89
N GLU D 277 11.60 28.19 -11.89
CA GLU D 277 12.59 28.03 -10.83
C GLU D 277 13.73 27.16 -11.34
N LEU D 278 14.79 27.07 -10.54
CA LEU D 278 15.91 26.22 -10.90
C LEU D 278 15.47 24.76 -10.74
N PHE D 279 16.08 23.87 -11.49
CA PHE D 279 15.75 22.48 -11.34
C PHE D 279 16.68 21.99 -10.23
N VAL D 280 16.12 21.73 -9.06
CA VAL D 280 16.91 21.25 -7.94
C VAL D 280 16.66 19.76 -7.79
N GLY D 281 17.73 18.98 -7.85
CA GLY D 281 17.60 17.54 -7.73
C GLY D 281 18.50 16.92 -6.68
N LYS D 282 18.84 15.65 -6.88
CA LYS D 282 19.68 14.92 -5.95
C LYS D 282 20.73 14.11 -6.70
N MET D 283 21.96 14.19 -6.22
CA MET D 283 23.09 13.48 -6.83
C MET D 283 24.11 13.26 -5.71
N TRP D 284 25.29 12.75 -6.05
CA TRP D 284 26.33 12.48 -5.05
C TRP D 284 26.52 13.56 -3.97
N PRO D 285 26.65 14.84 -4.36
CA PRO D 285 26.83 15.87 -3.33
C PRO D 285 25.58 16.24 -2.53
N GLY D 286 24.47 15.56 -2.79
CA GLY D 286 23.22 15.85 -2.09
C GLY D 286 22.34 16.71 -2.97
N THR D 287 21.73 17.74 -2.39
CA THR D 287 20.88 18.65 -3.17
C THR D 287 21.78 19.28 -4.22
N THR D 288 21.36 19.23 -5.48
CA THR D 288 22.19 19.76 -6.56
C THR D 288 21.41 20.43 -7.70
N VAL D 289 22.13 21.25 -8.48
CA VAL D 289 21.54 21.90 -9.64
C VAL D 289 22.44 21.44 -10.76
N TYR D 290 21.98 21.59 -12.00
CA TYR D 290 22.79 21.13 -13.13
C TYR D 290 23.03 22.21 -14.17
N PRO D 291 24.22 22.21 -14.78
CA PRO D 291 24.55 23.20 -15.80
C PRO D 291 23.72 22.95 -17.06
N ASP D 292 23.20 24.01 -17.67
CA ASP D 292 22.44 23.85 -18.90
C ASP D 292 23.46 23.93 -20.04
N PHE D 293 24.13 22.82 -20.30
CA PHE D 293 25.16 22.75 -21.34
C PHE D 293 24.71 23.10 -22.75
N PHE D 294 23.40 23.23 -22.97
CA PHE D 294 22.91 23.58 -24.29
C PHE D 294 23.19 25.05 -24.60
N ARG D 295 23.45 25.83 -23.56
CA ARG D 295 23.75 27.25 -23.72
C ARG D 295 25.23 27.51 -23.95
N GLU D 296 25.52 28.40 -24.89
CA GLU D 296 26.90 28.76 -25.20
C GLU D 296 27.60 29.27 -23.93
N ASP D 297 26.98 30.22 -23.23
CA ASP D 297 27.62 30.74 -22.04
C ASP D 297 27.88 29.71 -20.95
N THR D 298 26.96 28.78 -20.74
CA THR D 298 27.17 27.73 -19.72
C THR D 298 28.39 26.91 -20.13
N ARG D 299 28.54 26.71 -21.44
CA ARG D 299 29.67 25.96 -21.98
C ARG D 299 30.96 26.71 -21.72
N GLU D 300 30.95 28.02 -21.87
CA GLU D 300 32.15 28.83 -21.64
C GLU D 300 32.55 28.82 -20.17
N TRP D 301 31.56 28.91 -19.29
CA TRP D 301 31.78 28.89 -17.85
C TRP D 301 32.42 27.55 -17.45
N TRP D 302 31.85 26.46 -17.95
CA TRP D 302 32.35 25.12 -17.66
C TRP D 302 33.77 24.95 -18.17
N ALA D 303 34.02 25.40 -19.41
CA ALA D 303 35.35 25.30 -19.99
C ALA D 303 36.35 25.96 -19.07
N GLY D 304 35.95 27.09 -18.46
CA GLY D 304 36.82 27.80 -17.55
C GLY D 304 37.19 26.99 -16.33
N LEU D 305 36.21 26.36 -15.71
CA LEU D 305 36.46 25.55 -14.52
C LEU D 305 37.36 24.36 -14.89
N ILE D 306 37.08 23.74 -16.03
CA ILE D 306 37.86 22.60 -16.47
C ILE D 306 39.30 23.03 -16.70
N SER D 307 39.47 24.12 -17.44
CA SER D 307 40.79 24.64 -17.74
C SER D 307 41.58 24.88 -16.46
N GLU D 308 40.93 25.53 -15.51
CA GLU D 308 41.55 25.84 -14.22
C GLU D 308 41.92 24.53 -13.51
N TRP D 309 41.08 23.52 -13.64
CA TRP D 309 41.30 22.22 -13.01
C TRP D 309 42.48 21.49 -13.67
N LEU D 310 42.57 21.59 -14.99
CA LEU D 310 43.65 20.97 -15.73
C LEU D 310 45.01 21.60 -15.43
N SER D 311 45.00 22.89 -15.10
CA SER D 311 46.23 23.60 -14.83
C SER D 311 47.06 23.10 -13.64
N GLN D 312 46.45 22.32 -12.74
CA GLN D 312 47.23 21.81 -11.61
C GLN D 312 48.12 20.68 -12.11
N GLY D 313 47.83 20.19 -13.31
CA GLY D 313 48.60 19.08 -13.85
C GLY D 313 47.76 17.84 -14.13
N VAL D 314 46.45 17.94 -13.94
CA VAL D 314 45.56 16.82 -14.21
C VAL D 314 45.63 16.58 -15.72
N ASP D 315 45.80 15.32 -16.11
CA ASP D 315 45.94 14.96 -17.52
C ASP D 315 44.69 14.59 -18.31
N GLY D 316 43.62 14.21 -17.61
CA GLY D 316 42.42 13.83 -18.32
C GLY D 316 41.15 13.99 -17.51
N ILE D 317 40.03 14.06 -18.21
CA ILE D 317 38.74 14.23 -17.56
C ILE D 317 37.83 13.03 -17.83
N TRP D 318 37.22 12.53 -16.77
CA TRP D 318 36.33 11.39 -16.85
C TRP D 318 34.94 11.88 -16.48
N LEU D 319 34.09 12.04 -17.49
CA LEU D 319 32.72 12.52 -17.27
C LEU D 319 31.77 11.36 -16.94
N ASP D 320 31.16 11.40 -15.78
CA ASP D 320 30.27 10.33 -15.36
C ASP D 320 28.86 10.81 -15.00
N MET D 321 27.90 9.90 -15.00
CA MET D 321 26.51 10.21 -14.64
C MET D 321 25.89 11.25 -15.57
N ASN D 322 26.52 11.48 -16.71
CA ASN D 322 26.05 12.52 -17.63
C ASN D 322 24.98 12.12 -18.64
N GLU D 323 24.07 11.23 -18.25
CA GLU D 323 23.01 10.78 -19.15
C GLU D 323 22.04 11.87 -19.65
N PRO D 324 21.67 12.85 -18.78
CA PRO D 324 22.05 13.10 -17.39
C PRO D 324 21.18 12.33 -16.39
N THR D 325 21.79 11.95 -15.28
CA THR D 325 21.11 11.22 -14.23
C THR D 325 20.75 12.09 -13.03
N ASP D 326 19.64 11.76 -12.39
CA ASP D 326 19.18 12.45 -11.20
C ASP D 326 18.47 11.44 -10.29
N PHE D 327 18.68 11.55 -8.98
CA PHE D 327 18.08 10.60 -8.04
C PHE D 327 16.96 11.14 -7.16
N SER D 328 16.51 12.36 -7.41
CA SER D 328 15.45 12.92 -6.57
C SER D 328 14.16 12.09 -6.61
N ARG D 329 13.78 11.57 -7.78
CA ARG D 329 12.55 10.77 -7.86
C ARG D 329 12.69 9.45 -7.09
N ALA D 330 13.81 8.77 -7.28
CA ALA D 330 14.05 7.52 -6.58
C ALA D 330 14.04 7.72 -5.08
N ILE D 331 14.73 8.76 -4.62
CA ILE D 331 14.82 9.07 -3.19
C ILE D 331 13.47 9.46 -2.63
N GLU D 332 12.67 10.15 -3.42
CA GLU D 332 11.33 10.56 -3.01
C GLU D 332 10.48 9.31 -2.72
N ILE D 333 10.59 8.31 -3.59
CA ILE D 333 9.86 7.06 -3.44
C ILE D 333 10.35 6.30 -2.22
N ARG D 334 11.67 6.26 -2.06
CA ARG D 334 12.27 5.56 -0.93
C ARG D 334 11.91 6.21 0.42
N ASP D 335 11.64 7.51 0.45
CA ASP D 335 11.29 8.17 1.69
C ASP D 335 9.84 7.91 2.09
N VAL D 336 8.94 7.91 1.10
CA VAL D 336 7.53 7.70 1.36
C VAL D 336 7.17 6.24 1.64
N LEU D 337 7.83 5.30 0.97
CA LEU D 337 7.53 3.88 1.16
C LEU D 337 8.63 3.08 1.85
N SER D 338 9.57 3.76 2.49
CA SER D 338 10.69 3.09 3.17
C SER D 338 10.24 2.06 4.21
N SER D 339 9.24 2.44 5.00
CA SER D 339 8.70 1.59 6.06
C SER D 339 8.14 0.27 5.53
N LEU D 340 7.23 0.38 4.57
CA LEU D 340 6.57 -0.76 3.94
C LEU D 340 7.56 -1.89 3.64
N PRO D 341 7.24 -3.12 4.06
CA PRO D 341 8.10 -4.31 3.85
C PRO D 341 7.99 -4.93 2.46
N VAL D 342 7.67 -4.12 1.46
CA VAL D 342 7.51 -4.58 0.09
C VAL D 342 8.71 -4.29 -0.81
N GLN D 343 8.89 -5.14 -1.82
CA GLN D 343 10.00 -4.99 -2.77
C GLN D 343 9.59 -4.12 -3.95
N PHE D 344 10.40 -3.09 -4.22
CA PHE D 344 10.13 -2.17 -5.32
C PHE D 344 10.59 -2.75 -6.65
N ARG D 345 10.01 -2.25 -7.74
CA ARG D 345 10.39 -2.71 -9.07
C ARG D 345 11.54 -1.80 -9.48
N ASP D 346 12.46 -2.31 -10.29
CA ASP D 346 13.59 -1.48 -10.71
C ASP D 346 13.35 -0.81 -12.05
N ASP D 347 12.64 0.32 -12.03
CA ASP D 347 12.39 1.06 -13.25
C ASP D 347 13.49 2.11 -13.38
N ARG D 348 14.43 1.84 -14.28
CA ARG D 348 15.57 2.71 -14.52
C ARG D 348 15.19 4.10 -15.01
N LEU D 349 14.08 4.22 -15.71
CA LEU D 349 13.62 5.50 -16.22
C LEU D 349 13.40 6.50 -15.10
N VAL D 350 13.29 6.02 -13.86
CA VAL D 350 13.06 6.91 -12.72
C VAL D 350 14.31 7.77 -12.43
N THR D 351 15.46 7.35 -12.94
CA THR D 351 16.70 8.09 -12.71
C THR D 351 16.98 9.17 -13.76
N THR D 352 16.08 9.34 -14.72
CA THR D 352 16.28 10.38 -15.73
C THR D 352 15.72 11.69 -15.16
N PHE D 353 15.99 12.80 -15.84
CA PHE D 353 15.48 14.10 -15.39
C PHE D 353 13.97 14.08 -15.47
N PRO D 354 13.30 14.82 -14.59
CA PRO D 354 11.83 14.88 -14.58
C PRO D 354 11.34 15.48 -15.91
N ASP D 355 10.04 15.40 -16.16
CA ASP D 355 9.50 15.92 -17.41
C ASP D 355 9.35 17.44 -17.49
N ASN D 356 9.30 18.11 -16.36
CA ASN D 356 9.14 19.55 -16.37
C ASN D 356 10.43 20.35 -16.50
N VAL D 357 11.55 19.68 -16.79
CA VAL D 357 12.84 20.36 -16.93
C VAL D 357 13.00 20.95 -18.33
N VAL D 358 13.51 22.19 -18.40
CA VAL D 358 13.69 22.85 -19.68
C VAL D 358 15.12 23.36 -19.90
N HIS D 359 15.48 23.54 -21.16
CA HIS D 359 16.81 24.02 -21.52
C HIS D 359 16.65 25.15 -22.56
N TYR D 360 17.74 25.87 -22.82
CA TYR D 360 17.72 26.90 -23.83
C TYR D 360 18.67 26.49 -24.92
N LEU D 361 18.12 26.02 -26.02
CA LEU D 361 18.94 25.57 -27.14
C LEU D 361 18.87 26.63 -28.23
N ARG D 362 20.03 27.15 -28.61
CA ARG D 362 20.11 28.19 -29.64
C ARG D 362 19.06 29.27 -29.38
N GLY D 363 19.02 29.73 -28.14
CA GLY D 363 18.08 30.77 -27.75
C GLY D 363 16.64 30.36 -27.53
N LYS D 364 16.28 29.14 -27.91
CA LYS D 364 14.91 28.68 -27.75
C LYS D 364 14.72 27.78 -26.52
N ARG D 365 13.60 27.97 -25.85
CA ARG D 365 13.27 27.19 -24.67
C ARG D 365 12.65 25.86 -25.09
N VAL D 366 13.29 24.75 -24.74
CA VAL D 366 12.80 23.42 -25.11
C VAL D 366 12.69 22.47 -23.92
N LYS D 367 11.80 21.48 -24.04
CA LYS D 367 11.61 20.48 -23.00
C LYS D 367 12.77 19.51 -22.99
N HIS D 368 13.15 19.08 -21.79
CA HIS D 368 14.26 18.14 -21.64
C HIS D 368 14.04 16.85 -22.45
N GLU D 369 12.81 16.37 -22.50
CA GLU D 369 12.50 15.14 -23.22
C GLU D 369 12.70 15.24 -24.72
N LYS D 370 12.76 16.46 -25.26
CA LYS D 370 12.96 16.64 -26.68
C LYS D 370 14.44 16.58 -27.06
N VAL D 371 15.30 16.97 -26.13
CA VAL D 371 16.74 17.01 -26.39
C VAL D 371 17.63 16.24 -25.42
N ARG D 372 17.02 15.50 -24.50
CA ARG D 372 17.76 14.75 -23.51
C ARG D 372 19.07 14.08 -23.92
N ASN D 373 19.02 13.23 -24.93
CA ASN D 373 20.23 12.50 -25.33
C ASN D 373 21.43 13.31 -25.78
N ALA D 374 21.22 14.57 -26.14
CA ALA D 374 22.35 15.40 -26.58
C ALA D 374 23.04 16.08 -25.41
N TYR D 375 22.48 15.96 -24.21
CA TYR D 375 23.07 16.59 -23.01
C TYR D 375 24.54 16.22 -22.85
N PRO D 376 24.87 14.91 -22.81
CA PRO D 376 26.28 14.54 -22.65
C PRO D 376 27.16 15.06 -23.79
N LEU D 377 26.58 15.19 -24.98
CA LEU D 377 27.35 15.69 -26.12
C LEU D 377 27.83 17.11 -25.86
N TYR D 378 26.93 17.95 -25.36
CA TYR D 378 27.27 19.33 -25.09
C TYR D 378 28.21 19.49 -23.89
N GLU D 379 28.11 18.58 -22.93
CA GLU D 379 29.00 18.62 -21.78
C GLU D 379 30.40 18.25 -22.27
N ALA D 380 30.50 17.24 -23.11
CA ALA D 380 31.80 16.82 -23.63
C ALA D 380 32.41 17.94 -24.47
N MET D 381 31.56 18.62 -25.23
CA MET D 381 31.98 19.72 -26.08
C MET D 381 32.63 20.82 -25.24
N ALA D 382 31.96 21.19 -24.15
CA ALA D 382 32.47 22.22 -23.26
C ALA D 382 33.77 21.77 -22.58
N THR D 383 33.85 20.48 -22.28
CA THR D 383 35.02 19.95 -21.61
C THR D 383 36.19 19.93 -22.58
N PHE D 384 35.91 19.66 -23.84
CA PHE D 384 36.94 19.62 -24.87
C PHE D 384 37.45 21.06 -25.02
N LYS D 385 36.51 22.00 -25.00
CA LYS D 385 36.83 23.41 -25.11
C LYS D 385 37.74 23.80 -23.94
N GLY D 386 37.56 23.12 -22.81
CA GLY D 386 38.38 23.39 -21.63
C GLY D 386 39.82 23.02 -21.86
N PHE D 387 40.06 21.98 -22.66
CA PHE D 387 41.43 21.56 -22.97
C PHE D 387 42.08 22.59 -23.88
N ARG D 388 41.31 23.12 -24.84
CA ARG D 388 41.80 24.12 -25.78
C ARG D 388 42.19 25.38 -25.03
N THR D 389 41.33 25.80 -24.11
CA THR D 389 41.56 26.98 -23.29
C THR D 389 42.88 26.86 -22.52
N SER D 390 43.31 25.62 -22.26
CA SER D 390 44.55 25.37 -21.54
C SER D 390 45.70 25.11 -22.50
N HIS D 391 45.43 25.23 -23.80
CA HIS D 391 46.46 24.99 -24.82
C HIS D 391 47.04 23.60 -24.61
N ARG D 392 46.18 22.67 -24.26
CA ARG D 392 46.56 21.29 -24.02
C ARG D 392 46.35 20.52 -25.31
N ASN D 393 47.42 20.04 -25.93
CA ASN D 393 47.30 19.31 -27.19
C ASN D 393 46.91 17.85 -26.98
N GLU D 394 47.37 17.26 -25.89
CA GLU D 394 47.06 15.88 -25.57
C GLU D 394 45.76 15.88 -24.80
N ILE D 395 44.68 15.55 -25.49
CA ILE D 395 43.37 15.55 -24.88
C ILE D 395 42.84 14.16 -24.55
N PHE D 396 42.30 14.02 -23.35
CA PHE D 396 41.72 12.75 -22.94
C PHE D 396 40.43 12.99 -22.17
N ILE D 397 39.33 12.54 -22.77
CA ILE D 397 38.03 12.67 -22.14
C ILE D 397 37.30 11.33 -22.26
N LEU D 398 36.74 10.88 -21.14
CA LEU D 398 35.98 9.63 -21.07
C LEU D 398 34.57 10.03 -20.69
N SER D 399 33.58 9.48 -21.38
CA SER D 399 32.20 9.80 -21.09
C SER D 399 31.38 8.52 -20.98
N ARG D 400 30.34 8.54 -20.14
CA ARG D 400 29.51 7.36 -19.99
C ARG D 400 28.36 7.41 -20.99
N ALA D 401 27.73 8.57 -21.11
CA ALA D 401 26.62 8.73 -22.03
C ALA D 401 27.08 9.40 -23.32
N GLY D 402 26.18 9.47 -24.29
CA GLY D 402 26.54 10.09 -25.54
C GLY D 402 25.40 10.18 -26.53
N TYR D 403 25.69 10.82 -27.66
CA TYR D 403 24.72 11.01 -28.73
C TYR D 403 25.56 11.11 -30.00
N ALA D 404 24.93 11.10 -31.16
CA ALA D 404 25.68 11.21 -32.41
C ALA D 404 26.60 12.43 -32.32
N GLY D 405 27.86 12.25 -32.68
CA GLY D 405 28.81 13.36 -32.64
C GLY D 405 29.71 13.31 -31.42
N ILE D 406 29.34 12.51 -30.44
CA ILE D 406 30.14 12.39 -29.22
C ILE D 406 31.57 11.99 -29.57
N GLN D 407 31.77 11.31 -30.69
CA GLN D 407 33.10 10.88 -31.08
C GLN D 407 34.08 12.04 -31.32
N ARG D 408 33.54 13.25 -31.50
CA ARG D 408 34.38 14.42 -31.70
C ARG D 408 35.17 14.72 -30.45
N TYR D 409 34.59 14.41 -29.29
CA TYR D 409 35.20 14.78 -28.03
C TYR D 409 35.60 13.73 -27.01
N ALA D 410 35.11 12.50 -27.11
CA ALA D 410 35.46 11.56 -26.06
C ALA D 410 35.46 10.07 -26.34
N PHE D 411 36.09 9.35 -25.41
CA PHE D 411 36.14 7.90 -25.42
C PHE D 411 34.84 7.54 -24.70
N ILE D 412 34.34 6.34 -24.93
CA ILE D 412 33.16 5.88 -24.22
C ILE D 412 33.43 4.49 -23.68
N TRP D 413 33.11 4.26 -22.42
CA TRP D 413 33.28 2.94 -21.83
C TRP D 413 31.88 2.47 -21.49
N THR D 414 31.67 1.16 -21.44
CA THR D 414 30.36 0.58 -21.21
C THR D 414 29.75 0.57 -19.82
N GLY D 415 30.19 1.47 -18.95
CA GLY D 415 29.59 1.54 -17.64
C GLY D 415 29.75 0.40 -16.64
N ASP D 416 28.76 0.27 -15.76
CA ASP D 416 28.78 -0.72 -14.68
C ASP D 416 28.47 -2.18 -15.01
N ASN D 417 29.38 -2.86 -15.69
CA ASN D 417 29.16 -4.26 -16.04
C ASN D 417 29.37 -5.20 -14.84
N THR D 418 28.83 -6.40 -14.96
CA THR D 418 28.92 -7.43 -13.92
C THR D 418 29.86 -8.55 -14.34
N PRO D 419 30.85 -8.88 -13.49
CA PRO D 419 31.79 -9.96 -13.81
C PRO D 419 31.06 -11.30 -13.94
N SER D 420 31.20 -11.93 -15.10
CA SER D 420 30.59 -13.25 -15.34
C SER D 420 30.99 -13.73 -16.70
N TRP D 421 30.95 -15.03 -16.91
CA TRP D 421 31.32 -15.57 -18.21
C TRP D 421 30.42 -15.05 -19.32
N ASP D 422 29.14 -14.90 -19.04
CA ASP D 422 28.24 -14.37 -20.06
C ASP D 422 28.58 -12.91 -20.40
N ASP D 423 29.06 -12.15 -19.42
CA ASP D 423 29.40 -10.75 -19.66
C ASP D 423 30.50 -10.60 -20.71
N LEU D 424 31.34 -11.61 -20.88
CA LEU D 424 32.40 -11.53 -21.89
C LEU D 424 31.77 -11.32 -23.25
N LYS D 425 30.72 -12.07 -23.56
CA LYS D 425 30.05 -11.94 -24.85
C LYS D 425 29.29 -10.62 -24.93
N LEU D 426 28.66 -10.24 -23.83
CA LEU D 426 27.89 -8.99 -23.78
C LEU D 426 28.78 -7.78 -24.06
N GLN D 427 29.93 -7.70 -23.39
CA GLN D 427 30.83 -6.58 -23.59
C GLN D 427 31.27 -6.45 -25.04
N LEU D 428 31.47 -7.59 -25.69
CA LEU D 428 31.89 -7.60 -27.08
C LEU D 428 30.80 -7.00 -27.99
N GLN D 429 29.54 -7.29 -27.70
CA GLN D 429 28.42 -6.76 -28.49
C GLN D 429 28.30 -5.25 -28.25
N LEU D 430 28.49 -4.85 -27.00
CA LEU D 430 28.40 -3.45 -26.62
C LEU D 430 29.45 -2.59 -27.32
N VAL D 431 30.72 -2.97 -27.22
CA VAL D 431 31.76 -2.17 -27.84
C VAL D 431 31.69 -2.21 -29.35
N LEU D 432 31.30 -3.35 -29.92
CA LEU D 432 31.20 -3.45 -31.37
C LEU D 432 30.01 -2.67 -31.90
N GLY D 433 28.93 -2.62 -31.12
CA GLY D 433 27.75 -1.87 -31.54
C GLY D 433 28.06 -0.40 -31.59
N LEU D 434 28.81 0.05 -30.58
CA LEU D 434 29.23 1.44 -30.46
C LEU D 434 30.16 1.79 -31.62
N SER D 435 31.10 0.89 -31.85
CA SER D 435 32.11 1.05 -32.88
C SER D 435 31.51 1.14 -34.29
N ILE D 436 30.55 0.29 -34.58
CA ILE D 436 29.94 0.28 -35.91
C ILE D 436 28.99 1.47 -36.05
N SER D 437 28.78 2.19 -34.95
CA SER D 437 27.88 3.34 -34.95
C SER D 437 28.58 4.70 -34.89
N GLY D 438 29.86 4.74 -35.27
CA GLY D 438 30.57 6.00 -35.28
C GLY D 438 31.42 6.37 -34.09
N VAL D 439 31.40 5.56 -33.03
CA VAL D 439 32.21 5.85 -31.86
C VAL D 439 33.33 4.82 -31.82
N PRO D 440 34.51 5.18 -32.32
CA PRO D 440 35.68 4.30 -32.37
C PRO D 440 36.45 3.99 -31.08
N PHE D 441 36.62 5.00 -30.23
CA PHE D 441 37.39 4.79 -29.02
C PHE D 441 36.51 4.34 -27.87
N VAL D 442 36.46 3.02 -27.70
CA VAL D 442 35.64 2.40 -26.69
C VAL D 442 36.35 1.29 -25.91
N GLY D 443 35.72 0.86 -24.83
CA GLY D 443 36.28 -0.20 -24.01
C GLY D 443 35.29 -0.53 -22.92
N CYS D 444 35.67 -1.46 -22.05
CA CYS D 444 34.81 -1.86 -20.94
C CYS D 444 35.70 -2.02 -19.71
N ASP D 445 35.10 -2.09 -18.52
CA ASP D 445 35.88 -2.26 -17.32
C ASP D 445 36.40 -3.69 -17.24
N ILE D 446 37.71 -3.84 -17.38
CA ILE D 446 38.32 -5.15 -17.31
C ILE D 446 38.12 -5.72 -15.92
N GLY D 447 37.52 -6.90 -15.85
CA GLY D 447 37.26 -7.53 -14.57
C GLY D 447 35.87 -7.23 -14.07
N GLY D 448 35.17 -6.34 -14.75
CA GLY D 448 33.82 -6.00 -14.34
C GLY D 448 33.76 -5.01 -13.19
N PHE D 449 32.84 -4.07 -13.26
CA PHE D 449 32.70 -3.07 -12.22
C PHE D 449 32.09 -3.57 -10.90
N GLN D 450 30.95 -4.24 -10.97
CA GLN D 450 30.26 -4.72 -9.77
C GLN D 450 31.16 -5.49 -8.80
N GLY D 451 31.02 -5.20 -7.51
CA GLY D 451 31.83 -5.84 -6.50
C GLY D 451 31.26 -7.09 -5.85
N ARG D 452 30.61 -6.95 -4.71
CA ARG D 452 30.01 -8.08 -4.01
C ARG D 452 28.73 -7.67 -3.32
N ASN D 453 27.91 -6.88 -4.00
CA ASN D 453 26.66 -6.42 -3.40
C ASN D 453 25.47 -7.31 -3.78
N PHE D 454 25.74 -8.37 -4.56
CA PHE D 454 24.71 -9.34 -4.91
C PHE D 454 25.34 -10.64 -5.39
N ALA D 455 24.64 -11.74 -5.15
CA ALA D 455 25.10 -13.11 -5.45
C ALA D 455 25.57 -13.48 -6.85
N GLU D 456 24.91 -12.96 -7.88
CA GLU D 456 25.26 -13.30 -9.25
C GLU D 456 26.50 -12.61 -9.79
N ILE D 457 27.56 -12.55 -8.99
CA ILE D 457 28.81 -11.93 -9.41
C ILE D 457 29.91 -12.99 -9.33
N ASP D 458 30.69 -13.12 -10.39
CA ASP D 458 31.74 -14.12 -10.44
C ASP D 458 33.13 -13.46 -10.37
N ASN D 459 33.80 -13.59 -9.22
CA ASN D 459 35.11 -12.99 -9.06
C ASN D 459 36.29 -13.97 -9.19
N SER D 460 36.09 -15.08 -9.90
CA SER D 460 37.17 -16.03 -10.07
C SER D 460 38.32 -15.38 -10.88
N MET D 461 39.54 -15.80 -10.58
CA MET D 461 40.71 -15.25 -11.23
C MET D 461 40.91 -15.64 -12.68
N ASP D 462 40.47 -16.83 -13.08
CA ASP D 462 40.63 -17.20 -14.48
C ASP D 462 39.66 -16.38 -15.36
N LEU D 463 38.53 -15.97 -14.80
CA LEU D 463 37.58 -15.15 -15.54
C LEU D 463 38.24 -13.77 -15.71
N LEU D 464 38.88 -13.29 -14.64
CA LEU D 464 39.56 -12.00 -14.69
C LEU D 464 40.61 -12.00 -15.80
N VAL D 465 41.36 -13.09 -15.89
CA VAL D 465 42.37 -13.20 -16.93
C VAL D 465 41.70 -13.14 -18.31
N LYS D 466 40.53 -13.76 -18.45
CA LYS D 466 39.83 -13.74 -19.73
C LYS D 466 39.37 -12.34 -20.12
N TYR D 467 39.12 -11.49 -19.12
CA TYR D 467 38.71 -10.11 -19.40
C TYR D 467 39.89 -9.36 -20.01
N TYR D 468 41.06 -9.52 -19.40
CA TYR D 468 42.27 -8.88 -19.90
C TYR D 468 42.54 -9.32 -21.33
N ALA D 469 42.29 -10.60 -21.60
CA ALA D 469 42.52 -11.16 -22.93
C ALA D 469 41.45 -10.70 -23.91
N LEU D 470 40.21 -10.58 -23.43
CA LEU D 470 39.10 -10.15 -24.29
C LEU D 470 39.32 -8.76 -24.88
N ALA D 471 39.76 -7.84 -24.04
CA ALA D 471 39.97 -6.46 -24.43
C ALA D 471 41.38 -6.19 -24.95
N LEU D 472 42.11 -7.26 -25.23
CA LEU D 472 43.49 -7.13 -25.73
C LEU D 472 43.66 -6.03 -26.77
N PHE D 473 42.72 -5.95 -27.71
CA PHE D 473 42.79 -4.96 -28.77
C PHE D 473 41.76 -3.84 -28.68
N PHE D 474 41.01 -3.76 -27.59
CA PHE D 474 40.04 -2.67 -27.45
C PHE D 474 40.85 -1.36 -27.37
N PRO D 475 40.31 -0.27 -27.92
CA PRO D 475 41.03 1.02 -27.86
C PRO D 475 41.28 1.46 -26.41
N PHE D 476 40.22 1.41 -25.59
CA PHE D 476 40.32 1.80 -24.18
C PHE D 476 40.50 0.55 -23.31
N TYR D 477 41.64 0.49 -22.63
CA TYR D 477 42.03 -0.65 -21.81
C TYR D 477 42.17 -0.26 -20.33
N ARG D 478 41.08 -0.35 -19.58
CA ARG D 478 41.11 0.03 -18.18
C ARG D 478 40.49 -1.01 -17.24
N SER D 479 41.14 -1.16 -16.08
CA SER D 479 40.68 -2.05 -15.04
C SER D 479 39.98 -1.13 -14.02
N HIS D 480 38.71 -1.40 -13.73
CA HIS D 480 37.97 -0.57 -12.79
C HIS D 480 37.09 -1.49 -11.95
N LYS D 481 36.95 -1.19 -10.67
CA LYS D 481 36.17 -2.04 -9.77
C LYS D 481 35.45 -1.22 -8.71
N ALA D 482 34.28 -1.70 -8.30
CA ALA D 482 33.47 -1.01 -7.28
C ALA D 482 34.11 -1.07 -5.89
N THR D 483 33.64 -0.21 -5.00
CA THR D 483 34.19 -0.13 -3.66
C THR D 483 34.30 -1.42 -2.86
N ASP D 484 33.24 -2.24 -2.88
CA ASP D 484 33.24 -3.48 -2.12
C ASP D 484 33.71 -4.71 -2.91
N GLY D 485 34.33 -4.48 -4.06
CA GLY D 485 34.81 -5.59 -4.85
C GLY D 485 36.19 -5.96 -4.39
N ILE D 486 36.60 -7.20 -4.63
CA ILE D 486 37.93 -7.64 -4.25
C ILE D 486 38.95 -6.80 -5.02
N ASP D 487 40.19 -6.73 -4.52
CA ASP D 487 41.23 -5.97 -5.20
C ASP D 487 41.57 -6.74 -6.47
N THR D 488 41.45 -6.09 -7.63
CA THR D 488 41.73 -6.77 -8.88
C THR D 488 43.04 -6.38 -9.58
N GLU D 489 43.86 -5.56 -8.94
CA GLU D 489 45.14 -5.18 -9.54
C GLU D 489 45.96 -6.45 -9.66
N PRO D 490 46.67 -6.62 -10.78
CA PRO D 490 47.51 -7.79 -11.06
C PRO D 490 48.50 -8.15 -9.97
N VAL D 491 49.06 -7.12 -9.32
CA VAL D 491 50.04 -7.34 -8.26
C VAL D 491 49.49 -8.12 -7.07
N PHE D 492 48.17 -8.26 -6.99
CA PHE D 492 47.56 -8.98 -5.87
C PHE D 492 47.15 -10.40 -6.25
N LEU D 493 47.51 -10.82 -7.45
CA LEU D 493 47.16 -12.15 -7.93
C LEU D 493 48.27 -13.16 -7.68
N PRO D 494 47.92 -14.45 -7.52
CA PRO D 494 48.95 -15.46 -7.29
C PRO D 494 49.84 -15.43 -8.53
N ASP D 495 51.12 -15.75 -8.38
CA ASP D 495 52.06 -15.73 -9.50
C ASP D 495 51.51 -16.33 -10.79
N TYR D 496 50.82 -17.48 -10.69
CA TYR D 496 50.28 -18.13 -11.87
C TYR D 496 49.42 -17.18 -12.72
N TYR D 497 48.47 -16.52 -12.08
CA TYR D 497 47.59 -15.59 -12.78
C TYR D 497 48.24 -14.26 -13.09
N LYS D 498 49.07 -13.79 -12.16
CA LYS D 498 49.76 -12.53 -12.35
C LYS D 498 50.62 -12.55 -13.61
N GLU D 499 51.30 -13.68 -13.85
CA GLU D 499 52.14 -13.80 -15.03
C GLU D 499 51.33 -13.75 -16.31
N LYS D 500 50.15 -14.35 -16.28
CA LYS D 500 49.30 -14.34 -17.46
C LYS D 500 48.84 -12.93 -17.80
N VAL D 501 48.45 -12.15 -16.79
CA VAL D 501 48.01 -10.79 -17.03
C VAL D 501 49.17 -9.97 -17.56
N LYS D 502 50.34 -10.20 -16.97
CA LYS D 502 51.56 -9.50 -17.34
C LYS D 502 51.88 -9.73 -18.83
N GLU D 503 51.77 -10.97 -19.28
CA GLU D 503 52.06 -11.29 -20.67
C GLU D 503 51.04 -10.71 -21.63
N ILE D 504 49.79 -10.63 -21.19
CA ILE D 504 48.73 -10.07 -22.02
C ILE D 504 48.94 -8.56 -22.21
N VAL D 505 49.27 -7.86 -21.12
CA VAL D 505 49.50 -6.44 -21.18
C VAL D 505 50.74 -6.13 -22.03
N GLU D 506 51.77 -6.97 -21.92
CA GLU D 506 52.97 -6.75 -22.70
C GLU D 506 52.65 -6.95 -24.17
N LEU D 507 51.78 -7.91 -24.47
CA LEU D 507 51.40 -8.16 -25.85
C LEU D 507 50.61 -6.97 -26.40
N ARG D 508 49.83 -6.33 -25.54
CA ARG D 508 49.07 -5.17 -25.98
C ARG D 508 50.02 -4.05 -26.37
N TYR D 509 51.01 -3.78 -25.50
CA TYR D 509 51.97 -2.74 -25.79
C TYR D 509 52.77 -3.06 -27.05
N LYS D 510 52.93 -4.34 -27.35
CA LYS D 510 53.67 -4.74 -28.52
C LYS D 510 52.89 -4.38 -29.80
N PHE D 511 51.57 -4.38 -29.69
CA PHE D 511 50.70 -4.04 -30.81
C PHE D 511 50.22 -2.59 -30.77
N LEU D 512 50.59 -1.84 -29.74
CA LEU D 512 50.15 -0.46 -29.63
C LEU D 512 50.38 0.36 -30.90
N PRO D 513 51.56 0.25 -31.54
CA PRO D 513 51.81 1.02 -32.77
C PRO D 513 50.74 0.81 -33.84
N TYR D 514 50.29 -0.43 -34.00
CA TYR D 514 49.26 -0.75 -34.98
C TYR D 514 47.95 -0.14 -34.55
N ILE D 515 47.61 -0.34 -33.27
CA ILE D 515 46.37 0.20 -32.74
C ILE D 515 46.33 1.73 -32.90
N TYR D 516 47.42 2.39 -32.53
CA TYR D 516 47.47 3.84 -32.65
C TYR D 516 47.38 4.31 -34.10
N SER D 517 47.93 3.54 -35.03
CA SER D 517 47.86 3.91 -36.44
C SER D 517 46.40 3.85 -36.88
N LEU D 518 45.66 2.88 -36.35
CA LEU D 518 44.25 2.75 -36.68
C LEU D 518 43.48 3.90 -36.05
N ALA D 519 43.98 4.39 -34.91
CA ALA D 519 43.34 5.52 -34.24
C ALA D 519 43.49 6.75 -35.14
N LEU D 520 44.68 6.89 -35.75
CA LEU D 520 44.93 8.03 -36.65
C LEU D 520 43.97 7.92 -37.83
N GLU D 521 43.83 6.70 -38.34
CA GLU D 521 42.94 6.44 -39.47
C GLU D 521 41.51 6.82 -39.08
N ALA D 522 41.13 6.53 -37.84
CA ALA D 522 39.79 6.83 -37.36
C ALA D 522 39.55 8.34 -37.34
N SER D 523 40.52 9.08 -36.81
CA SER D 523 40.40 10.54 -36.73
C SER D 523 40.49 11.22 -38.09
N GLU D 524 41.03 10.53 -39.09
CA GLU D 524 41.15 11.12 -40.41
C GLU D 524 40.03 10.71 -41.37
N LYS D 525 39.61 9.45 -41.30
CA LYS D 525 38.58 8.97 -42.20
C LYS D 525 37.32 8.47 -41.52
N GLY D 526 37.36 8.34 -40.21
CA GLY D 526 36.19 7.86 -39.49
C GLY D 526 36.00 6.35 -39.54
N HIS D 527 37.07 5.61 -39.75
CA HIS D 527 36.98 4.16 -39.80
C HIS D 527 37.14 3.67 -38.35
N PRO D 528 36.27 2.74 -37.92
CA PRO D 528 36.43 2.27 -36.54
C PRO D 528 37.71 1.43 -36.35
N VAL D 529 38.23 1.43 -35.12
CA VAL D 529 39.43 0.66 -34.82
C VAL D 529 39.10 -0.84 -34.75
N ILE D 530 38.20 -1.23 -33.86
CA ILE D 530 37.81 -2.64 -33.80
C ILE D 530 36.53 -2.78 -34.61
N ARG D 531 36.38 -3.89 -35.31
CA ARG D 531 35.22 -4.07 -36.17
C ARG D 531 34.64 -5.47 -36.17
N PRO D 532 33.31 -5.56 -36.33
CA PRO D 532 32.69 -6.89 -36.36
C PRO D 532 33.10 -7.46 -37.73
N LEU D 533 33.07 -8.78 -37.88
CA LEU D 533 33.49 -9.39 -39.14
C LEU D 533 32.68 -8.92 -40.35
N PHE D 534 31.38 -8.68 -40.18
CA PHE D 534 30.60 -8.25 -41.32
C PHE D 534 31.01 -6.89 -41.88
N TYR D 535 31.83 -6.15 -41.13
CA TYR D 535 32.27 -4.85 -41.61
C TYR D 535 33.23 -5.01 -42.80
N GLU D 536 34.11 -6.00 -42.71
CA GLU D 536 35.06 -6.27 -43.77
C GLU D 536 34.51 -7.26 -44.80
N PHE D 537 33.51 -8.03 -44.42
CA PHE D 537 32.92 -9.03 -45.30
C PHE D 537 31.40 -8.93 -45.26
N GLN D 538 30.88 -7.76 -45.60
CA GLN D 538 29.45 -7.49 -45.57
C GLN D 538 28.60 -8.30 -46.52
N ASP D 539 29.21 -8.92 -47.50
CA ASP D 539 28.48 -9.71 -48.49
C ASP D 539 28.22 -11.16 -48.09
N ASP D 540 28.78 -11.58 -46.96
CA ASP D 540 28.59 -12.94 -46.48
C ASP D 540 27.66 -12.96 -45.28
N ASP D 541 26.44 -13.46 -45.48
CA ASP D 541 25.43 -13.52 -44.41
C ASP D 541 25.89 -14.19 -43.12
N ASP D 542 26.74 -15.21 -43.24
CA ASP D 542 27.27 -15.92 -42.07
C ASP D 542 27.89 -14.96 -41.06
N MET D 543 28.61 -13.97 -41.59
CA MET D 543 29.31 -12.98 -40.77
C MET D 543 28.43 -12.22 -39.78
N TYR D 544 27.16 -12.08 -40.07
CA TYR D 544 26.28 -11.35 -39.16
C TYR D 544 25.85 -12.14 -37.94
N ARG D 545 26.30 -13.38 -37.84
CA ARG D 545 25.95 -14.22 -36.70
C ARG D 545 27.20 -14.49 -35.85
N ILE D 546 28.36 -14.04 -36.32
CA ILE D 546 29.59 -14.24 -35.57
C ILE D 546 29.78 -13.05 -34.62
N GLU D 547 29.73 -13.31 -33.32
CA GLU D 547 29.86 -12.22 -32.37
C GLU D 547 30.94 -12.38 -31.31
N ASP D 548 31.61 -13.53 -31.27
CA ASP D 548 32.68 -13.74 -30.31
C ASP D 548 34.04 -13.61 -31.00
N GLU D 549 34.05 -12.89 -32.12
CA GLU D 549 35.25 -12.65 -32.89
C GLU D 549 35.17 -11.21 -33.36
N TYR D 550 36.33 -10.57 -33.56
CA TYR D 550 36.35 -9.22 -34.07
C TYR D 550 37.63 -8.90 -34.79
N MET D 551 37.54 -7.97 -35.72
CA MET D 551 38.68 -7.51 -36.52
C MET D 551 39.28 -6.28 -35.87
N VAL D 552 40.61 -6.21 -35.90
CA VAL D 552 41.33 -5.06 -35.38
C VAL D 552 41.88 -4.47 -36.66
N GLY D 553 41.25 -3.38 -37.11
CA GLY D 553 41.67 -2.76 -38.33
C GLY D 553 41.20 -3.65 -39.47
N LYS D 554 41.90 -3.60 -40.58
CA LYS D 554 41.53 -4.38 -41.74
C LYS D 554 42.29 -5.70 -41.84
N TYR D 555 43.38 -5.81 -41.09
CA TYR D 555 44.26 -6.98 -41.18
C TYR D 555 44.24 -8.06 -40.11
N LEU D 556 43.82 -7.73 -38.89
CA LEU D 556 43.89 -8.71 -37.82
C LEU D 556 42.57 -9.26 -37.30
N LEU D 557 42.46 -10.59 -37.28
CA LEU D 557 41.25 -11.23 -36.77
C LEU D 557 41.58 -11.81 -35.41
N TYR D 558 40.78 -11.46 -34.41
CA TYR D 558 40.99 -11.95 -33.06
C TYR D 558 39.76 -12.68 -32.58
N ALA D 559 39.95 -13.93 -32.15
CA ALA D 559 38.83 -14.75 -31.65
C ALA D 559 39.12 -15.07 -30.20
N PRO D 560 38.80 -14.13 -29.30
CA PRO D 560 39.06 -14.37 -27.88
C PRO D 560 38.32 -15.57 -27.31
N ILE D 561 38.95 -16.23 -26.35
CA ILE D 561 38.35 -17.37 -25.70
C ILE D 561 37.41 -16.85 -24.63
N VAL D 562 36.12 -17.02 -24.85
CA VAL D 562 35.12 -16.54 -23.91
C VAL D 562 34.40 -17.65 -23.13
N SER D 563 35.12 -18.72 -22.84
CA SER D 563 34.58 -19.85 -22.10
C SER D 563 35.72 -20.48 -21.30
N LYS D 564 35.40 -21.50 -20.50
CA LYS D 564 36.40 -22.16 -19.68
C LYS D 564 37.28 -23.11 -20.49
N GLU D 565 36.83 -23.45 -21.70
CA GLU D 565 37.59 -24.35 -22.57
C GLU D 565 39.02 -23.88 -22.76
N GLU D 566 39.85 -24.77 -23.29
CA GLU D 566 41.25 -24.46 -23.54
C GLU D 566 41.43 -24.02 -24.99
N SER D 567 40.47 -24.37 -25.83
CA SER D 567 40.49 -24.02 -27.24
C SER D 567 39.04 -23.77 -27.67
N ARG D 568 38.87 -23.18 -28.84
CA ARG D 568 37.53 -22.88 -29.33
C ARG D 568 37.48 -23.01 -30.83
N LEU D 569 36.27 -22.98 -31.37
CA LEU D 569 36.09 -23.03 -32.80
C LEU D 569 36.21 -21.59 -33.31
N VAL D 570 36.98 -21.39 -34.36
CA VAL D 570 37.15 -20.07 -34.95
C VAL D 570 36.62 -20.07 -36.36
N THR D 571 35.72 -19.13 -36.65
CA THR D 571 35.17 -19.00 -37.98
C THR D 571 36.01 -17.99 -38.76
N LEU D 572 36.57 -18.43 -39.87
CA LEU D 572 37.40 -17.57 -40.70
C LEU D 572 36.64 -17.12 -41.94
N PRO D 573 36.69 -15.81 -42.25
CA PRO D 573 35.99 -15.30 -43.43
C PRO D 573 36.73 -15.74 -44.72
N ARG D 574 36.17 -15.39 -45.86
CA ARG D 574 36.76 -15.71 -47.15
C ARG D 574 38.19 -15.18 -47.23
N GLY D 575 39.07 -15.90 -47.94
CA GLY D 575 40.45 -15.46 -48.07
C GLY D 575 41.41 -16.31 -47.27
N LYS D 576 42.70 -16.01 -47.32
CA LYS D 576 43.67 -16.80 -46.56
C LYS D 576 44.02 -16.13 -45.24
N TRP D 577 44.26 -16.93 -44.22
CA TRP D 577 44.59 -16.42 -42.91
C TRP D 577 45.84 -17.08 -42.34
N TYR D 578 46.69 -16.25 -41.75
CA TYR D 578 47.95 -16.70 -41.18
C TYR D 578 47.82 -16.79 -39.65
N ASN D 579 48.08 -17.97 -39.11
CA ASN D 579 48.01 -18.18 -37.67
C ASN D 579 49.24 -17.51 -37.07
N TYR D 580 49.00 -16.44 -36.32
CA TYR D 580 50.07 -15.65 -35.70
C TYR D 580 51.04 -16.46 -34.82
N TRP D 581 50.52 -17.43 -34.09
CA TRP D 581 51.35 -18.21 -33.18
C TRP D 581 52.12 -19.42 -33.70
N ASN D 582 51.55 -20.18 -34.64
CA ASN D 582 52.28 -21.34 -35.14
C ASN D 582 52.65 -21.25 -36.62
N GLY D 583 52.21 -20.19 -37.29
CA GLY D 583 52.56 -20.00 -38.68
C GLY D 583 51.70 -20.64 -39.75
N GLU D 584 50.68 -21.38 -39.34
CA GLU D 584 49.82 -22.03 -40.31
C GLU D 584 48.95 -21.05 -41.09
N ILE D 585 48.78 -21.33 -42.38
CA ILE D 585 47.94 -20.50 -43.23
C ILE D 585 46.74 -21.35 -43.64
N ILE D 586 45.55 -20.88 -43.30
CA ILE D 586 44.32 -21.61 -43.59
C ILE D 586 43.48 -20.85 -44.61
N ASN D 587 42.73 -21.60 -45.40
CA ASN D 587 41.86 -21.01 -46.41
C ASN D 587 40.54 -20.59 -45.80
N GLY D 588 40.14 -19.37 -46.14
CA GLY D 588 38.93 -18.79 -45.62
C GLY D 588 37.64 -19.52 -45.90
N LYS D 589 36.62 -19.10 -45.15
CA LYS D 589 35.29 -19.67 -45.25
C LYS D 589 35.43 -21.09 -44.74
N SER D 590 35.81 -21.19 -43.48
CA SER D 590 35.97 -22.47 -42.82
C SER D 590 35.96 -22.27 -41.31
N VAL D 591 35.89 -23.37 -40.57
CA VAL D 591 35.90 -23.32 -39.12
C VAL D 591 37.09 -24.15 -38.66
N VAL D 592 37.92 -23.57 -37.81
CA VAL D 592 39.10 -24.26 -37.29
C VAL D 592 39.17 -24.14 -35.79
N LYS D 593 39.97 -25.00 -35.17
CA LYS D 593 40.15 -25.01 -33.74
C LYS D 593 41.33 -24.11 -33.39
N SER D 594 41.20 -23.34 -32.32
CA SER D 594 42.26 -22.43 -31.87
C SER D 594 43.47 -23.23 -31.34
N THR D 595 44.67 -22.71 -31.56
CA THR D 595 45.89 -23.39 -31.14
C THR D 595 46.63 -22.72 -29.98
N HIS D 596 46.27 -21.48 -29.67
CA HIS D 596 46.92 -20.73 -28.59
C HIS D 596 45.84 -20.16 -27.67
N GLU D 597 46.23 -19.60 -26.52
CA GLU D 597 45.27 -19.01 -25.61
C GLU D 597 44.70 -17.71 -26.19
N LEU D 598 45.48 -17.05 -27.06
CA LEU D 598 45.06 -15.81 -27.71
C LEU D 598 45.03 -16.03 -29.22
N PRO D 599 43.90 -16.52 -29.76
CA PRO D 599 43.68 -16.80 -31.19
C PRO D 599 43.75 -15.58 -32.11
N ILE D 600 44.92 -15.33 -32.67
CA ILE D 600 45.14 -14.20 -33.57
C ILE D 600 45.49 -14.66 -34.98
N TYR D 601 44.83 -14.08 -35.97
CA TYR D 601 45.10 -14.45 -37.37
C TYR D 601 45.31 -13.22 -38.24
N LEU D 602 46.30 -13.28 -39.12
CA LEU D 602 46.57 -12.17 -40.02
C LEU D 602 46.03 -12.48 -41.39
N ARG D 603 45.35 -11.49 -41.96
CA ARG D 603 44.74 -11.59 -43.28
C ARG D 603 45.79 -11.47 -44.39
N GLU D 604 45.65 -12.22 -45.48
CA GLU D 604 46.61 -12.11 -46.57
C GLU D 604 46.47 -10.69 -47.13
N GLY D 605 47.53 -9.91 -47.01
CA GLY D 605 47.49 -8.53 -47.45
C GLY D 605 47.49 -7.69 -46.19
N SER D 606 48.51 -7.90 -45.36
CA SER D 606 48.64 -7.18 -44.10
C SER D 606 50.02 -6.61 -43.82
N ILE D 607 50.04 -5.47 -43.13
CA ILE D 607 51.28 -4.83 -42.72
C ILE D 607 50.98 -4.39 -41.30
N ILE D 608 51.74 -4.92 -40.35
CA ILE D 608 51.50 -4.59 -38.97
C ILE D 608 52.74 -4.09 -38.24
N PRO D 609 52.73 -2.81 -37.83
CA PRO D 609 53.86 -2.22 -37.11
C PRO D 609 53.73 -2.64 -35.65
N LEU D 610 54.84 -3.09 -35.08
CA LEU D 610 54.85 -3.55 -33.69
C LEU D 610 55.81 -2.70 -32.87
N GLU D 611 55.72 -2.86 -31.57
CA GLU D 611 56.57 -2.14 -30.64
C GLU D 611 58.04 -2.34 -30.97
N GLY D 612 58.84 -1.31 -30.75
CA GLY D 612 60.26 -1.39 -31.01
C GLY D 612 60.61 -1.45 -32.49
N ASP D 613 59.85 -0.73 -33.30
CA ASP D 613 60.10 -0.69 -34.74
C ASP D 613 60.05 -2.02 -35.47
N GLU D 614 59.41 -3.02 -34.87
CA GLU D 614 59.28 -4.33 -35.52
C GLU D 614 58.24 -4.16 -36.63
N LEU D 615 58.22 -5.09 -37.58
CA LEU D 615 57.29 -4.99 -38.68
C LEU D 615 56.90 -6.37 -39.23
N ILE D 616 55.61 -6.60 -39.40
CA ILE D 616 55.13 -7.88 -39.94
C ILE D 616 54.46 -7.61 -41.28
N VAL D 617 54.88 -8.35 -42.30
CA VAL D 617 54.29 -8.17 -43.61
C VAL D 617 53.83 -9.50 -44.17
N TYR D 618 52.60 -9.51 -44.67
CA TYR D 618 52.02 -10.71 -45.27
C TYR D 618 51.19 -10.33 -46.48
N GLY D 619 51.75 -10.55 -47.66
CA GLY D 619 51.02 -10.23 -48.88
C GLY D 619 51.18 -8.80 -49.32
N GLU D 620 50.31 -8.34 -50.20
CA GLU D 620 50.37 -6.99 -50.74
C GLU D 620 49.26 -6.08 -50.21
N THR D 621 49.65 -4.89 -49.77
CA THR D 621 48.71 -3.90 -49.26
C THR D 621 49.49 -2.62 -49.02
N SER D 622 48.79 -1.58 -48.57
CA SER D 622 49.41 -0.29 -48.27
C SER D 622 48.91 0.12 -46.89
N PHE D 623 49.81 0.63 -46.06
CA PHE D 623 49.44 1.01 -44.71
C PHE D 623 50.14 2.29 -44.25
N LYS D 624 49.39 3.13 -43.55
CA LYS D 624 49.93 4.39 -43.05
C LYS D 624 50.14 4.27 -41.54
N ARG D 625 51.40 4.37 -41.10
CA ARG D 625 51.70 4.27 -39.68
C ARG D 625 51.32 5.59 -39.01
N TYR D 626 51.12 5.55 -37.70
CA TYR D 626 50.71 6.74 -36.95
C TYR D 626 51.64 7.94 -37.06
N ASP D 627 52.92 7.69 -37.32
CA ASP D 627 53.88 8.78 -37.44
C ASP D 627 53.95 9.28 -38.88
N ASN D 628 52.90 8.98 -39.64
CA ASN D 628 52.80 9.42 -41.02
C ASN D 628 53.57 8.59 -42.06
N ALA D 629 54.46 7.72 -41.60
CA ALA D 629 55.23 6.89 -42.53
C ALA D 629 54.34 5.87 -43.25
N GLU D 630 54.32 5.91 -44.58
CA GLU D 630 53.50 4.98 -45.34
C GLU D 630 54.34 3.80 -45.83
N ILE D 631 53.80 2.60 -45.67
CA ILE D 631 54.51 1.38 -46.07
C ILE D 631 53.67 0.66 -47.11
N THR D 632 54.30 0.19 -48.18
CA THR D 632 53.59 -0.51 -49.23
C THR D 632 54.30 -1.79 -49.64
N SER D 633 53.53 -2.86 -49.79
CA SER D 633 54.11 -4.12 -50.19
C SER D 633 53.45 -4.59 -51.48
N SER D 634 54.28 -5.06 -52.41
CA SER D 634 53.80 -5.55 -53.69
C SER D 634 54.57 -6.82 -54.01
N SER D 635 54.78 -7.10 -55.30
CA SER D 635 55.51 -8.30 -55.75
C SER D 635 56.49 -8.82 -54.68
N ASN D 636 57.71 -8.31 -54.70
CA ASN D 636 58.71 -8.73 -53.72
C ASN D 636 59.38 -7.45 -53.28
N GLU D 637 58.57 -6.43 -53.06
CA GLU D 637 59.10 -5.15 -52.67
C GLU D 637 58.25 -4.44 -51.61
N ILE D 638 58.94 -3.88 -50.63
CA ILE D 638 58.30 -3.14 -49.55
C ILE D 638 58.82 -1.71 -49.63
N LYS D 639 57.99 -0.80 -50.10
CA LYS D 639 58.39 0.60 -50.23
C LYS D 639 58.03 1.43 -48.99
N PHE D 640 58.84 2.44 -48.71
CA PHE D 640 58.61 3.33 -47.57
C PHE D 640 58.54 4.78 -48.07
N SER D 641 57.51 5.50 -47.64
CA SER D 641 57.32 6.88 -48.06
C SER D 641 58.45 7.77 -47.56
N ARG D 642 59.18 7.31 -46.56
CA ARG D 642 60.29 8.07 -46.03
C ARG D 642 61.22 7.19 -45.19
N GLU D 643 62.44 7.65 -44.97
CA GLU D 643 63.42 6.90 -44.20
C GLU D 643 62.93 6.61 -42.77
N ILE D 644 62.96 5.33 -42.40
CA ILE D 644 62.54 4.93 -41.06
C ILE D 644 63.38 3.77 -40.56
N TYR D 645 63.54 3.70 -39.25
CA TYR D 645 64.31 2.62 -38.63
C TYR D 645 63.45 1.36 -38.61
N VAL D 646 64.09 0.21 -38.79
CA VAL D 646 63.40 -1.07 -38.76
C VAL D 646 64.28 -2.06 -38.02
N SER D 647 63.77 -2.58 -36.91
CA SER D 647 64.52 -3.54 -36.13
C SER D 647 64.36 -4.95 -36.74
N LYS D 648 63.32 -5.66 -36.30
CA LYS D 648 63.03 -7.01 -36.75
C LYS D 648 61.90 -7.02 -37.79
N LEU D 649 62.15 -7.65 -38.93
CA LEU D 649 61.14 -7.75 -39.98
C LEU D 649 60.68 -9.19 -40.13
N THR D 650 59.37 -9.41 -40.07
CA THR D 650 58.84 -10.75 -40.22
C THR D 650 58.01 -10.82 -41.48
N ILE D 651 58.33 -11.77 -42.34
CA ILE D 651 57.61 -11.95 -43.58
C ILE D 651 56.96 -13.32 -43.56
N THR D 652 55.64 -13.35 -43.75
CA THR D 652 54.97 -14.63 -43.79
C THR D 652 54.76 -14.86 -45.28
N SER D 653 55.10 -16.07 -45.74
CA SER D 653 54.96 -16.39 -47.16
C SER D 653 54.93 -17.90 -47.39
N GLU D 654 54.12 -18.32 -48.35
CA GLU D 654 54.00 -19.74 -48.67
C GLU D 654 55.21 -20.14 -49.51
N LYS D 655 55.78 -19.18 -50.23
CA LYS D 655 56.96 -19.41 -51.05
C LYS D 655 58.16 -19.00 -50.19
N PRO D 656 59.24 -19.81 -50.20
CA PRO D 656 60.43 -19.51 -49.41
C PRO D 656 61.12 -18.17 -49.71
N VAL D 657 61.68 -17.58 -48.66
CA VAL D 657 62.39 -16.32 -48.78
C VAL D 657 63.81 -16.56 -48.27
N SER D 658 64.78 -16.52 -49.18
CA SER D 658 66.17 -16.75 -48.82
C SER D 658 66.91 -15.51 -48.34
N LYS D 659 66.54 -14.36 -48.89
CA LYS D 659 67.21 -13.13 -48.50
C LYS D 659 66.41 -11.90 -48.85
N ILE D 660 66.75 -10.79 -48.19
CA ILE D 660 66.12 -9.51 -48.45
C ILE D 660 67.25 -8.54 -48.78
N ILE D 661 66.94 -7.50 -49.53
CA ILE D 661 67.95 -6.52 -49.91
C ILE D 661 67.50 -5.12 -49.55
N VAL D 662 68.26 -4.47 -48.69
CA VAL D 662 67.93 -3.12 -48.25
C VAL D 662 68.49 -2.07 -49.21
N ASP D 663 67.57 -1.34 -49.86
CA ASP D 663 67.93 -0.28 -50.79
C ASP D 663 68.89 -0.67 -51.91
N ASP D 664 68.74 -1.90 -52.43
CA ASP D 664 69.55 -2.41 -53.53
C ASP D 664 70.98 -2.84 -53.19
N SER D 665 71.50 -2.40 -52.06
CA SER D 665 72.87 -2.75 -51.69
C SER D 665 73.03 -3.83 -50.62
N LYS D 666 72.79 -3.47 -49.37
CA LYS D 666 72.95 -4.41 -48.26
C LYS D 666 71.97 -5.58 -48.22
N GLU D 667 72.50 -6.77 -47.93
CA GLU D 667 71.71 -7.98 -47.83
C GLU D 667 71.67 -8.44 -46.38
N ILE D 668 70.46 -8.71 -45.89
CA ILE D 668 70.29 -9.14 -44.51
C ILE D 668 69.90 -10.62 -44.44
N GLN D 669 70.53 -11.32 -43.49
CA GLN D 669 70.32 -12.74 -43.28
C GLN D 669 68.87 -13.06 -42.90
N VAL D 670 68.24 -13.92 -43.68
CA VAL D 670 66.86 -14.32 -43.42
C VAL D 670 66.87 -15.66 -42.69
N GLU D 671 65.93 -15.83 -41.78
CA GLU D 671 65.84 -17.07 -41.01
C GLU D 671 64.40 -17.59 -40.91
N LYS D 672 64.22 -18.84 -41.31
CA LYS D 672 62.92 -19.50 -41.23
C LYS D 672 62.73 -19.87 -39.76
N THR D 673 61.79 -19.24 -39.08
CA THR D 673 61.56 -19.52 -37.66
C THR D 673 60.49 -20.59 -37.45
N MET D 674 59.58 -20.70 -38.41
CA MET D 674 58.51 -21.69 -38.37
C MET D 674 57.83 -21.68 -39.73
N GLN D 675 56.89 -22.59 -39.94
CA GLN D 675 56.23 -22.67 -41.23
C GLN D 675 55.74 -21.31 -41.74
N ASN D 676 56.05 -21.02 -43.01
CA ASN D 676 55.64 -19.78 -43.66
C ASN D 676 56.16 -18.52 -43.00
N THR D 677 57.05 -18.65 -42.03
CA THR D 677 57.55 -17.49 -41.32
C THR D 677 59.05 -17.25 -41.47
N TYR D 678 59.40 -16.11 -42.06
CA TYR D 678 60.79 -15.74 -42.28
C TYR D 678 61.14 -14.44 -41.55
N VAL D 679 62.24 -14.47 -40.80
CA VAL D 679 62.68 -13.31 -40.03
C VAL D 679 64.03 -12.74 -40.45
N ALA D 680 64.11 -11.41 -40.44
CA ALA D 680 65.33 -10.72 -40.81
C ALA D 680 65.62 -9.66 -39.76
N LYS D 681 66.76 -9.78 -39.08
CA LYS D 681 67.15 -8.80 -38.07
C LYS D 681 67.85 -7.65 -38.80
N ILE D 682 67.10 -6.62 -39.17
CA ILE D 682 67.65 -5.49 -39.91
C ILE D 682 68.36 -4.46 -39.04
N ASN D 683 67.70 -4.02 -37.98
CA ASN D 683 68.27 -3.05 -37.05
C ASN D 683 69.04 -1.90 -37.70
N GLN D 684 68.38 -1.17 -38.58
CA GLN D 684 69.02 -0.04 -39.26
C GLN D 684 67.99 0.76 -40.03
N LYS D 685 68.31 2.01 -40.32
CA LYS D 685 67.39 2.85 -41.06
C LYS D 685 67.29 2.41 -42.51
N ILE D 686 66.12 2.62 -43.11
CA ILE D 686 65.91 2.23 -44.50
C ILE D 686 65.48 3.45 -45.30
N ARG D 687 66.30 3.80 -46.29
CA ARG D 687 66.03 4.95 -47.16
C ARG D 687 64.66 4.89 -47.80
N GLY D 688 64.37 3.80 -48.52
CA GLY D 688 63.09 3.72 -49.18
C GLY D 688 62.55 2.37 -49.61
N LYS D 689 63.34 1.30 -49.55
CA LYS D 689 62.80 0.01 -49.96
C LYS D 689 63.57 -1.25 -49.56
N ILE D 690 62.86 -2.37 -49.62
CA ILE D 690 63.40 -3.69 -49.30
C ILE D 690 62.87 -4.65 -50.36
N ASN D 691 63.74 -5.51 -50.88
CA ASN D 691 63.34 -6.50 -51.88
C ASN D 691 63.48 -7.89 -51.31
N LEU D 692 62.60 -8.79 -51.76
CA LEU D 692 62.62 -10.17 -51.31
C LEU D 692 63.05 -11.11 -52.42
N GLU D 693 63.79 -12.16 -52.05
CA GLU D 693 64.29 -13.15 -52.99
C GLU D 693 64.24 -14.56 -52.42
N ILE E 3 -20.36 -44.16 1.89
CA ILE E 3 -20.86 -44.83 0.65
C ILE E 3 -19.69 -45.31 -0.21
N LEU E 4 -19.62 -46.61 -0.41
CA LEU E 4 -18.52 -47.21 -1.16
C LEU E 4 -19.02 -48.37 -2.01
N LYS E 5 -18.46 -48.51 -3.21
CA LYS E 5 -18.84 -49.58 -4.12
C LYS E 5 -17.68 -49.88 -5.06
N ILE E 6 -17.40 -51.16 -5.27
CA ILE E 6 -16.30 -51.55 -6.15
C ILE E 6 -16.69 -52.49 -7.28
N TYR E 7 -16.23 -52.18 -8.48
CA TYR E 7 -16.49 -52.97 -9.67
C TYR E 7 -15.15 -53.47 -10.16
N GLU E 8 -15.17 -54.52 -10.96
CA GLU E 8 -13.95 -55.07 -11.51
C GLU E 8 -14.27 -55.65 -12.88
N ASN E 9 -13.23 -55.98 -13.63
CA ASN E 9 -13.39 -56.55 -14.98
C ASN E 9 -12.11 -56.38 -15.76
N LYS E 10 -11.57 -57.50 -16.24
CA LYS E 10 -10.35 -57.48 -17.03
C LYS E 10 -9.20 -56.76 -16.35
N GLY E 11 -9.06 -56.96 -15.04
CA GLY E 11 -7.98 -56.34 -14.29
C GLY E 11 -8.09 -54.85 -14.03
N VAL E 12 -9.30 -54.35 -13.90
CA VAL E 12 -9.50 -52.94 -13.62
C VAL E 12 -10.59 -52.81 -12.55
N TYR E 13 -10.21 -52.24 -11.42
CA TYR E 13 -11.13 -52.05 -10.30
C TYR E 13 -11.65 -50.63 -10.36
N LYS E 14 -12.95 -50.49 -10.26
CA LYS E 14 -13.51 -49.17 -10.26
C LYS E 14 -14.05 -48.95 -8.86
N VAL E 15 -13.43 -48.02 -8.14
CA VAL E 15 -13.86 -47.72 -6.78
C VAL E 15 -14.73 -46.45 -6.80
N VAL E 16 -15.95 -46.57 -6.29
CA VAL E 16 -16.87 -45.45 -6.25
C VAL E 16 -17.14 -45.04 -4.82
N ILE E 17 -16.83 -43.79 -4.51
CA ILE E 17 -17.05 -43.24 -3.18
C ILE E 17 -18.20 -42.26 -3.26
N GLY E 18 -19.27 -42.54 -2.53
CA GLY E 18 -20.44 -41.68 -2.55
C GLY E 18 -21.17 -41.79 -3.88
N GLU E 19 -21.68 -40.67 -4.37
CA GLU E 19 -22.40 -40.64 -5.64
C GLU E 19 -21.70 -39.63 -6.56
N PRO E 20 -20.60 -40.07 -7.19
CA PRO E 20 -19.78 -39.27 -8.10
C PRO E 20 -20.46 -38.76 -9.36
N PHE E 21 -20.01 -37.59 -9.81
CA PHE E 21 -20.51 -36.97 -11.03
C PHE E 21 -19.21 -36.64 -11.76
N PRO E 22 -18.63 -37.63 -12.46
CA PRO E 22 -17.38 -37.50 -13.22
C PRO E 22 -17.38 -36.37 -14.24
N PRO E 23 -16.20 -35.77 -14.49
CA PRO E 23 -16.10 -34.68 -15.47
C PRO E 23 -16.42 -35.24 -16.85
N ILE E 24 -16.17 -36.53 -16.99
CA ILE E 24 -16.46 -37.25 -18.21
C ILE E 24 -16.66 -38.70 -17.82
N GLU E 25 -17.59 -39.37 -18.49
CA GLU E 25 -17.86 -40.76 -18.18
C GLU E 25 -17.09 -41.72 -19.08
N PHE E 26 -16.36 -42.62 -18.46
CA PHE E 26 -15.60 -43.62 -19.19
C PHE E 26 -16.32 -44.94 -19.09
N PRO E 27 -16.79 -45.46 -20.22
CA PRO E 27 -17.51 -46.74 -20.26
C PRO E 27 -16.63 -47.93 -19.87
N LEU E 28 -17.16 -48.78 -19.01
CA LEU E 28 -16.43 -49.98 -18.60
C LEU E 28 -17.13 -51.18 -19.22
N GLU E 29 -16.42 -51.84 -20.12
CA GLU E 29 -16.90 -53.03 -20.84
C GLU E 29 -18.04 -53.80 -20.15
N GLN E 30 -17.86 -54.13 -18.88
CA GLN E 30 -18.86 -54.86 -18.10
C GLN E 30 -18.75 -54.47 -16.63
N LYS E 31 -19.83 -53.99 -16.05
CA LYS E 31 -19.81 -53.59 -14.64
C LYS E 31 -20.13 -54.75 -13.71
N ILE E 32 -19.13 -55.57 -13.43
CA ILE E 32 -19.31 -56.71 -12.53
C ILE E 32 -18.99 -56.30 -11.10
N SER E 33 -19.96 -56.42 -10.21
CA SER E 33 -19.71 -56.07 -8.80
C SER E 33 -18.54 -56.90 -8.35
N SER E 34 -17.73 -56.34 -7.47
CA SER E 34 -16.56 -57.03 -6.96
C SER E 34 -16.69 -57.31 -5.47
N ASN E 35 -16.06 -58.38 -5.02
CA ASN E 35 -16.11 -58.70 -3.60
C ASN E 35 -14.79 -58.33 -2.94
N LYS E 36 -13.90 -57.71 -3.71
CA LYS E 36 -12.61 -57.31 -3.16
C LYS E 36 -12.83 -56.06 -2.32
N SER E 37 -12.14 -56.00 -1.19
CA SER E 37 -12.26 -54.88 -0.27
C SER E 37 -11.13 -53.87 -0.45
N LEU E 38 -11.37 -52.65 0.02
CA LEU E 38 -10.34 -51.63 -0.06
C LEU E 38 -9.11 -52.17 0.65
N SER E 39 -9.35 -52.82 1.78
CA SER E 39 -8.30 -53.41 2.59
C SER E 39 -7.33 -54.27 1.77
N GLU E 40 -7.87 -55.18 0.96
CA GLU E 40 -7.05 -56.06 0.14
C GLU E 40 -6.37 -55.29 -0.98
N LEU E 41 -6.93 -54.14 -1.32
CA LEU E 41 -6.41 -53.27 -2.36
C LEU E 41 -5.33 -52.36 -1.78
N GLY E 42 -5.14 -52.42 -0.46
CA GLY E 42 -4.13 -51.61 0.21
C GLY E 42 -4.46 -50.12 0.26
N LEU E 43 -5.74 -49.80 0.30
CA LEU E 43 -6.18 -48.41 0.34
C LEU E 43 -6.99 -48.08 1.58
N THR E 44 -6.91 -46.82 1.98
CA THR E 44 -7.65 -46.32 3.12
C THR E 44 -8.40 -45.12 2.56
N ILE E 45 -9.65 -44.96 2.94
CA ILE E 45 -10.43 -43.85 2.42
C ILE E 45 -11.16 -43.10 3.51
N VAL E 46 -11.16 -41.78 3.39
CA VAL E 46 -11.82 -40.92 4.37
C VAL E 46 -12.65 -39.85 3.67
N GLN E 47 -13.85 -39.60 4.18
CA GLN E 47 -14.74 -38.59 3.64
C GLN E 47 -14.93 -37.52 4.71
N GLN E 48 -14.58 -36.28 4.38
CA GLN E 48 -14.73 -35.18 5.33
C GLN E 48 -15.49 -34.01 4.74
N GLY E 49 -15.10 -32.81 5.16
CA GLY E 49 -15.75 -31.60 4.68
C GLY E 49 -15.66 -31.47 3.17
N ASN E 50 -16.56 -32.15 2.47
CA ASN E 50 -16.59 -32.09 1.02
C ASN E 50 -15.26 -32.50 0.39
N LYS E 51 -14.55 -33.42 1.03
CA LYS E 51 -13.29 -33.90 0.49
C LYS E 51 -13.15 -35.41 0.69
N VAL E 52 -12.41 -36.05 -0.21
CA VAL E 52 -12.16 -37.48 -0.13
C VAL E 52 -10.66 -37.66 -0.10
N ILE E 53 -10.17 -38.35 0.91
CA ILE E 53 -8.74 -38.59 1.05
C ILE E 53 -8.48 -40.08 0.87
N VAL E 54 -7.62 -40.42 -0.08
CA VAL E 54 -7.28 -41.81 -0.34
C VAL E 54 -5.80 -42.03 -0.01
N GLU E 55 -5.53 -42.98 0.88
CA GLU E 55 -4.17 -43.28 1.30
C GLU E 55 -3.68 -44.66 0.88
N LYS E 56 -2.37 -44.72 0.63
CA LYS E 56 -1.71 -45.95 0.24
C LYS E 56 -0.35 -45.86 0.90
N SER E 57 0.21 -47.00 1.28
CA SER E 57 1.52 -46.98 1.90
C SER E 57 2.55 -46.79 0.80
N LEU E 58 3.75 -46.38 1.19
CA LEU E 58 4.83 -46.15 0.25
C LEU E 58 6.11 -46.71 0.85
N ASP E 59 6.67 -47.73 0.21
CA ASP E 59 7.90 -48.34 0.69
C ASP E 59 9.14 -47.60 0.22
N LEU E 60 10.25 -47.77 0.93
CA LEU E 60 11.51 -47.11 0.57
C LEU E 60 11.93 -47.33 -0.88
N LYS E 61 11.82 -48.58 -1.33
CA LYS E 61 12.22 -48.92 -2.70
C LYS E 61 11.10 -48.76 -3.74
N GLU E 62 9.91 -48.35 -3.30
CA GLU E 62 8.79 -48.18 -4.21
C GLU E 62 8.95 -46.96 -5.13
N HIS E 63 8.60 -47.12 -6.41
CA HIS E 63 8.68 -46.03 -7.37
C HIS E 63 7.31 -45.51 -7.72
N ILE E 64 7.20 -44.20 -7.89
CA ILE E 64 5.94 -43.57 -8.25
C ILE E 64 6.23 -42.77 -9.52
N ILE E 65 5.48 -43.07 -10.58
CA ILE E 65 5.68 -42.40 -11.85
C ILE E 65 4.35 -41.91 -12.38
N GLY E 66 4.39 -41.02 -13.38
CA GLY E 66 3.16 -40.50 -13.94
C GLY E 66 2.88 -39.06 -13.58
N LEU E 67 1.59 -38.76 -13.39
CA LEU E 67 1.10 -37.42 -13.06
C LEU E 67 1.24 -36.46 -14.24
N GLY E 68 1.56 -37.01 -15.41
CA GLY E 68 1.67 -36.20 -16.61
C GLY E 68 2.79 -35.18 -16.72
N GLU E 69 2.42 -33.98 -17.09
CA GLU E 69 3.35 -32.89 -17.31
C GLU E 69 3.83 -32.24 -16.01
N LYS E 70 4.94 -32.72 -15.47
CA LYS E 70 5.49 -32.17 -14.22
C LYS E 70 6.94 -31.76 -14.40
N ALA E 71 7.27 -30.56 -13.92
CA ALA E 71 8.63 -30.06 -14.04
C ALA E 71 9.51 -30.66 -12.93
N PHE E 72 9.46 -31.99 -12.80
CA PHE E 72 10.21 -32.71 -11.78
C PHE E 72 10.80 -34.02 -12.29
N GLU E 73 11.62 -34.64 -11.46
CA GLU E 73 12.21 -35.92 -11.79
C GLU E 73 11.07 -36.93 -12.06
N LEU E 74 11.33 -37.91 -12.91
CA LEU E 74 10.35 -38.93 -13.28
C LEU E 74 9.85 -39.74 -12.09
N ASP E 75 10.70 -40.01 -11.11
CA ASP E 75 10.25 -40.72 -9.90
C ASP E 75 9.73 -39.58 -9.05
N ARG E 76 8.43 -39.55 -8.84
CA ARG E 76 7.76 -38.46 -8.13
C ARG E 76 7.79 -38.36 -6.61
N LYS E 77 8.47 -39.26 -5.92
CA LYS E 77 8.50 -39.20 -4.46
C LYS E 77 9.03 -37.89 -3.85
N ARG E 78 8.54 -37.58 -2.65
CA ARG E 78 8.93 -36.41 -1.87
C ARG E 78 8.48 -35.07 -2.43
N LYS E 79 7.22 -35.00 -2.83
CA LYS E 79 6.69 -33.77 -3.38
C LYS E 79 5.18 -33.81 -3.30
N ARG E 80 4.56 -32.65 -3.12
CA ARG E 80 3.11 -32.55 -3.05
C ARG E 80 2.69 -31.89 -4.36
N TYR E 81 2.08 -32.66 -5.25
CA TYR E 81 1.66 -32.12 -6.56
C TYR E 81 0.23 -31.65 -6.59
N VAL E 82 0.00 -30.59 -7.36
CA VAL E 82 -1.32 -30.03 -7.52
C VAL E 82 -1.74 -30.25 -8.97
N MET E 83 -2.95 -30.75 -9.18
CA MET E 83 -3.45 -30.95 -10.54
C MET E 83 -4.45 -29.85 -10.84
N TYR E 84 -3.99 -28.78 -11.49
CA TYR E 84 -4.85 -27.66 -11.82
C TYR E 84 -4.27 -26.95 -13.04
N ASN E 85 -4.88 -27.15 -14.20
CA ASN E 85 -4.40 -26.52 -15.43
C ASN E 85 -4.17 -25.04 -15.22
N VAL E 86 -2.98 -24.56 -15.56
CA VAL E 86 -2.70 -23.15 -15.39
C VAL E 86 -1.70 -22.65 -16.41
N ASP E 87 -1.87 -21.40 -16.83
CA ASP E 87 -0.94 -20.77 -17.78
C ASP E 87 0.34 -20.53 -16.96
N ALA E 88 1.33 -21.38 -17.14
CA ALA E 88 2.57 -21.29 -16.37
C ALA E 88 3.51 -20.14 -16.73
N GLY E 89 3.24 -19.44 -17.82
CA GLY E 89 4.12 -18.35 -18.22
C GLY E 89 5.50 -18.88 -18.55
N ALA E 90 6.54 -18.13 -18.21
CA ALA E 90 7.91 -18.57 -18.49
C ALA E 90 8.33 -19.50 -17.36
N TYR E 91 7.80 -20.71 -17.36
CA TYR E 91 8.08 -21.68 -16.31
C TYR E 91 9.53 -22.12 -16.20
N LYS E 92 9.91 -22.48 -14.99
CA LYS E 92 11.25 -22.93 -14.67
C LYS E 92 11.11 -24.29 -14.04
N LYS E 93 12.21 -24.99 -13.81
CA LYS E 93 12.07 -26.30 -13.21
C LYS E 93 11.56 -26.19 -11.79
N TYR E 94 10.85 -27.23 -11.37
CA TYR E 94 10.24 -27.33 -10.04
C TYR E 94 9.03 -26.42 -9.87
N GLN E 95 8.55 -25.86 -10.97
CA GLN E 95 7.35 -25.02 -10.90
C GLN E 95 6.16 -25.98 -11.08
N ASP E 96 5.10 -25.75 -10.30
CA ASP E 96 3.92 -26.61 -10.35
C ASP E 96 2.74 -25.74 -9.90
N PRO E 97 1.57 -25.91 -10.51
CA PRO E 97 1.29 -26.86 -11.59
C PRO E 97 1.58 -26.25 -12.96
N LEU E 98 1.41 -27.03 -14.01
CA LEU E 98 1.64 -26.54 -15.36
C LEU E 98 0.33 -26.59 -16.16
N TYR E 99 0.44 -26.72 -17.48
CA TYR E 99 -0.72 -26.70 -18.36
C TYR E 99 -1.63 -27.93 -18.41
N VAL E 100 -1.05 -29.11 -18.23
CA VAL E 100 -1.82 -30.35 -18.32
C VAL E 100 -1.98 -31.09 -16.99
N SER E 101 -3.16 -31.69 -16.81
CA SER E 101 -3.47 -32.44 -15.60
C SER E 101 -3.96 -33.87 -15.86
N ILE E 102 -3.07 -34.85 -15.72
CA ILE E 102 -3.44 -36.26 -15.89
C ILE E 102 -3.33 -36.88 -14.49
N PRO E 103 -4.47 -37.02 -13.76
CA PRO E 103 -4.52 -37.60 -12.41
C PRO E 103 -4.28 -39.10 -12.37
N LEU E 104 -3.19 -39.54 -12.97
CA LEU E 104 -2.83 -40.94 -13.01
C LEU E 104 -1.40 -41.16 -12.53
N PHE E 105 -1.21 -42.13 -11.64
CA PHE E 105 0.15 -42.43 -11.22
C PHE E 105 0.30 -43.95 -11.15
N ILE E 106 1.49 -44.42 -11.45
CA ILE E 106 1.75 -45.83 -11.42
C ILE E 106 2.77 -46.12 -10.35
N SER E 107 2.48 -47.15 -9.57
CA SER E 107 3.36 -47.60 -8.51
C SER E 107 4.09 -48.86 -8.97
N VAL E 108 5.39 -48.91 -8.75
CA VAL E 108 6.15 -50.08 -9.11
C VAL E 108 6.83 -50.54 -7.84
N LYS E 109 6.32 -51.65 -7.29
CA LYS E 109 6.85 -52.20 -6.06
C LYS E 109 7.25 -53.65 -6.32
N ASP E 110 8.46 -54.01 -5.92
CA ASP E 110 8.97 -55.36 -6.12
C ASP E 110 8.88 -55.72 -7.60
N GLY E 111 9.11 -54.74 -8.47
CA GLY E 111 9.07 -54.95 -9.90
C GLY E 111 7.68 -55.04 -10.52
N VAL E 112 6.63 -54.97 -9.68
CA VAL E 112 5.27 -55.05 -10.18
C VAL E 112 4.59 -53.69 -10.22
N ALA E 113 3.97 -53.38 -11.35
CA ALA E 113 3.32 -52.09 -11.54
C ALA E 113 1.81 -52.14 -11.32
N THR E 114 1.29 -51.08 -10.73
CA THR E 114 -0.14 -50.94 -10.47
C THR E 114 -0.51 -49.47 -10.74
N GLY E 115 -1.62 -49.25 -11.41
CA GLY E 115 -2.02 -47.89 -11.72
C GLY E 115 -3.17 -47.39 -10.87
N TYR E 116 -3.20 -46.07 -10.67
CA TYR E 116 -4.24 -45.43 -9.89
C TYR E 116 -4.68 -44.18 -10.63
N PHE E 117 -5.91 -44.20 -11.12
CA PHE E 117 -6.45 -43.10 -11.88
C PHE E 117 -7.66 -42.52 -11.17
N PHE E 118 -7.56 -41.25 -10.77
CA PHE E 118 -8.66 -40.60 -10.10
C PHE E 118 -9.39 -39.71 -11.10
N ASN E 119 -10.58 -40.14 -11.49
CA ASN E 119 -11.34 -39.39 -12.48
C ASN E 119 -12.05 -38.14 -11.93
N SER E 120 -11.25 -37.14 -11.56
CA SER E 120 -11.77 -35.87 -11.07
C SER E 120 -10.95 -34.77 -11.75
N ALA E 121 -11.64 -33.76 -12.29
CA ALA E 121 -10.95 -32.66 -12.96
C ALA E 121 -10.84 -31.45 -12.04
N SER E 122 -11.05 -31.68 -10.75
CA SER E 122 -10.95 -30.60 -9.76
C SER E 122 -9.50 -30.47 -9.35
N LYS E 123 -9.22 -29.60 -8.39
CA LYS E 123 -7.84 -29.40 -7.92
C LYS E 123 -7.36 -30.54 -7.02
N VAL E 124 -7.05 -31.68 -7.63
CA VAL E 124 -6.59 -32.86 -6.92
C VAL E 124 -5.15 -32.73 -6.44
N ILE E 125 -4.92 -33.10 -5.18
CA ILE E 125 -3.58 -33.05 -4.60
C ILE E 125 -2.96 -34.44 -4.44
N PHE E 126 -1.77 -34.62 -4.97
CA PHE E 126 -1.07 -35.89 -4.83
C PHE E 126 0.14 -35.67 -3.94
N ASP E 127 0.00 -36.01 -2.66
CA ASP E 127 1.09 -35.87 -1.72
C ASP E 127 1.86 -37.18 -1.70
N VAL E 128 2.94 -37.23 -2.46
CA VAL E 128 3.74 -38.44 -2.59
C VAL E 128 4.90 -38.54 -1.60
N GLY E 129 4.61 -39.05 -0.41
CA GLY E 129 5.62 -39.22 0.61
C GLY E 129 6.22 -37.94 1.13
N LEU E 130 5.40 -36.90 1.25
CA LEU E 130 5.85 -35.59 1.73
C LEU E 130 5.19 -35.33 3.09
N GLU E 131 3.87 -35.39 3.14
CA GLU E 131 3.15 -35.17 4.40
C GLU E 131 3.56 -36.31 5.33
N GLU E 132 3.50 -37.54 4.81
CA GLU E 132 3.91 -38.71 5.57
C GLU E 132 4.91 -39.44 4.69
N TYR E 133 6.16 -39.51 5.16
CA TYR E 133 7.26 -40.15 4.45
C TYR E 133 6.95 -41.54 3.88
N ASP E 134 6.06 -42.27 4.55
CA ASP E 134 5.72 -43.63 4.14
C ASP E 134 4.32 -43.77 3.58
N LYS E 135 3.81 -42.68 3.01
CA LYS E 135 2.47 -42.72 2.44
C LYS E 135 2.30 -41.85 1.21
N VAL E 136 1.31 -42.24 0.40
CA VAL E 136 0.93 -41.49 -0.77
C VAL E 136 -0.49 -41.09 -0.40
N ILE E 137 -0.72 -39.80 -0.22
CA ILE E 137 -2.04 -39.31 0.14
C ILE E 137 -2.63 -38.49 -1.00
N VAL E 138 -3.82 -38.90 -1.46
CA VAL E 138 -4.49 -38.21 -2.54
C VAL E 138 -5.73 -37.54 -1.99
N THR E 139 -5.84 -36.23 -2.20
CA THR E 139 -6.99 -35.47 -1.72
C THR E 139 -7.78 -34.93 -2.90
N ILE E 140 -9.06 -35.30 -2.96
CA ILE E 140 -9.93 -34.83 -4.02
C ILE E 140 -10.90 -33.85 -3.37
N PRO E 141 -10.88 -32.58 -3.83
CA PRO E 141 -11.78 -31.57 -3.25
C PRO E 141 -13.24 -31.72 -3.66
N GLU E 142 -13.81 -32.89 -3.43
CA GLU E 142 -15.20 -33.19 -3.75
C GLU E 142 -15.68 -34.21 -2.73
N ASP E 143 -17.00 -34.27 -2.48
CA ASP E 143 -17.52 -35.22 -1.50
C ASP E 143 -17.62 -36.64 -2.05
N SER E 144 -17.60 -36.77 -3.37
CA SER E 144 -17.68 -38.05 -4.03
C SER E 144 -16.60 -38.14 -5.11
N VAL E 145 -16.24 -39.36 -5.49
CA VAL E 145 -15.24 -39.52 -6.51
C VAL E 145 -15.13 -40.97 -6.97
N GLU E 146 -14.72 -41.16 -8.22
CA GLU E 146 -14.52 -42.48 -8.75
C GLU E 146 -13.09 -42.57 -9.24
N PHE E 147 -12.39 -43.61 -8.80
CA PHE E 147 -11.01 -43.80 -9.24
C PHE E 147 -10.85 -45.26 -9.62
N TYR E 148 -9.78 -45.58 -10.32
CA TYR E 148 -9.56 -46.93 -10.77
C TYR E 148 -8.20 -47.49 -10.35
N VAL E 149 -8.17 -48.77 -10.01
CA VAL E 149 -6.93 -49.42 -9.65
C VAL E 149 -6.70 -50.32 -10.86
N ILE E 150 -5.60 -50.08 -11.56
CA ILE E 150 -5.29 -50.82 -12.77
C ILE E 150 -4.11 -51.78 -12.59
N GLU E 151 -4.40 -53.07 -12.59
CA GLU E 151 -3.36 -54.08 -12.42
C GLU E 151 -2.41 -54.11 -13.60
N GLY E 152 -1.18 -54.53 -13.34
CA GLY E 152 -0.17 -54.61 -14.37
C GLY E 152 -0.03 -56.02 -14.90
N PRO E 153 1.05 -56.75 -14.55
CA PRO E 153 2.15 -56.28 -13.70
C PRO E 153 3.17 -55.40 -14.42
N ARG E 154 3.16 -55.40 -15.76
CA ARG E 154 4.09 -54.57 -16.51
C ARG E 154 3.54 -53.15 -16.61
N ILE E 155 4.43 -52.16 -16.70
CA ILE E 155 3.97 -50.80 -16.84
C ILE E 155 3.15 -50.71 -18.12
N GLU E 156 3.59 -51.43 -19.16
CA GLU E 156 2.88 -51.46 -20.43
C GLU E 156 1.46 -52.02 -20.26
N ASP E 157 1.27 -52.97 -19.37
CA ASP E 157 -0.06 -53.53 -19.14
C ASP E 157 -0.97 -52.49 -18.53
N VAL E 158 -0.44 -51.70 -17.61
CA VAL E 158 -1.22 -50.66 -16.97
C VAL E 158 -1.68 -49.65 -18.01
N LEU E 159 -0.77 -49.21 -18.86
CA LEU E 159 -1.10 -48.23 -19.89
C LEU E 159 -2.09 -48.75 -20.93
N GLU E 160 -2.03 -50.04 -21.26
CA GLU E 160 -2.98 -50.59 -22.22
C GLU E 160 -4.37 -50.52 -21.61
N LYS E 161 -4.49 -50.98 -20.36
CA LYS E 161 -5.80 -50.95 -19.71
C LYS E 161 -6.27 -49.52 -19.55
N TYR E 162 -5.37 -48.63 -19.14
CA TYR E 162 -5.70 -47.21 -18.96
C TYR E 162 -6.21 -46.63 -20.27
N THR E 163 -5.49 -46.92 -21.35
CA THR E 163 -5.85 -46.42 -22.67
C THR E 163 -7.18 -47.02 -23.13
N GLU E 164 -7.42 -48.27 -22.76
CA GLU E 164 -8.65 -48.94 -23.10
C GLU E 164 -9.79 -48.18 -22.41
N LEU E 165 -9.54 -47.77 -21.18
CA LEU E 165 -10.52 -47.06 -20.38
C LEU E 165 -10.79 -45.62 -20.85
N THR E 166 -9.75 -44.81 -20.99
CA THR E 166 -9.94 -43.42 -21.37
C THR E 166 -9.96 -43.10 -22.86
N GLY E 167 -9.46 -44.01 -23.68
CA GLY E 167 -9.48 -43.79 -25.11
C GLY E 167 -8.15 -43.99 -25.80
N LYS E 168 -8.18 -44.67 -26.94
CA LYS E 168 -6.96 -44.91 -27.70
C LYS E 168 -6.59 -43.62 -28.44
N PRO E 169 -5.29 -43.37 -28.62
CA PRO E 169 -4.86 -42.16 -29.32
C PRO E 169 -5.34 -42.25 -30.78
N PHE E 170 -5.75 -41.12 -31.36
CA PHE E 170 -6.17 -41.13 -32.75
C PHE E 170 -4.92 -41.34 -33.59
N LEU E 171 -5.09 -41.82 -34.82
CA LEU E 171 -3.94 -42.03 -35.69
C LEU E 171 -3.83 -40.83 -36.62
N PRO E 172 -2.79 -40.01 -36.41
CA PRO E 172 -2.62 -38.84 -37.27
C PRO E 172 -1.90 -39.16 -38.56
N PRO E 173 -1.89 -38.23 -39.51
CA PRO E 173 -1.21 -38.47 -40.79
C PRO E 173 0.29 -38.45 -40.59
N MET E 174 1.02 -39.11 -41.47
CA MET E 174 2.46 -39.15 -41.36
C MET E 174 3.10 -37.76 -41.40
N TRP E 175 2.51 -36.82 -42.14
CA TRP E 175 3.12 -35.50 -42.21
C TRP E 175 3.08 -34.75 -40.87
N ALA E 176 2.22 -35.20 -39.96
CA ALA E 176 2.13 -34.56 -38.65
C ALA E 176 3.41 -34.77 -37.83
N PHE E 177 4.24 -35.73 -38.25
CA PHE E 177 5.48 -36.01 -37.56
C PHE E 177 6.68 -35.42 -38.29
N GLY E 178 6.40 -34.63 -39.33
CA GLY E 178 7.49 -34.01 -40.07
C GLY E 178 8.01 -32.75 -39.40
N TYR E 179 8.95 -32.08 -40.06
CA TYR E 179 9.54 -30.86 -39.54
C TYR E 179 8.60 -29.67 -39.75
N MET E 180 8.16 -29.05 -38.65
CA MET E 180 7.25 -27.91 -38.70
C MET E 180 7.98 -26.63 -38.30
N ILE E 181 7.72 -25.55 -39.04
CA ILE E 181 8.33 -24.27 -38.68
C ILE E 181 7.20 -23.40 -38.19
N SER E 182 7.50 -22.56 -37.21
CA SER E 182 6.48 -21.72 -36.62
C SER E 182 7.15 -20.55 -35.95
N ARG E 183 6.36 -19.54 -35.63
CA ARG E 183 6.85 -18.37 -34.97
C ARG E 183 5.64 -17.58 -34.51
N TYR E 184 5.88 -16.65 -33.59
CA TYR E 184 4.82 -15.82 -33.08
C TYR E 184 5.18 -14.38 -33.47
N SER E 185 4.90 -13.97 -34.71
CA SER E 185 4.26 -14.81 -35.74
C SER E 185 4.91 -14.54 -37.11
N TYR E 186 4.51 -15.32 -38.11
CA TYR E 186 5.00 -15.15 -39.48
C TYR E 186 3.94 -14.36 -40.24
N TYR E 187 4.33 -13.27 -40.89
CA TYR E 187 3.42 -12.44 -41.66
C TYR E 187 4.18 -11.27 -42.27
N PRO E 188 3.60 -10.60 -43.28
CA PRO E 188 2.30 -10.87 -43.92
C PRO E 188 2.39 -12.14 -44.78
N GLN E 189 1.30 -12.51 -45.45
CA GLN E 189 1.30 -13.73 -46.24
C GLN E 189 2.43 -13.93 -47.26
N ASP E 190 2.92 -12.87 -47.89
CA ASP E 190 4.00 -13.03 -48.85
C ASP E 190 5.28 -13.49 -48.16
N LYS E 191 5.51 -13.02 -46.94
CA LYS E 191 6.70 -13.40 -46.20
C LYS E 191 6.64 -14.88 -45.81
N VAL E 192 5.45 -15.40 -45.55
CA VAL E 192 5.28 -16.80 -45.20
C VAL E 192 5.78 -17.67 -46.33
N VAL E 193 5.38 -17.34 -47.55
CA VAL E 193 5.79 -18.10 -48.71
C VAL E 193 7.27 -17.91 -49.02
N GLU E 194 7.77 -16.69 -48.84
CA GLU E 194 9.18 -16.43 -49.09
C GLU E 194 10.05 -17.30 -48.21
N LEU E 195 9.69 -17.38 -46.93
CA LEU E 195 10.46 -18.16 -45.97
C LEU E 195 10.41 -19.65 -46.33
N VAL E 196 9.23 -20.16 -46.66
CA VAL E 196 9.11 -21.56 -47.05
C VAL E 196 9.99 -21.85 -48.27
N ASP E 197 10.00 -20.93 -49.23
CA ASP E 197 10.81 -21.11 -50.42
C ASP E 197 12.29 -21.21 -50.10
N ILE E 198 12.78 -20.31 -49.24
CA ILE E 198 14.18 -20.32 -48.88
C ILE E 198 14.52 -21.62 -48.15
N MET E 199 13.65 -22.03 -47.24
CA MET E 199 13.86 -23.27 -46.50
C MET E 199 14.01 -24.45 -47.46
N GLN E 200 13.08 -24.57 -48.40
CA GLN E 200 13.11 -25.67 -49.35
C GLN E 200 14.31 -25.59 -50.30
N LYS E 201 14.61 -24.38 -50.75
CA LYS E 201 15.73 -24.19 -51.66
C LYS E 201 17.04 -24.60 -50.99
N GLU E 202 17.17 -24.38 -49.69
CA GLU E 202 18.40 -24.75 -48.99
C GLU E 202 18.41 -26.19 -48.48
N GLY E 203 17.43 -26.99 -48.93
CA GLY E 203 17.38 -28.38 -48.55
C GLY E 203 16.59 -28.83 -47.34
N PHE E 204 15.82 -27.94 -46.73
CA PHE E 204 15.04 -28.37 -45.57
C PHE E 204 13.66 -28.79 -46.00
N ARG E 205 13.31 -30.02 -45.65
CA ARG E 205 12.00 -30.55 -45.99
C ARG E 205 11.02 -30.08 -44.92
N VAL E 206 10.18 -29.11 -45.28
CA VAL E 206 9.19 -28.56 -44.37
C VAL E 206 7.82 -29.20 -44.56
N ALA E 207 7.29 -29.80 -43.51
CA ALA E 207 5.99 -30.46 -43.58
C ALA E 207 4.83 -29.47 -43.45
N GLY E 208 5.00 -28.47 -42.60
CA GLY E 208 3.94 -27.50 -42.42
C GLY E 208 4.41 -26.25 -41.70
N VAL E 209 3.61 -25.18 -41.79
CA VAL E 209 3.95 -23.94 -41.13
C VAL E 209 2.78 -23.57 -40.25
N PHE E 210 3.09 -23.06 -39.06
CA PHE E 210 2.06 -22.66 -38.12
C PHE E 210 1.85 -21.16 -38.19
N LEU E 211 0.60 -20.74 -38.16
CA LEU E 211 0.28 -19.32 -38.20
C LEU E 211 -0.23 -18.93 -36.81
N ASP E 212 0.51 -18.08 -36.12
CA ASP E 212 0.11 -17.64 -34.78
C ASP E 212 -0.87 -16.48 -34.89
N ILE E 213 -1.34 -15.97 -33.76
CA ILE E 213 -2.37 -14.94 -33.70
C ILE E 213 -2.29 -13.67 -34.55
N HIS E 214 -1.13 -13.33 -35.09
CA HIS E 214 -1.02 -12.13 -35.92
C HIS E 214 -1.79 -12.23 -37.23
N TYR E 215 -2.22 -13.44 -37.62
CA TYR E 215 -2.95 -13.62 -38.87
C TYR E 215 -4.40 -13.19 -38.77
N MET E 216 -4.92 -13.14 -37.54
CA MET E 216 -6.31 -12.76 -37.32
C MET E 216 -6.54 -11.26 -37.41
N ASP E 217 -7.80 -10.89 -37.54
CA ASP E 217 -8.19 -9.48 -37.59
C ASP E 217 -8.49 -9.08 -36.14
N SER E 218 -7.58 -8.32 -35.53
CA SER E 218 -7.74 -7.89 -34.15
C SER E 218 -7.91 -9.06 -33.21
N TYR E 219 -7.23 -10.18 -33.51
CA TYR E 219 -7.28 -11.38 -32.68
C TYR E 219 -8.65 -12.05 -32.65
N LYS E 220 -9.50 -11.73 -33.62
CA LYS E 220 -10.83 -12.35 -33.69
C LYS E 220 -10.75 -13.73 -34.34
N LEU E 221 -11.22 -14.75 -33.63
CA LEU E 221 -11.18 -16.11 -34.16
C LEU E 221 -11.91 -16.20 -35.49
N PHE E 222 -11.39 -17.05 -36.37
CA PHE E 222 -11.97 -17.29 -37.68
C PHE E 222 -12.06 -16.06 -38.58
N THR E 223 -11.01 -15.24 -38.57
CA THR E 223 -10.97 -14.06 -39.44
C THR E 223 -9.55 -13.93 -39.94
N TRP E 224 -9.38 -13.18 -41.02
CA TRP E 224 -8.05 -12.97 -41.57
C TRP E 224 -7.76 -11.48 -41.50
N HIS E 225 -6.54 -11.15 -41.09
CA HIS E 225 -6.14 -9.76 -41.01
C HIS E 225 -6.23 -9.19 -42.44
N PRO E 226 -7.07 -8.16 -42.63
CA PRO E 226 -7.28 -7.50 -43.92
C PRO E 226 -6.05 -6.94 -44.63
N TYR E 227 -5.02 -6.61 -43.89
CA TYR E 227 -3.84 -6.07 -44.53
C TYR E 227 -2.68 -7.05 -44.57
N ARG E 228 -2.66 -7.99 -43.63
CA ARG E 228 -1.57 -8.97 -43.61
C ARG E 228 -1.95 -10.20 -44.42
N PHE E 229 -3.24 -10.51 -44.46
CA PHE E 229 -3.74 -11.66 -45.21
C PHE E 229 -4.98 -11.32 -46.04
N PRO E 230 -4.84 -10.43 -47.03
CA PRO E 230 -5.98 -10.05 -47.86
C PRO E 230 -6.49 -11.14 -48.80
N GLU E 231 -5.59 -12.05 -49.20
CA GLU E 231 -5.95 -13.13 -50.11
C GLU E 231 -5.60 -14.49 -49.52
N PRO E 232 -6.32 -14.89 -48.46
CA PRO E 232 -6.06 -16.18 -47.82
C PRO E 232 -6.03 -17.36 -48.77
N LYS E 233 -7.02 -17.42 -49.66
CA LYS E 233 -7.08 -18.50 -50.62
C LYS E 233 -5.79 -18.60 -51.44
N LYS E 234 -5.20 -17.45 -51.75
CA LYS E 234 -3.95 -17.44 -52.52
C LYS E 234 -2.78 -18.02 -51.73
N LEU E 235 -2.80 -17.80 -50.41
CA LEU E 235 -1.76 -18.32 -49.53
C LEU E 235 -1.86 -19.83 -49.43
N ILE E 236 -3.07 -20.33 -49.22
CA ILE E 236 -3.31 -21.75 -49.10
C ILE E 236 -2.91 -22.50 -50.37
N ASP E 237 -3.20 -21.91 -51.52
CA ASP E 237 -2.85 -22.54 -52.79
C ASP E 237 -1.34 -22.57 -52.95
N GLU E 238 -0.68 -21.46 -52.66
CA GLU E 238 0.78 -21.40 -52.77
C GLU E 238 1.50 -22.35 -51.79
N LEU E 239 0.99 -22.49 -50.58
CA LEU E 239 1.62 -23.41 -49.62
C LEU E 239 1.41 -24.84 -50.11
N HIS E 240 0.21 -25.12 -50.59
CA HIS E 240 -0.11 -26.44 -51.10
C HIS E 240 0.65 -26.77 -52.38
N LYS E 241 0.92 -25.77 -53.21
CA LYS E 241 1.67 -26.03 -54.45
C LYS E 241 3.11 -26.41 -54.11
N ARG E 242 3.53 -26.07 -52.90
CA ARG E 242 4.88 -26.40 -52.45
C ARG E 242 4.87 -27.60 -51.50
N ASN E 243 3.71 -28.27 -51.41
CA ASN E 243 3.56 -29.45 -50.56
C ASN E 243 3.79 -29.16 -49.08
N VAL E 244 3.24 -28.04 -48.60
CA VAL E 244 3.41 -27.65 -47.21
C VAL E 244 2.05 -27.46 -46.59
N LYS E 245 1.83 -28.10 -45.44
CA LYS E 245 0.54 -27.98 -44.75
C LYS E 245 0.45 -26.63 -44.01
N LEU E 246 -0.76 -26.19 -43.75
CA LEU E 246 -0.98 -24.94 -43.03
C LEU E 246 -1.79 -25.22 -41.77
N ILE E 247 -1.20 -24.89 -40.62
CA ILE E 247 -1.86 -25.10 -39.34
C ILE E 247 -2.11 -23.71 -38.74
N THR E 248 -3.35 -23.45 -38.34
CA THR E 248 -3.70 -22.16 -37.77
C THR E 248 -4.08 -22.24 -36.30
N ILE E 249 -3.59 -21.30 -35.53
CA ILE E 249 -3.89 -21.27 -34.11
C ILE E 249 -5.32 -20.79 -33.92
N VAL E 250 -5.98 -21.33 -32.91
CA VAL E 250 -7.35 -20.97 -32.58
C VAL E 250 -7.46 -20.91 -31.07
N ASP E 251 -7.70 -19.72 -30.54
CA ASP E 251 -7.84 -19.58 -29.09
C ASP E 251 -9.27 -19.92 -28.70
N HIS E 252 -9.60 -19.74 -27.42
CA HIS E 252 -10.94 -20.10 -26.94
C HIS E 252 -11.77 -18.85 -26.60
N GLY E 253 -11.19 -17.67 -26.78
CA GLY E 253 -11.91 -16.47 -26.45
C GLY E 253 -12.69 -15.84 -27.59
N ILE E 254 -13.99 -15.61 -27.35
CA ILE E 254 -14.86 -15.01 -28.33
C ILE E 254 -15.04 -13.53 -27.97
N ARG E 255 -14.62 -12.65 -28.87
CA ARG E 255 -14.71 -11.21 -28.62
C ARG E 255 -16.14 -10.70 -28.46
N VAL E 256 -16.39 -9.95 -27.38
CA VAL E 256 -17.71 -9.39 -27.14
C VAL E 256 -17.82 -8.20 -28.07
N ASP E 257 -18.18 -8.51 -29.32
CA ASP E 257 -18.29 -7.53 -30.39
C ASP E 257 -19.68 -7.65 -31.02
N GLN E 258 -20.40 -6.54 -31.03
CA GLN E 258 -21.75 -6.45 -31.58
C GLN E 258 -21.90 -6.88 -33.04
N ASN E 259 -20.82 -6.75 -33.81
CA ASN E 259 -20.87 -7.11 -35.22
C ASN E 259 -19.97 -8.28 -35.58
N TYR E 260 -19.61 -9.06 -34.57
CA TYR E 260 -18.75 -10.21 -34.76
C TYR E 260 -19.63 -11.45 -34.76
N SER E 261 -19.73 -12.06 -35.94
CA SER E 261 -20.57 -13.24 -36.14
C SER E 261 -20.53 -14.35 -35.09
N PRO E 262 -19.33 -14.87 -34.74
CA PRO E 262 -19.25 -15.94 -33.74
C PRO E 262 -19.90 -15.57 -32.42
N PHE E 263 -19.78 -14.31 -32.03
CA PHE E 263 -20.38 -13.86 -30.79
C PHE E 263 -21.91 -13.93 -30.87
N LEU E 264 -22.46 -13.47 -31.99
CA LEU E 264 -23.89 -13.52 -32.20
C LEU E 264 -24.44 -14.94 -32.35
N SER E 265 -23.76 -15.79 -33.11
CA SER E 265 -24.23 -17.15 -33.31
C SER E 265 -23.98 -18.06 -32.10
N GLY E 266 -22.96 -17.73 -31.31
CA GLY E 266 -22.66 -18.55 -30.15
C GLY E 266 -23.54 -18.20 -28.95
N MET E 267 -24.24 -17.07 -29.04
CA MET E 267 -25.09 -16.62 -27.95
C MET E 267 -25.99 -17.75 -27.44
N GLY E 268 -25.99 -17.96 -26.13
CA GLY E 268 -26.78 -19.02 -25.55
C GLY E 268 -25.91 -20.20 -25.17
N LYS E 269 -24.72 -20.28 -25.76
CA LYS E 269 -23.82 -21.39 -25.50
C LYS E 269 -22.51 -21.02 -24.77
N PHE E 270 -22.46 -19.82 -24.19
CA PHE E 270 -21.27 -19.36 -23.50
C PHE E 270 -21.31 -19.65 -22.00
N CYS E 271 -20.13 -19.62 -21.36
CA CYS E 271 -20.03 -19.85 -19.91
C CYS E 271 -20.70 -18.73 -19.13
N GLU E 272 -21.28 -19.07 -17.98
CA GLU E 272 -21.94 -18.10 -17.12
C GLU E 272 -21.29 -18.09 -15.74
N ILE E 273 -21.77 -17.20 -14.88
CA ILE E 273 -21.27 -17.15 -13.52
C ILE E 273 -22.45 -17.50 -12.62
N GLU E 274 -22.17 -17.85 -11.37
CA GLU E 274 -23.21 -18.24 -10.41
C GLU E 274 -24.50 -17.45 -10.50
N SER E 275 -24.40 -16.13 -10.49
CA SER E 275 -25.58 -15.28 -10.53
C SER E 275 -26.39 -15.25 -11.83
N GLY E 276 -25.93 -15.95 -12.86
CA GLY E 276 -26.69 -15.98 -14.10
C GLY E 276 -26.24 -15.20 -15.30
N GLU E 277 -25.39 -14.19 -15.13
CA GLU E 277 -24.94 -13.42 -16.28
C GLU E 277 -23.85 -14.21 -17.00
N LEU E 278 -23.45 -13.71 -18.17
CA LEU E 278 -22.39 -14.36 -18.92
C LEU E 278 -21.09 -14.10 -18.18
N PHE E 279 -20.13 -14.99 -18.34
CA PHE E 279 -18.84 -14.76 -17.72
C PHE E 279 -18.07 -13.94 -18.74
N VAL E 280 -17.86 -12.66 -18.44
CA VAL E 280 -17.12 -11.78 -19.34
C VAL E 280 -15.73 -11.58 -18.78
N GLY E 281 -14.72 -11.91 -19.57
CA GLY E 281 -13.35 -11.79 -19.12
C GLY E 281 -12.47 -11.01 -20.07
N LYS E 282 -11.17 -11.32 -20.03
CA LYS E 282 -10.20 -10.63 -20.88
C LYS E 282 -9.23 -11.64 -21.46
N MET E 283 -8.97 -11.50 -22.75
CA MET E 283 -8.06 -12.37 -23.48
C MET E 283 -7.51 -11.55 -24.66
N TRP E 284 -6.77 -12.19 -25.57
CA TRP E 284 -6.18 -11.49 -26.72
C TRP E 284 -7.09 -10.47 -27.42
N PRO E 285 -8.33 -10.86 -27.76
CA PRO E 285 -9.20 -9.90 -28.44
C PRO E 285 -9.82 -8.81 -27.56
N GLY E 286 -9.43 -8.78 -26.28
CA GLY E 286 -9.96 -7.80 -25.36
C GLY E 286 -11.08 -8.40 -24.52
N THR E 287 -12.19 -7.69 -24.36
CA THR E 287 -13.31 -8.20 -23.60
C THR E 287 -13.80 -9.44 -24.33
N THR E 288 -13.95 -10.55 -23.62
CA THR E 288 -14.34 -11.81 -24.25
C THR E 288 -15.24 -12.70 -23.41
N VAL E 289 -15.93 -13.61 -24.08
CA VAL E 289 -16.79 -14.59 -23.42
C VAL E 289 -16.20 -15.91 -23.86
N TYR E 290 -16.55 -16.99 -23.19
CA TYR E 290 -16.00 -18.30 -23.55
C TYR E 290 -17.06 -19.35 -23.79
N PRO E 291 -16.82 -20.23 -24.76
CA PRO E 291 -17.78 -21.30 -25.06
C PRO E 291 -17.81 -22.30 -23.93
N ASP E 292 -19.00 -22.74 -23.52
CA ASP E 292 -19.12 -23.74 -22.48
C ASP E 292 -19.04 -25.10 -23.18
N PHE E 293 -17.82 -25.55 -23.48
CA PHE E 293 -17.61 -26.83 -24.17
C PHE E 293 -18.15 -28.07 -23.49
N PHE E 294 -18.62 -27.94 -22.26
CA PHE E 294 -19.16 -29.09 -21.55
C PHE E 294 -20.54 -29.46 -22.11
N ARG E 295 -21.15 -28.52 -22.82
CA ARG E 295 -22.47 -28.73 -23.42
C ARG E 295 -22.38 -29.30 -24.82
N GLU E 296 -23.26 -30.25 -25.14
CA GLU E 296 -23.24 -30.82 -26.49
C GLU E 296 -23.51 -29.77 -27.57
N ASP E 297 -24.48 -28.90 -27.32
CA ASP E 297 -24.81 -27.87 -28.31
C ASP E 297 -23.68 -26.89 -28.59
N THR E 298 -22.88 -26.55 -27.57
CA THR E 298 -21.76 -25.66 -27.78
C THR E 298 -20.74 -26.42 -28.63
N ARG E 299 -20.52 -27.68 -28.28
CA ARG E 299 -19.60 -28.53 -29.01
C ARG E 299 -20.00 -28.59 -30.48
N GLU E 300 -21.30 -28.80 -30.75
CA GLU E 300 -21.80 -28.85 -32.12
C GLU E 300 -21.54 -27.52 -32.84
N TRP E 301 -21.92 -26.42 -32.21
CA TRP E 301 -21.73 -25.07 -32.75
C TRP E 301 -20.25 -24.85 -33.11
N TRP E 302 -19.36 -25.22 -32.19
CA TRP E 302 -17.93 -25.08 -32.39
C TRP E 302 -17.44 -25.93 -33.58
N ALA E 303 -17.92 -27.17 -33.62
CA ALA E 303 -17.54 -28.09 -34.71
C ALA E 303 -17.91 -27.44 -36.04
N GLY E 304 -19.04 -26.75 -36.08
CA GLY E 304 -19.46 -26.08 -37.30
C GLY E 304 -18.48 -24.99 -37.74
N LEU E 305 -18.05 -24.15 -36.79
CA LEU E 305 -17.13 -23.08 -37.13
C LEU E 305 -15.79 -23.66 -37.57
N ILE E 306 -15.35 -24.71 -36.88
CA ILE E 306 -14.10 -25.36 -37.23
C ILE E 306 -14.18 -25.92 -38.64
N SER E 307 -15.24 -26.68 -38.89
CA SER E 307 -15.47 -27.31 -40.19
C SER E 307 -15.42 -26.26 -41.30
N GLU E 308 -16.15 -25.18 -41.10
CA GLU E 308 -16.18 -24.08 -42.06
C GLU E 308 -14.77 -23.51 -42.25
N TRP E 309 -14.01 -23.42 -41.17
CA TRP E 309 -12.65 -22.89 -41.21
C TRP E 309 -11.72 -23.83 -41.98
N LEU E 310 -11.91 -25.13 -41.78
CA LEU E 310 -11.08 -26.14 -42.46
C LEU E 310 -11.35 -26.18 -43.96
N SER E 311 -12.57 -25.84 -44.35
CA SER E 311 -12.96 -25.88 -45.75
C SER E 311 -12.21 -24.94 -46.69
N GLN E 312 -11.51 -23.94 -46.15
CA GLN E 312 -10.75 -23.05 -47.01
C GLN E 312 -9.48 -23.78 -47.44
N GLY E 313 -9.18 -24.89 -46.76
CA GLY E 313 -7.96 -25.62 -47.07
C GLY E 313 -6.95 -25.65 -45.92
N VAL E 314 -7.35 -25.16 -44.75
CA VAL E 314 -6.49 -25.20 -43.58
C VAL E 314 -6.34 -26.67 -43.21
N ASP E 315 -5.11 -27.10 -42.96
CA ASP E 315 -4.83 -28.51 -42.67
C ASP E 315 -4.84 -28.96 -41.22
N GLY E 316 -4.64 -28.03 -40.29
CA GLY E 316 -4.63 -28.41 -38.88
C GLY E 316 -5.03 -27.29 -37.95
N ILE E 317 -5.45 -27.67 -36.74
CA ILE E 317 -5.86 -26.71 -35.74
C ILE E 317 -4.93 -26.76 -34.52
N TRP E 318 -4.51 -25.57 -34.08
CA TRP E 318 -3.62 -25.45 -32.94
C TRP E 318 -4.40 -24.74 -31.84
N LEU E 319 -4.84 -25.49 -30.85
CA LEU E 319 -5.61 -24.93 -29.74
C LEU E 319 -4.67 -24.40 -28.65
N ASP E 320 -4.76 -23.10 -28.36
CA ASP E 320 -3.90 -22.48 -27.36
C ASP E 320 -4.69 -21.79 -26.24
N MET E 321 -4.03 -21.53 -25.11
CA MET E 321 -4.65 -20.84 -23.99
C MET E 321 -5.87 -21.56 -23.43
N ASN E 322 -6.04 -22.83 -23.80
CA ASN E 322 -7.21 -23.58 -23.38
C ASN E 322 -7.15 -24.29 -22.04
N GLU E 323 -6.48 -23.70 -21.06
CA GLU E 323 -6.37 -24.29 -19.73
C GLU E 323 -7.69 -24.52 -18.98
N PRO E 324 -8.66 -23.59 -19.08
CA PRO E 324 -8.69 -22.32 -19.83
C PRO E 324 -8.09 -21.13 -19.07
N THR E 325 -7.48 -20.22 -19.83
CA THR E 325 -6.86 -19.04 -19.27
C THR E 325 -7.70 -17.78 -19.44
N ASP E 326 -7.61 -16.89 -18.47
CA ASP E 326 -8.30 -15.60 -18.50
C ASP E 326 -7.41 -14.56 -17.80
N PHE E 327 -7.39 -13.34 -18.34
CA PHE E 327 -6.54 -12.30 -17.78
C PHE E 327 -7.26 -11.16 -17.07
N SER E 328 -8.57 -11.27 -16.88
CA SER E 328 -9.29 -10.18 -16.24
C SER E 328 -8.82 -9.89 -14.81
N ARG E 329 -8.49 -10.93 -14.05
CA ARG E 329 -8.01 -10.70 -12.67
C ARG E 329 -6.65 -10.00 -12.67
N ALA E 330 -5.74 -10.47 -13.50
CA ALA E 330 -4.41 -9.89 -13.60
C ALA E 330 -4.51 -8.43 -14.00
N ILE E 331 -5.31 -8.15 -15.02
CA ILE E 331 -5.48 -6.79 -15.52
C ILE E 331 -6.14 -5.89 -14.49
N GLU E 332 -7.05 -6.46 -13.71
CA GLU E 332 -7.73 -5.72 -12.67
C GLU E 332 -6.70 -5.23 -11.65
N ILE E 333 -5.79 -6.11 -11.27
CA ILE E 333 -4.73 -5.78 -10.30
C ILE E 333 -3.79 -4.73 -10.89
N ARG E 334 -3.42 -4.92 -12.15
CA ARG E 334 -2.52 -4.00 -12.82
C ARG E 334 -3.12 -2.59 -12.97
N ASP E 335 -4.45 -2.49 -13.04
CA ASP E 335 -5.09 -1.18 -13.17
C ASP E 335 -5.14 -0.44 -11.84
N VAL E 336 -5.45 -1.15 -10.78
CA VAL E 336 -5.54 -0.55 -9.47
C VAL E 336 -4.20 -0.20 -8.83
N LEU E 337 -3.18 -1.02 -9.05
CA LEU E 337 -1.86 -0.76 -8.45
C LEU E 337 -0.79 -0.40 -9.47
N SER E 338 -1.21 -0.05 -10.68
CA SER E 338 -0.29 0.30 -11.76
C SER E 338 0.71 1.40 -11.41
N SER E 339 0.25 2.35 -10.61
CA SER E 339 1.07 3.49 -10.20
C SER E 339 2.15 3.17 -9.20
N LEU E 340 1.86 2.28 -8.24
CA LEU E 340 2.85 1.91 -7.24
C LEU E 340 4.10 1.30 -7.83
N PRO E 341 5.27 1.86 -7.47
CA PRO E 341 6.58 1.39 -7.94
C PRO E 341 7.01 0.09 -7.29
N VAL E 342 6.05 -0.71 -6.85
CA VAL E 342 6.33 -1.99 -6.20
C VAL E 342 6.37 -3.11 -7.24
N GLN E 343 6.68 -4.32 -6.77
CA GLN E 343 6.76 -5.46 -7.67
C GLN E 343 5.69 -6.47 -7.31
N PHE E 344 4.95 -6.93 -8.32
CA PHE E 344 3.89 -7.90 -8.09
C PHE E 344 4.45 -9.32 -8.06
N ARG E 345 4.01 -10.10 -7.09
CA ARG E 345 4.46 -11.49 -7.01
C ARG E 345 3.82 -12.16 -8.20
N ASP E 346 4.47 -13.18 -8.75
CA ASP E 346 3.92 -13.86 -9.91
C ASP E 346 3.10 -15.10 -9.53
N ASP E 347 1.84 -14.88 -9.15
CA ASP E 347 0.97 -15.99 -8.79
C ASP E 347 0.21 -16.39 -10.05
N ARG E 348 0.63 -17.49 -10.65
CA ARG E 348 0.04 -18.00 -11.89
C ARG E 348 -1.44 -18.36 -11.74
N LEU E 349 -1.86 -18.77 -10.56
CA LEU E 349 -3.25 -19.11 -10.35
C LEU E 349 -4.20 -17.96 -10.65
N VAL E 350 -3.66 -16.75 -10.73
CA VAL E 350 -4.48 -15.58 -11.02
C VAL E 350 -5.00 -15.61 -12.45
N THR E 351 -4.36 -16.39 -13.32
CA THR E 351 -4.78 -16.49 -14.71
C THR E 351 -5.82 -17.56 -14.99
N THR E 352 -6.29 -18.25 -13.95
CA THR E 352 -7.32 -19.28 -14.16
C THR E 352 -8.67 -18.57 -14.11
N PHE E 353 -9.74 -19.28 -14.45
CA PHE E 353 -11.07 -18.70 -14.41
C PHE E 353 -11.42 -18.38 -12.96
N PRO E 354 -12.25 -17.36 -12.74
CA PRO E 354 -12.64 -16.98 -11.39
C PRO E 354 -13.43 -18.13 -10.76
N ASP E 355 -13.69 -18.05 -9.46
CA ASP E 355 -14.41 -19.12 -8.78
C ASP E 355 -15.92 -19.14 -8.99
N ASN E 356 -16.50 -18.02 -9.39
CA ASN E 356 -17.94 -17.97 -9.58
C ASN E 356 -18.42 -18.40 -10.97
N VAL E 357 -17.52 -18.96 -11.78
CA VAL E 357 -17.87 -19.44 -13.13
C VAL E 357 -18.51 -20.81 -13.07
N VAL E 358 -19.57 -21.02 -13.85
CA VAL E 358 -20.29 -22.29 -13.88
C VAL E 358 -20.46 -22.86 -15.29
N HIS E 359 -20.65 -24.16 -15.36
CA HIS E 359 -20.83 -24.87 -16.63
C HIS E 359 -22.02 -25.80 -16.50
N TYR E 360 -22.48 -26.33 -17.63
CA TYR E 360 -23.57 -27.30 -17.62
C TYR E 360 -23.01 -28.60 -18.17
N LEU E 361 -22.78 -29.54 -17.27
CA LEU E 361 -22.24 -30.83 -17.65
C LEU E 361 -23.36 -31.84 -17.57
N ARG E 362 -23.62 -32.51 -18.70
CA ARG E 362 -24.68 -33.51 -18.77
C ARG E 362 -25.95 -32.98 -18.13
N GLY E 363 -26.31 -31.75 -18.50
CA GLY E 363 -27.51 -31.13 -17.99
C GLY E 363 -27.45 -30.55 -16.59
N LYS E 364 -26.38 -30.84 -15.86
CA LYS E 364 -26.24 -30.34 -14.48
C LYS E 364 -25.33 -29.12 -14.39
N ARG E 365 -25.72 -28.17 -13.54
CA ARG E 365 -24.96 -26.95 -13.33
C ARG E 365 -23.86 -27.22 -12.31
N VAL E 366 -22.60 -27.04 -12.71
CA VAL E 366 -21.47 -27.29 -11.85
C VAL E 366 -20.46 -26.14 -11.79
N LYS E 367 -19.74 -26.04 -10.68
CA LYS E 367 -18.74 -24.99 -10.51
C LYS E 367 -17.51 -25.30 -11.36
N HIS E 368 -16.91 -24.25 -11.91
CA HIS E 368 -15.74 -24.39 -12.74
C HIS E 368 -14.60 -25.12 -12.03
N GLU E 369 -14.44 -24.87 -10.74
CA GLU E 369 -13.37 -25.49 -9.97
C GLU E 369 -13.52 -27.00 -9.81
N LYS E 370 -14.72 -27.52 -10.04
CA LYS E 370 -14.96 -28.95 -9.92
C LYS E 370 -14.58 -29.68 -11.20
N VAL E 371 -14.69 -29.00 -12.34
CA VAL E 371 -14.41 -29.63 -13.62
C VAL E 371 -13.39 -28.92 -14.51
N ARG E 372 -12.73 -27.91 -13.97
CA ARG E 372 -11.76 -27.13 -14.73
C ARG E 372 -10.84 -27.86 -15.69
N ASN E 373 -10.11 -28.85 -15.19
CA ASN E 373 -9.14 -29.54 -16.03
C ASN E 373 -9.67 -30.25 -17.27
N ALA E 374 -10.95 -30.56 -17.28
CA ALA E 374 -11.53 -31.25 -18.42
C ALA E 374 -11.93 -30.28 -19.55
N TYR E 375 -11.87 -28.97 -19.29
CA TYR E 375 -12.24 -27.98 -20.28
C TYR E 375 -11.50 -28.19 -21.62
N PRO E 376 -10.17 -28.27 -21.59
CA PRO E 376 -9.47 -28.47 -22.86
C PRO E 376 -9.84 -29.77 -23.55
N LEU E 377 -10.19 -30.79 -22.76
CA LEU E 377 -10.58 -32.08 -23.32
C LEU E 377 -11.83 -31.93 -24.20
N TYR E 378 -12.83 -31.22 -23.68
CA TYR E 378 -14.06 -31.02 -24.41
C TYR E 378 -13.89 -30.10 -25.61
N GLU E 379 -12.96 -29.16 -25.52
CA GLU E 379 -12.71 -28.28 -26.65
C GLU E 379 -12.06 -29.10 -27.76
N ALA E 380 -11.11 -29.95 -27.40
CA ALA E 380 -10.43 -30.80 -28.39
C ALA E 380 -11.43 -31.76 -29.02
N MET E 381 -12.35 -32.27 -28.21
CA MET E 381 -13.39 -33.18 -28.67
C MET E 381 -14.24 -32.51 -29.77
N ALA E 382 -14.69 -31.29 -29.49
CA ALA E 382 -15.50 -30.52 -30.44
C ALA E 382 -14.70 -30.19 -31.69
N THR E 383 -13.41 -29.93 -31.53
CA THR E 383 -12.57 -29.60 -32.66
C THR E 383 -12.36 -30.84 -33.53
N PHE E 384 -12.21 -31.99 -32.89
CA PHE E 384 -12.03 -33.26 -33.60
C PHE E 384 -13.31 -33.52 -34.40
N LYS E 385 -14.45 -33.26 -33.76
CA LYS E 385 -15.74 -33.44 -34.39
C LYS E 385 -15.83 -32.53 -35.61
N GLY E 386 -15.12 -31.41 -35.55
CA GLY E 386 -15.11 -30.47 -36.66
C GLY E 386 -14.43 -31.07 -37.88
N PHE E 387 -13.42 -31.90 -37.64
CA PHE E 387 -12.72 -32.55 -38.75
C PHE E 387 -13.61 -33.59 -39.39
N ARG E 388 -14.38 -34.32 -38.56
CA ARG E 388 -15.30 -35.34 -39.03
C ARG E 388 -16.37 -34.70 -39.91
N THR E 389 -16.92 -33.59 -39.42
CA THR E 389 -17.94 -32.84 -40.14
C THR E 389 -17.45 -32.44 -41.53
N SER E 390 -16.15 -32.31 -41.68
CA SER E 390 -15.56 -31.93 -42.96
C SER E 390 -15.10 -33.16 -43.74
N HIS E 391 -15.38 -34.34 -43.21
CA HIS E 391 -14.97 -35.59 -43.86
C HIS E 391 -13.47 -35.55 -44.12
N ARG E 392 -12.74 -35.00 -43.16
CA ARG E 392 -11.30 -34.88 -43.24
C ARG E 392 -10.70 -36.09 -42.52
N ASN E 393 -10.01 -36.96 -43.26
CA ASN E 393 -9.43 -38.15 -42.66
C ASN E 393 -8.09 -37.87 -42.00
N GLU E 394 -7.34 -36.93 -42.56
CA GLU E 394 -6.05 -36.56 -41.99
C GLU E 394 -6.30 -35.47 -40.96
N ILE E 395 -6.30 -35.87 -39.69
CA ILE E 395 -6.57 -34.95 -38.60
C ILE E 395 -5.31 -34.52 -37.85
N PHE E 396 -5.22 -33.23 -37.60
CA PHE E 396 -4.11 -32.69 -36.83
C PHE E 396 -4.59 -31.62 -35.87
N ILE E 397 -4.44 -31.91 -34.59
CA ILE E 397 -4.85 -30.97 -33.55
C ILE E 397 -3.75 -30.92 -32.49
N LEU E 398 -3.34 -29.70 -32.15
CA LEU E 398 -2.31 -29.46 -31.14
C LEU E 398 -3.02 -28.74 -30.01
N SER E 399 -2.76 -29.16 -28.79
CA SER E 399 -3.38 -28.52 -27.63
C SER E 399 -2.32 -28.21 -26.58
N ARG E 400 -2.51 -27.14 -25.82
CA ARG E 400 -1.56 -26.80 -24.78
C ARG E 400 -1.96 -27.47 -23.48
N ALA E 401 -3.24 -27.41 -23.13
CA ALA E 401 -3.72 -28.02 -21.91
C ALA E 401 -4.35 -29.38 -22.19
N GLY E 402 -4.71 -30.09 -21.13
CA GLY E 402 -5.32 -31.39 -21.31
C GLY E 402 -5.74 -32.04 -20.02
N TYR E 403 -6.39 -33.19 -20.17
CA TYR E 403 -6.88 -33.98 -19.05
C TYR E 403 -6.87 -35.43 -19.57
N ALA E 404 -7.11 -36.39 -18.69
CA ALA E 404 -7.14 -37.79 -19.10
C ALA E 404 -8.08 -37.93 -20.30
N GLY E 405 -7.64 -38.61 -21.34
CA GLY E 405 -8.47 -38.78 -22.51
C GLY E 405 -8.11 -37.84 -23.66
N ILE E 406 -7.34 -36.80 -23.35
CA ILE E 406 -6.95 -35.84 -24.37
C ILE E 406 -6.22 -36.54 -25.52
N GLN E 407 -5.62 -37.69 -25.26
CA GLN E 407 -4.91 -38.42 -26.31
C GLN E 407 -5.85 -38.86 -27.44
N ARG E 408 -7.15 -38.91 -27.18
CA ARG E 408 -8.12 -39.29 -28.22
C ARG E 408 -8.13 -38.26 -29.34
N TYR E 409 -7.86 -37.01 -29.00
CA TYR E 409 -7.97 -35.94 -29.99
C TYR E 409 -6.80 -35.07 -30.37
N ALA E 410 -5.72 -35.06 -29.58
CA ALA E 410 -4.66 -34.15 -29.94
C ALA E 410 -3.25 -34.44 -29.48
N PHE E 411 -2.32 -33.73 -30.12
CA PHE E 411 -0.90 -33.74 -29.80
C PHE E 411 -0.81 -32.69 -28.68
N ILE E 412 0.22 -32.80 -27.85
CA ILE E 412 0.43 -31.83 -26.81
C ILE E 412 1.88 -31.38 -26.85
N TRP E 413 2.11 -30.08 -26.79
CA TRP E 413 3.49 -29.58 -26.77
C TRP E 413 3.64 -28.90 -25.41
N THR E 414 4.85 -28.81 -24.91
CA THR E 414 5.14 -28.26 -23.58
C THR E 414 5.10 -26.75 -23.36
N GLY E 415 4.38 -26.02 -24.20
CA GLY E 415 4.25 -24.59 -23.98
C GLY E 415 5.48 -23.69 -24.11
N ASP E 416 5.45 -22.59 -23.36
CA ASP E 416 6.48 -21.56 -23.38
C ASP E 416 7.80 -21.81 -22.64
N ASN E 417 8.61 -22.73 -23.14
CA ASN E 417 9.89 -23.02 -22.51
C ASN E 417 10.93 -21.92 -22.78
N THR E 418 11.97 -21.90 -21.94
CA THR E 418 13.05 -20.92 -22.04
C THR E 418 14.34 -21.59 -22.55
N PRO E 419 14.97 -21.02 -23.58
CA PRO E 419 16.21 -21.59 -24.12
C PRO E 419 17.34 -21.55 -23.08
N SER E 420 17.89 -22.70 -22.76
CA SER E 420 19.00 -22.79 -21.81
C SER E 420 19.46 -24.23 -21.74
N TRP E 421 20.71 -24.43 -21.32
CA TRP E 421 21.22 -25.78 -21.22
C TRP E 421 20.43 -26.64 -20.24
N ASP E 422 19.97 -26.03 -19.16
CA ASP E 422 19.18 -26.77 -18.19
C ASP E 422 17.84 -27.16 -18.80
N ASP E 423 17.29 -26.32 -19.66
CA ASP E 423 15.99 -26.63 -20.27
C ASP E 423 16.02 -27.93 -21.06
N LEU E 424 17.19 -28.32 -21.58
CA LEU E 424 17.29 -29.57 -22.33
C LEU E 424 16.84 -30.74 -21.45
N LYS E 425 17.30 -30.77 -20.21
CA LYS E 425 16.91 -31.84 -19.31
C LYS E 425 15.45 -31.69 -18.89
N LEU E 426 15.01 -30.46 -18.69
CA LEU E 426 13.63 -30.22 -18.29
C LEU E 426 12.64 -30.72 -19.33
N GLN E 427 12.87 -30.35 -20.59
CA GLN E 427 11.99 -30.76 -21.67
C GLN E 427 11.86 -32.28 -21.77
N LEU E 428 12.97 -32.97 -21.50
CA LEU E 428 12.98 -34.42 -21.55
C LEU E 428 12.06 -35.00 -20.45
N GLN E 429 12.08 -34.40 -19.27
CA GLN E 429 11.24 -34.88 -18.17
C GLN E 429 9.77 -34.60 -18.48
N LEU E 430 9.50 -33.43 -19.06
CA LEU E 430 8.16 -33.03 -19.42
C LEU E 430 7.53 -33.96 -20.45
N VAL E 431 8.20 -34.18 -21.57
CA VAL E 431 7.63 -35.05 -22.59
C VAL E 431 7.54 -36.51 -22.15
N LEU E 432 8.51 -36.98 -21.38
CA LEU E 432 8.47 -38.35 -20.89
C LEU E 432 7.41 -38.55 -19.84
N GLY E 433 7.15 -37.52 -19.03
CA GLY E 433 6.12 -37.63 -18.00
C GLY E 433 4.76 -37.73 -18.66
N LEU E 434 4.57 -36.97 -19.73
CA LEU E 434 3.34 -36.92 -20.49
C LEU E 434 3.13 -38.27 -21.18
N SER E 435 4.21 -38.74 -21.77
CA SER E 435 4.23 -39.99 -22.50
C SER E 435 3.90 -41.20 -21.62
N ILE E 436 4.49 -41.26 -20.44
CA ILE E 436 4.24 -42.36 -19.53
C ILE E 436 2.84 -42.25 -18.89
N SER E 437 2.17 -41.13 -19.15
CA SER E 437 0.84 -40.88 -18.60
C SER E 437 -0.29 -41.01 -19.62
N GLY E 438 -0.04 -41.69 -20.73
CA GLY E 438 -1.11 -41.87 -21.70
C GLY E 438 -1.18 -40.91 -22.88
N VAL E 439 -0.33 -39.90 -22.93
CA VAL E 439 -0.34 -38.96 -24.05
C VAL E 439 0.93 -39.21 -24.85
N PRO E 440 0.83 -40.00 -25.93
CA PRO E 440 1.95 -40.36 -26.78
C PRO E 440 2.52 -39.31 -27.74
N PHE E 441 1.66 -38.52 -28.35
CA PHE E 441 2.13 -37.54 -29.32
C PHE E 441 2.46 -36.21 -28.66
N VAL E 442 3.72 -36.06 -28.33
CA VAL E 442 4.21 -34.88 -27.65
C VAL E 442 5.51 -34.34 -28.23
N GLY E 443 5.85 -33.12 -27.82
CA GLY E 443 7.06 -32.48 -28.26
C GLY E 443 7.24 -31.18 -27.51
N CYS E 444 8.28 -30.43 -27.85
CA CYS E 444 8.55 -29.16 -27.22
C CYS E 444 9.02 -28.20 -28.32
N ASP E 445 9.03 -26.91 -28.03
CA ASP E 445 9.46 -25.93 -29.02
C ASP E 445 10.98 -26.02 -29.16
N ILE E 446 11.42 -26.47 -30.32
CA ILE E 446 12.85 -26.58 -30.58
C ILE E 446 13.46 -25.18 -30.59
N GLY E 447 14.47 -24.98 -29.75
CA GLY E 447 15.12 -23.69 -29.67
C GLY E 447 14.53 -22.84 -28.55
N GLY E 448 13.45 -23.32 -27.94
CA GLY E 448 12.82 -22.57 -26.88
C GLY E 448 11.94 -21.43 -27.36
N PHE E 449 10.80 -21.26 -26.71
CA PHE E 449 9.86 -20.21 -27.07
C PHE E 449 10.31 -18.77 -26.70
N GLN E 450 10.69 -18.56 -25.45
CA GLN E 450 11.09 -17.23 -24.97
C GLN E 450 12.12 -16.53 -25.86
N GLY E 451 11.89 -15.24 -26.11
CA GLY E 451 12.76 -14.48 -26.97
C GLY E 451 13.89 -13.73 -26.29
N ARG E 452 13.66 -12.45 -25.98
CA ARG E 452 14.68 -11.65 -25.31
C ARG E 452 14.03 -10.64 -24.37
N ASN E 453 13.01 -11.08 -23.65
CA ASN E 453 12.33 -10.20 -22.73
C ASN E 453 12.88 -10.27 -21.31
N PHE E 454 13.91 -11.09 -21.11
CA PHE E 454 14.58 -11.19 -19.82
C PHE E 454 15.96 -11.82 -19.96
N ALA E 455 16.88 -11.41 -19.10
CA ALA E 455 18.28 -11.83 -19.12
C ALA E 455 18.66 -13.31 -19.13
N GLU E 456 17.92 -14.12 -18.38
CA GLU E 456 18.23 -15.54 -18.28
C GLU E 456 17.82 -16.39 -19.48
N ILE E 457 18.06 -15.89 -20.68
CA ILE E 457 17.73 -16.60 -21.91
C ILE E 457 19.02 -16.81 -22.69
N ASP E 458 19.27 -18.04 -23.13
CA ASP E 458 20.48 -18.36 -23.87
C ASP E 458 20.18 -18.64 -25.35
N ASN E 459 20.53 -17.70 -26.22
CA ASN E 459 20.29 -17.87 -27.65
C ASN E 459 21.50 -18.31 -28.47
N SER E 460 22.47 -18.95 -27.84
CA SER E 460 23.65 -19.42 -28.57
C SER E 460 23.23 -20.48 -29.61
N MET E 461 23.95 -20.51 -30.72
CA MET E 461 23.64 -21.44 -31.79
C MET E 461 23.96 -22.90 -31.52
N ASP E 462 24.97 -23.18 -30.72
CA ASP E 462 25.28 -24.57 -30.44
C ASP E 462 24.20 -25.18 -29.52
N LEU E 463 23.56 -24.33 -28.73
CA LEU E 463 22.49 -24.79 -27.84
C LEU E 463 21.30 -25.11 -28.76
N LEU E 464 21.07 -24.24 -29.75
CA LEU E 464 19.97 -24.42 -30.69
C LEU E 464 20.14 -25.77 -31.38
N VAL E 465 21.36 -26.06 -31.81
CA VAL E 465 21.65 -27.33 -32.47
C VAL E 465 21.33 -28.49 -31.53
N LYS E 466 21.63 -28.35 -30.24
CA LYS E 466 21.35 -29.39 -29.27
C LYS E 466 19.85 -29.64 -29.11
N TYR E 467 19.04 -28.60 -29.31
CA TYR E 467 17.60 -28.75 -29.21
C TYR E 467 17.11 -29.63 -30.35
N TYR E 468 17.58 -29.36 -31.57
CA TYR E 468 17.21 -30.14 -32.73
C TYR E 468 17.58 -31.59 -32.52
N ALA E 469 18.76 -31.81 -31.92
CA ALA E 469 19.25 -33.15 -31.65
C ALA E 469 18.48 -33.83 -30.52
N LEU E 470 18.08 -33.05 -29.52
CA LEU E 470 17.37 -33.59 -28.37
C LEU E 470 16.02 -34.20 -28.77
N ALA E 471 15.29 -33.47 -29.60
CA ALA E 471 13.97 -33.89 -30.06
C ALA E 471 14.01 -34.75 -31.32
N LEU E 472 15.19 -35.24 -31.69
CA LEU E 472 15.37 -36.07 -32.87
C LEU E 472 14.27 -37.11 -33.05
N PHE E 473 13.91 -37.78 -31.96
CA PHE E 473 12.88 -38.81 -32.01
C PHE E 473 11.56 -38.46 -31.35
N PHE E 474 11.37 -37.21 -30.93
CA PHE E 474 10.10 -36.82 -30.33
C PHE E 474 9.04 -36.92 -31.43
N PRO E 475 7.80 -37.29 -31.07
CA PRO E 475 6.74 -37.40 -32.06
C PRO E 475 6.48 -36.06 -32.76
N PHE E 476 6.32 -35.00 -31.97
CA PHE E 476 6.06 -33.67 -32.50
C PHE E 476 7.39 -32.89 -32.58
N TYR E 477 7.79 -32.52 -33.80
CA TYR E 477 9.05 -31.83 -34.07
C TYR E 477 8.82 -30.43 -34.66
N ARG E 478 8.67 -29.43 -33.80
CA ARG E 478 8.42 -28.07 -34.26
C ARG E 478 9.33 -27.00 -33.66
N SER E 479 9.73 -26.08 -34.52
CA SER E 479 10.56 -24.94 -34.12
C SER E 479 9.58 -23.78 -33.94
N HIS E 480 9.57 -23.17 -32.77
CA HIS E 480 8.65 -22.07 -32.50
C HIS E 480 9.40 -21.05 -31.65
N LYS E 481 9.16 -19.77 -31.90
CA LYS E 481 9.86 -18.72 -31.17
C LYS E 481 8.97 -17.52 -30.96
N ALA E 482 9.19 -16.81 -29.84
CA ALA E 482 8.41 -15.62 -29.51
C ALA E 482 8.73 -14.43 -30.44
N THR E 483 7.86 -13.43 -30.42
CA THR E 483 8.00 -12.26 -31.28
C THR E 483 9.34 -11.55 -31.26
N ASP E 484 9.86 -11.28 -30.07
CA ASP E 484 11.13 -10.58 -29.95
C ASP E 484 12.37 -11.47 -29.89
N GLY E 485 12.21 -12.75 -30.21
CA GLY E 485 13.34 -13.64 -30.20
C GLY E 485 14.07 -13.57 -31.54
N ILE E 486 15.35 -13.92 -31.54
CA ILE E 486 16.12 -13.89 -32.79
C ILE E 486 15.49 -14.88 -33.76
N ASP E 487 15.75 -14.71 -35.05
CA ASP E 487 15.21 -15.63 -36.07
C ASP E 487 15.95 -16.95 -35.88
N THR E 488 15.21 -18.03 -35.66
CA THR E 488 15.85 -19.32 -35.44
C THR E 488 15.72 -20.32 -36.58
N GLU E 489 15.17 -19.90 -37.71
CA GLU E 489 15.06 -20.81 -38.86
C GLU E 489 16.49 -21.15 -39.28
N PRO E 490 16.73 -22.42 -39.64
CA PRO E 490 18.04 -22.92 -40.06
C PRO E 490 18.69 -22.12 -41.19
N VAL E 491 17.89 -21.62 -42.12
CA VAL E 491 18.41 -20.85 -43.23
C VAL E 491 19.12 -19.56 -42.82
N PHE E 492 18.93 -19.15 -41.56
CA PHE E 492 19.57 -17.93 -41.08
C PHE E 492 20.82 -18.20 -40.25
N LEU E 493 21.23 -19.47 -40.20
CA LEU E 493 22.41 -19.86 -39.43
C LEU E 493 23.67 -19.90 -40.28
N PRO E 494 24.84 -19.66 -39.66
CA PRO E 494 26.09 -19.71 -40.43
C PRO E 494 26.18 -21.14 -40.97
N ASP E 495 26.81 -21.31 -42.13
CA ASP E 495 26.93 -22.64 -42.74
C ASP E 495 27.30 -23.76 -41.77
N TYR E 496 28.25 -23.49 -40.86
CA TYR E 496 28.66 -24.50 -39.89
C TYR E 496 27.48 -25.10 -39.11
N TYR E 497 26.65 -24.24 -38.54
CA TYR E 497 25.50 -24.68 -37.77
C TYR E 497 24.33 -25.14 -38.64
N LYS E 498 24.14 -24.46 -39.77
CA LYS E 498 23.07 -24.80 -40.70
C LYS E 498 23.22 -26.23 -41.18
N GLU E 499 24.45 -26.65 -41.49
CA GLU E 499 24.68 -28.01 -41.95
C GLU E 499 24.35 -29.04 -40.88
N LYS E 500 24.63 -28.71 -39.62
CA LYS E 500 24.34 -29.63 -38.54
C LYS E 500 22.85 -29.83 -38.38
N VAL E 501 22.08 -28.75 -38.45
CA VAL E 501 20.62 -28.86 -38.32
C VAL E 501 20.07 -29.64 -39.50
N LYS E 502 20.60 -29.37 -40.68
CA LYS E 502 20.19 -30.03 -41.90
C LYS E 502 20.38 -31.55 -41.79
N GLU E 503 21.53 -31.98 -41.28
CA GLU E 503 21.80 -33.40 -41.13
C GLU E 503 20.93 -34.06 -40.07
N ILE E 504 20.58 -33.32 -39.03
CA ILE E 504 19.74 -33.85 -37.98
C ILE E 504 18.32 -34.07 -38.50
N VAL E 505 17.80 -33.09 -39.23
CA VAL E 505 16.46 -33.19 -39.80
C VAL E 505 16.39 -34.33 -40.83
N GLU E 506 17.45 -34.50 -41.61
CA GLU E 506 17.47 -35.56 -42.60
C GLU E 506 17.48 -36.91 -41.88
N LEU E 507 18.18 -36.98 -40.76
CA LEU E 507 18.24 -38.21 -40.01
C LEU E 507 16.86 -38.53 -39.42
N ARG E 508 16.11 -37.49 -39.07
CA ARG E 508 14.78 -37.70 -38.53
C ARG E 508 13.89 -38.31 -39.63
N TYR E 509 13.91 -37.73 -40.81
CA TYR E 509 13.11 -38.24 -41.91
C TYR E 509 13.52 -39.66 -42.27
N LYS E 510 14.78 -40.00 -42.06
CA LYS E 510 15.26 -41.34 -42.36
C LYS E 510 14.62 -42.36 -41.40
N PHE E 511 14.31 -41.92 -40.19
CA PHE E 511 13.71 -42.78 -39.18
C PHE E 511 12.20 -42.61 -39.08
N LEU E 512 11.64 -41.71 -39.88
CA LEU E 512 10.21 -41.47 -39.82
C LEU E 512 9.36 -42.74 -39.93
N PRO E 513 9.71 -43.67 -40.84
CA PRO E 513 8.95 -44.91 -40.98
C PRO E 513 8.81 -45.69 -39.68
N TYR E 514 9.89 -45.72 -38.91
CA TYR E 514 9.88 -46.41 -37.62
C TYR E 514 9.00 -45.64 -36.64
N ILE E 515 9.22 -44.33 -36.56
CA ILE E 515 8.43 -43.49 -35.68
C ILE E 515 6.94 -43.62 -35.99
N TYR E 516 6.58 -43.57 -37.27
CA TYR E 516 5.18 -43.66 -37.65
C TYR E 516 4.59 -45.04 -37.32
N SER E 517 5.39 -46.09 -37.45
CA SER E 517 4.93 -47.43 -37.11
C SER E 517 4.60 -47.47 -35.61
N LEU E 518 5.43 -46.80 -34.80
CA LEU E 518 5.19 -46.74 -33.37
C LEU E 518 3.93 -45.91 -33.09
N ALA E 519 3.66 -44.93 -33.95
CA ALA E 519 2.46 -44.12 -33.80
C ALA E 519 1.24 -45.02 -34.04
N LEU E 520 1.32 -45.90 -35.04
CA LEU E 520 0.23 -46.83 -35.33
C LEU E 520 0.02 -47.73 -34.11
N GLU E 521 1.12 -48.21 -33.54
CA GLU E 521 1.07 -49.07 -32.37
C GLU E 521 0.40 -48.30 -31.21
N ALA E 522 0.71 -47.02 -31.09
CA ALA E 522 0.12 -46.21 -30.03
C ALA E 522 -1.39 -46.12 -30.20
N SER E 523 -1.84 -45.83 -31.42
CA SER E 523 -3.27 -45.72 -31.68
C SER E 523 -4.02 -47.05 -31.58
N GLU E 524 -3.30 -48.15 -31.69
CA GLU E 524 -3.93 -49.46 -31.62
C GLU E 524 -3.87 -50.11 -30.24
N LYS E 525 -2.75 -49.94 -29.55
CA LYS E 525 -2.60 -50.56 -28.25
C LYS E 525 -2.35 -49.58 -27.11
N GLY E 526 -2.11 -48.32 -27.43
CA GLY E 526 -1.88 -47.35 -26.38
C GLY E 526 -0.48 -47.37 -25.82
N HIS E 527 0.47 -47.85 -26.59
CA HIS E 527 1.86 -47.87 -26.14
C HIS E 527 2.48 -46.53 -26.51
N PRO E 528 3.21 -45.91 -25.59
CA PRO E 528 3.81 -44.62 -25.96
C PRO E 528 4.93 -44.78 -26.99
N VAL E 529 5.15 -43.72 -27.78
CA VAL E 529 6.20 -43.74 -28.79
C VAL E 529 7.57 -43.62 -28.13
N ILE E 530 7.80 -42.53 -27.38
CA ILE E 530 9.07 -42.38 -26.70
C ILE E 530 8.84 -42.84 -25.27
N ARG E 531 9.85 -43.50 -24.70
CA ARG E 531 9.69 -44.03 -23.35
C ARG E 531 10.91 -43.88 -22.45
N PRO E 532 10.66 -43.71 -21.15
CA PRO E 532 11.79 -43.60 -20.22
C PRO E 532 12.34 -45.03 -20.12
N LEU E 533 13.61 -45.17 -19.76
CA LEU E 533 14.20 -46.50 -19.66
C LEU E 533 13.48 -47.46 -18.72
N PHE E 534 12.94 -46.96 -17.63
CA PHE E 534 12.26 -47.86 -16.70
C PHE E 534 11.01 -48.49 -17.30
N TYR E 535 10.54 -47.96 -18.42
CA TYR E 535 9.34 -48.53 -19.04
C TYR E 535 9.64 -49.93 -19.60
N GLU E 536 10.80 -50.08 -20.22
CA GLU E 536 11.21 -51.36 -20.78
C GLU E 536 11.97 -52.21 -19.77
N PHE E 537 12.51 -51.59 -18.73
CA PHE E 537 13.27 -52.31 -17.72
C PHE E 537 12.83 -51.88 -16.33
N GLN E 538 11.54 -52.07 -16.06
CA GLN E 538 10.94 -51.67 -14.79
C GLN E 538 11.45 -52.37 -13.54
N ASP E 539 12.13 -53.49 -13.73
CA ASP E 539 12.64 -54.27 -12.61
C ASP E 539 14.01 -53.83 -12.11
N ASP E 540 14.63 -52.89 -12.80
CA ASP E 540 15.95 -52.40 -12.40
C ASP E 540 15.84 -51.00 -11.81
N ASP E 541 16.02 -50.88 -10.50
CA ASP E 541 15.91 -49.61 -9.80
C ASP E 541 16.76 -48.48 -10.38
N ASP E 542 17.94 -48.82 -10.89
CA ASP E 542 18.84 -47.84 -11.50
C ASP E 542 18.13 -47.01 -12.57
N MET E 543 17.31 -47.69 -13.36
CA MET E 543 16.58 -47.07 -14.45
C MET E 543 15.71 -45.87 -14.07
N TYR E 544 15.22 -45.83 -12.83
CA TYR E 544 14.38 -44.71 -12.41
C TYR E 544 15.14 -43.44 -12.10
N ARG E 545 16.46 -43.46 -12.26
CA ARG E 545 17.28 -42.29 -12.01
C ARG E 545 17.90 -41.79 -13.30
N ILE E 546 17.70 -42.52 -14.40
CA ILE E 546 18.24 -42.12 -15.69
C ILE E 546 17.21 -41.24 -16.38
N GLU E 547 17.54 -39.96 -16.58
CA GLU E 547 16.59 -39.05 -17.21
C GLU E 547 17.08 -38.29 -18.44
N ASP E 548 18.35 -38.46 -18.79
CA ASP E 548 18.88 -37.81 -19.98
C ASP E 548 19.03 -38.82 -21.12
N GLU E 549 18.25 -39.89 -21.03
CA GLU E 549 18.23 -40.95 -22.04
C GLU E 549 16.79 -41.38 -22.21
N TYR E 550 16.44 -41.82 -23.41
CA TYR E 550 15.09 -42.31 -23.64
C TYR E 550 15.05 -43.35 -24.74
N MET E 551 14.02 -44.21 -24.67
CA MET E 551 13.81 -45.27 -25.64
C MET E 551 12.81 -44.79 -26.68
N VAL E 552 13.05 -45.16 -27.92
CA VAL E 552 12.13 -44.83 -29.00
C VAL E 552 11.59 -46.19 -29.36
N GLY E 553 10.37 -46.44 -28.92
CA GLY E 553 9.76 -47.73 -29.17
C GLY E 553 10.44 -48.71 -28.23
N LYS E 554 10.48 -49.97 -28.63
CA LYS E 554 11.06 -51.00 -27.79
C LYS E 554 12.52 -51.30 -28.16
N TYR E 555 12.93 -50.85 -29.35
CA TYR E 555 14.26 -51.18 -29.85
C TYR E 555 15.38 -50.17 -29.83
N LEU E 556 15.06 -48.88 -29.83
CA LEU E 556 16.11 -47.88 -29.90
C LEU E 556 16.36 -47.03 -28.66
N LEU E 557 17.62 -47.01 -28.22
CA LEU E 557 18.01 -46.22 -27.06
C LEU E 557 18.76 -45.00 -27.56
N TYR E 558 18.29 -43.82 -27.16
CA TYR E 558 18.92 -42.57 -27.56
C TYR E 558 19.37 -41.80 -26.32
N ALA E 559 20.65 -41.45 -26.29
CA ALA E 559 21.22 -40.70 -25.17
C ALA E 559 21.70 -39.37 -25.73
N PRO E 560 20.79 -38.39 -25.86
CA PRO E 560 21.18 -37.09 -26.39
C PRO E 560 22.21 -36.37 -25.54
N ILE E 561 23.08 -35.62 -26.21
CA ILE E 561 24.09 -34.86 -25.51
C ILE E 561 23.44 -33.57 -25.03
N VAL E 562 23.27 -33.44 -23.72
CA VAL E 562 22.64 -32.27 -23.13
C VAL E 562 23.60 -31.35 -22.38
N SER E 563 24.83 -31.27 -22.86
CA SER E 563 25.84 -30.41 -22.26
C SER E 563 26.78 -29.94 -23.36
N LYS E 564 27.75 -29.10 -23.00
CA LYS E 564 28.69 -28.57 -23.98
C LYS E 564 29.77 -29.59 -24.37
N GLU E 565 29.90 -30.64 -23.56
CA GLU E 565 30.89 -31.69 -23.84
C GLU E 565 30.77 -32.23 -25.26
N GLU E 566 31.78 -32.97 -25.68
CA GLU E 566 31.81 -33.57 -27.01
C GLU E 566 31.31 -35.01 -26.94
N SER E 567 31.37 -35.59 -25.74
CA SER E 567 30.91 -36.94 -25.52
C SER E 567 30.29 -36.99 -24.13
N ARG E 568 29.58 -38.07 -23.82
CA ARG E 568 28.95 -38.19 -22.52
C ARG E 568 28.95 -39.65 -22.07
N LEU E 569 28.59 -39.86 -20.81
CA LEU E 569 28.50 -41.20 -20.28
C LEU E 569 27.10 -41.70 -20.60
N VAL E 570 27.01 -42.91 -21.12
CA VAL E 570 25.73 -43.49 -21.48
C VAL E 570 25.49 -44.72 -20.63
N THR E 571 24.35 -44.76 -19.95
CA THR E 571 24.00 -45.92 -19.14
C THR E 571 23.16 -46.87 -19.99
N LEU E 572 23.65 -48.10 -20.15
CA LEU E 572 22.94 -49.10 -20.93
C LEU E 572 22.23 -50.10 -20.03
N PRO E 573 20.96 -50.39 -20.30
CA PRO E 573 20.22 -51.36 -19.49
C PRO E 573 20.73 -52.78 -19.76
N ARG E 574 20.17 -53.75 -19.05
CA ARG E 574 20.52 -55.15 -19.21
C ARG E 574 20.34 -55.58 -20.67
N GLY E 575 21.19 -56.50 -21.13
CA GLY E 575 21.08 -56.97 -22.50
C GLY E 575 22.19 -56.44 -23.39
N LYS E 576 22.20 -56.83 -24.65
CA LYS E 576 23.25 -56.35 -25.56
C LYS E 576 22.77 -55.15 -26.37
N TRP E 577 23.70 -54.24 -26.65
CA TRP E 577 23.37 -53.05 -27.42
C TRP E 577 24.34 -52.82 -28.56
N TYR E 578 23.79 -52.48 -29.71
CA TYR E 578 24.56 -52.23 -30.91
C TYR E 578 24.72 -50.73 -31.14
N ASN E 579 25.96 -50.28 -31.28
CA ASN E 579 26.24 -48.87 -31.51
C ASN E 579 25.91 -48.58 -32.98
N TYR E 580 24.79 -47.90 -33.22
CA TYR E 580 24.35 -47.59 -34.57
C TYR E 580 25.46 -47.02 -35.47
N TRP E 581 26.32 -46.19 -34.90
CA TRP E 581 27.38 -45.55 -35.69
C TRP E 581 28.67 -46.30 -35.95
N ASN E 582 29.19 -47.04 -34.97
CA ASN E 582 30.44 -47.76 -35.23
C ASN E 582 30.28 -49.26 -35.20
N GLY E 583 29.08 -49.71 -34.89
CA GLY E 583 28.81 -51.14 -34.88
C GLY E 583 29.28 -51.97 -33.70
N GLU E 584 29.85 -51.36 -32.67
CA GLU E 584 30.29 -52.15 -31.53
C GLU E 584 29.12 -52.73 -30.73
N ILE E 585 29.27 -53.96 -30.22
CA ILE E 585 28.22 -54.56 -29.40
C ILE E 585 28.73 -54.46 -27.97
N ILE E 586 27.95 -53.84 -27.10
CA ILE E 586 28.31 -53.68 -25.70
C ILE E 586 27.29 -54.42 -24.83
N ASN E 587 27.78 -55.07 -23.78
CA ASN E 587 26.92 -55.79 -22.87
C ASN E 587 26.23 -54.86 -21.89
N GLY E 588 24.94 -55.08 -21.73
CA GLY E 588 24.13 -54.25 -20.86
C GLY E 588 24.50 -54.20 -19.39
N LYS E 589 23.91 -53.22 -18.72
CA LYS E 589 24.14 -52.99 -17.32
C LYS E 589 25.58 -52.54 -17.20
N SER E 590 25.87 -51.41 -17.85
CA SER E 590 27.19 -50.83 -17.85
C SER E 590 27.10 -49.38 -18.27
N VAL E 591 28.20 -48.66 -18.11
CA VAL E 591 28.27 -47.26 -18.47
C VAL E 591 29.40 -47.10 -19.49
N VAL E 592 29.09 -46.49 -20.63
CA VAL E 592 30.09 -46.31 -21.68
C VAL E 592 30.10 -44.86 -22.15
N LYS E 593 31.16 -44.51 -22.84
CA LYS E 593 31.31 -43.16 -23.36
C LYS E 593 30.74 -43.14 -24.78
N SER E 594 29.97 -42.10 -25.11
CA SER E 594 29.39 -41.99 -26.44
C SER E 594 30.51 -41.88 -27.45
N THR E 595 30.20 -42.17 -28.72
CA THR E 595 31.23 -42.11 -29.77
C THR E 595 30.86 -41.20 -30.93
N HIS E 596 29.62 -40.74 -30.96
CA HIS E 596 29.14 -39.88 -32.03
C HIS E 596 28.39 -38.71 -31.39
N GLU E 597 28.04 -37.68 -32.17
CA GLU E 597 27.31 -36.54 -31.64
C GLU E 597 25.87 -36.94 -31.28
N LEU E 598 25.36 -37.96 -31.96
CA LEU E 598 24.01 -38.46 -31.73
C LEU E 598 24.11 -39.93 -31.27
N PRO E 599 24.26 -40.16 -29.96
CA PRO E 599 24.39 -41.49 -29.34
C PRO E 599 23.16 -42.39 -29.46
N ILE E 600 23.15 -43.24 -30.50
CA ILE E 600 22.04 -44.14 -30.77
C ILE E 600 22.48 -45.60 -30.63
N TYR E 601 21.68 -46.40 -29.92
CA TYR E 601 22.00 -47.81 -29.73
C TYR E 601 20.80 -48.70 -30.02
N LEU E 602 21.02 -49.79 -30.73
CA LEU E 602 19.93 -50.71 -31.02
C LEU E 602 20.01 -51.91 -30.10
N ARG E 603 18.85 -52.27 -29.58
CA ARG E 603 18.71 -53.38 -28.65
C ARG E 603 18.76 -54.72 -29.38
N GLU E 604 19.35 -55.73 -28.74
CA GLU E 604 19.40 -57.05 -29.35
C GLU E 604 17.96 -57.51 -29.37
N GLY E 605 17.43 -57.69 -30.58
CA GLY E 605 16.04 -58.09 -30.76
C GLY E 605 15.32 -56.86 -31.29
N SER E 606 15.80 -56.36 -32.42
CA SER E 606 15.24 -55.16 -33.04
C SER E 606 15.00 -55.25 -34.54
N ILE E 607 13.95 -54.59 -34.98
CA ILE E 607 13.64 -54.53 -36.40
C ILE E 607 13.29 -53.07 -36.62
N ILE E 608 14.06 -52.39 -37.44
CA ILE E 608 13.77 -50.99 -37.69
C ILE E 608 13.61 -50.63 -39.15
N PRO E 609 12.40 -50.20 -39.53
CA PRO E 609 12.13 -49.81 -40.92
C PRO E 609 12.62 -48.37 -41.11
N LEU E 610 13.38 -48.14 -42.17
CA LEU E 610 13.91 -46.82 -42.45
C LEU E 610 13.38 -46.28 -43.77
N GLU E 611 13.61 -45.00 -44.00
CA GLU E 611 13.17 -44.33 -45.21
C GLU E 611 13.67 -45.05 -46.47
N GLY E 612 12.82 -45.10 -47.49
CA GLY E 612 13.19 -45.74 -48.73
C GLY E 612 13.21 -47.25 -48.65
N ASP E 613 12.30 -47.81 -47.87
CA ASP E 613 12.18 -49.25 -47.72
C ASP E 613 13.44 -49.95 -47.19
N GLU E 614 14.31 -49.22 -46.52
CA GLU E 614 15.50 -49.82 -45.93
C GLU E 614 15.01 -50.59 -44.71
N LEU E 615 15.83 -51.52 -44.23
CA LEU E 615 15.44 -52.31 -43.08
C LEU E 615 16.66 -52.73 -42.25
N ILE E 616 16.60 -52.52 -40.94
CA ILE E 616 17.70 -52.94 -40.06
C ILE E 616 17.17 -54.04 -39.15
N VAL E 617 17.90 -55.14 -39.07
CA VAL E 617 17.48 -56.24 -38.22
C VAL E 617 18.62 -56.67 -37.32
N TYR E 618 18.33 -56.83 -36.04
CA TYR E 618 19.32 -57.26 -35.06
C TYR E 618 18.65 -58.19 -34.06
N GLY E 619 18.92 -59.48 -34.20
CA GLY E 619 18.34 -60.43 -33.28
C GLY E 619 16.95 -60.89 -33.66
N GLU E 620 16.25 -61.47 -32.70
CA GLU E 620 14.91 -61.99 -32.93
C GLU E 620 13.83 -61.17 -32.27
N THR E 621 12.80 -60.84 -33.04
CA THR E 621 11.67 -60.08 -32.52
C THR E 621 10.60 -60.05 -33.61
N SER E 622 9.48 -59.42 -33.29
CA SER E 622 8.39 -59.29 -34.25
C SER E 622 7.98 -57.82 -34.24
N PHE E 623 7.73 -57.27 -35.42
CA PHE E 623 7.39 -55.86 -35.54
C PHE E 623 6.35 -55.59 -36.63
N LYS E 624 5.42 -54.69 -36.32
CA LYS E 624 4.37 -54.33 -37.27
C LYS E 624 4.65 -52.94 -37.83
N ARG E 625 4.89 -52.88 -39.13
CA ARG E 625 5.15 -51.62 -39.79
C ARG E 625 3.83 -50.87 -39.93
N TYR E 626 3.91 -49.55 -40.10
CA TYR E 626 2.72 -48.70 -40.17
C TYR E 626 1.75 -49.06 -41.29
N ASP E 627 2.27 -49.65 -42.35
CA ASP E 627 1.44 -50.05 -43.47
C ASP E 627 0.85 -51.44 -43.27
N ASN E 628 0.85 -51.89 -42.01
CA ASN E 628 0.30 -53.18 -41.62
C ASN E 628 1.17 -54.41 -41.90
N ALA E 629 2.27 -54.23 -42.63
CA ALA E 629 3.15 -55.34 -42.92
C ALA E 629 3.91 -55.78 -41.66
N GLU E 630 3.75 -57.04 -41.27
CA GLU E 630 4.43 -57.56 -40.09
C GLU E 630 5.71 -58.27 -40.45
N ILE E 631 6.78 -57.97 -39.73
CA ILE E 631 8.08 -58.56 -39.98
C ILE E 631 8.52 -59.35 -38.76
N THR E 632 9.04 -60.56 -38.97
CA THR E 632 9.49 -61.37 -37.86
C THR E 632 10.85 -61.97 -38.10
N SER E 633 11.72 -61.90 -37.10
CA SER E 633 13.05 -62.46 -37.22
C SER E 633 13.25 -63.53 -36.16
N SER E 634 13.94 -64.60 -36.54
CA SER E 634 14.22 -65.71 -35.64
C SER E 634 15.38 -66.48 -36.25
N SER E 635 15.92 -67.44 -35.53
CA SER E 635 17.04 -68.25 -36.02
C SER E 635 17.83 -67.46 -37.07
N ASN E 636 17.68 -67.88 -38.33
CA ASN E 636 18.33 -67.23 -39.45
C ASN E 636 17.28 -66.95 -40.51
N GLU E 637 16.10 -66.52 -40.07
CA GLU E 637 15.00 -66.27 -40.98
C GLU E 637 14.20 -65.01 -40.65
N ILE E 638 13.86 -64.25 -41.69
CA ILE E 638 13.08 -63.04 -41.54
C ILE E 638 11.81 -63.27 -42.35
N LYS E 639 10.68 -63.42 -41.67
CA LYS E 639 9.40 -63.65 -42.34
C LYS E 639 8.63 -62.35 -42.54
N PHE E 640 7.82 -62.30 -43.60
CA PHE E 640 7.00 -61.14 -43.91
C PHE E 640 5.54 -61.57 -44.04
N SER E 641 4.63 -60.87 -43.36
CA SER E 641 3.21 -61.19 -43.41
C SER E 641 2.62 -61.00 -44.80
N ARG E 642 3.33 -60.29 -45.66
CA ARG E 642 2.86 -60.08 -47.01
C ARG E 642 3.98 -59.55 -47.87
N GLU E 643 3.82 -59.64 -49.18
CA GLU E 643 4.83 -59.19 -50.12
C GLU E 643 5.13 -57.69 -49.99
N ILE E 644 6.40 -57.36 -49.79
CA ILE E 644 6.81 -55.95 -49.69
C ILE E 644 8.15 -55.71 -50.35
N TYR E 645 8.38 -54.48 -50.79
CA TYR E 645 9.62 -54.12 -51.42
C TYR E 645 10.65 -53.85 -50.34
N VAL E 646 11.90 -54.24 -50.60
CA VAL E 646 13.00 -54.03 -49.68
C VAL E 646 14.20 -53.56 -50.47
N SER E 647 14.70 -52.37 -50.14
CA SER E 647 15.85 -51.86 -50.84
C SER E 647 17.12 -52.39 -50.22
N LYS E 648 17.61 -51.70 -49.20
CA LYS E 648 18.84 -52.09 -48.49
C LYS E 648 18.49 -52.75 -47.15
N LEU E 649 19.10 -53.91 -46.90
CA LEU E 649 18.90 -54.66 -45.66
C LEU E 649 20.20 -54.70 -44.85
N THR E 650 20.12 -54.26 -43.59
CA THR E 650 21.29 -54.28 -42.74
C THR E 650 21.07 -55.27 -41.61
N ILE E 651 22.01 -56.19 -41.47
CA ILE E 651 21.93 -57.19 -40.43
C ILE E 651 23.10 -57.02 -39.48
N THR E 652 22.80 -56.83 -38.21
CA THR E 652 23.89 -56.70 -37.26
C THR E 652 23.97 -58.07 -36.61
N SER E 653 25.18 -58.61 -36.52
CA SER E 653 25.37 -59.94 -35.96
C SER E 653 26.80 -60.14 -35.49
N GLU E 654 26.95 -60.86 -34.38
CA GLU E 654 28.28 -61.13 -33.86
C GLU E 654 28.90 -62.27 -34.69
N LYS E 655 28.03 -63.13 -35.23
CA LYS E 655 28.47 -64.24 -36.06
C LYS E 655 28.41 -63.75 -37.50
N PRO E 656 29.43 -64.07 -38.32
CA PRO E 656 29.46 -63.63 -39.72
C PRO E 656 28.31 -64.10 -40.59
N VAL E 657 27.95 -63.27 -41.56
CA VAL E 657 26.86 -63.55 -42.49
C VAL E 657 27.46 -63.46 -43.89
N SER E 658 27.55 -64.58 -44.58
CA SER E 658 28.14 -64.61 -45.91
C SER E 658 27.12 -64.33 -47.01
N LYS E 659 25.88 -64.76 -46.81
CA LYS E 659 24.86 -64.56 -47.82
C LYS E 659 23.45 -64.68 -47.27
N ILE E 660 22.50 -64.13 -48.02
CA ILE E 660 21.09 -64.20 -47.66
C ILE E 660 20.38 -64.82 -48.86
N ILE E 661 19.24 -65.44 -48.62
CA ILE E 661 18.48 -66.09 -49.68
C ILE E 661 17.04 -65.60 -49.67
N VAL E 662 16.63 -64.97 -50.76
CA VAL E 662 15.27 -64.46 -50.89
C VAL E 662 14.30 -65.51 -51.40
N ASP E 663 13.34 -65.86 -50.55
CA ASP E 663 12.30 -66.84 -50.90
C ASP E 663 12.82 -68.18 -51.45
N ASP E 664 14.00 -68.62 -51.03
CA ASP E 664 14.56 -69.88 -51.52
C ASP E 664 14.99 -69.80 -52.97
N SER E 665 14.83 -68.64 -53.59
CA SER E 665 15.23 -68.45 -54.98
C SER E 665 16.49 -67.63 -55.09
N LYS E 666 16.31 -66.32 -55.23
CA LYS E 666 17.40 -65.37 -55.37
C LYS E 666 18.38 -65.37 -54.21
N GLU E 667 19.64 -65.67 -54.52
CA GLU E 667 20.70 -65.68 -53.53
C GLU E 667 21.39 -64.32 -53.68
N ILE E 668 21.59 -63.61 -52.58
CA ILE E 668 22.23 -62.30 -52.66
C ILE E 668 23.42 -62.17 -51.73
N GLN E 669 24.47 -61.58 -52.27
CA GLN E 669 25.71 -61.37 -51.52
C GLN E 669 25.55 -60.32 -50.43
N VAL E 670 26.25 -60.52 -49.33
CA VAL E 670 26.22 -59.60 -48.21
C VAL E 670 27.63 -59.08 -48.00
N GLU E 671 27.76 -57.81 -47.67
CA GLU E 671 29.09 -57.26 -47.45
C GLU E 671 29.23 -56.62 -46.06
N LYS E 672 30.27 -57.01 -45.35
CA LYS E 672 30.53 -56.48 -44.03
C LYS E 672 31.02 -55.04 -44.22
N THR E 673 30.23 -54.08 -43.76
CA THR E 673 30.57 -52.67 -43.89
C THR E 673 31.39 -52.16 -42.71
N MET E 674 31.23 -52.83 -41.57
CA MET E 674 31.97 -52.50 -40.36
C MET E 674 31.71 -53.62 -39.35
N GLN E 675 32.36 -53.57 -38.21
CA GLN E 675 32.20 -54.63 -37.22
C GLN E 675 30.75 -54.98 -36.93
N ASN E 676 30.44 -56.28 -36.95
CA ASN E 676 29.09 -56.79 -36.67
C ASN E 676 28.02 -56.28 -37.65
N THR E 677 28.44 -55.60 -38.72
CA THR E 677 27.47 -55.04 -39.66
C THR E 677 27.55 -55.60 -41.09
N TYR E 678 26.46 -56.23 -41.52
CA TYR E 678 26.38 -56.84 -42.84
C TYR E 678 25.25 -56.24 -43.67
N VAL E 679 25.60 -55.81 -44.89
CA VAL E 679 24.65 -55.18 -45.78
C VAL E 679 24.36 -55.95 -47.06
N ALA E 680 23.08 -55.98 -47.44
CA ALA E 680 22.65 -56.66 -48.65
C ALA E 680 21.77 -55.73 -49.47
N LYS E 681 22.20 -55.39 -50.68
CA LYS E 681 21.43 -54.53 -51.57
C LYS E 681 20.41 -55.44 -52.28
N ILE E 682 19.20 -55.53 -51.74
CA ILE E 682 18.17 -56.38 -52.30
C ILE E 682 17.40 -55.74 -53.45
N ASN E 683 16.88 -54.54 -53.21
CA ASN E 683 16.15 -53.79 -54.23
C ASN E 683 15.16 -54.64 -55.04
N GLN E 684 14.22 -55.26 -54.35
CA GLN E 684 13.21 -56.07 -55.02
C GLN E 684 12.15 -56.52 -54.03
N LYS E 685 10.98 -56.89 -54.55
CA LYS E 685 9.90 -57.35 -53.69
C LYS E 685 10.21 -58.72 -53.10
N ILE E 686 9.69 -58.96 -51.91
CA ILE E 686 9.92 -60.23 -51.24
C ILE E 686 8.57 -60.85 -50.89
N ARG E 687 8.31 -62.00 -51.50
CA ARG E 687 7.03 -62.67 -51.30
C ARG E 687 6.75 -63.11 -49.86
N GLY E 688 7.77 -63.57 -49.14
CA GLY E 688 7.52 -63.99 -47.77
C GLY E 688 8.67 -64.25 -46.81
N LYS E 689 9.89 -64.41 -47.31
CA LYS E 689 10.99 -64.67 -46.39
C LYS E 689 12.41 -64.52 -46.91
N ILE E 690 13.33 -64.33 -45.97
CA ILE E 690 14.76 -64.19 -46.24
C ILE E 690 15.48 -65.09 -45.24
N ASN E 691 16.48 -65.83 -45.72
CA ASN E 691 17.26 -66.69 -44.85
C ASN E 691 18.70 -66.20 -44.81
N LEU E 692 19.35 -66.38 -43.68
CA LEU E 692 20.74 -65.95 -43.50
C LEU E 692 21.66 -67.16 -43.42
N GLU E 693 22.87 -67.01 -43.93
CA GLU E 693 23.86 -68.08 -43.90
C GLU E 693 25.28 -67.56 -43.67
N ILE F 3 37.61 6.74 30.47
CA ILE F 3 38.40 5.77 31.28
C ILE F 3 38.81 4.53 30.49
N LEU F 4 39.94 4.62 29.81
CA LEU F 4 40.44 3.49 29.04
C LEU F 4 41.74 2.98 29.64
N LYS F 5 41.77 1.70 29.99
CA LYS F 5 42.96 1.11 30.57
C LYS F 5 43.42 -0.07 29.73
N ILE F 6 44.64 -0.54 29.98
CA ILE F 6 45.19 -1.66 29.25
C ILE F 6 45.89 -2.61 30.21
N TYR F 7 45.59 -3.89 30.09
CA TYR F 7 46.21 -4.90 30.94
C TYR F 7 47.03 -5.82 30.04
N GLU F 8 47.88 -6.64 30.63
CA GLU F 8 48.73 -7.56 29.87
C GLU F 8 48.89 -8.91 30.55
N ASN F 9 49.17 -9.93 29.76
CA ASN F 9 49.37 -11.27 30.26
C ASN F 9 49.74 -12.25 29.15
N LYS F 10 51.01 -12.65 29.15
CA LYS F 10 51.49 -13.60 28.15
C LYS F 10 51.04 -13.24 26.74
N GLY F 11 51.43 -12.06 26.26
CA GLY F 11 51.06 -11.65 24.91
C GLY F 11 49.62 -11.28 24.61
N VAL F 12 48.82 -11.07 25.65
CA VAL F 12 47.43 -10.72 25.47
C VAL F 12 47.15 -9.38 26.15
N TYR F 13 46.91 -8.35 25.34
CA TYR F 13 46.62 -7.02 25.86
C TYR F 13 45.11 -6.86 25.97
N LYS F 14 44.62 -6.62 27.17
CA LYS F 14 43.19 -6.44 27.35
C LYS F 14 42.92 -4.94 27.45
N VAL F 15 42.22 -4.39 26.46
CA VAL F 15 41.89 -2.97 26.45
C VAL F 15 40.48 -2.76 26.94
N VAL F 16 40.33 -1.99 28.00
CA VAL F 16 39.01 -1.71 28.57
C VAL F 16 38.61 -0.26 28.34
N ILE F 17 37.50 -0.04 27.66
CA ILE F 17 36.99 1.30 27.38
C ILE F 17 35.76 1.50 28.25
N GLY F 18 35.82 2.48 29.15
CA GLY F 18 34.71 2.76 30.03
C GLY F 18 34.55 1.66 31.06
N GLU F 19 33.30 1.31 31.36
CA GLU F 19 33.01 0.27 32.33
C GLU F 19 32.16 -0.82 31.66
N PRO F 20 32.81 -1.70 30.89
CA PRO F 20 32.17 -2.80 30.16
C PRO F 20 31.45 -3.84 30.98
N PHE F 21 30.40 -4.39 30.39
CA PHE F 21 29.61 -5.45 30.99
C PHE F 21 29.56 -6.50 29.87
N PRO F 22 30.61 -7.32 29.74
CA PRO F 22 30.76 -8.36 28.72
C PRO F 22 29.62 -9.38 28.70
N PRO F 23 29.31 -9.91 27.51
CA PRO F 23 28.23 -10.90 27.39
C PRO F 23 28.62 -12.13 28.17
N ILE F 24 29.92 -12.33 28.30
CA ILE F 24 30.46 -13.44 29.06
C ILE F 24 31.84 -12.99 29.53
N GLU F 25 32.22 -13.41 30.73
CA GLU F 25 33.51 -13.03 31.27
C GLU F 25 34.58 -14.09 31.02
N PHE F 26 35.67 -13.67 30.41
CA PHE F 26 36.78 -14.56 30.13
C PHE F 26 37.87 -14.23 31.14
N PRO F 27 38.12 -15.14 32.09
CA PRO F 27 39.14 -14.88 33.11
C PRO F 27 40.58 -14.78 32.57
N LEU F 28 41.23 -13.64 32.86
CA LEU F 28 42.61 -13.41 32.45
C LEU F 28 43.40 -13.40 33.75
N GLU F 29 44.14 -14.49 34.00
CA GLU F 29 44.94 -14.67 35.22
C GLU F 29 45.81 -13.51 35.72
N GLN F 30 47.12 -13.72 35.74
CA GLN F 30 48.04 -12.68 36.20
C GLN F 30 47.96 -11.43 35.33
N LYS F 31 47.03 -10.55 35.66
CA LYS F 31 46.81 -9.31 34.92
C LYS F 31 48.01 -8.35 34.89
N ILE F 32 47.92 -7.27 35.67
CA ILE F 32 48.94 -6.19 35.77
C ILE F 32 48.74 -5.21 34.61
N SER F 33 48.84 -3.92 34.91
CA SER F 33 48.65 -2.91 33.87
C SER F 33 49.80 -2.94 32.88
N SER F 34 49.53 -2.55 31.64
CA SER F 34 50.51 -2.55 30.58
C SER F 34 51.27 -1.24 30.41
N ASN F 35 52.54 -1.35 30.05
CA ASN F 35 53.37 -0.18 29.82
C ASN F 35 53.18 0.24 28.37
N LYS F 36 52.27 -0.46 27.68
CA LYS F 36 51.99 -0.18 26.29
C LYS F 36 50.91 0.89 26.18
N SER F 37 50.90 1.56 25.04
CA SER F 37 49.93 2.61 24.77
C SER F 37 49.15 2.25 23.50
N LEU F 38 48.01 2.90 23.31
CA LEU F 38 47.20 2.66 22.12
C LEU F 38 48.00 3.01 20.87
N SER F 39 48.65 4.17 20.88
CA SER F 39 49.44 4.59 19.73
C SER F 39 50.48 3.54 19.41
N GLU F 40 51.12 3.00 20.45
CA GLU F 40 52.11 1.95 20.24
C GLU F 40 51.35 0.78 19.63
N LEU F 41 50.20 0.49 20.21
CA LEU F 41 49.36 -0.61 19.75
C LEU F 41 48.80 -0.33 18.36
N GLY F 42 48.97 0.90 17.88
CA GLY F 42 48.48 1.27 16.57
C GLY F 42 46.96 1.42 16.50
N LEU F 43 46.34 1.77 17.61
CA LEU F 43 44.89 1.94 17.65
C LEU F 43 44.44 3.33 18.00
N THR F 44 43.26 3.70 17.53
CA THR F 44 42.65 4.98 17.79
C THR F 44 41.28 4.62 18.33
N ILE F 45 40.83 5.30 19.38
CA ILE F 45 39.54 4.99 19.95
C ILE F 45 38.70 6.24 20.17
N VAL F 46 37.42 6.12 19.87
CA VAL F 46 36.49 7.23 20.02
C VAL F 46 35.21 6.76 20.69
N GLN F 47 34.70 7.56 21.62
CA GLN F 47 33.47 7.26 22.32
C GLN F 47 32.45 8.33 21.97
N GLN F 48 31.31 7.92 21.43
CA GLN F 48 30.26 8.85 21.04
C GLN F 48 28.90 8.48 21.61
N GLY F 49 27.87 8.77 20.82
CA GLY F 49 26.52 8.46 21.25
C GLY F 49 26.32 6.99 21.51
N ASN F 50 26.71 6.54 22.70
CA ASN F 50 26.56 5.14 23.07
C ASN F 50 27.25 4.19 22.10
N LYS F 51 28.36 4.64 21.51
CA LYS F 51 29.10 3.81 20.59
C LYS F 51 30.60 3.96 20.79
N VAL F 52 31.34 2.90 20.48
CA VAL F 52 32.79 2.94 20.58
C VAL F 52 33.34 2.58 19.21
N ILE F 53 34.20 3.45 18.68
CA ILE F 53 34.80 3.22 17.38
C ILE F 53 36.29 2.97 17.56
N VAL F 54 36.77 1.85 17.07
CA VAL F 54 38.18 1.51 17.18
C VAL F 54 38.78 1.44 15.79
N GLU F 55 39.81 2.24 15.54
CA GLU F 55 40.46 2.30 14.24
C GLU F 55 41.88 1.76 14.23
N LYS F 56 42.26 1.20 13.10
CA LYS F 56 43.58 0.65 12.88
C LYS F 56 43.89 0.95 11.43
N SER F 57 45.15 1.18 11.09
CA SER F 57 45.48 1.45 9.70
C SER F 57 45.49 0.12 8.97
N LEU F 58 45.42 0.19 7.65
CA LEU F 58 45.40 -1.00 6.81
C LEU F 58 46.30 -0.74 5.62
N ASP F 59 47.39 -1.49 5.50
CA ASP F 59 48.31 -1.31 4.39
C ASP F 59 47.86 -2.11 3.17
N LEU F 60 48.36 -1.72 2.00
CA LEU F 60 48.01 -2.38 0.75
C LEU F 60 48.25 -3.89 0.76
N LYS F 61 49.39 -4.31 1.31
CA LYS F 61 49.74 -5.73 1.36
C LYS F 61 49.25 -6.44 2.61
N GLU F 62 48.58 -5.72 3.49
CA GLU F 62 48.08 -6.30 4.74
C GLU F 62 46.88 -7.24 4.52
N HIS F 63 46.87 -8.38 5.21
CA HIS F 63 45.78 -9.33 5.08
C HIS F 63 44.92 -9.33 6.34
N ILE F 64 43.62 -9.47 6.14
CA ILE F 64 42.68 -9.51 7.25
C ILE F 64 41.92 -10.80 7.10
N ILE F 65 41.94 -11.64 8.14
CA ILE F 65 41.26 -12.91 8.09
C ILE F 65 40.43 -13.10 9.34
N GLY F 66 39.52 -14.07 9.33
CA GLY F 66 38.69 -14.31 10.49
C GLY F 66 37.24 -13.90 10.31
N LEU F 67 36.64 -13.40 11.39
CA LEU F 67 35.26 -12.96 11.41
C LEU F 67 34.30 -14.14 11.33
N GLY F 68 34.83 -15.34 11.48
CA GLY F 68 34.00 -16.54 11.46
C GLY F 68 33.30 -16.95 10.18
N GLU F 69 32.02 -17.23 10.32
CA GLU F 69 31.17 -17.67 9.21
C GLU F 69 30.74 -16.55 8.27
N LYS F 70 31.52 -16.30 7.23
CA LYS F 70 31.20 -15.24 6.26
C LYS F 70 31.15 -15.80 4.85
N ALA F 71 30.11 -15.43 4.11
CA ALA F 71 29.94 -15.89 2.74
C ALA F 71 30.81 -15.04 1.81
N PHE F 72 32.09 -14.90 2.16
CA PHE F 72 33.02 -14.09 1.38
C PHE F 72 34.40 -14.73 1.32
N GLU F 73 35.25 -14.15 0.47
CA GLU F 73 36.64 -14.60 0.33
C GLU F 73 37.32 -14.56 1.71
N LEU F 74 38.26 -15.46 1.94
CA LEU F 74 38.98 -15.54 3.21
C LEU F 74 39.71 -14.24 3.60
N ASP F 75 40.25 -13.52 2.62
CA ASP F 75 40.90 -12.24 2.92
C ASP F 75 39.70 -11.29 2.89
N ARG F 76 39.36 -10.76 4.06
CA ARG F 76 38.18 -9.91 4.22
C ARG F 76 38.18 -8.43 3.78
N LYS F 77 39.27 -7.93 3.21
CA LYS F 77 39.30 -6.52 2.80
C LYS F 77 38.22 -6.10 1.81
N ARG F 78 37.86 -4.81 1.91
CA ARG F 78 36.87 -4.16 1.04
C ARG F 78 35.43 -4.60 1.27
N LYS F 79 35.02 -4.65 2.52
CA LYS F 79 33.67 -5.05 2.83
C LYS F 79 33.34 -4.59 4.24
N ARG F 80 32.08 -4.28 4.47
CA ARG F 80 31.63 -3.83 5.77
C ARG F 80 30.81 -5.00 6.34
N TYR F 81 31.35 -5.70 7.33
CA TYR F 81 30.67 -6.85 7.92
C TYR F 81 29.85 -6.52 9.14
N VAL F 82 28.73 -7.21 9.29
CA VAL F 82 27.84 -7.02 10.43
C VAL F 82 27.85 -8.32 11.24
N MET F 83 28.03 -8.22 12.55
CA MET F 83 28.02 -9.41 13.39
C MET F 83 26.69 -9.46 14.13
N TYR F 84 25.74 -10.20 13.58
CA TYR F 84 24.42 -10.32 14.19
C TYR F 84 23.80 -11.65 13.78
N ASN F 85 23.76 -12.60 14.69
CA ASN F 85 23.20 -13.92 14.39
C ASN F 85 21.84 -13.79 13.76
N VAL F 86 21.66 -14.41 12.60
CA VAL F 86 20.38 -14.33 11.93
C VAL F 86 20.08 -15.60 11.12
N ASP F 87 18.81 -15.96 11.05
CA ASP F 87 18.36 -17.10 10.27
C ASP F 87 18.49 -16.65 8.81
N ALA F 88 19.54 -17.08 8.15
CA ALA F 88 19.82 -16.66 6.78
C ALA F 88 18.93 -17.23 5.69
N GLY F 89 18.10 -18.21 6.03
CA GLY F 89 17.24 -18.83 5.04
C GLY F 89 18.08 -19.53 3.97
N ALA F 90 17.64 -19.48 2.73
CA ALA F 90 18.37 -20.09 1.64
C ALA F 90 19.45 -19.10 1.19
N TYR F 91 20.48 -18.95 2.01
CA TYR F 91 21.55 -18.00 1.73
C TYR F 91 22.33 -18.25 0.45
N LYS F 92 22.86 -17.17 -0.12
CA LYS F 92 23.64 -17.23 -1.34
C LYS F 92 24.98 -16.57 -1.02
N LYS F 93 25.93 -16.61 -1.95
CA LYS F 93 27.19 -15.98 -1.64
C LYS F 93 27.05 -14.47 -1.54
N TYR F 94 27.91 -13.88 -0.71
CA TYR F 94 27.92 -12.46 -0.44
C TYR F 94 26.75 -11.99 0.40
N GLN F 95 26.03 -12.93 1.01
CA GLN F 95 24.94 -12.56 1.89
C GLN F 95 25.55 -12.41 3.28
N ASP F 96 25.11 -11.40 4.03
CA ASP F 96 25.65 -11.13 5.35
C ASP F 96 24.55 -10.42 6.12
N PRO F 97 24.39 -10.71 7.42
CA PRO F 97 25.17 -11.66 8.21
C PRO F 97 24.57 -13.06 8.12
N LEU F 98 25.23 -14.03 8.74
CA LEU F 98 24.75 -15.39 8.73
C LEU F 98 24.43 -15.83 10.15
N TYR F 99 24.49 -17.13 10.42
CA TYR F 99 24.14 -17.70 11.72
C TYR F 99 25.09 -17.48 12.89
N VAL F 100 26.39 -17.44 12.61
CA VAL F 100 27.39 -17.32 13.66
C VAL F 100 28.15 -16.01 13.68
N SER F 101 28.45 -15.54 14.89
CA SER F 101 29.17 -14.29 15.08
C SER F 101 30.42 -14.41 15.96
N ILE F 102 31.59 -14.47 15.35
CA ILE F 102 32.85 -14.54 16.09
C ILE F 102 33.57 -13.20 15.79
N PRO F 103 33.47 -12.22 16.71
CA PRO F 103 34.08 -10.89 16.57
C PRO F 103 35.60 -10.89 16.70
N LEU F 104 36.26 -11.75 15.94
CA LEU F 104 37.71 -11.88 15.97
C LEU F 104 38.29 -11.77 14.58
N PHE F 105 39.34 -10.98 14.41
CA PHE F 105 39.98 -10.90 13.11
C PHE F 105 41.47 -10.87 13.34
N ILE F 106 42.20 -11.44 12.41
CA ILE F 106 43.64 -11.47 12.52
C ILE F 106 44.25 -10.68 11.39
N SER F 107 45.24 -9.87 11.74
CA SER F 107 45.93 -9.07 10.75
C SER F 107 47.29 -9.70 10.51
N VAL F 108 47.69 -9.80 9.25
CA VAL F 108 48.99 -10.34 8.92
C VAL F 108 49.67 -9.29 8.09
N LYS F 109 50.66 -8.64 8.69
CA LYS F 109 51.39 -7.56 8.03
C LYS F 109 52.87 -7.90 8.10
N ASP F 110 53.55 -7.82 6.95
CA ASP F 110 54.97 -8.14 6.87
C ASP F 110 55.19 -9.55 7.43
N GLY F 111 54.24 -10.44 7.17
CA GLY F 111 54.36 -11.82 7.64
C GLY F 111 54.06 -12.05 9.11
N VAL F 112 53.78 -10.98 9.85
CA VAL F 112 53.51 -11.10 11.28
C VAL F 112 52.02 -10.98 11.56
N ALA F 113 51.51 -11.92 12.34
CA ALA F 113 50.09 -11.94 12.68
C ALA F 113 49.79 -11.35 14.04
N THR F 114 48.66 -10.65 14.13
CA THR F 114 48.19 -10.04 15.36
C THR F 114 46.67 -10.20 15.38
N GLY F 115 46.13 -10.59 16.53
CA GLY F 115 44.69 -10.78 16.64
C GLY F 115 43.99 -9.67 17.36
N TYR F 116 42.71 -9.48 17.01
CA TYR F 116 41.87 -8.47 17.63
C TYR F 116 40.51 -9.08 17.91
N PHE F 117 40.21 -9.24 19.19
CA PHE F 117 38.96 -9.84 19.61
C PHE F 117 38.12 -8.87 20.42
N PHE F 118 36.97 -8.49 19.90
CA PHE F 118 36.08 -7.56 20.59
C PHE F 118 35.00 -8.35 21.30
N ASN F 119 35.08 -8.43 22.62
CA ASN F 119 34.11 -9.19 23.39
C ASN F 119 32.78 -8.51 23.61
N SER F 120 32.03 -8.35 22.52
CA SER F 120 30.70 -7.75 22.55
C SER F 120 29.81 -8.63 21.68
N ALA F 121 28.62 -8.97 22.19
CA ALA F 121 27.69 -9.81 21.44
C ALA F 121 26.60 -8.95 20.81
N SER F 122 26.84 -7.64 20.72
CA SER F 122 25.89 -6.72 20.12
C SER F 122 26.16 -6.70 18.63
N LYS F 123 25.43 -5.86 17.90
CA LYS F 123 25.59 -5.76 16.46
C LYS F 123 26.86 -5.00 16.09
N VAL F 124 28.00 -5.66 16.22
CA VAL F 124 29.30 -5.08 15.91
C VAL F 124 29.56 -4.99 14.41
N ILE F 125 30.07 -3.84 13.97
CA ILE F 125 30.37 -3.62 12.56
C ILE F 125 31.87 -3.61 12.30
N PHE F 126 32.32 -4.42 11.34
CA PHE F 126 33.72 -4.46 10.98
C PHE F 126 33.85 -3.91 9.58
N ASP F 127 34.22 -2.64 9.48
CA ASP F 127 34.39 -2.00 8.18
C ASP F 127 35.85 -2.18 7.80
N VAL F 128 36.13 -3.18 6.97
CA VAL F 128 37.49 -3.50 6.58
C VAL F 128 37.94 -2.85 5.27
N GLY F 129 38.45 -1.63 5.38
CA GLY F 129 38.93 -0.91 4.20
C GLY F 129 37.85 -0.56 3.20
N LEU F 130 36.65 -0.25 3.69
CA LEU F 130 35.52 0.10 2.82
C LEU F 130 35.19 1.58 3.02
N GLU F 131 34.90 1.97 4.26
CA GLU F 131 34.60 3.36 4.55
C GLU F 131 35.87 4.17 4.23
N GLU F 132 37.01 3.69 4.72
CA GLU F 132 38.28 4.33 4.45
C GLU F 132 39.20 3.22 3.93
N TYR F 133 39.60 3.35 2.67
CA TYR F 133 40.46 2.39 1.98
C TYR F 133 41.69 1.94 2.77
N ASP F 134 42.21 2.82 3.61
CA ASP F 134 43.42 2.51 4.36
C ASP F 134 43.17 2.30 5.84
N LYS F 135 41.96 1.92 6.20
CA LYS F 135 41.62 1.70 7.60
C LYS F 135 40.67 0.56 7.85
N VAL F 136 40.76 0.02 9.06
CA VAL F 136 39.86 -1.02 9.53
C VAL F 136 39.15 -0.30 10.65
N ILE F 137 37.86 -0.09 10.51
CA ILE F 137 37.10 0.61 11.53
C ILE F 137 36.09 -0.35 12.16
N VAL F 138 36.15 -0.47 13.48
CA VAL F 138 35.25 -1.36 14.20
C VAL F 138 34.32 -0.52 15.05
N THR F 139 33.03 -0.69 14.87
CA THR F 139 32.05 0.07 15.64
C THR F 139 31.26 -0.85 16.56
N ILE F 140 31.31 -0.59 17.86
CA ILE F 140 30.56 -1.40 18.81
C ILE F 140 29.41 -0.53 19.31
N PRO F 141 28.17 -0.97 19.07
CA PRO F 141 27.01 -0.20 19.51
C PRO F 141 26.77 -0.24 21.02
N GLU F 142 27.78 0.14 21.79
CA GLU F 142 27.70 0.20 23.24
C GLU F 142 28.63 1.33 23.70
N ASP F 143 28.38 1.91 24.87
CA ASP F 143 29.22 2.99 25.37
C ASP F 143 30.54 2.48 25.97
N SER F 144 30.57 1.20 26.32
CA SER F 144 31.76 0.58 26.89
C SER F 144 32.05 -0.72 26.19
N VAL F 145 33.29 -1.18 26.25
CA VAL F 145 33.64 -2.43 25.60
C VAL F 145 35.04 -2.89 25.97
N GLU F 146 35.24 -4.20 25.96
CA GLU F 146 36.55 -4.76 26.24
C GLU F 146 36.97 -5.58 25.03
N PHE F 147 38.16 -5.31 24.52
CA PHE F 147 38.66 -6.10 23.40
C PHE F 147 40.09 -6.51 23.71
N TYR F 148 40.62 -7.45 22.95
CA TYR F 148 41.97 -7.94 23.20
C TYR F 148 42.85 -7.88 21.98
N VAL F 149 44.12 -7.54 22.20
CA VAL F 149 45.07 -7.51 21.10
C VAL F 149 45.93 -8.74 21.41
N ILE F 150 45.93 -9.70 20.49
CA ILE F 150 46.65 -10.95 20.69
C ILE F 150 47.88 -11.07 19.79
N GLU F 151 49.07 -11.00 20.40
CA GLU F 151 50.31 -11.09 19.65
C GLU F 151 50.51 -12.47 19.05
N GLY F 152 51.22 -12.52 17.93
CA GLY F 152 51.49 -13.78 17.28
C GLY F 152 52.87 -14.31 17.65
N PRO F 153 53.86 -14.24 16.74
CA PRO F 153 53.72 -13.68 15.39
C PRO F 153 53.08 -14.65 14.39
N ARG F 154 52.95 -15.92 14.76
CA ARG F 154 52.35 -16.91 13.88
C ARG F 154 50.84 -16.85 14.04
N ILE F 155 50.11 -17.23 12.99
CA ILE F 155 48.67 -17.25 13.08
C ILE F 155 48.31 -18.28 14.15
N GLU F 156 49.05 -19.38 14.17
CA GLU F 156 48.82 -20.44 15.15
C GLU F 156 49.03 -19.90 16.57
N ASP F 157 49.98 -18.97 16.75
CA ASP F 157 50.21 -18.38 18.08
C ASP F 157 48.96 -17.60 18.53
N VAL F 158 48.43 -16.82 17.60
CA VAL F 158 47.25 -16.04 17.91
C VAL F 158 46.10 -16.93 18.35
N LEU F 159 45.87 -18.01 17.59
CA LEU F 159 44.78 -18.92 17.92
C LEU F 159 44.96 -19.66 19.23
N GLU F 160 46.20 -19.98 19.59
CA GLU F 160 46.46 -20.67 20.85
C GLU F 160 46.09 -19.73 21.99
N LYS F 161 46.55 -18.50 21.91
CA LYS F 161 46.25 -17.52 22.95
C LYS F 161 44.75 -17.25 23.00
N TYR F 162 44.15 -17.09 21.82
CA TYR F 162 42.72 -16.83 21.73
C TYR F 162 41.94 -17.99 22.38
N THR F 163 42.33 -19.21 22.05
CA THR F 163 41.69 -20.41 22.60
C THR F 163 41.91 -20.49 24.10
N GLU F 164 43.10 -20.09 24.53
CA GLU F 164 43.42 -20.09 25.95
C GLU F 164 42.44 -19.14 26.65
N LEU F 165 42.19 -18.00 26.01
CA LEU F 165 41.30 -16.98 26.54
C LEU F 165 39.82 -17.36 26.56
N THR F 166 39.28 -17.78 25.41
CA THR F 166 37.85 -18.10 25.33
C THR F 166 37.45 -19.54 25.67
N GLY F 167 38.42 -20.45 25.64
CA GLY F 167 38.11 -21.85 25.95
C GLY F 167 38.58 -22.86 24.92
N LYS F 168 39.16 -23.96 25.40
CA LYS F 168 39.65 -25.00 24.52
C LYS F 168 38.46 -25.82 24.02
N PRO F 169 38.52 -26.31 22.78
CA PRO F 169 37.43 -27.12 22.25
C PRO F 169 37.30 -28.41 23.07
N PHE F 170 36.08 -28.86 23.31
CA PHE F 170 35.90 -30.11 24.06
C PHE F 170 36.38 -31.23 23.16
N LEU F 171 36.73 -32.37 23.74
CA LEU F 171 37.16 -33.51 22.94
C LEU F 171 35.97 -34.43 22.77
N PRO F 172 35.44 -34.52 21.54
CA PRO F 172 34.28 -35.38 21.29
C PRO F 172 34.71 -36.82 21.02
N PRO F 173 33.75 -37.75 21.02
CA PRO F 173 34.07 -39.16 20.76
C PRO F 173 34.43 -39.35 19.29
N MET F 174 35.21 -40.38 19.00
CA MET F 174 35.61 -40.63 17.63
C MET F 174 34.41 -40.85 16.70
N TRP F 175 33.33 -41.44 17.20
CA TRP F 175 32.19 -41.66 16.32
C TRP F 175 31.53 -40.36 15.83
N ALA F 176 31.83 -39.25 16.49
CA ALA F 176 31.26 -37.96 16.11
C ALA F 176 31.83 -37.51 14.77
N PHE F 177 32.93 -38.12 14.35
CA PHE F 177 33.54 -37.77 13.08
C PHE F 177 33.24 -38.80 11.99
N GLY F 178 32.33 -39.72 12.30
CA GLY F 178 31.95 -40.73 11.32
C GLY F 178 30.90 -40.23 10.35
N TYR F 179 30.44 -41.11 9.47
CA TYR F 179 29.44 -40.77 8.47
C TYR F 179 28.05 -40.72 9.10
N MET F 180 27.42 -39.55 9.08
CA MET F 180 26.09 -39.38 9.65
C MET F 180 25.06 -39.19 8.55
N ILE F 181 23.90 -39.83 8.70
CA ILE F 181 22.84 -39.67 7.72
C ILE F 181 21.73 -38.90 8.42
N SER F 182 21.08 -38.04 7.68
CA SER F 182 20.02 -37.22 8.27
C SER F 182 19.08 -36.75 7.19
N ARG F 183 17.93 -36.26 7.60
CA ARG F 183 16.96 -35.74 6.66
C ARG F 183 15.95 -34.98 7.49
N TYR F 184 15.14 -34.19 6.81
CA TYR F 184 14.11 -33.42 7.46
C TYR F 184 12.80 -33.89 6.86
N SER F 185 12.26 -35.02 7.33
CA SER F 185 12.84 -35.85 8.39
C SER F 185 12.68 -37.34 8.05
N TYR F 186 13.26 -38.20 8.88
CA TYR F 186 13.13 -39.65 8.71
C TYR F 186 12.07 -40.12 9.70
N TYR F 187 11.07 -40.87 9.21
CA TYR F 187 10.00 -41.37 10.06
C TYR F 187 9.02 -42.16 9.20
N PRO F 188 8.17 -43.01 9.83
CA PRO F 188 8.08 -43.29 11.27
C PRO F 188 9.28 -44.12 11.71
N GLN F 189 9.33 -44.51 12.98
CA GLN F 189 10.47 -45.25 13.49
C GLN F 189 10.88 -46.51 12.73
N ASP F 190 9.94 -47.26 12.19
CA ASP F 190 10.30 -48.47 11.45
C ASP F 190 11.10 -48.13 10.20
N LYS F 191 10.78 -47.01 9.57
CA LYS F 191 11.48 -46.59 8.36
C LYS F 191 12.91 -46.20 8.68
N VAL F 192 13.13 -45.66 9.88
CA VAL F 192 14.46 -45.25 10.29
C VAL F 192 15.36 -46.47 10.32
N VAL F 193 14.87 -47.54 10.93
CA VAL F 193 15.62 -48.78 11.04
C VAL F 193 15.80 -49.44 9.68
N GLU F 194 14.76 -49.41 8.85
CA GLU F 194 14.83 -50.01 7.53
C GLU F 194 15.95 -49.37 6.73
N LEU F 195 16.01 -48.04 6.76
CA LEU F 195 17.03 -47.31 6.02
C LEU F 195 18.42 -47.63 6.52
N VAL F 196 18.59 -47.66 7.84
CA VAL F 196 19.90 -47.97 8.40
C VAL F 196 20.33 -49.37 7.96
N ASP F 197 19.40 -50.32 7.96
CA ASP F 197 19.71 -51.67 7.54
C ASP F 197 20.17 -51.74 6.08
N ILE F 198 19.46 -51.06 5.20
CA ILE F 198 19.84 -51.06 3.79
C ILE F 198 21.22 -50.44 3.63
N MET F 199 21.48 -49.33 4.32
CA MET F 199 22.77 -48.65 4.25
C MET F 199 23.91 -49.60 4.65
N GLN F 200 23.74 -50.28 5.78
CA GLN F 200 24.75 -51.20 6.27
C GLN F 200 24.91 -52.41 5.36
N LYS F 201 23.79 -52.95 4.91
CA LYS F 201 23.83 -54.10 4.03
C LYS F 201 24.60 -53.80 2.75
N GLU F 202 24.46 -52.57 2.24
CA GLU F 202 25.17 -52.21 1.02
C GLU F 202 26.59 -51.71 1.25
N GLY F 203 27.08 -51.88 2.47
CA GLY F 203 28.45 -51.49 2.77
C GLY F 203 28.77 -50.11 3.32
N PHE F 204 27.76 -49.33 3.67
CA PHE F 204 28.03 -48.01 4.20
C PHE F 204 28.07 -48.05 5.72
N ARG F 205 29.20 -47.63 6.27
CA ARG F 205 29.38 -47.61 7.70
C ARG F 205 28.76 -46.34 8.27
N VAL F 206 27.57 -46.48 8.86
CA VAL F 206 26.86 -45.35 9.42
C VAL F 206 27.13 -45.21 10.92
N ALA F 207 27.64 -44.05 11.31
CA ALA F 207 27.95 -43.77 12.70
C ALA F 207 26.73 -43.35 13.51
N GLY F 208 25.83 -42.59 12.88
CA GLY F 208 24.65 -42.13 13.57
C GLY F 208 23.59 -41.56 12.64
N VAL F 209 22.37 -41.45 13.13
CA VAL F 209 21.29 -40.91 12.35
C VAL F 209 20.69 -39.75 13.13
N PHE F 210 20.35 -38.69 12.41
CA PHE F 210 19.74 -37.52 13.04
C PHE F 210 18.24 -37.55 12.85
N LEU F 211 17.52 -37.24 13.91
CA LEU F 211 16.07 -37.18 13.88
C LEU F 211 15.66 -35.70 13.91
N ASP F 212 15.04 -35.23 12.83
CA ASP F 212 14.60 -33.84 12.75
C ASP F 212 13.23 -33.69 13.40
N ILE F 213 12.70 -32.47 13.41
CA ILE F 213 11.45 -32.17 14.10
C ILE F 213 10.19 -33.02 13.92
N HIS F 214 10.14 -33.86 12.89
CA HIS F 214 8.94 -34.69 12.69
C HIS F 214 8.79 -35.76 13.77
N TYR F 215 9.83 -36.01 14.57
CA TYR F 215 9.74 -37.02 15.60
C TYR F 215 8.97 -36.57 16.83
N MET F 216 8.86 -35.26 17.00
CA MET F 216 8.16 -34.68 18.14
C MET F 216 6.65 -34.74 18.00
N ASP F 217 5.97 -34.52 19.11
CA ASP F 217 4.53 -34.49 19.12
C ASP F 217 4.13 -33.02 18.94
N SER F 218 3.67 -32.66 17.75
CA SER F 218 3.28 -31.27 17.45
C SER F 218 4.44 -30.31 17.66
N TYR F 219 5.65 -30.77 17.37
CA TYR F 219 6.86 -29.95 17.53
C TYR F 219 7.17 -29.57 18.97
N LYS F 220 6.59 -30.29 19.94
CA LYS F 220 6.85 -30.02 21.34
C LYS F 220 8.17 -30.66 21.78
N LEU F 221 9.09 -29.84 22.30
CA LEU F 221 10.37 -30.35 22.75
C LEU F 221 10.20 -31.46 23.77
N PHE F 222 11.12 -32.43 23.74
CA PHE F 222 11.13 -33.54 24.66
C PHE F 222 9.87 -34.41 24.68
N THR F 223 9.31 -34.66 23.49
CA THR F 223 8.14 -35.51 23.36
C THR F 223 8.34 -36.36 22.12
N TRP F 224 7.60 -37.46 22.04
CA TRP F 224 7.69 -38.35 20.88
C TRP F 224 6.32 -38.37 20.20
N HIS F 225 6.33 -38.28 18.88
CA HIS F 225 5.08 -38.32 18.14
C HIS F 225 4.42 -39.67 18.44
N PRO F 226 3.20 -39.64 19.00
CA PRO F 226 2.43 -40.85 19.36
C PRO F 226 2.17 -41.85 18.25
N TYR F 227 2.14 -41.40 17.01
CA TYR F 227 1.90 -42.33 15.92
C TYR F 227 3.15 -42.70 15.15
N ARG F 228 4.04 -41.73 14.94
CA ARG F 228 5.27 -41.99 14.21
C ARG F 228 6.30 -42.69 15.10
N PHE F 229 6.28 -42.36 16.38
CA PHE F 229 7.24 -42.96 17.31
C PHE F 229 6.59 -43.50 18.60
N PRO F 230 5.70 -44.49 18.46
CA PRO F 230 5.01 -45.08 19.60
C PRO F 230 5.91 -45.82 20.59
N GLU F 231 7.00 -46.41 20.10
CA GLU F 231 7.94 -47.16 20.94
C GLU F 231 9.40 -46.69 20.78
N PRO F 232 9.73 -45.49 21.27
CA PRO F 232 11.09 -44.99 21.14
C PRO F 232 12.17 -45.90 21.74
N LYS F 233 11.85 -46.60 22.83
CA LYS F 233 12.82 -47.49 23.45
C LYS F 233 13.25 -48.58 22.46
N LYS F 234 12.27 -49.14 21.76
CA LYS F 234 12.54 -50.16 20.76
C LYS F 234 13.44 -49.60 19.65
N LEU F 235 13.20 -48.36 19.24
CA LEU F 235 14.03 -47.73 18.20
C LEU F 235 15.47 -47.55 18.65
N ILE F 236 15.64 -47.06 19.87
CA ILE F 236 16.97 -46.85 20.41
C ILE F 236 17.70 -48.18 20.50
N ASP F 237 17.02 -49.21 21.00
CA ASP F 237 17.68 -50.50 21.11
C ASP F 237 18.04 -51.06 19.74
N GLU F 238 17.17 -50.90 18.76
CA GLU F 238 17.47 -51.38 17.43
C GLU F 238 18.70 -50.67 16.86
N LEU F 239 18.79 -49.38 17.09
CA LEU F 239 19.92 -48.61 16.58
C LEU F 239 21.21 -48.98 17.29
N HIS F 240 21.13 -49.11 18.61
CA HIS F 240 22.32 -49.49 19.34
C HIS F 240 22.76 -50.91 18.98
N LYS F 241 21.83 -51.83 18.76
CA LYS F 241 22.22 -53.18 18.38
C LYS F 241 23.04 -53.11 17.10
N ARG F 242 22.70 -52.16 16.24
CA ARG F 242 23.41 -52.00 14.98
C ARG F 242 24.60 -51.04 15.09
N ASN F 243 24.93 -50.65 16.31
CA ASN F 243 26.06 -49.76 16.56
C ASN F 243 25.91 -48.40 15.88
N VAL F 244 24.69 -47.89 15.89
CA VAL F 244 24.40 -46.61 15.28
C VAL F 244 23.92 -45.65 16.36
N LYS F 245 24.53 -44.49 16.44
CA LYS F 245 24.14 -43.48 17.43
C LYS F 245 22.87 -42.76 16.99
N LEU F 246 22.13 -42.23 17.95
CA LEU F 246 20.92 -41.49 17.67
C LEU F 246 21.06 -40.04 18.17
N ILE F 247 20.97 -39.08 17.26
CA ILE F 247 21.08 -37.67 17.63
C ILE F 247 19.72 -37.05 17.36
N THR F 248 19.17 -36.37 18.35
CA THR F 248 17.87 -35.73 18.19
C THR F 248 17.95 -34.21 18.21
N ILE F 249 17.19 -33.58 17.31
CA ILE F 249 17.18 -32.14 17.24
C ILE F 249 16.38 -31.59 18.40
N VAL F 250 16.81 -30.44 18.90
CA VAL F 250 16.13 -29.78 20.01
C VAL F 250 16.13 -28.29 19.70
N ASP F 251 14.95 -27.71 19.50
CA ASP F 251 14.86 -26.28 19.23
C ASP F 251 14.87 -25.53 20.56
N HIS F 252 14.70 -24.22 20.52
CA HIS F 252 14.72 -23.40 21.73
C HIS F 252 13.34 -22.86 22.10
N GLY F 253 12.32 -23.18 21.31
CA GLY F 253 10.99 -22.69 21.60
C GLY F 253 10.13 -23.60 22.46
N ILE F 254 9.60 -23.04 23.53
CA ILE F 254 8.74 -23.78 24.45
C ILE F 254 7.29 -23.38 24.14
N ARG F 255 6.48 -24.36 23.78
CA ARG F 255 5.09 -24.12 23.43
C ARG F 255 4.26 -23.62 24.60
N VAL F 256 3.53 -22.53 24.38
CA VAL F 256 2.67 -21.94 25.41
C VAL F 256 1.45 -22.83 25.46
N ASP F 257 1.59 -23.93 26.16
CA ASP F 257 0.55 -24.94 26.28
C ASP F 257 0.28 -25.21 27.76
N GLN F 258 -0.96 -25.03 28.17
CA GLN F 258 -1.43 -25.22 29.54
C GLN F 258 -1.14 -26.60 30.15
N ASN F 259 -1.02 -27.60 29.30
CA ASN F 259 -0.77 -28.95 29.80
C ASN F 259 0.54 -29.52 29.33
N TYR F 260 1.44 -28.63 28.93
CA TYR F 260 2.76 -29.02 28.47
C TYR F 260 3.75 -28.81 29.62
N SER F 261 4.26 -29.91 30.15
CA SER F 261 5.18 -29.89 31.28
C SER F 261 6.33 -28.87 31.27
N PRO F 262 7.15 -28.84 30.20
CA PRO F 262 8.26 -27.88 30.14
C PRO F 262 7.83 -26.43 30.32
N PHE F 263 6.65 -26.10 29.81
CA PHE F 263 6.12 -24.75 29.93
C PHE F 263 5.83 -24.43 31.39
N LEU F 264 5.20 -25.38 32.08
CA LEU F 264 4.86 -25.20 33.48
C LEU F 264 6.09 -25.19 34.40
N SER F 265 7.03 -26.10 34.16
CA SER F 265 8.21 -26.16 35.00
C SER F 265 9.23 -25.05 34.69
N GLY F 266 9.21 -24.56 33.46
CA GLY F 266 10.14 -23.51 33.10
C GLY F 266 9.65 -22.12 33.50
N MET F 267 8.39 -22.04 33.92
CA MET F 267 7.81 -20.77 34.32
C MET F 267 8.72 -20.05 35.31
N GLY F 268 9.00 -18.78 35.05
CA GLY F 268 9.87 -18.01 35.92
C GLY F 268 11.24 -17.86 35.29
N LYS F 269 11.57 -18.73 34.36
CA LYS F 269 12.88 -18.71 33.72
C LYS F 269 12.89 -18.34 32.22
N PHE F 270 11.77 -17.81 31.75
CA PHE F 270 11.65 -17.44 30.33
C PHE F 270 12.04 -15.97 30.07
N CYS F 271 12.31 -15.65 28.82
CA CYS F 271 12.66 -14.28 28.42
C CYS F 271 11.46 -13.35 28.57
N GLU F 272 11.71 -12.09 28.89
CA GLU F 272 10.64 -11.11 29.05
C GLU F 272 10.89 -9.94 28.12
N ILE F 273 9.95 -9.00 28.11
CA ILE F 273 10.11 -7.81 27.30
C ILE F 273 10.23 -6.63 28.27
N GLU F 274 10.70 -5.50 27.78
CA GLU F 274 10.88 -4.29 28.60
C GLU F 274 9.78 -4.06 29.63
N SER F 275 8.52 -4.09 29.21
CA SER F 275 7.41 -3.83 30.11
C SER F 275 7.11 -4.89 31.18
N GLY F 276 7.84 -5.99 31.18
CA GLY F 276 7.62 -6.98 32.21
C GLY F 276 6.89 -8.27 31.90
N GLU F 277 6.12 -8.32 30.81
CA GLU F 277 5.42 -9.55 30.48
C GLU F 277 6.42 -10.54 29.85
N LEU F 278 5.97 -11.76 29.63
CA LEU F 278 6.81 -12.75 28.99
C LEU F 278 6.92 -12.37 27.51
N PHE F 279 8.01 -12.76 26.87
CA PHE F 279 8.15 -12.51 25.46
C PHE F 279 7.48 -13.70 24.77
N VAL F 280 6.30 -13.46 24.19
CA VAL F 280 5.59 -14.53 23.51
C VAL F 280 5.78 -14.34 22.03
N GLY F 281 6.32 -15.36 21.37
CA GLY F 281 6.56 -15.28 19.94
C GLY F 281 5.95 -16.44 19.16
N LYS F 282 6.56 -16.74 18.02
CA LYS F 282 6.10 -17.79 17.14
C LYS F 282 7.27 -18.62 16.63
N MET F 283 7.12 -19.93 16.68
CA MET F 283 8.15 -20.86 16.21
C MET F 283 7.43 -22.14 15.80
N TRP F 284 8.18 -23.20 15.48
CA TRP F 284 7.57 -24.46 15.04
C TRP F 284 6.32 -24.92 15.82
N PRO F 285 6.39 -24.95 17.16
CA PRO F 285 5.20 -25.39 17.90
C PRO F 285 4.05 -24.38 17.98
N GLY F 286 4.19 -23.24 17.29
CA GLY F 286 3.16 -22.22 17.31
C GLY F 286 3.51 -21.12 18.30
N THR F 287 2.56 -20.68 19.11
CA THR F 287 2.82 -19.64 20.11
C THR F 287 3.87 -20.21 21.06
N THR F 288 4.95 -19.48 21.27
CA THR F 288 6.02 -19.99 22.12
C THR F 288 6.71 -18.95 22.99
N VAL F 289 7.38 -19.41 24.04
CA VAL F 289 8.16 -18.54 24.92
C VAL F 289 9.57 -19.11 24.81
N TYR F 290 10.57 -18.37 25.26
CA TYR F 290 11.93 -18.85 25.15
C TYR F 290 12.69 -18.79 26.48
N PRO F 291 13.54 -19.80 26.73
CA PRO F 291 14.31 -19.84 27.97
C PRO F 291 15.34 -18.72 27.97
N ASP F 292 15.49 -18.04 29.10
CA ASP F 292 16.49 -16.98 29.20
C ASP F 292 17.80 -17.67 29.66
N PHE F 293 18.50 -18.27 28.71
CA PHE F 293 19.74 -18.99 28.99
C PHE F 293 20.85 -18.17 29.65
N PHE F 294 20.70 -16.86 29.71
CA PHE F 294 21.71 -16.03 30.35
C PHE F 294 21.68 -16.22 31.86
N ARG F 295 20.56 -16.75 32.37
CA ARG F 295 20.41 -16.98 33.80
C ARG F 295 20.88 -18.36 34.24
N GLU F 296 21.42 -18.44 35.45
CA GLU F 296 21.89 -19.69 36.00
C GLU F 296 20.75 -20.69 36.23
N ASP F 297 19.63 -20.23 36.80
CA ASP F 297 18.52 -21.14 37.05
C ASP F 297 17.91 -21.74 35.77
N THR F 298 17.88 -20.96 34.70
CA THR F 298 17.35 -21.42 33.42
C THR F 298 18.28 -22.51 32.91
N ARG F 299 19.57 -22.21 32.95
CA ARG F 299 20.57 -23.15 32.49
C ARG F 299 20.48 -24.47 33.27
N GLU F 300 20.29 -24.37 34.58
CA GLU F 300 20.17 -25.56 35.42
C GLU F 300 18.92 -26.35 35.06
N TRP F 301 17.81 -25.64 34.88
CA TRP F 301 16.53 -26.24 34.52
C TRP F 301 16.65 -26.97 33.17
N TRP F 302 17.29 -26.31 32.21
CA TRP F 302 17.48 -26.88 30.89
C TRP F 302 18.36 -28.12 30.95
N ALA F 303 19.45 -28.03 31.72
CA ALA F 303 20.36 -29.17 31.86
C ALA F 303 19.57 -30.37 32.37
N GLY F 304 18.61 -30.11 33.26
CA GLY F 304 17.80 -31.18 33.79
C GLY F 304 16.97 -31.87 32.71
N LEU F 305 16.30 -31.08 31.88
CA LEU F 305 15.49 -31.65 30.81
C LEU F 305 16.36 -32.42 29.83
N ILE F 306 17.51 -31.86 29.49
CA ILE F 306 18.43 -32.50 28.59
C ILE F 306 18.88 -33.84 29.17
N SER F 307 19.32 -33.81 30.41
CA SER F 307 19.80 -35.00 31.11
C SER F 307 18.72 -36.09 31.07
N GLU F 308 17.50 -35.71 31.41
CA GLU F 308 16.39 -36.63 31.40
C GLU F 308 16.17 -37.18 30.00
N TRP F 309 16.35 -36.34 28.99
CA TRP F 309 16.18 -36.74 27.60
C TRP F 309 17.27 -37.71 27.15
N LEU F 310 18.49 -37.47 27.60
CA LEU F 310 19.62 -38.33 27.26
C LEU F 310 19.51 -39.70 27.92
N SER F 311 18.85 -39.78 29.05
CA SER F 311 18.72 -41.02 29.79
C SER F 311 17.95 -42.12 29.08
N GLN F 312 17.19 -41.79 28.04
CA GLN F 312 16.46 -42.84 27.32
C GLN F 312 17.44 -43.57 26.42
N GLY F 313 18.61 -42.99 26.23
CA GLY F 313 19.60 -43.60 25.35
C GLY F 313 19.97 -42.74 24.15
N VAL F 314 19.45 -41.50 24.11
CA VAL F 314 19.76 -40.60 23.02
C VAL F 314 21.25 -40.27 23.18
N ASP F 315 22.00 -40.35 22.09
CA ASP F 315 23.44 -40.12 22.11
C ASP F 315 23.95 -38.70 21.86
N GLY F 316 23.14 -37.86 21.20
CA GLY F 316 23.61 -36.52 20.92
C GLY F 316 22.48 -35.50 20.79
N ILE F 317 22.84 -34.23 20.94
CA ILE F 317 21.87 -33.16 20.84
C ILE F 317 22.21 -32.24 19.69
N TRP F 318 21.20 -31.92 18.89
CA TRP F 318 21.36 -31.04 17.75
C TRP F 318 20.53 -29.81 18.03
N LEU F 319 21.20 -28.72 18.37
CA LEU F 319 20.53 -27.45 18.67
C LEU F 319 20.30 -26.64 17.39
N ASP F 320 19.03 -26.36 17.09
CA ASP F 320 18.71 -25.60 15.88
C ASP F 320 17.90 -24.33 16.16
N MET F 321 17.91 -23.41 15.19
CA MET F 321 17.15 -22.16 15.30
C MET F 321 17.59 -21.31 16.49
N ASN F 322 18.74 -21.61 17.07
CA ASN F 322 19.20 -20.91 18.25
C ASN F 322 19.98 -19.61 18.04
N GLU F 323 19.64 -18.85 17.00
CA GLU F 323 20.33 -17.58 16.72
C GLU F 323 20.27 -16.52 17.82
N PRO F 324 19.12 -16.37 18.53
CA PRO F 324 17.85 -17.10 18.43
C PRO F 324 16.88 -16.53 17.37
N THR F 325 16.10 -17.42 16.77
CA THR F 325 15.16 -17.04 15.74
C THR F 325 13.71 -17.00 16.25
N ASP F 326 12.92 -16.09 15.69
CA ASP F 326 11.51 -15.96 16.03
C ASP F 326 10.77 -15.52 14.76
N PHE F 327 9.56 -16.04 14.58
CA PHE F 327 8.79 -15.73 13.37
C PHE F 327 7.56 -14.87 13.57
N SER F 328 7.34 -14.35 14.78
CA SER F 328 6.16 -13.55 15.02
C SER F 328 6.08 -12.30 14.14
N ARG F 329 7.21 -11.64 13.91
CA ARG F 329 7.20 -10.43 13.06
C ARG F 329 6.86 -10.78 11.60
N ALA F 330 7.49 -11.83 11.10
CA ALA F 330 7.25 -12.25 9.72
C ALA F 330 5.79 -12.63 9.53
N ILE F 331 5.26 -13.41 10.46
CA ILE F 331 3.87 -13.86 10.40
C ILE F 331 2.91 -12.69 10.53
N GLU F 332 3.29 -11.70 11.33
CA GLU F 332 2.45 -10.52 11.53
C GLU F 332 2.29 -9.80 10.18
N ILE F 333 3.38 -9.67 9.46
CA ILE F 333 3.38 -9.02 8.15
C ILE F 333 2.56 -9.83 7.16
N ARG F 334 2.75 -11.14 7.16
CA ARG F 334 2.04 -12.03 6.26
C ARG F 334 0.53 -12.02 6.50
N ASP F 335 0.09 -11.75 7.73
CA ASP F 335 -1.33 -11.73 8.04
C ASP F 335 -2.00 -10.43 7.57
N VAL F 336 -1.30 -9.33 7.76
CA VAL F 336 -1.83 -8.03 7.38
C VAL F 336 -1.81 -7.76 5.87
N LEU F 337 -0.77 -8.21 5.18
CA LEU F 337 -0.66 -7.97 3.74
C LEU F 337 -0.82 -9.23 2.91
N SER F 338 -1.38 -10.25 3.55
CA SER F 338 -1.61 -11.54 2.92
C SER F 338 -2.35 -11.44 1.59
N SER F 339 -3.53 -10.84 1.65
CA SER F 339 -4.39 -10.70 0.49
C SER F 339 -3.87 -9.76 -0.60
N LEU F 340 -2.99 -8.83 -0.22
CA LEU F 340 -2.42 -7.90 -1.18
C LEU F 340 -1.56 -8.66 -2.20
N PRO F 341 -1.84 -8.47 -3.51
CA PRO F 341 -1.12 -9.13 -4.60
C PRO F 341 0.27 -8.52 -4.87
N VAL F 342 1.09 -8.46 -3.84
CA VAL F 342 2.42 -7.88 -3.97
C VAL F 342 3.50 -8.86 -3.52
N GLN F 343 4.76 -8.47 -3.71
CA GLN F 343 5.88 -9.31 -3.31
C GLN F 343 6.67 -8.68 -2.17
N PHE F 344 6.89 -9.46 -1.12
CA PHE F 344 7.63 -8.95 0.04
C PHE F 344 9.13 -9.10 -0.19
N ARG F 345 9.89 -8.13 0.30
CA ARG F 345 11.35 -8.16 0.20
C ARG F 345 11.78 -9.14 1.27
N ASP F 346 12.90 -9.82 1.05
CA ASP F 346 13.35 -10.79 2.03
C ASP F 346 14.37 -10.21 3.00
N ASP F 347 13.87 -9.52 4.02
CA ASP F 347 14.75 -8.95 5.04
C ASP F 347 14.88 -9.97 6.16
N ARG F 348 16.01 -10.64 6.20
CA ARG F 348 16.28 -11.68 7.19
C ARG F 348 16.27 -11.17 8.63
N LEU F 349 16.62 -9.91 8.83
CA LEU F 349 16.63 -9.34 10.17
C LEU F 349 15.26 -9.40 10.84
N VAL F 350 14.22 -9.63 10.05
CA VAL F 350 12.87 -9.70 10.59
C VAL F 350 12.69 -10.96 11.44
N THR F 351 13.56 -11.95 11.25
CA THR F 351 13.47 -13.19 12.01
C THR F 351 14.23 -13.19 13.33
N THR F 352 14.84 -12.07 13.69
CA THR F 352 15.56 -11.99 14.96
C THR F 352 14.56 -11.61 16.02
N PHE F 353 14.97 -11.66 17.29
CA PHE F 353 14.08 -11.27 18.38
C PHE F 353 13.77 -9.79 18.26
N PRO F 354 12.57 -9.37 18.72
CA PRO F 354 12.19 -7.96 18.65
C PRO F 354 13.15 -7.12 19.51
N ASP F 355 13.08 -5.81 19.41
CA ASP F 355 13.97 -4.96 20.19
C ASP F 355 13.61 -4.79 21.67
N ASN F 356 12.37 -5.03 22.02
CA ASN F 356 11.96 -4.85 23.42
C ASN F 356 12.20 -6.06 24.31
N VAL F 357 12.91 -7.07 23.82
CA VAL F 357 13.19 -8.27 24.60
C VAL F 357 14.38 -8.06 25.55
N VAL F 358 14.25 -8.52 26.79
CA VAL F 358 15.31 -8.36 27.76
C VAL F 358 15.74 -9.67 28.42
N HIS F 359 16.95 -9.69 28.93
CA HIS F 359 17.50 -10.86 29.61
C HIS F 359 18.13 -10.42 30.93
N TYR F 360 18.45 -11.39 31.78
CA TYR F 360 19.10 -11.11 33.05
C TYR F 360 20.46 -11.77 32.98
N LEU F 361 21.48 -10.95 32.77
CA LEU F 361 22.85 -11.44 32.68
C LEU F 361 23.57 -11.08 33.97
N ARG F 362 24.08 -12.10 34.66
CA ARG F 362 24.78 -11.89 35.94
C ARG F 362 23.97 -10.95 36.84
N GLY F 363 22.67 -11.22 36.93
CA GLY F 363 21.79 -10.42 37.77
C GLY F 363 21.35 -9.08 37.22
N LYS F 364 21.94 -8.66 36.11
CA LYS F 364 21.57 -7.37 35.54
C LYS F 364 20.62 -7.51 34.35
N ARG F 365 19.66 -6.61 34.25
CA ARG F 365 18.68 -6.61 33.18
C ARG F 365 19.27 -5.90 31.96
N VAL F 366 19.39 -6.62 30.84
CA VAL F 366 19.97 -6.07 29.63
C VAL F 366 19.09 -6.28 28.37
N LYS F 367 19.26 -5.39 27.40
CA LYS F 367 18.50 -5.49 26.16
C LYS F 367 19.05 -6.63 25.30
N HIS F 368 18.14 -7.32 24.62
CA HIS F 368 18.52 -8.43 23.75
C HIS F 368 19.55 -8.01 22.69
N GLU F 369 19.41 -6.81 22.15
CA GLU F 369 20.33 -6.34 21.13
C GLU F 369 21.76 -6.14 21.61
N LYS F 370 21.96 -6.03 22.93
CA LYS F 370 23.29 -5.86 23.48
C LYS F 370 24.02 -7.20 23.62
N VAL F 371 23.26 -8.27 23.87
CA VAL F 371 23.84 -9.58 24.09
C VAL F 371 23.36 -10.71 23.16
N ARG F 372 22.59 -10.36 22.14
CA ARG F 372 22.03 -11.35 21.22
C ARG F 372 22.91 -12.52 20.80
N ASN F 373 24.06 -12.23 20.22
CA ASN F 373 24.93 -13.28 19.72
C ASN F 373 25.42 -14.31 20.71
N ALA F 374 25.38 -13.98 22.00
CA ALA F 374 25.86 -14.94 22.99
C ALA F 374 24.75 -15.93 23.41
N TYR F 375 23.53 -15.70 22.95
CA TYR F 375 22.42 -16.57 23.30
C TYR F 375 22.72 -18.06 23.00
N PRO F 376 23.14 -18.38 21.78
CA PRO F 376 23.44 -19.79 21.48
C PRO F 376 24.58 -20.35 22.33
N LEU F 377 25.51 -19.49 22.72
CA LEU F 377 26.63 -19.93 23.54
C LEU F 377 26.10 -20.44 24.89
N TYR F 378 25.21 -19.69 25.51
CA TYR F 378 24.66 -20.08 26.79
C TYR F 378 23.75 -21.29 26.69
N GLU F 379 23.07 -21.47 25.56
CA GLU F 379 22.21 -22.63 25.39
C GLU F 379 23.11 -23.86 25.28
N ALA F 380 24.18 -23.76 24.50
CA ALA F 380 25.11 -24.87 24.34
C ALA F 380 25.74 -25.22 25.68
N MET F 381 26.06 -24.19 26.47
CA MET F 381 26.66 -24.35 27.78
C MET F 381 25.75 -25.20 28.67
N ALA F 382 24.48 -24.83 28.71
CA ALA F 382 23.49 -25.54 29.51
C ALA F 382 23.29 -26.95 29.00
N THR F 383 23.39 -27.13 27.69
CA THR F 383 23.19 -28.44 27.10
C THR F 383 24.38 -29.34 27.45
N PHE F 384 25.57 -28.74 27.45
CA PHE F 384 26.80 -29.46 27.76
C PHE F 384 26.69 -29.91 29.22
N LYS F 385 26.19 -29.01 30.05
CA LYS F 385 26.01 -29.28 31.46
C LYS F 385 25.04 -30.45 31.61
N GLY F 386 24.13 -30.58 30.66
CA GLY F 386 23.16 -31.65 30.69
C GLY F 386 23.83 -33.01 30.51
N PHE F 387 24.91 -33.03 29.73
CA PHE F 387 25.64 -34.27 29.50
C PHE F 387 26.39 -34.66 30.78
N ARG F 388 26.97 -33.65 31.45
CA ARG F 388 27.69 -33.88 32.70
C ARG F 388 26.74 -34.45 33.76
N THR F 389 25.56 -33.85 33.86
CA THR F 389 24.55 -34.28 34.81
C THR F 389 24.20 -35.76 34.61
N SER F 390 24.39 -36.24 33.38
CA SER F 390 24.10 -37.62 33.05
C SER F 390 25.35 -38.49 33.13
N HIS F 391 26.45 -37.89 33.56
CA HIS F 391 27.72 -38.61 33.66
C HIS F 391 28.04 -39.26 32.31
N ARG F 392 27.75 -38.51 31.25
CA ARG F 392 27.98 -38.96 29.89
C ARG F 392 29.34 -38.41 29.46
N ASN F 393 30.30 -39.29 29.23
CA ASN F 393 31.64 -38.86 28.83
C ASN F 393 31.74 -38.56 27.35
N GLU F 394 30.99 -39.30 26.54
CA GLU F 394 30.98 -39.08 25.10
C GLU F 394 29.92 -38.02 24.82
N ILE F 395 30.38 -36.80 24.59
CA ILE F 395 29.49 -35.69 24.33
C ILE F 395 29.42 -35.30 22.87
N PHE F 396 28.20 -35.10 22.38
CA PHE F 396 28.01 -34.64 21.01
C PHE F 396 26.93 -33.57 20.95
N ILE F 397 27.32 -32.37 20.56
CA ILE F 397 26.37 -31.27 20.44
C ILE F 397 26.65 -30.53 19.15
N LEU F 398 25.58 -30.32 18.38
CA LEU F 398 25.66 -29.61 17.10
C LEU F 398 24.85 -28.34 17.30
N SER F 399 25.39 -27.21 16.85
CA SER F 399 24.67 -25.95 16.99
C SER F 399 24.71 -25.21 15.65
N ARG F 400 23.67 -24.43 15.38
CA ARG F 400 23.64 -23.68 14.14
C ARG F 400 24.27 -22.32 14.34
N ALA F 401 23.90 -21.66 15.44
CA ALA F 401 24.45 -20.34 15.73
C ALA F 401 25.58 -20.43 16.75
N GLY F 402 26.26 -19.31 16.99
CA GLY F 402 27.35 -19.33 17.94
C GLY F 402 27.96 -17.95 18.18
N TYR F 403 28.89 -17.92 19.13
CA TYR F 403 29.61 -16.71 19.50
C TYR F 403 30.97 -17.21 19.99
N ALA F 404 31.91 -16.30 20.21
CA ALA F 404 33.23 -16.68 20.71
C ALA F 404 33.07 -17.59 21.92
N GLY F 405 33.79 -18.72 21.94
CA GLY F 405 33.67 -19.64 23.06
C GLY F 405 32.76 -20.82 22.79
N ILE F 406 31.97 -20.74 21.72
CA ILE F 406 31.07 -21.82 21.37
C ILE F 406 31.85 -23.13 21.18
N GLN F 407 33.13 -23.03 20.81
CA GLN F 407 33.95 -24.21 20.60
C GLN F 407 34.09 -25.06 21.86
N ARG F 408 33.82 -24.49 23.03
CA ARG F 408 33.91 -25.25 24.27
C ARG F 408 32.83 -26.33 24.32
N TYR F 409 31.71 -26.08 23.64
CA TYR F 409 30.60 -27.01 23.75
C TYR F 409 30.02 -27.65 22.53
N ALA F 410 30.33 -27.18 21.33
CA ALA F 410 29.68 -27.80 20.19
C ALA F 410 30.33 -27.73 18.83
N PHE F 411 29.81 -28.58 17.94
CA PHE F 411 30.21 -28.64 16.55
C PHE F 411 29.30 -27.59 15.91
N ILE F 412 29.70 -27.06 14.77
CA ILE F 412 28.85 -26.11 14.06
C ILE F 412 28.80 -26.52 12.61
N TRP F 413 27.60 -26.54 12.04
CA TRP F 413 27.46 -26.87 10.62
C TRP F 413 26.92 -25.59 9.97
N THR F 414 27.18 -25.43 8.68
CA THR F 414 26.79 -24.24 7.96
C THR F 414 25.34 -24.01 7.56
N GLY F 415 24.39 -24.64 8.24
CA GLY F 415 23.00 -24.41 7.94
C GLY F 415 22.41 -24.85 6.60
N ASP F 416 21.39 -24.12 6.16
CA ASP F 416 20.64 -24.43 4.94
C ASP F 416 21.25 -24.05 3.60
N ASN F 417 22.29 -24.77 3.18
CA ASN F 417 22.93 -24.48 1.91
C ASN F 417 22.11 -25.00 0.71
N THR F 418 22.43 -24.47 -0.47
CA THR F 418 21.75 -24.83 -1.71
C THR F 418 22.67 -25.63 -2.62
N PRO F 419 22.21 -26.80 -3.08
CA PRO F 419 23.03 -27.64 -3.96
C PRO F 419 23.32 -26.92 -5.28
N SER F 420 24.60 -26.76 -5.60
CA SER F 420 24.99 -26.13 -6.86
C SER F 420 26.51 -26.16 -6.94
N TRP F 421 27.04 -26.06 -8.14
CA TRP F 421 28.48 -26.09 -8.30
C TRP F 421 29.15 -24.93 -7.59
N ASP F 422 28.52 -23.76 -7.60
CA ASP F 422 29.11 -22.62 -6.90
C ASP F 422 29.12 -22.84 -5.39
N ASP F 423 28.12 -23.56 -4.87
CA ASP F 423 28.07 -23.81 -3.45
C ASP F 423 29.28 -24.59 -2.94
N LEU F 424 29.92 -25.35 -3.82
CA LEU F 424 31.10 -26.11 -3.41
C LEU F 424 32.17 -25.16 -2.89
N LYS F 425 32.41 -24.08 -3.62
CA LYS F 425 33.39 -23.09 -3.21
C LYS F 425 32.92 -22.33 -1.99
N LEU F 426 31.62 -22.04 -1.94
CA LEU F 426 31.07 -21.29 -0.81
C LEU F 426 31.26 -22.04 0.51
N GLN F 427 30.89 -23.32 0.51
CA GLN F 427 31.00 -24.13 1.73
C GLN F 427 32.43 -24.17 2.23
N LEU F 428 33.38 -24.18 1.31
CA LEU F 428 34.78 -24.22 1.68
C LEU F 428 35.18 -22.93 2.41
N GLN F 429 34.68 -21.79 1.95
CA GLN F 429 35.00 -20.52 2.58
C GLN F 429 34.34 -20.44 3.96
N LEU F 430 33.12 -20.96 4.05
CA LEU F 430 32.38 -20.95 5.30
C LEU F 430 33.06 -21.78 6.39
N VAL F 431 33.39 -23.03 6.09
CA VAL F 431 34.02 -23.87 7.11
C VAL F 431 35.42 -23.39 7.44
N LEU F 432 36.16 -22.89 6.44
CA LEU F 432 37.50 -22.41 6.71
C LEU F 432 37.50 -21.12 7.50
N GLY F 433 36.49 -20.29 7.27
CA GLY F 433 36.41 -19.04 8.01
C GLY F 433 36.13 -19.31 9.47
N LEU F 434 35.26 -20.28 9.71
CA LEU F 434 34.88 -20.69 11.06
C LEU F 434 36.09 -21.32 11.76
N SER F 435 36.79 -22.16 11.01
CA SER F 435 37.95 -22.87 11.50
C SER F 435 39.09 -21.91 11.91
N ILE F 436 39.36 -20.92 11.07
CA ILE F 436 40.43 -19.98 11.35
C ILE F 436 40.01 -19.01 12.45
N SER F 437 38.75 -19.08 12.87
CA SER F 437 38.21 -18.22 13.92
C SER F 437 38.00 -18.91 15.25
N GLY F 438 38.66 -20.05 15.47
CA GLY F 438 38.52 -20.73 16.75
C GLY F 438 37.50 -21.85 16.87
N VAL F 439 36.73 -22.11 15.83
CA VAL F 439 35.76 -23.20 15.89
C VAL F 439 36.27 -24.28 14.97
N PRO F 440 36.94 -25.29 15.54
CA PRO F 440 37.52 -26.41 14.78
C PRO F 440 36.60 -27.50 14.24
N PHE F 441 35.57 -27.86 15.00
CA PHE F 441 34.69 -28.93 14.55
C PHE F 441 33.53 -28.39 13.75
N VAL F 442 33.73 -28.39 12.43
CA VAL F 442 32.74 -27.87 11.51
C VAL F 442 32.49 -28.78 10.29
N GLY F 443 31.43 -28.46 9.56
CA GLY F 443 31.06 -29.22 8.38
C GLY F 443 29.89 -28.54 7.69
N CYS F 444 29.41 -29.14 6.61
CA CYS F 444 28.28 -28.60 5.90
C CYS F 444 27.40 -29.78 5.50
N ASP F 445 26.18 -29.52 5.07
CA ASP F 445 25.28 -30.60 4.67
C ASP F 445 25.71 -31.13 3.31
N ILE F 446 26.19 -32.37 3.31
CA ILE F 446 26.64 -33.01 2.07
C ILE F 446 25.43 -33.17 1.14
N GLY F 447 25.55 -32.64 -0.06
CA GLY F 447 24.46 -32.71 -1.01
C GLY F 447 23.55 -31.49 -0.96
N GLY F 448 23.78 -30.61 0.01
CA GLY F 448 22.96 -29.41 0.12
C GLY F 448 21.62 -29.65 0.79
N PHE F 449 21.21 -28.73 1.65
CA PHE F 449 19.95 -28.87 2.35
C PHE F 449 18.70 -28.64 1.49
N GLN F 450 18.66 -27.53 0.76
CA GLN F 450 17.50 -27.18 -0.06
C GLN F 450 17.02 -28.30 -0.97
N GLY F 451 15.70 -28.49 -1.02
CA GLY F 451 15.13 -29.56 -1.83
C GLY F 451 14.73 -29.17 -3.24
N ARG F 452 13.46 -28.84 -3.43
CA ARG F 452 12.96 -28.45 -4.75
C ARG F 452 11.88 -27.40 -4.63
N ASN F 453 12.10 -26.43 -3.76
CA ASN F 453 11.12 -25.37 -3.57
C ASN F 453 11.40 -24.15 -4.42
N PHE F 454 12.47 -24.21 -5.23
CA PHE F 454 12.81 -23.12 -6.15
C PHE F 454 13.76 -23.61 -7.23
N ALA F 455 13.65 -23.01 -8.42
CA ALA F 455 14.40 -23.37 -9.62
C ALA F 455 15.92 -23.46 -9.59
N GLU F 456 16.57 -22.57 -8.87
CA GLU F 456 18.02 -22.55 -8.82
C GLU F 456 18.65 -23.61 -7.93
N ILE F 457 18.14 -24.83 -7.99
CA ILE F 457 18.69 -25.93 -7.20
C ILE F 457 19.17 -27.02 -8.17
N ASP F 458 20.40 -27.49 -7.98
CA ASP F 458 20.96 -28.51 -8.84
C ASP F 458 21.08 -29.86 -8.12
N ASN F 459 20.21 -30.79 -8.46
CA ASN F 459 20.22 -32.11 -7.83
C ASN F 459 20.89 -33.21 -8.64
N SER F 460 21.80 -32.85 -9.54
CA SER F 460 22.48 -33.85 -10.33
C SER F 460 23.34 -34.75 -9.43
N MET F 461 23.49 -36.00 -9.81
CA MET F 461 24.25 -36.96 -9.02
C MET F 461 25.76 -36.77 -9.02
N ASP F 462 26.33 -36.26 -10.10
CA ASP F 462 27.76 -36.05 -10.10
C ASP F 462 28.13 -34.88 -9.17
N LEU F 463 27.21 -33.95 -8.98
CA LEU F 463 27.44 -32.82 -8.08
C LEU F 463 27.40 -33.40 -6.67
N LEU F 464 26.45 -34.29 -6.41
CA LEU F 464 26.31 -34.92 -5.10
C LEU F 464 27.61 -35.65 -4.74
N VAL F 465 28.18 -36.35 -5.72
CA VAL F 465 29.43 -37.05 -5.49
C VAL F 465 30.52 -36.06 -5.14
N LYS F 466 30.52 -34.89 -5.79
CA LYS F 466 31.53 -33.88 -5.50
C LYS F 466 31.41 -33.32 -4.08
N TYR F 467 30.20 -33.33 -3.52
CA TYR F 467 30.00 -32.86 -2.16
C TYR F 467 30.67 -33.84 -1.19
N TYR F 468 30.43 -35.13 -1.40
CA TYR F 468 31.03 -36.16 -0.57
C TYR F 468 32.55 -36.04 -0.61
N ALA F 469 33.07 -35.75 -1.79
CA ALA F 469 34.51 -35.61 -1.97
C ALA F 469 35.05 -34.32 -1.37
N LEU F 470 34.27 -33.26 -1.44
CA LEU F 470 34.68 -31.96 -0.93
C LEU F 470 34.91 -32.00 0.58
N ALA F 471 33.99 -32.64 1.30
CA ALA F 471 34.04 -32.72 2.73
C ALA F 471 34.80 -33.95 3.22
N LEU F 472 35.53 -34.59 2.33
CA LEU F 472 36.30 -35.79 2.69
C LEU F 472 37.02 -35.66 4.02
N PHE F 473 37.65 -34.51 4.25
CA PHE F 473 38.39 -34.29 5.49
C PHE F 473 37.77 -33.31 6.47
N PHE F 474 36.53 -32.87 6.22
CA PHE F 474 35.88 -31.96 7.17
C PHE F 474 35.66 -32.75 8.46
N PRO F 475 35.73 -32.08 9.61
CA PRO F 475 35.51 -32.78 10.89
C PRO F 475 34.12 -33.40 10.97
N PHE F 476 33.10 -32.61 10.63
CA PHE F 476 31.71 -33.06 10.67
C PHE F 476 31.28 -33.48 9.25
N TYR F 477 30.95 -34.76 9.10
CA TYR F 477 30.57 -35.36 7.81
C TYR F 477 29.13 -35.88 7.83
N ARG F 478 28.18 -35.02 7.48
CA ARG F 478 26.78 -35.40 7.49
C ARG F 478 26.01 -35.07 6.22
N SER F 479 25.14 -35.98 5.83
CA SER F 479 24.28 -35.81 4.66
C SER F 479 22.93 -35.42 5.24
N HIS F 480 22.42 -34.28 4.82
CA HIS F 480 21.14 -33.78 5.31
C HIS F 480 20.38 -33.15 4.15
N LYS F 481 19.07 -33.37 4.09
CA LYS F 481 18.26 -32.86 2.99
C LYS F 481 16.88 -32.44 3.45
N ALA F 482 16.32 -31.41 2.80
CA ALA F 482 15.00 -30.90 3.13
C ALA F 482 13.89 -31.88 2.78
N THR F 483 12.70 -31.65 3.34
CA THR F 483 11.56 -32.53 3.13
C THR F 483 11.19 -32.84 1.70
N ASP F 484 11.16 -31.83 0.83
CA ASP F 484 10.79 -32.05 -0.55
C ASP F 484 11.96 -32.30 -1.50
N GLY F 485 13.12 -32.58 -0.94
CA GLY F 485 14.26 -32.85 -1.78
C GLY F 485 14.29 -34.32 -2.14
N ILE F 486 14.94 -34.65 -3.25
CA ILE F 486 15.03 -36.05 -3.66
C ILE F 486 15.78 -36.82 -2.58
N ASP F 487 15.62 -38.14 -2.55
CA ASP F 487 16.31 -38.97 -1.56
C ASP F 487 17.79 -38.98 -1.96
N THR F 488 18.66 -38.55 -1.05
CA THR F 488 20.08 -38.50 -1.37
C THR F 488 20.95 -39.55 -0.72
N GLU F 489 20.33 -40.51 -0.03
CA GLU F 489 21.12 -41.58 0.60
C GLU F 489 21.78 -42.36 -0.54
N PRO F 490 23.06 -42.74 -0.36
CA PRO F 490 23.83 -43.50 -1.35
C PRO F 490 23.15 -44.76 -1.89
N VAL F 491 22.41 -45.45 -1.03
CA VAL F 491 21.73 -46.68 -1.43
C VAL F 491 20.68 -46.47 -2.53
N PHE F 492 20.31 -45.22 -2.78
CA PHE F 492 19.32 -44.92 -3.81
C PHE F 492 19.95 -44.44 -5.11
N LEU F 493 21.27 -44.48 -5.19
CA LEU F 493 21.98 -44.03 -6.38
C LEU F 493 22.29 -45.18 -7.34
N PRO F 494 22.39 -44.88 -8.64
CA PRO F 494 22.70 -45.95 -9.60
C PRO F 494 24.07 -46.48 -9.20
N ASP F 495 24.33 -47.76 -9.44
CA ASP F 495 25.60 -48.36 -9.06
C ASP F 495 26.83 -47.51 -9.37
N TYR F 496 26.86 -46.88 -10.54
CA TYR F 496 28.00 -46.05 -10.92
C TYR F 496 28.33 -44.99 -9.86
N TYR F 497 27.32 -44.24 -9.44
CA TYR F 497 27.51 -43.18 -8.44
C TYR F 497 27.61 -43.73 -7.03
N LYS F 498 26.85 -44.78 -6.74
CA LYS F 498 26.85 -45.38 -5.43
C LYS F 498 28.25 -45.88 -5.06
N GLU F 499 28.94 -46.49 -6.02
CA GLU F 499 30.28 -47.00 -5.79
C GLU F 499 31.25 -45.87 -5.50
N LYS F 500 31.07 -44.73 -6.15
CA LYS F 500 31.95 -43.61 -5.92
C LYS F 500 31.80 -43.06 -4.51
N VAL F 501 30.57 -42.95 -4.03
CA VAL F 501 30.32 -42.44 -2.69
C VAL F 501 30.86 -43.44 -1.67
N LYS F 502 30.68 -44.72 -1.94
CA LYS F 502 31.15 -45.79 -1.08
C LYS F 502 32.67 -45.72 -0.91
N GLU F 503 33.39 -45.51 -2.00
CA GLU F 503 34.84 -45.42 -1.93
C GLU F 503 35.33 -44.17 -1.21
N ILE F 504 34.58 -43.07 -1.34
CA ILE F 504 34.95 -41.83 -0.68
C ILE F 504 34.77 -41.99 0.82
N VAL F 505 33.65 -42.57 1.24
CA VAL F 505 33.38 -42.78 2.66
C VAL F 505 34.41 -43.75 3.26
N GLU F 506 34.78 -44.78 2.52
CA GLU F 506 35.77 -45.72 3.03
C GLU F 506 37.11 -45.03 3.19
N LEU F 507 37.43 -44.13 2.27
CA LEU F 507 38.69 -43.41 2.34
C LEU F 507 38.68 -42.49 3.56
N ARG F 508 37.51 -41.96 3.91
CA ARG F 508 37.44 -41.09 5.07
C ARG F 508 37.73 -41.91 6.33
N TYR F 509 37.11 -43.07 6.45
CA TYR F 509 37.34 -43.93 7.60
C TYR F 509 38.79 -44.38 7.67
N LYS F 510 39.43 -44.48 6.53
CA LYS F 510 40.84 -44.88 6.49
C LYS F 510 41.73 -43.79 7.12
N PHE F 511 41.30 -42.53 6.97
CA PHE F 511 42.04 -41.39 7.52
C PHE F 511 41.51 -40.93 8.86
N LEU F 512 40.44 -41.55 9.35
CA LEU F 512 39.86 -41.14 10.61
C LEU F 512 40.88 -41.02 11.76
N PRO F 513 41.80 -41.99 11.90
CA PRO F 513 42.80 -41.91 12.97
C PRO F 513 43.60 -40.61 12.96
N TYR F 514 43.95 -40.13 11.77
CA TYR F 514 44.68 -38.89 11.64
C TYR F 514 43.78 -37.72 12.02
N ILE F 515 42.57 -37.72 11.48
CA ILE F 515 41.62 -36.67 11.76
C ILE F 515 41.36 -36.58 13.26
N TYR F 516 41.15 -37.73 13.89
CA TYR F 516 40.86 -37.73 15.33
C TYR F 516 42.06 -37.26 16.14
N SER F 517 43.27 -37.57 15.69
CA SER F 517 44.47 -37.12 16.38
C SER F 517 44.51 -35.58 16.32
N LEU F 518 44.10 -35.01 15.19
CA LEU F 518 44.09 -33.56 15.03
C LEU F 518 43.01 -32.98 15.93
N ALA F 519 41.95 -33.74 16.16
CA ALA F 519 40.87 -33.31 17.03
C ALA F 519 41.41 -33.22 18.45
N LEU F 520 42.24 -34.19 18.85
CA LEU F 520 42.83 -34.20 20.17
C LEU F 520 43.72 -32.95 20.30
N GLU F 521 44.50 -32.69 19.27
CA GLU F 521 45.40 -31.54 19.22
C GLU F 521 44.57 -30.25 19.36
N ALA F 522 43.41 -30.21 18.72
CA ALA F 522 42.54 -29.04 18.79
C ALA F 522 42.07 -28.81 20.23
N SER F 523 41.61 -29.87 20.88
CA SER F 523 41.11 -29.76 22.25
C SER F 523 42.22 -29.48 23.26
N GLU F 524 43.46 -29.76 22.90
CA GLU F 524 44.58 -29.52 23.82
C GLU F 524 45.31 -28.20 23.57
N LYS F 525 45.46 -27.83 22.31
CA LYS F 525 46.18 -26.60 22.00
C LYS F 525 45.36 -25.56 21.24
N GLY F 526 44.18 -25.94 20.78
CA GLY F 526 43.36 -25.00 20.06
C GLY F 526 43.74 -24.82 18.60
N HIS F 527 44.43 -25.80 18.02
CA HIS F 527 44.81 -25.72 16.62
C HIS F 527 43.63 -26.26 15.80
N PRO F 528 43.26 -25.56 14.72
CA PRO F 528 42.14 -26.06 13.92
C PRO F 528 42.49 -27.35 13.16
N VAL F 529 41.49 -28.19 12.92
CA VAL F 529 41.70 -29.43 12.18
C VAL F 529 41.94 -29.14 10.70
N ILE F 530 41.01 -28.47 10.04
CA ILE F 530 41.21 -28.14 8.64
C ILE F 530 41.68 -26.70 8.59
N ARG F 531 42.60 -26.39 7.67
CA ARG F 531 43.15 -25.04 7.63
C ARG F 531 43.37 -24.51 6.24
N PRO F 532 43.22 -23.19 6.09
CA PRO F 532 43.45 -22.58 4.77
C PRO F 532 44.96 -22.63 4.61
N LEU F 533 45.45 -22.58 3.37
CA LEU F 533 46.89 -22.64 3.13
C LEU F 533 47.68 -21.55 3.83
N PHE F 534 47.13 -20.34 3.93
CA PHE F 534 47.89 -19.28 4.56
C PHE F 534 48.16 -19.52 6.03
N TYR F 535 47.46 -20.48 6.63
CA TYR F 535 47.69 -20.78 8.04
C TYR F 535 49.06 -21.39 8.26
N GLU F 536 49.49 -22.25 7.35
CA GLU F 536 50.78 -22.91 7.44
C GLU F 536 51.87 -22.12 6.71
N PHE F 537 51.46 -21.27 5.77
CA PHE F 537 52.39 -20.47 4.98
C PHE F 537 51.95 -19.02 4.95
N GLN F 538 51.82 -18.42 6.13
CA GLN F 538 51.36 -17.05 6.27
C GLN F 538 52.24 -15.98 5.66
N ASP F 539 53.48 -16.33 5.36
CA ASP F 539 54.43 -15.37 4.80
C ASP F 539 54.37 -15.23 3.28
N ASP F 540 53.57 -16.07 2.63
CA ASP F 540 53.45 -16.03 1.18
C ASP F 540 52.09 -15.43 0.77
N ASP F 541 52.12 -14.22 0.25
CA ASP F 541 50.89 -13.52 -0.15
C ASP F 541 49.97 -14.31 -1.08
N ASP F 542 50.56 -15.10 -1.97
CA ASP F 542 49.79 -15.92 -2.91
C ASP F 542 48.75 -16.78 -2.19
N MET F 543 49.16 -17.34 -1.04
CA MET F 543 48.32 -18.22 -0.26
C MET F 543 46.98 -17.63 0.16
N TYR F 544 46.89 -16.31 0.28
CA TYR F 544 45.64 -15.70 0.70
C TYR F 544 44.60 -15.62 -0.41
N ARG F 545 44.94 -16.08 -1.61
CA ARG F 545 44.01 -16.06 -2.72
C ARG F 545 43.60 -17.47 -3.12
N ILE F 546 44.20 -18.47 -2.46
CA ILE F 546 43.87 -19.86 -2.76
C ILE F 546 42.73 -20.27 -1.85
N GLU F 547 41.57 -20.58 -2.42
CA GLU F 547 40.43 -20.94 -1.60
C GLU F 547 39.74 -22.26 -1.94
N ASP F 548 40.19 -22.92 -3.00
CA ASP F 548 39.60 -24.21 -3.36
C ASP F 548 40.56 -25.34 -2.96
N GLU F 549 41.40 -25.04 -1.98
CA GLU F 549 42.36 -26.00 -1.45
C GLU F 549 42.40 -25.80 0.05
N TYR F 550 42.68 -26.87 0.79
CA TYR F 550 42.82 -26.74 2.23
C TYR F 550 43.75 -27.78 2.82
N MET F 551 44.34 -27.45 3.97
CA MET F 551 45.26 -28.32 4.68
C MET F 551 44.49 -29.08 5.75
N VAL F 552 44.83 -30.35 5.92
CA VAL F 552 44.21 -31.16 6.95
C VAL F 552 45.37 -31.35 7.90
N GLY F 553 45.34 -30.61 9.00
CA GLY F 553 46.43 -30.67 9.95
C GLY F 553 47.61 -29.94 9.32
N LYS F 554 48.80 -30.31 9.71
CA LYS F 554 50.00 -29.66 9.23
C LYS F 554 50.62 -30.38 8.04
N TYR F 555 50.23 -31.64 7.84
CA TYR F 555 50.83 -32.46 6.80
C TYR F 555 50.13 -32.72 5.47
N LEU F 556 48.81 -32.67 5.47
CA LEU F 556 48.08 -33.00 4.26
C LEU F 556 47.41 -31.87 3.49
N LEU F 557 47.71 -31.77 2.20
CA LEU F 557 47.11 -30.76 1.36
C LEU F 557 46.09 -31.43 0.45
N TYR F 558 44.85 -30.94 0.50
CA TYR F 558 43.79 -31.49 -0.31
C TYR F 558 43.22 -30.44 -1.23
N ALA F 559 43.22 -30.73 -2.53
CA ALA F 559 42.68 -29.81 -3.52
C ALA F 559 41.48 -30.47 -4.18
N PRO F 560 40.31 -30.39 -3.52
CA PRO F 560 39.10 -31.00 -4.09
C PRO F 560 38.69 -30.44 -5.45
N ILE F 561 38.15 -31.31 -6.29
CA ILE F 561 37.71 -30.91 -7.60
C ILE F 561 36.34 -30.29 -7.43
N VAL F 562 36.25 -28.98 -7.66
CA VAL F 562 34.99 -28.26 -7.50
C VAL F 562 34.38 -27.78 -8.82
N SER F 563 34.58 -28.56 -9.88
CA SER F 563 34.04 -28.24 -11.19
C SER F 563 33.74 -29.55 -11.91
N LYS F 564 33.20 -29.46 -13.12
CA LYS F 564 32.86 -30.65 -13.89
C LYS F 564 34.09 -31.29 -14.54
N GLU F 565 35.19 -30.54 -14.61
CA GLU F 565 36.44 -31.06 -15.19
C GLU F 565 36.85 -32.39 -14.57
N GLU F 566 37.79 -33.06 -15.23
CA GLU F 566 38.28 -34.35 -14.75
C GLU F 566 39.56 -34.14 -13.95
N SER F 567 40.20 -32.99 -14.17
CA SER F 567 41.42 -32.63 -13.46
C SER F 567 41.39 -31.13 -13.22
N ARG F 568 42.27 -30.65 -12.35
CA ARG F 568 42.31 -29.23 -12.04
C ARG F 568 43.74 -28.79 -11.79
N LEU F 569 43.93 -27.48 -11.71
CA LEU F 569 45.24 -26.93 -11.43
C LEU F 569 45.35 -26.89 -9.91
N VAL F 570 46.49 -27.36 -9.39
CA VAL F 570 46.71 -27.37 -7.96
C VAL F 570 47.89 -26.49 -7.64
N THR F 571 47.69 -25.53 -6.73
CA THR F 571 48.76 -24.65 -6.31
C THR F 571 49.42 -25.24 -5.08
N LEU F 572 50.72 -25.50 -5.18
CA LEU F 572 51.47 -26.07 -4.07
C LEU F 572 52.32 -25.00 -3.38
N PRO F 573 52.28 -24.95 -2.05
CA PRO F 573 53.08 -23.96 -1.31
C PRO F 573 54.56 -24.35 -1.34
N ARG F 574 55.39 -23.50 -0.76
CA ARG F 574 56.83 -23.75 -0.71
C ARG F 574 57.12 -25.11 -0.06
N GLY F 575 58.18 -25.78 -0.51
CA GLY F 575 58.52 -27.08 0.06
C GLY F 575 58.26 -28.23 -0.90
N LYS F 576 58.54 -29.45 -0.48
CA LYS F 576 58.30 -30.59 -1.36
C LYS F 576 56.98 -31.27 -1.03
N TRP F 577 56.30 -31.76 -2.06
CA TRP F 577 55.02 -32.43 -1.86
C TRP F 577 54.98 -33.79 -2.54
N TYR F 578 54.40 -34.76 -1.84
CA TYR F 578 54.29 -36.13 -2.31
C TYR F 578 52.87 -36.42 -2.76
N ASN F 579 52.72 -36.84 -4.02
CA ASN F 579 51.40 -37.17 -4.57
C ASN F 579 50.94 -38.49 -3.93
N TYR F 580 49.92 -38.42 -3.09
CA TYR F 580 49.43 -39.59 -2.38
C TYR F 580 49.16 -40.80 -3.26
N TRP F 581 48.54 -40.54 -4.41
CA TRP F 581 48.15 -41.58 -5.35
C TRP F 581 49.18 -42.13 -6.33
N ASN F 582 50.12 -41.31 -6.80
CA ASN F 582 51.11 -41.86 -7.72
C ASN F 582 52.55 -41.71 -7.24
N GLY F 583 52.71 -41.22 -6.01
CA GLY F 583 54.05 -41.08 -5.46
C GLY F 583 55.00 -40.03 -6.04
N GLU F 584 54.54 -39.25 -7.03
CA GLU F 584 55.42 -38.23 -7.59
C GLU F 584 55.67 -37.13 -6.55
N ILE F 585 56.91 -36.64 -6.48
CA ILE F 585 57.25 -35.58 -5.54
C ILE F 585 57.53 -34.29 -6.32
N ILE F 586 56.77 -33.25 -6.01
CA ILE F 586 56.91 -31.98 -6.69
C ILE F 586 57.45 -30.89 -5.78
N ASN F 587 58.27 -30.03 -6.35
CA ASN F 587 58.83 -28.92 -5.60
C ASN F 587 57.82 -27.80 -5.45
N GLY F 588 57.70 -27.32 -4.23
CA GLY F 588 56.76 -26.29 -3.90
C GLY F 588 56.89 -24.96 -4.62
N LYS F 589 55.84 -24.16 -4.49
CA LYS F 589 55.75 -22.87 -5.10
C LYS F 589 55.68 -23.14 -6.60
N SER F 590 54.62 -23.84 -6.99
CA SER F 590 54.39 -24.18 -8.38
C SER F 590 52.93 -24.57 -8.55
N VAL F 591 52.52 -24.70 -9.80
CA VAL F 591 51.16 -25.10 -10.13
C VAL F 591 51.24 -26.37 -10.96
N VAL F 592 50.49 -27.39 -10.55
CA VAL F 592 50.50 -28.66 -11.26
C VAL F 592 49.08 -29.13 -11.53
N LYS F 593 48.96 -30.07 -12.45
CA LYS F 593 47.66 -30.61 -12.80
C LYS F 593 47.38 -31.83 -11.93
N SER F 594 46.16 -31.96 -11.43
CA SER F 594 45.82 -33.09 -10.58
C SER F 594 45.86 -34.37 -11.40
N THR F 595 46.07 -35.52 -10.75
CA THR F 595 46.16 -36.78 -11.45
C THR F 595 45.07 -37.77 -11.08
N HIS F 596 44.44 -37.55 -9.92
CA HIS F 596 43.40 -38.46 -9.43
C HIS F 596 42.13 -37.64 -9.18
N GLU F 597 41.02 -38.32 -8.92
CA GLU F 597 39.77 -37.64 -8.65
C GLU F 597 39.83 -36.93 -7.29
N LEU F 598 40.66 -37.44 -6.40
CA LEU F 598 40.83 -36.86 -5.06
C LEU F 598 42.29 -36.44 -4.90
N PRO F 599 42.63 -35.21 -5.33
CA PRO F 599 43.98 -34.64 -5.26
C PRO F 599 44.55 -34.44 -3.84
N ILE F 600 45.30 -35.44 -3.37
CA ILE F 600 45.89 -35.41 -2.04
C ILE F 600 47.42 -35.37 -2.10
N TYR F 601 48.02 -34.47 -1.34
CA TYR F 601 49.48 -34.36 -1.31
C TYR F 601 50.01 -34.32 0.10
N LEU F 602 51.09 -35.05 0.35
CA LEU F 602 51.71 -35.07 1.67
C LEU F 602 52.92 -34.18 1.66
N ARG F 603 53.00 -33.37 2.71
CA ARG F 603 54.09 -32.42 2.89
C ARG F 603 55.35 -33.13 3.36
N GLU F 604 56.46 -32.62 2.87
CA GLU F 604 57.71 -33.18 3.30
C GLU F 604 57.78 -32.79 4.77
N GLY F 605 57.78 -33.81 5.63
CA GLY F 605 57.79 -33.60 7.05
C GLY F 605 56.39 -33.95 7.54
N SER F 606 55.98 -35.19 7.30
CA SER F 606 54.66 -35.66 7.69
C SER F 606 54.67 -37.03 8.32
N ILE F 607 53.74 -37.25 9.24
CA ILE F 607 53.55 -38.55 9.87
C ILE F 607 52.04 -38.70 9.92
N ILE F 608 51.52 -39.71 9.24
CA ILE F 608 50.08 -39.90 9.23
C ILE F 608 49.63 -41.27 9.67
N PRO F 609 48.91 -41.33 10.80
CA PRO F 609 48.42 -42.62 11.28
C PRO F 609 47.16 -42.97 10.49
N LEU F 610 47.07 -44.20 10.04
CA LEU F 610 45.91 -44.66 9.28
C LEU F 610 45.20 -45.79 10.00
N GLU F 611 44.01 -46.11 9.52
CA GLU F 611 43.20 -47.18 10.09
C GLU F 611 43.96 -48.52 10.13
N GLY F 612 43.75 -49.28 11.19
CA GLY F 612 44.42 -50.56 11.30
C GLY F 612 45.90 -50.47 11.63
N ASP F 613 46.27 -49.46 12.42
CA ASP F 613 47.65 -49.26 12.84
C ASP F 613 48.64 -49.02 11.70
N GLU F 614 48.16 -48.62 10.54
CA GLU F 614 49.06 -48.33 9.42
C GLU F 614 49.72 -47.01 9.76
N LEU F 615 50.82 -46.72 9.08
CA LEU F 615 51.55 -45.49 9.33
C LEU F 615 52.29 -45.02 8.08
N ILE F 616 52.16 -43.73 7.77
CA ILE F 616 52.86 -43.15 6.61
C ILE F 616 53.81 -42.11 7.15
N VAL F 617 55.07 -42.16 6.72
CA VAL F 617 56.05 -41.21 7.16
C VAL F 617 56.80 -40.64 5.98
N TYR F 618 56.91 -39.31 5.94
CA TYR F 618 57.60 -38.61 4.86
C TYR F 618 58.39 -37.45 5.47
N GLY F 619 59.71 -37.61 5.52
CA GLY F 619 60.54 -36.56 6.09
C GLY F 619 60.63 -36.57 7.60
N GLU F 620 61.04 -35.43 8.16
CA GLU F 620 61.21 -35.28 9.60
C GLU F 620 60.18 -34.39 10.25
N THR F 621 59.60 -34.87 11.33
CA THR F 621 58.59 -34.12 12.07
C THR F 621 58.26 -34.91 13.32
N SER F 622 57.40 -34.33 14.15
CA SER F 622 56.99 -34.99 15.40
C SER F 622 55.48 -34.92 15.42
N PHE F 623 54.82 -36.00 15.85
CA PHE F 623 53.38 -36.06 15.85
C PHE F 623 52.81 -36.83 17.04
N LYS F 624 51.73 -36.31 17.61
CA LYS F 624 51.10 -36.96 18.73
C LYS F 624 49.80 -37.65 18.28
N ARG F 625 49.76 -38.98 18.38
CA ARG F 625 48.56 -39.70 17.98
C ARG F 625 47.50 -39.52 19.05
N TYR F 626 46.23 -39.74 18.70
CA TYR F 626 45.13 -39.54 19.62
C TYR F 626 45.17 -40.38 20.90
N ASP F 627 45.86 -41.50 20.85
CA ASP F 627 45.98 -42.37 22.02
C ASP F 627 47.18 -41.97 22.86
N ASN F 628 47.68 -40.75 22.64
CA ASN F 628 48.81 -40.21 23.38
C ASN F 628 50.20 -40.65 22.91
N ALA F 629 50.28 -41.66 22.06
CA ALA F 629 51.57 -42.13 21.55
C ALA F 629 52.21 -41.08 20.64
N GLU F 630 53.42 -40.64 20.99
CA GLU F 630 54.11 -39.65 20.18
C GLU F 630 55.10 -40.34 19.24
N ILE F 631 55.11 -39.90 17.99
CA ILE F 631 56.00 -40.48 16.99
C ILE F 631 56.90 -39.38 16.45
N THR F 632 58.18 -39.69 16.28
CA THR F 632 59.11 -38.70 15.78
C THR F 632 59.98 -39.29 14.70
N SER F 633 60.22 -38.52 13.64
CA SER F 633 61.07 -38.99 12.58
C SER F 633 62.16 -37.97 12.37
N SER F 634 63.38 -38.46 12.23
CA SER F 634 64.51 -37.59 12.01
C SER F 634 65.76 -38.44 11.90
N SER F 635 66.68 -38.03 11.04
CA SER F 635 67.92 -38.75 10.85
C SER F 635 67.63 -40.22 10.52
N ASN F 636 66.66 -40.43 9.63
CA ASN F 636 66.29 -41.77 9.18
C ASN F 636 65.88 -42.72 10.30
N GLU F 637 65.50 -42.15 11.44
CA GLU F 637 65.08 -42.93 12.59
C GLU F 637 63.67 -42.48 12.97
N ILE F 638 62.82 -43.44 13.34
CA ILE F 638 61.46 -43.13 13.76
C ILE F 638 61.33 -43.59 15.21
N LYS F 639 61.25 -42.64 16.13
CA LYS F 639 61.14 -42.95 17.55
C LYS F 639 59.69 -42.97 18.01
N PHE F 640 59.40 -43.81 19.02
CA PHE F 640 58.07 -43.93 19.58
C PHE F 640 58.12 -43.69 21.10
N SER F 641 57.27 -42.81 21.60
CA SER F 641 57.25 -42.48 23.03
C SER F 641 56.91 -43.69 23.89
N ARG F 642 56.27 -44.69 23.30
CA ARG F 642 55.93 -45.90 24.03
C ARG F 642 55.67 -47.03 23.05
N GLU F 643 55.66 -48.25 23.58
CA GLU F 643 55.43 -49.43 22.75
C GLU F 643 54.06 -49.44 22.08
N ILE F 644 54.06 -49.55 20.76
CA ILE F 644 52.80 -49.59 20.00
C ILE F 644 52.88 -50.57 18.84
N TYR F 645 51.72 -51.13 18.48
CA TYR F 645 51.64 -52.05 17.37
C TYR F 645 51.67 -51.26 16.06
N VAL F 646 52.33 -51.83 15.06
CA VAL F 646 52.41 -51.20 13.75
C VAL F 646 52.19 -52.29 12.72
N SER F 647 51.22 -52.10 11.85
CA SER F 647 50.95 -53.10 10.84
C SER F 647 51.79 -52.79 9.62
N LYS F 648 51.26 -51.96 8.74
CA LYS F 648 51.96 -51.60 7.50
C LYS F 648 52.59 -50.22 7.66
N LEU F 649 53.86 -50.10 7.28
CA LEU F 649 54.57 -48.84 7.35
C LEU F 649 54.94 -48.38 5.95
N THR F 650 54.56 -47.15 5.61
CA THR F 650 54.89 -46.63 4.29
C THR F 650 55.83 -45.45 4.44
N ILE F 651 56.95 -45.52 3.74
CA ILE F 651 57.94 -44.48 3.80
C ILE F 651 58.09 -43.86 2.42
N THR F 652 57.88 -42.56 2.33
CA THR F 652 58.05 -41.93 1.04
C THR F 652 59.44 -41.29 1.12
N SER F 653 60.25 -41.49 0.08
CA SER F 653 61.60 -40.96 0.08
C SER F 653 62.17 -40.87 -1.33
N GLU F 654 62.93 -39.82 -1.59
CA GLU F 654 63.55 -39.64 -2.91
C GLU F 654 64.76 -40.55 -2.98
N LYS F 655 65.35 -40.85 -1.83
CA LYS F 655 66.51 -41.75 -1.77
C LYS F 655 65.96 -43.14 -1.48
N PRO F 656 66.50 -44.16 -2.15
CA PRO F 656 66.03 -45.54 -1.94
C PRO F 656 66.18 -46.07 -0.51
N VAL F 657 65.25 -46.94 -0.12
CA VAL F 657 65.24 -47.55 1.20
C VAL F 657 65.24 -49.05 0.98
N SER F 658 66.33 -49.72 1.32
CA SER F 658 66.43 -51.15 1.13
C SER F 658 65.88 -51.97 2.29
N LYS F 659 65.99 -51.45 3.50
CA LYS F 659 65.52 -52.17 4.67
C LYS F 659 65.30 -51.26 5.88
N ILE F 660 64.53 -51.77 6.84
CA ILE F 660 64.28 -51.05 8.07
C ILE F 660 64.68 -52.00 9.20
N ILE F 661 65.02 -51.45 10.35
CA ILE F 661 65.43 -52.25 11.48
C ILE F 661 64.60 -51.90 12.71
N VAL F 662 63.89 -52.88 13.24
CA VAL F 662 63.05 -52.67 14.40
C VAL F 662 63.83 -52.87 15.70
N ASP F 663 63.95 -51.80 16.48
CA ASP F 663 64.64 -51.81 17.76
C ASP F 663 66.08 -52.32 17.70
N ASP F 664 66.79 -51.88 16.65
CA ASP F 664 68.19 -52.20 16.37
C ASP F 664 68.56 -53.67 16.20
N SER F 665 67.61 -54.55 16.42
CA SER F 665 67.88 -55.98 16.38
C SER F 665 67.17 -56.83 15.32
N LYS F 666 66.21 -56.25 14.62
CA LYS F 666 65.46 -57.02 13.62
C LYS F 666 65.34 -56.29 12.29
N GLU F 667 65.73 -56.97 11.22
CA GLU F 667 65.66 -56.39 9.90
C GLU F 667 64.35 -56.81 9.24
N ILE F 668 63.64 -55.87 8.65
CA ILE F 668 62.40 -56.19 7.99
C ILE F 668 62.45 -55.70 6.56
N GLN F 669 62.15 -56.59 5.63
CA GLN F 669 62.20 -56.27 4.22
C GLN F 669 61.26 -55.17 3.76
N VAL F 670 61.76 -54.36 2.83
CA VAL F 670 60.99 -53.24 2.28
C VAL F 670 60.79 -53.39 0.78
N GLU F 671 59.56 -53.14 0.33
CA GLU F 671 59.22 -53.26 -1.08
C GLU F 671 58.86 -51.91 -1.70
N LYS F 672 59.46 -51.61 -2.85
CA LYS F 672 59.15 -50.36 -3.55
C LYS F 672 57.84 -50.60 -4.30
N THR F 673 56.77 -49.94 -3.89
CA THR F 673 55.47 -50.13 -4.54
C THR F 673 55.26 -49.20 -5.72
N MET F 674 55.88 -48.03 -5.68
CA MET F 674 55.79 -47.06 -6.76
C MET F 674 56.86 -46.01 -6.51
N GLN F 675 57.03 -45.09 -7.45
CA GLN F 675 58.06 -44.08 -7.27
C GLN F 675 58.04 -43.44 -5.89
N ASN F 676 59.23 -43.30 -5.30
CA ASN F 676 59.41 -42.70 -3.99
C ASN F 676 58.63 -43.38 -2.86
N THR F 677 58.03 -44.53 -3.12
CA THR F 677 57.22 -45.20 -2.12
C THR F 677 57.72 -46.59 -1.70
N TYR F 678 58.05 -46.71 -0.42
CA TYR F 678 58.57 -47.97 0.10
C TYR F 678 57.67 -48.50 1.22
N VAL F 679 57.35 -49.78 1.14
CA VAL F 679 56.46 -50.40 2.12
C VAL F 679 57.10 -51.54 2.90
N ALA F 680 56.77 -51.59 4.18
CA ALA F 680 57.28 -52.64 5.07
C ALA F 680 56.12 -53.23 5.87
N LYS F 681 55.90 -54.52 5.71
CA LYS F 681 54.84 -55.19 6.45
C LYS F 681 55.43 -55.59 7.79
N ILE F 682 55.27 -54.75 8.80
CA ILE F 682 55.81 -55.01 10.12
C ILE F 682 54.93 -55.93 10.98
N ASN F 683 53.67 -55.59 11.10
CA ASN F 683 52.74 -56.40 11.88
C ASN F 683 53.28 -56.92 13.21
N GLN F 684 53.73 -56.02 14.06
CA GLN F 684 54.23 -56.40 15.37
C GLN F 684 54.44 -55.17 16.23
N LYS F 685 54.52 -55.37 17.55
CA LYS F 685 54.73 -54.25 18.47
C LYS F 685 56.16 -53.74 18.34
N ILE F 686 56.33 -52.44 18.58
CA ILE F 686 57.64 -51.82 18.49
C ILE F 686 57.96 -51.14 19.81
N ARG F 687 59.04 -51.58 20.44
CA ARG F 687 59.49 -51.06 21.72
C ARG F 687 59.70 -49.55 21.72
N GLY F 688 60.51 -49.06 20.79
CA GLY F 688 60.77 -47.65 20.75
C GLY F 688 61.34 -47.06 19.48
N LYS F 689 61.80 -47.86 18.53
CA LYS F 689 62.35 -47.25 17.33
C LYS F 689 62.51 -48.11 16.09
N ILE F 690 62.61 -47.43 14.96
CA ILE F 690 62.79 -48.06 13.65
C ILE F 690 63.87 -47.24 12.91
N ASN F 691 64.81 -47.93 12.27
CA ASN F 691 65.85 -47.25 11.53
C ASN F 691 65.72 -47.58 10.06
N LEU F 692 66.10 -46.65 9.20
CA LEU F 692 66.03 -46.85 7.77
C LEU F 692 67.43 -46.96 7.17
N GLU F 693 67.57 -47.82 6.15
CA GLU F 693 68.85 -48.01 5.49
C GLU F 693 68.67 -48.16 3.97
C1 BOG G . -25.40 4.13 -4.04
O1 BOG G . -24.21 3.34 -4.16
C2 BOG G . -25.52 5.05 -5.28
O2 BOG G . -24.36 5.89 -5.37
C3 BOG G . -26.81 5.90 -5.20
O3 BOG G . -26.93 6.75 -6.33
C4 BOG G . -28.04 4.95 -5.10
O4 BOG G . -29.26 5.70 -5.03
C5 BOG G . -27.88 4.02 -3.85
O5 BOG G . -26.61 3.28 -3.97
C6 BOG G . -29.07 3.05 -3.76
O6 BOG G . -28.76 1.88 -2.97
C1' BOG G . -23.98 2.45 -3.08
C2' BOG G . -23.39 1.20 -3.69
C1 BOG H . -3.19 25.51 3.28
O1 BOG H . -2.59 24.37 2.64
C2 BOG H . -2.27 25.94 4.47
O2 BOG H . -2.14 24.86 5.39
C3 BOG H . -2.89 27.20 5.18
O3 BOG H . -2.07 27.61 6.25
C4 BOG H . -3.01 28.34 4.14
O4 BOG H . -3.57 29.52 4.76
C5 BOG H . -3.93 27.87 2.95
O5 BOG H . -3.33 26.66 2.34
C6 BOG H . -4.07 28.98 1.89
O6 BOG H . -4.45 28.46 0.60
C1' BOG H . -3.33 23.87 1.54
C2' BOG H . -2.30 23.45 0.51
C1 BOG I . -10.41 2.39 23.65
O1 BOG I . -9.39 1.95 22.75
C2 BOG I . -11.43 1.23 23.85
O2 BOG I . -11.99 0.86 22.59
C3 BOG I . -12.55 1.68 24.84
O3 BOG I . -13.48 0.63 25.04
C4 BOG I . -11.89 2.07 26.19
O4 BOG I . -12.89 2.48 27.14
C5 BOG I . -10.86 3.24 25.95
O5 BOG I . -9.86 2.78 24.97
C6 BOG I . -10.17 3.63 27.28
O6 BOG I . -8.92 4.29 27.07
C1' BOG I . -8.38 2.92 22.49
C2' BOG I . -7.08 2.17 22.42
C1 BOG J . 24.21 3.51 -8.54
O1 BOG J . 23.07 3.90 -7.76
C2 BOG J . 24.13 4.19 -9.93
O2 BOG J . 22.92 3.80 -10.57
C3 BOG J . 25.38 3.82 -10.78
O3 BOG J . 25.31 4.44 -12.06
C4 BOG J . 26.66 4.26 -10.02
O4 BOG J . 27.83 3.93 -10.78
C5 BOG J . 26.71 3.55 -8.62
O5 BOG J . 25.48 3.91 -7.87
C6 BOG J . 27.96 3.99 -7.84
O6 BOG J . 27.81 3.82 -6.41
C1' BOG J . 23.01 3.34 -6.45
C2' BOG J . 22.45 4.43 -5.56
C1 BOG K . 1.74 -14.41 -21.63
O1 BOG K . 1.15 -13.37 -20.84
C2 BOG K . 0.96 -15.73 -21.39
O2 BOG K . 1.01 -16.05 -20.01
C3 BOG K . 1.56 -16.88 -22.27
O3 BOG K . 0.84 -18.08 -22.06
C4 BOG K . 1.48 -16.47 -23.76
O4 BOG K . 2.01 -17.51 -24.59
C5 BOG K . 2.28 -15.12 -23.97
O5 BOG K . 1.70 -14.09 -23.09
C6 BOG K . 2.20 -14.68 -25.45
O6 BOG K . 2.48 -13.28 -25.60
C1' BOG K . 1.78 -12.10 -20.97
C2' BOG K . 0.67 -11.08 -20.94
C1 BOG L . 12.65 -21.58 7.13
O1 BOG L . 11.55 -20.68 7.22
C2 BOG L . 13.75 -21.14 8.14
O2 BOG L . 14.16 -19.81 7.83
C3 BOG L . 14.95 -22.12 8.08
O3 BOG L . 15.95 -21.73 9.01
C4 BOG L . 14.45 -23.55 8.42
O4 BOG L . 15.55 -24.48 8.37
C5 BOG L . 13.34 -23.97 7.38
O5 BOG L . 12.24 -22.98 7.45
C6 BOG L . 12.81 -25.38 7.71
O6 BOG L . 11.51 -25.63 7.15
C1' BOG L . 10.47 -20.97 6.34
C2' BOG L . 9.21 -20.65 7.12
#